data_5H3T
#
_entry.id   5H3T
#
_cell.length_a   113.159
_cell.length_b   91.007
_cell.length_c   153.717
_cell.angle_alpha   90.00
_cell.angle_beta   100.59
_cell.angle_gamma   90.00
#
_symmetry.space_group_name_H-M   'P 1 21 1'
#
loop_
_entity.id
_entity.type
_entity.pdbx_description
1 polymer 'Gem-associated protein 5'
2 non-polymer "7N-METHYL-8-HYDROGUANOSINE-5'-TRIPHOSPHATE"
3 non-polymer GLYCEROL
4 water water
#
_entity_poly.entity_id   1
_entity_poly.type   'polypeptide(L)'
_entity_poly.pdbx_seq_one_letter_code
;MGQEPRTLPPSPNWYCARCSDAVPGGLFGFAARTSVFLVRVGPGAGESPGTPPFRVIGELVGHTERVSGFTFSHHPGQYN
LCATSSDDGTVKIWDVETKTVVTEHALHQHTISTLHWSPRVKDLIVSGDEKGVVFCYWFNRNDSQHLFIEPRTIFCLTCS
PHHEDLVAIGYKDGIVVIIDISKKGEVIHRLRGHDDEIHSIAWCPLPGEDCLSINQEETSEEAEITNGNAVAQAPVTKGC
YLATGSKDQTIRIWSCSRGRGVMILKLPFLKRRGGGIDPTVKERLWLTLHWPSNQPTQLVSSCFGGELLQWDLTQSWRRK
YTLFSASSEGQNHSRIVFNLCPLQTEDDKQLLLSTSMDRDVKCWDIATLECSWTLPSLGGFAYSLAFSSVDIGSLAIGVG
DGMIRVWNTLSIKNNYDVKNFWQGVKSKVTALCWHPTKEGCLAFGTDDGKVGLYDTYSNKPPQISSTYHKKTVYTLAWGP
PVPPMSLGGEGDRPSLALYSCGGEGIVLQHNPWKLSGEAFDINKLIRDTNSIKYKLPVHTEISWKADGKIMALGNEDGSI
EIFQIPNLKLICTIQQHHKLVNTISWHHEHGSQPELSYLMASGSNNAVIYVHNLKTVIESSPESPVTITEPYRTLSGHTA
KITSVAWSPHHDGRLVSASYDGTAQVWDALREEPLCNFRGHRGRLLCVAWSPLDPDCIYSGADDFCVHKWLTSMQDHSRP
PQGKKSIELEKKRLSQPKAK
;
_entity_poly.pdbx_strand_id   A,B,C,D
#
loop_
_chem_comp.id
_chem_comp.type
_chem_comp.name
_chem_comp.formula
GOL non-polymer GLYCEROL 'C3 H8 O3'
MGT non-polymer 7N-METHYL-8-HYDROGUANOSINE-5'-TRIPHOSPHATE 'C11 H20 N5 O14 P3'
#
# COMPACT_ATOMS: atom_id res chain seq x y z
N GLN A 3 -21.11 8.08 -4.63
CA GLN A 3 -21.35 9.15 -5.60
C GLN A 3 -21.00 8.71 -7.02
N GLU A 4 -20.92 9.68 -7.92
CA GLU A 4 -20.60 9.50 -9.33
C GLU A 4 -19.18 10.01 -9.59
N PRO A 5 -18.62 9.72 -10.78
CA PRO A 5 -17.27 10.22 -11.10
C PRO A 5 -17.17 11.74 -11.16
N ARG A 6 -15.95 12.23 -10.95
CA ARG A 6 -15.64 13.65 -11.07
C ARG A 6 -14.27 13.78 -11.68
N THR A 7 -13.96 14.97 -12.19
CA THR A 7 -12.65 15.23 -12.78
C THR A 7 -12.20 16.62 -12.35
N LEU A 8 -11.06 16.67 -11.70
CA LEU A 8 -10.41 17.93 -11.36
C LEU A 8 -9.46 18.28 -12.50
N PRO A 9 -9.88 19.14 -13.42
CA PRO A 9 -9.22 19.24 -14.73
C PRO A 9 -8.12 20.28 -14.75
N PRO A 10 -7.28 20.31 -15.79
CA PRO A 10 -6.26 21.35 -15.89
C PRO A 10 -6.88 22.72 -16.06
N SER A 11 -6.09 23.75 -15.76
CA SER A 11 -6.56 25.11 -15.94
C SER A 11 -6.75 25.43 -17.42
N PRO A 12 -7.75 26.24 -17.76
CA PRO A 12 -7.85 26.76 -19.13
C PRO A 12 -6.61 27.56 -19.51
N ASN A 13 -6.22 27.43 -20.78
CA ASN A 13 -4.97 28.05 -21.22
C ASN A 13 -5.07 29.57 -21.24
N TRP A 14 -3.95 30.24 -21.01
CA TRP A 14 -3.90 31.68 -20.83
C TRP A 14 -3.48 32.39 -22.11
N TYR A 15 -3.89 33.66 -22.22
CA TYR A 15 -3.49 34.53 -23.32
C TYR A 15 -3.86 33.94 -24.68
N CYS A 16 -5.13 33.52 -24.81
CA CYS A 16 -5.69 33.11 -26.09
C CYS A 16 -6.97 33.91 -26.32
N ALA A 17 -7.13 34.45 -27.52
CA ALA A 17 -8.32 35.25 -27.78
C ALA A 17 -9.60 34.42 -27.78
N ARG A 18 -9.51 33.15 -28.20
CA ARG A 18 -10.67 32.25 -28.18
C ARG A 18 -10.15 30.81 -28.05
N CYS A 19 -10.07 30.34 -26.81
CA CYS A 19 -9.80 28.93 -26.56
C CYS A 19 -10.92 28.31 -25.73
N SER A 20 -12.10 28.91 -25.76
CA SER A 20 -13.30 28.30 -25.19
C SER A 20 -14.55 28.86 -25.85
N ASP A 21 -15.61 28.05 -25.87
CA ASP A 21 -16.87 28.43 -26.51
C ASP A 21 -17.99 27.61 -25.89
N ALA A 22 -19.22 27.99 -26.20
CA ALA A 22 -20.39 27.25 -25.73
C ALA A 22 -21.50 27.26 -26.79
N VAL A 23 -22.14 26.12 -26.98
CA VAL A 23 -23.35 26.00 -27.81
C VAL A 23 -24.59 25.95 -26.92
N PRO A 24 -25.75 26.39 -27.43
CA PRO A 24 -26.94 26.48 -26.58
C PRO A 24 -27.48 25.10 -26.19
N GLY A 25 -28.33 25.12 -25.16
CA GLY A 25 -28.84 23.89 -24.57
C GLY A 25 -28.04 23.59 -23.32
N GLY A 26 -26.73 23.44 -23.50
CA GLY A 26 -25.81 23.40 -22.40
C GLY A 26 -24.56 22.59 -22.64
N LEU A 27 -23.71 23.01 -23.56
CA LEU A 27 -22.39 22.37 -23.70
C LEU A 27 -21.31 23.44 -23.77
N PHE A 28 -20.35 23.36 -22.84
CA PHE A 28 -19.26 24.32 -22.73
C PHE A 28 -17.95 23.57 -22.91
N GLY A 29 -17.05 24.12 -23.72
CA GLY A 29 -15.76 23.50 -23.94
C GLY A 29 -14.64 24.51 -23.76
N PHE A 30 -13.59 24.16 -23.02
CA PHE A 30 -12.47 25.05 -22.76
C PHE A 30 -11.16 24.32 -23.02
N ALA A 31 -10.18 25.05 -23.58
CA ALA A 31 -8.89 24.48 -23.92
C ALA A 31 -7.99 24.46 -22.68
N ALA A 32 -7.40 23.30 -22.40
CA ALA A 32 -6.55 23.11 -21.24
C ALA A 32 -5.44 22.12 -21.59
N ARG A 33 -4.20 22.61 -21.53
CA ARG A 33 -3.01 21.85 -21.91
C ARG A 33 -3.17 21.36 -23.34
N THR A 34 -3.07 20.07 -23.60
CA THR A 34 -3.18 19.51 -24.92
C THR A 34 -4.61 19.09 -25.29
N SER A 35 -5.57 19.34 -24.41
CA SER A 35 -6.92 18.82 -24.60
C SER A 35 -7.93 19.96 -24.63
N VAL A 36 -9.17 19.59 -24.95
CA VAL A 36 -10.33 20.42 -24.74
C VAL A 36 -11.27 19.66 -23.82
N PHE A 37 -11.63 20.25 -22.68
CA PHE A 37 -12.53 19.61 -21.72
C PHE A 37 -13.96 20.08 -21.96
N LEU A 38 -14.89 19.13 -21.85
CA LEU A 38 -16.29 19.36 -22.20
C LEU A 38 -17.15 19.28 -20.94
N VAL A 39 -18.00 20.29 -20.76
CA VAL A 39 -18.87 20.45 -19.58
C VAL A 39 -20.29 20.67 -20.09
N ARG A 40 -21.17 19.70 -19.83
CA ARG A 40 -22.59 19.92 -20.03
C ARG A 40 -23.12 20.76 -18.88
N VAL A 41 -23.81 21.86 -19.20
CA VAL A 41 -24.25 22.85 -18.21
C VAL A 41 -25.75 23.11 -18.38
N GLY A 42 -26.50 22.84 -17.32
CA GLY A 42 -27.92 23.11 -17.32
C GLY A 42 -28.72 21.95 -16.77
N PRO A 43 -30.01 21.88 -17.13
CA PRO A 43 -30.85 20.76 -16.70
C PRO A 43 -30.38 19.41 -17.20
N GLY A 44 -29.88 19.34 -18.44
CA GLY A 44 -29.36 18.14 -19.08
C GLY A 44 -28.05 17.63 -18.53
N ALA A 45 -27.56 18.21 -17.42
CA ALA A 45 -26.38 17.74 -16.73
C ALA A 45 -26.70 16.77 -15.61
N GLY A 46 -27.93 16.80 -15.10
CA GLY A 46 -28.42 15.83 -14.15
C GLY A 46 -27.84 15.95 -12.75
N GLU A 47 -28.29 16.95 -12.00
CA GLU A 47 -27.80 17.17 -10.64
C GLU A 47 -28.94 17.66 -9.76
N SER A 48 -28.85 17.36 -8.46
CA SER A 48 -29.96 17.63 -7.54
C SER A 48 -30.20 19.13 -7.43
N PRO A 49 -31.48 19.58 -7.38
CA PRO A 49 -31.76 21.02 -7.23
C PRO A 49 -31.17 21.60 -5.96
N GLY A 50 -30.03 22.27 -6.12
CA GLY A 50 -29.20 22.71 -5.02
C GLY A 50 -27.73 22.47 -5.36
N THR A 51 -27.44 21.30 -5.89
CA THR A 51 -26.13 20.99 -6.45
C THR A 51 -25.97 21.73 -7.77
N PRO A 52 -24.83 22.40 -8.01
CA PRO A 52 -24.67 23.23 -9.22
C PRO A 52 -24.90 22.43 -10.49
N PRO A 53 -25.64 22.97 -11.43
CA PRO A 53 -26.01 22.19 -12.64
C PRO A 53 -24.90 22.18 -13.69
N PHE A 54 -23.78 21.53 -13.36
CA PHE A 54 -22.77 21.22 -14.37
C PHE A 54 -22.11 19.89 -14.06
N ARG A 55 -21.62 19.25 -15.13
CA ARG A 55 -20.84 18.03 -15.04
C ARG A 55 -19.79 18.05 -16.13
N VAL A 56 -18.53 17.83 -15.73
CA VAL A 56 -17.50 17.52 -16.71
C VAL A 56 -17.79 16.15 -17.31
N ILE A 57 -17.92 16.11 -18.64
CA ILE A 57 -18.37 14.89 -19.30
C ILE A 57 -17.36 14.34 -20.30
N GLY A 58 -16.45 15.13 -20.82
CA GLY A 58 -15.67 14.65 -21.95
C GLY A 58 -14.39 15.42 -22.15
N GLU A 59 -13.40 14.73 -22.69
CA GLU A 59 -12.11 15.28 -23.09
C GLU A 59 -11.95 15.05 -24.58
N LEU A 60 -11.55 16.08 -25.31
CA LEU A 60 -11.25 15.93 -26.73
C LEU A 60 -9.76 15.65 -26.86
N VAL A 61 -9.42 14.40 -27.12
CA VAL A 61 -8.05 13.91 -27.04
C VAL A 61 -7.49 13.74 -28.44
N GLY A 62 -6.31 14.28 -28.70
CA GLY A 62 -5.67 14.07 -29.98
C GLY A 62 -4.62 15.06 -30.39
N HIS A 63 -4.59 16.26 -29.79
CA HIS A 63 -3.53 17.19 -30.14
C HIS A 63 -2.25 16.84 -29.41
N THR A 64 -1.14 17.27 -29.99
CA THR A 64 0.20 16.93 -29.55
C THR A 64 0.84 18.01 -28.69
N GLU A 65 0.51 19.28 -28.94
CA GLU A 65 1.03 20.36 -28.11
C GLU A 65 -0.10 21.30 -27.73
N ARG A 66 0.25 22.47 -27.19
CA ARG A 66 -0.72 23.35 -26.56
C ARG A 66 -1.84 23.75 -27.51
N VAL A 67 -3.09 23.55 -27.06
CA VAL A 67 -4.27 23.91 -27.84
C VAL A 67 -4.49 25.42 -27.78
N SER A 68 -4.35 26.09 -28.92
CA SER A 68 -4.37 27.55 -28.97
C SER A 68 -5.76 28.14 -29.18
N GLY A 69 -6.67 27.40 -29.77
CA GLY A 69 -7.97 27.97 -30.08
C GLY A 69 -9.04 26.91 -30.10
N PHE A 70 -10.27 27.32 -29.77
CA PHE A 70 -11.41 26.42 -29.80
C PHE A 70 -12.67 27.21 -30.11
N THR A 71 -13.45 26.73 -31.08
CA THR A 71 -14.69 27.36 -31.47
C THR A 71 -15.72 26.30 -31.83
N PHE A 72 -16.94 26.48 -31.31
CA PHE A 72 -18.05 25.60 -31.66
C PHE A 72 -18.68 26.05 -32.97
N SER A 73 -19.32 25.10 -33.65
CA SER A 73 -20.22 25.44 -34.75
C SER A 73 -21.55 25.88 -34.18
N HIS A 74 -21.99 27.10 -34.52
CA HIS A 74 -23.20 27.64 -33.95
C HIS A 74 -24.39 27.55 -34.89
N HIS A 75 -24.33 26.64 -35.90
CA HIS A 75 -25.45 26.53 -36.85
C HIS A 75 -26.48 25.54 -36.34
N PRO A 76 -27.76 25.90 -36.33
CA PRO A 76 -28.79 25.03 -35.75
C PRO A 76 -28.70 23.62 -36.30
N GLY A 77 -28.86 22.64 -35.41
CA GLY A 77 -28.77 21.26 -35.84
C GLY A 77 -27.39 20.78 -36.22
N GLN A 78 -26.36 21.59 -35.93
CA GLN A 78 -24.98 21.19 -36.09
C GLN A 78 -24.13 21.64 -34.91
N TYR A 79 -24.76 21.82 -33.74
CA TYR A 79 -24.07 22.29 -32.54
C TYR A 79 -23.02 21.30 -32.05
N ASN A 80 -23.01 20.07 -32.57
CA ASN A 80 -22.09 19.04 -32.12
C ASN A 80 -20.74 19.08 -32.82
N LEU A 81 -20.50 20.05 -33.71
CA LEU A 81 -19.20 20.20 -34.35
C LEU A 81 -18.43 21.37 -33.73
N CYS A 82 -17.10 21.24 -33.76
CA CYS A 82 -16.22 22.26 -33.19
C CYS A 82 -14.83 22.07 -33.78
N ALA A 83 -14.05 23.14 -33.73
CA ALA A 83 -12.74 23.18 -34.35
C ALA A 83 -11.70 23.63 -33.34
N THR A 84 -10.52 23.05 -33.51
CA THR A 84 -9.43 23.31 -32.60
C THR A 84 -8.20 23.68 -33.40
N SER A 85 -7.37 24.57 -32.84
CA SER A 85 -6.05 24.84 -33.37
C SER A 85 -5.00 24.57 -32.30
N SER A 86 -3.82 24.14 -32.73
CA SER A 86 -2.81 23.69 -31.79
C SER A 86 -1.42 24.03 -32.29
N ASP A 87 -0.52 24.30 -31.34
CA ASP A 87 0.88 24.58 -31.66
C ASP A 87 1.57 23.41 -32.33
N ASP A 88 0.91 22.26 -32.47
CA ASP A 88 1.43 21.20 -33.32
C ASP A 88 1.14 21.42 -34.79
N GLY A 89 0.73 22.63 -35.18
CA GLY A 89 0.47 22.99 -36.55
C GLY A 89 -0.84 22.48 -37.13
N THR A 90 -1.70 21.92 -36.30
CA THR A 90 -2.92 21.27 -36.73
C THR A 90 -4.13 22.16 -36.46
N VAL A 91 -5.11 22.07 -37.35
CA VAL A 91 -6.47 22.53 -37.06
C VAL A 91 -7.40 21.32 -37.28
N LYS A 92 -7.96 20.81 -36.20
CA LYS A 92 -8.84 19.63 -36.24
C LYS A 92 -10.31 20.02 -36.14
N ILE A 93 -11.16 19.30 -36.89
CA ILE A 93 -12.61 19.37 -36.74
C ILE A 93 -13.09 18.18 -35.92
N TRP A 94 -13.92 18.43 -34.91
CA TRP A 94 -14.33 17.42 -33.96
C TRP A 94 -15.84 17.22 -34.01
N ASP A 95 -16.26 16.00 -33.66
CA ASP A 95 -17.63 15.68 -33.32
C ASP A 95 -17.68 15.36 -31.82
N VAL A 96 -18.49 16.11 -31.07
CA VAL A 96 -18.50 15.99 -29.61
C VAL A 96 -19.24 14.74 -29.12
N GLU A 97 -20.11 14.15 -29.92
CA GLU A 97 -20.76 12.91 -29.47
C GLU A 97 -19.82 11.73 -29.54
N THR A 98 -18.94 11.70 -30.52
CA THR A 98 -17.95 10.62 -30.64
C THR A 98 -16.63 10.95 -29.96
N LYS A 99 -16.37 12.23 -29.68
CA LYS A 99 -15.11 12.68 -29.10
C LYS A 99 -13.92 12.40 -30.01
N THR A 100 -14.15 12.35 -31.33
CA THR A 100 -13.12 12.00 -32.30
C THR A 100 -12.99 13.06 -33.39
N VAL A 101 -11.89 12.95 -34.14
CA VAL A 101 -11.54 13.89 -35.19
C VAL A 101 -12.25 13.50 -36.47
N VAL A 102 -12.93 14.47 -37.08
CA VAL A 102 -13.57 14.28 -38.36
C VAL A 102 -12.61 14.58 -39.51
N THR A 103 -11.91 15.71 -39.42
CA THR A 103 -10.86 16.03 -40.39
C THR A 103 -9.91 17.03 -39.76
N GLU A 104 -8.84 17.35 -40.49
CA GLU A 104 -7.83 18.29 -40.03
C GLU A 104 -7.09 18.86 -41.24
N HIS A 105 -6.25 19.87 -40.99
CA HIS A 105 -5.37 20.40 -42.02
C HIS A 105 -4.16 21.02 -41.35
N ALA A 106 -2.97 20.77 -41.90
CA ALA A 106 -1.74 21.34 -41.38
C ALA A 106 -1.25 22.49 -42.23
N LEU A 107 -2.18 23.28 -42.79
CA LEU A 107 -1.84 24.30 -43.77
C LEU A 107 -0.86 25.34 -43.22
N HIS A 108 -1.05 25.74 -41.95
CA HIS A 108 -0.25 26.84 -41.42
C HIS A 108 1.22 26.46 -41.28
N GLN A 109 2.08 27.34 -41.76
CA GLN A 109 3.54 27.18 -41.68
C GLN A 109 4.14 27.91 -40.49
N HIS A 110 3.32 28.54 -39.65
CA HIS A 110 3.76 29.27 -38.47
C HIS A 110 2.76 29.03 -37.35
N THR A 111 3.17 29.38 -36.12
CA THR A 111 2.37 29.07 -34.94
C THR A 111 1.01 29.73 -34.99
N ILE A 112 -0.04 28.92 -34.93
CA ILE A 112 -1.40 29.43 -35.04
C ILE A 112 -1.74 30.24 -33.79
N SER A 113 -2.44 31.36 -33.99
CA SER A 113 -2.94 32.21 -32.90
C SER A 113 -4.37 31.90 -32.51
N THR A 114 -5.26 31.66 -33.47
CA THR A 114 -6.70 31.56 -33.19
C THR A 114 -7.39 31.03 -34.44
N LEU A 115 -8.67 30.66 -34.26
CA LEU A 115 -9.56 30.37 -35.39
C LEU A 115 -10.96 30.83 -35.02
N HIS A 116 -11.90 30.56 -35.93
CA HIS A 116 -13.29 30.92 -35.72
C HIS A 116 -14.18 30.23 -36.74
N TRP A 117 -15.26 29.61 -36.26
CA TRP A 117 -16.22 28.96 -37.13
C TRP A 117 -17.19 30.02 -37.63
N SER A 118 -17.31 30.14 -38.95
CA SER A 118 -18.16 31.17 -39.53
C SER A 118 -19.58 31.04 -39.01
N PRO A 119 -20.22 32.14 -38.59
CA PRO A 119 -21.64 32.10 -38.24
C PRO A 119 -22.56 31.86 -39.44
N ARG A 120 -22.11 32.12 -40.66
CA ARG A 120 -22.96 32.04 -41.85
C ARG A 120 -22.71 30.80 -42.69
N VAL A 121 -21.45 30.46 -42.98
CA VAL A 121 -21.12 29.33 -43.85
C VAL A 121 -20.95 28.10 -42.98
N LYS A 122 -21.74 27.05 -43.25
CA LYS A 122 -21.89 25.95 -42.32
C LYS A 122 -20.63 25.11 -42.11
N ASP A 123 -19.61 25.24 -42.97
CA ASP A 123 -18.42 24.41 -42.82
C ASP A 123 -17.13 25.21 -42.95
N LEU A 124 -17.21 26.54 -42.80
CA LEU A 124 -16.06 27.42 -43.00
C LEU A 124 -15.45 27.76 -41.65
N ILE A 125 -14.16 27.44 -41.51
CA ILE A 125 -13.38 27.81 -40.32
C ILE A 125 -12.20 28.66 -40.78
N VAL A 126 -12.03 29.82 -40.15
CA VAL A 126 -11.02 30.80 -40.56
C VAL A 126 -9.94 30.85 -39.50
N SER A 127 -8.71 30.47 -39.88
CA SER A 127 -7.59 30.37 -38.95
C SER A 127 -6.50 31.35 -39.35
N GLY A 128 -5.86 31.96 -38.35
CA GLY A 128 -4.76 32.88 -38.60
C GLY A 128 -3.58 32.62 -37.66
N ASP A 129 -2.34 32.77 -38.17
CA ASP A 129 -1.15 32.46 -37.39
C ASP A 129 -0.40 33.73 -37.01
N GLU A 130 0.70 33.54 -36.27
CA GLU A 130 1.45 34.66 -35.69
C GLU A 130 2.26 35.43 -36.72
N LYS A 131 2.34 34.94 -37.95
CA LYS A 131 3.04 35.62 -39.03
C LYS A 131 2.10 36.50 -39.86
N GLY A 132 0.78 36.38 -39.66
CA GLY A 132 -0.21 37.15 -40.40
C GLY A 132 -0.93 36.37 -41.48
N VAL A 133 -0.57 35.10 -41.69
CA VAL A 133 -1.22 34.27 -42.69
C VAL A 133 -2.59 33.84 -42.18
N VAL A 134 -3.59 33.93 -43.04
CA VAL A 134 -4.95 33.50 -42.72
C VAL A 134 -5.34 32.43 -43.71
N PHE A 135 -5.90 31.34 -43.21
CA PHE A 135 -6.44 30.29 -44.06
C PHE A 135 -7.95 30.21 -43.86
N CYS A 136 -8.66 29.94 -44.96
CA CYS A 136 -10.08 29.63 -44.92
C CYS A 136 -10.24 28.16 -45.29
N TYR A 137 -11.04 27.44 -44.51
CA TYR A 137 -11.17 26.00 -44.63
C TYR A 137 -12.64 25.66 -44.66
N TRP A 138 -13.10 25.13 -45.80
CA TRP A 138 -14.45 24.56 -45.99
C TRP A 138 -14.30 23.04 -45.96
N PHE A 139 -14.65 22.40 -44.84
CA PHE A 139 -14.31 21.00 -44.70
C PHE A 139 -15.27 20.05 -45.42
N ASN A 140 -16.50 20.51 -45.66
CA ASN A 140 -17.49 19.71 -46.37
C ASN A 140 -17.35 19.81 -47.89
N ARG A 141 -16.54 20.77 -48.35
CA ARG A 141 -16.31 20.96 -49.78
C ARG A 141 -14.84 20.76 -50.19
N ASN A 142 -14.00 20.44 -49.20
CA ASN A 142 -12.57 20.21 -49.43
C ASN A 142 -11.88 21.33 -50.22
N ASP A 143 -11.75 22.50 -49.61
CA ASP A 143 -11.10 23.64 -50.23
C ASP A 143 -10.36 24.40 -49.15
N SER A 144 -9.42 25.26 -49.56
CA SER A 144 -8.57 25.94 -48.58
C SER A 144 -7.95 27.17 -49.24
N GLN A 145 -8.50 28.34 -48.95
CA GLN A 145 -7.99 29.58 -49.54
C GLN A 145 -6.95 30.20 -48.62
N HIS A 146 -5.77 30.44 -49.19
CA HIS A 146 -4.66 31.09 -48.51
C HIS A 146 -4.79 32.61 -48.64
N LEU A 147 -4.64 33.31 -47.53
CA LEU A 147 -4.66 34.76 -47.53
C LEU A 147 -3.47 35.26 -46.73
N PHE A 148 -2.85 36.34 -47.22
CA PHE A 148 -1.89 37.10 -46.44
C PHE A 148 -2.29 38.57 -46.54
N ILE A 149 -2.49 39.20 -45.40
CA ILE A 149 -3.01 40.55 -45.33
C ILE A 149 -1.86 41.50 -45.03
N GLU A 150 -1.21 41.33 -43.88
CA GLU A 150 -0.03 42.15 -43.49
C GLU A 150 0.99 41.37 -42.62
N PRO A 151 2.26 41.83 -42.56
CA PRO A 151 3.27 41.13 -41.74
C PRO A 151 3.21 41.55 -40.28
N ARG A 152 2.16 41.13 -39.59
CA ARG A 152 1.96 41.47 -38.19
C ARG A 152 1.40 40.25 -37.48
N THR A 153 1.47 40.28 -36.15
CA THR A 153 1.15 39.10 -35.35
C THR A 153 -0.33 39.09 -35.03
N ILE A 154 -1.05 38.14 -35.61
CA ILE A 154 -2.48 38.02 -35.36
C ILE A 154 -2.69 37.62 -33.90
N PHE A 155 -3.55 38.36 -33.20
CA PHE A 155 -4.00 38.03 -31.85
C PHE A 155 -5.41 37.49 -31.80
N CYS A 156 -6.35 38.08 -32.55
CA CYS A 156 -7.73 37.64 -32.57
C CYS A 156 -8.31 37.77 -33.98
N LEU A 157 -9.48 37.17 -34.16
CA LEU A 157 -10.09 37.02 -35.47
C LEU A 157 -11.55 36.62 -35.29
N THR A 158 -12.48 37.39 -35.85
CA THR A 158 -13.91 37.13 -35.66
C THR A 158 -14.63 37.31 -36.98
N CYS A 159 -15.22 36.23 -37.48
CA CYS A 159 -16.08 36.28 -38.66
C CYS A 159 -17.36 37.06 -38.36
N SER A 160 -17.81 37.80 -39.37
CA SER A 160 -19.01 38.61 -39.22
C SER A 160 -20.24 37.72 -39.12
N PRO A 161 -21.16 38.02 -38.19
CA PRO A 161 -22.45 37.31 -38.18
C PRO A 161 -23.37 37.74 -39.28
N HIS A 162 -22.99 38.77 -40.04
CA HIS A 162 -23.91 39.42 -40.96
C HIS A 162 -23.51 39.34 -42.43
N HIS A 163 -22.29 38.91 -42.75
CA HIS A 163 -22.00 38.57 -44.13
C HIS A 163 -20.84 37.60 -44.21
N GLU A 164 -21.00 36.60 -45.08
CA GLU A 164 -20.11 35.45 -45.18
C GLU A 164 -18.67 35.87 -45.44
N ASP A 165 -18.47 37.03 -46.05
CA ASP A 165 -17.18 37.39 -46.60
C ASP A 165 -16.35 38.27 -45.69
N LEU A 166 -16.97 38.96 -44.73
CA LEU A 166 -16.25 39.86 -43.85
C LEU A 166 -15.66 39.10 -42.67
N VAL A 167 -14.42 39.46 -42.31
CA VAL A 167 -13.74 38.93 -41.14
C VAL A 167 -12.92 40.07 -40.53
N ALA A 168 -13.07 40.30 -39.23
CA ALA A 168 -12.24 41.26 -38.52
C ALA A 168 -11.04 40.55 -37.92
N ILE A 169 -9.89 41.22 -38.01
CA ILE A 169 -8.61 40.69 -37.52
C ILE A 169 -7.97 41.75 -36.64
N GLY A 170 -7.56 41.34 -35.44
CA GLY A 170 -6.82 42.20 -34.52
C GLY A 170 -5.38 41.72 -34.43
N TYR A 171 -4.48 42.64 -34.11
CA TYR A 171 -3.04 42.40 -34.19
C TYR A 171 -2.35 42.78 -32.90
N LYS A 172 -1.16 42.21 -32.71
CA LYS A 172 -0.36 42.47 -31.51
C LYS A 172 -0.08 43.97 -31.33
N ASP A 173 0.03 44.73 -32.42
CA ASP A 173 0.46 46.12 -32.35
C ASP A 173 -0.70 47.12 -32.32
N GLY A 174 -1.92 46.66 -32.06
CA GLY A 174 -3.07 47.54 -31.94
C GLY A 174 -3.89 47.69 -33.20
N ILE A 175 -3.36 47.30 -34.35
CA ILE A 175 -4.07 47.50 -35.62
C ILE A 175 -5.27 46.55 -35.71
N VAL A 176 -6.38 47.05 -36.26
CA VAL A 176 -7.54 46.23 -36.59
C VAL A 176 -7.95 46.51 -38.02
N VAL A 177 -8.31 45.46 -38.76
CA VAL A 177 -8.78 45.57 -40.13
C VAL A 177 -9.92 44.58 -40.34
N ILE A 178 -10.73 44.87 -41.37
CA ILE A 178 -11.77 43.96 -41.84
C ILE A 178 -11.45 43.57 -43.26
N ILE A 179 -11.43 42.25 -43.52
CA ILE A 179 -11.01 41.69 -44.79
C ILE A 179 -12.21 41.01 -45.46
N ASP A 180 -12.11 40.86 -46.77
CA ASP A 180 -13.12 40.12 -47.54
C ASP A 180 -12.47 38.91 -48.19
N ILE A 181 -13.00 37.73 -47.88
CA ILE A 181 -12.44 36.49 -48.42
C ILE A 181 -12.74 36.35 -49.91
N SER A 182 -13.98 36.68 -50.31
CA SER A 182 -14.38 36.61 -51.72
C SER A 182 -13.59 37.58 -52.60
N LYS A 183 -12.97 38.60 -52.00
CA LYS A 183 -12.05 39.50 -52.68
C LYS A 183 -10.60 39.21 -52.29
N LYS A 184 -10.30 37.92 -52.07
CA LYS A 184 -8.93 37.44 -51.90
C LYS A 184 -8.20 38.16 -50.77
N GLY A 185 -8.92 38.56 -49.73
CA GLY A 185 -8.31 39.17 -48.56
C GLY A 185 -8.15 40.66 -48.62
N GLU A 186 -8.75 41.33 -49.61
CA GLU A 186 -8.75 42.78 -49.68
C GLU A 186 -9.08 43.38 -48.33
N VAL A 187 -8.35 44.43 -47.97
CA VAL A 187 -8.67 45.17 -46.75
C VAL A 187 -9.79 46.15 -47.07
N ILE A 188 -10.94 45.95 -46.44
CA ILE A 188 -12.09 46.81 -46.67
C ILE A 188 -12.08 48.00 -45.72
N HIS A 189 -11.82 47.77 -44.45
CA HIS A 189 -11.81 48.84 -43.46
C HIS A 189 -10.58 48.71 -42.58
N ARG A 190 -9.78 49.76 -42.55
CA ARG A 190 -8.70 49.94 -41.60
C ARG A 190 -9.27 50.70 -40.41
N LEU A 191 -9.04 50.18 -39.20
CA LEU A 191 -9.65 50.76 -38.00
C LEU A 191 -8.53 51.27 -37.10
N ARG A 192 -8.24 52.57 -37.26
CA ARG A 192 -7.10 53.19 -36.63
C ARG A 192 -7.53 53.81 -35.30
N GLY A 193 -6.79 53.49 -34.24
CA GLY A 193 -7.12 54.01 -32.94
C GLY A 193 -6.39 53.32 -31.81
N HIS A 194 -6.32 52.00 -31.86
CA HIS A 194 -5.72 51.26 -30.76
C HIS A 194 -4.21 51.37 -30.79
N ASP A 195 -3.62 51.26 -29.61
CA ASP A 195 -2.22 51.58 -29.39
C ASP A 195 -1.41 50.38 -28.91
N ASP A 196 -2.04 49.22 -28.76
CA ASP A 196 -1.44 48.08 -28.09
C ASP A 196 -2.34 46.88 -28.36
N GLU A 197 -1.81 45.68 -28.04
CA GLU A 197 -2.42 44.36 -28.26
C GLU A 197 -3.95 44.30 -28.29
N ILE A 198 -4.52 43.88 -29.43
CA ILE A 198 -5.95 43.66 -29.54
C ILE A 198 -6.35 42.31 -28.98
N HIS A 199 -7.22 42.32 -27.98
CA HIS A 199 -7.59 41.09 -27.29
C HIS A 199 -8.92 40.48 -27.75
N SER A 200 -9.88 41.28 -28.22
CA SER A 200 -11.14 40.71 -28.65
C SER A 200 -11.79 41.63 -29.66
N ILE A 201 -12.60 41.03 -30.54
CA ILE A 201 -13.40 41.73 -31.54
C ILE A 201 -14.77 41.11 -31.57
N ALA A 202 -15.80 41.89 -31.24
CA ALA A 202 -17.17 41.40 -31.15
C ALA A 202 -18.06 42.24 -32.05
N TRP A 203 -18.69 41.60 -33.03
CA TRP A 203 -19.60 42.31 -33.92
C TRP A 203 -20.91 42.60 -33.20
N CYS A 204 -21.52 43.72 -33.55
CA CYS A 204 -22.86 44.01 -33.08
C CYS A 204 -23.82 42.94 -33.60
N PRO A 205 -24.69 42.37 -32.75
CA PRO A 205 -25.57 41.29 -33.20
C PRO A 205 -26.74 41.74 -34.09
N LEU A 206 -27.05 43.03 -34.18
CA LEU A 206 -28.06 43.56 -35.08
C LEU A 206 -27.43 44.59 -36.02
N PRO A 207 -27.93 44.73 -37.26
CA PRO A 207 -27.22 45.55 -38.26
C PRO A 207 -27.39 47.04 -38.16
N CYS A 240 -23.64 48.40 -39.83
CA CYS A 240 -23.21 47.46 -38.80
C CYS A 240 -22.12 48.06 -37.92
N TYR A 241 -22.12 47.67 -36.66
CA TYR A 241 -21.13 48.17 -35.71
C TYR A 241 -20.22 47.04 -35.23
N LEU A 242 -19.19 47.41 -34.46
CA LEU A 242 -18.07 46.52 -34.17
C LEU A 242 -17.28 46.99 -32.96
N ALA A 243 -16.93 46.08 -32.04
CA ALA A 243 -16.25 46.42 -30.78
C ALA A 243 -14.90 45.73 -30.65
N THR A 244 -13.95 46.42 -30.00
CA THR A 244 -12.60 45.92 -29.85
C THR A 244 -12.07 46.27 -28.45
N GLY A 245 -11.48 45.28 -27.79
CA GLY A 245 -10.82 45.47 -26.51
C GLY A 245 -9.31 45.34 -26.68
N SER A 246 -8.57 46.25 -26.07
CA SER A 246 -7.13 46.26 -26.24
C SER A 246 -6.43 46.40 -24.90
N LYS A 247 -5.18 45.92 -24.87
CA LYS A 247 -4.30 46.13 -23.72
C LYS A 247 -4.04 47.60 -23.45
N ASP A 248 -4.38 48.51 -24.38
CA ASP A 248 -4.27 49.95 -24.12
C ASP A 248 -5.38 50.48 -23.21
N GLN A 249 -6.11 49.58 -22.53
CA GLN A 249 -7.09 49.90 -21.50
C GLN A 249 -8.34 50.60 -22.04
N THR A 250 -8.64 50.44 -23.34
CA THR A 250 -9.85 51.02 -23.93
C THR A 250 -10.61 49.95 -24.71
N ILE A 251 -11.94 50.10 -24.69
CA ILE A 251 -12.83 49.44 -25.63
C ILE A 251 -13.23 50.48 -26.66
N ARG A 252 -13.47 50.04 -27.91
CA ARG A 252 -13.86 50.95 -28.99
C ARG A 252 -14.96 50.32 -29.83
N ILE A 253 -16.03 51.08 -30.08
CA ILE A 253 -17.07 50.66 -31.01
C ILE A 253 -16.86 51.39 -32.32
N TRP A 254 -16.99 50.68 -33.43
CA TRP A 254 -16.74 51.21 -34.77
C TRP A 254 -17.95 51.00 -35.66
N SER A 255 -18.25 51.98 -36.48
CA SER A 255 -19.25 51.83 -37.54
C SER A 255 -18.54 51.20 -38.74
N CYS A 256 -18.76 49.89 -38.95
CA CYS A 256 -18.08 49.19 -40.05
C CYS A 256 -18.56 49.63 -41.43
N SER A 257 -19.41 50.66 -41.50
CA SER A 257 -19.79 51.28 -42.76
C SER A 257 -18.84 52.43 -43.12
N ARG A 258 -18.76 53.45 -42.27
CA ARG A 258 -17.88 54.58 -42.48
C ARG A 258 -16.52 54.40 -41.81
N GLY A 259 -16.19 53.18 -41.37
CA GLY A 259 -14.88 52.84 -40.84
C GLY A 259 -14.36 53.74 -39.73
N ARG A 260 -15.27 54.40 -39.02
CA ARG A 260 -14.92 55.39 -38.01
C ARG A 260 -15.22 54.86 -36.61
N GLY A 261 -14.53 55.41 -35.63
CA GLY A 261 -14.77 55.05 -34.24
C GLY A 261 -15.73 56.01 -33.59
N VAL A 262 -16.94 55.53 -33.28
CA VAL A 262 -18.00 56.41 -32.82
C VAL A 262 -18.16 56.42 -31.30
N MET A 263 -17.29 55.71 -30.56
CA MET A 263 -17.24 55.84 -29.10
C MET A 263 -16.11 55.02 -28.47
N ILE A 264 -15.45 55.60 -27.46
CA ILE A 264 -14.28 55.03 -26.80
C ILE A 264 -14.57 54.94 -25.30
N LEU A 265 -14.22 53.80 -24.69
CA LEU A 265 -14.49 53.54 -23.28
C LEU A 265 -13.19 53.14 -22.57
N LYS A 266 -12.76 53.93 -21.59
CA LYS A 266 -11.57 53.59 -20.80
C LYS A 266 -11.97 52.93 -19.50
N LEU A 267 -11.31 51.82 -19.18
CA LEU A 267 -11.64 51.03 -18.01
C LEU A 267 -11.31 51.77 -16.71
N PRO A 268 -12.06 51.51 -15.64
CA PRO A 268 -11.68 51.88 -14.27
C PRO A 268 -10.69 50.89 -13.64
N ARG A 284 -1.82 45.03 -15.36
CA ARG A 284 -2.09 43.70 -15.89
C ARG A 284 -3.50 43.57 -16.44
N LEU A 285 -3.64 43.19 -17.71
CA LEU A 285 -4.96 43.28 -18.33
C LEU A 285 -5.07 42.38 -19.54
N TRP A 286 -6.11 41.54 -19.55
CA TRP A 286 -6.66 40.97 -20.77
C TRP A 286 -8.08 41.49 -20.91
N LEU A 287 -8.38 42.11 -22.05
CA LEU A 287 -9.64 42.83 -22.24
C LEU A 287 -10.46 42.12 -23.32
N THR A 288 -11.28 41.16 -22.87
CA THR A 288 -12.17 40.41 -23.73
C THR A 288 -13.61 40.91 -23.60
N LEU A 289 -14.38 40.68 -24.67
CA LEU A 289 -15.71 41.24 -24.83
C LEU A 289 -16.76 40.17 -25.06
N HIS A 290 -18.00 40.56 -24.79
CA HIS A 290 -19.18 39.79 -25.16
C HIS A 290 -20.32 40.76 -25.41
N TRP A 291 -20.87 40.73 -26.62
CA TRP A 291 -22.00 41.59 -26.96
C TRP A 291 -23.27 40.75 -26.91
N PRO A 292 -24.13 40.93 -25.89
CA PRO A 292 -25.32 40.07 -25.77
C PRO A 292 -26.37 40.39 -26.82
N SER A 293 -26.92 39.32 -27.42
CA SER A 293 -28.03 39.50 -28.36
C SER A 293 -29.28 40.00 -27.64
N ASN A 294 -29.45 39.65 -26.36
CA ASN A 294 -30.64 40.06 -25.62
C ASN A 294 -30.64 41.56 -25.36
N GLN A 295 -29.50 42.12 -25.00
CA GLN A 295 -29.34 43.55 -24.77
C GLN A 295 -28.38 44.08 -25.83
N PRO A 296 -28.86 44.31 -27.06
CA PRO A 296 -27.98 44.83 -28.11
C PRO A 296 -27.39 46.19 -27.79
N THR A 297 -27.81 46.81 -26.68
CA THR A 297 -27.33 48.11 -26.24
C THR A 297 -26.34 48.01 -25.07
N GLN A 298 -26.12 46.82 -24.53
CA GLN A 298 -25.19 46.61 -23.43
C GLN A 298 -24.00 45.78 -23.91
N LEU A 299 -22.91 45.81 -23.15
CA LEU A 299 -21.66 45.20 -23.58
C LEU A 299 -20.86 44.74 -22.36
N VAL A 300 -20.46 43.46 -22.35
CA VAL A 300 -19.72 42.87 -21.24
C VAL A 300 -18.23 42.97 -21.52
N SER A 301 -17.42 43.21 -20.49
CA SER A 301 -15.98 43.22 -20.69
C SER A 301 -15.26 42.73 -19.43
N SER A 302 -14.03 42.25 -19.63
CA SER A 302 -13.16 42.02 -18.50
C SER A 302 -12.49 43.33 -18.09
N CYS A 303 -11.86 43.30 -16.91
CA CYS A 303 -11.19 44.47 -16.38
C CYS A 303 -10.08 44.01 -15.46
N PHE A 304 -9.24 44.96 -15.02
CA PHE A 304 -8.12 44.62 -14.15
C PHE A 304 -8.57 43.77 -12.99
N GLY A 305 -7.78 42.75 -12.67
CA GLY A 305 -8.10 41.84 -11.59
C GLY A 305 -9.19 40.83 -11.90
N GLY A 306 -9.44 40.55 -13.18
CA GLY A 306 -10.53 39.68 -13.54
C GLY A 306 -11.92 40.20 -13.25
N GLU A 307 -12.07 41.50 -12.99
CA GLU A 307 -13.39 42.07 -12.79
C GLU A 307 -14.17 42.11 -14.10
N LEU A 308 -15.47 41.86 -14.01
CA LEU A 308 -16.35 41.88 -15.17
C LEU A 308 -17.27 43.09 -15.09
N LEU A 309 -17.56 43.68 -16.25
CA LEU A 309 -18.37 44.88 -16.36
C LEU A 309 -19.48 44.66 -17.37
N GLN A 310 -20.59 45.35 -17.18
CA GLN A 310 -21.64 45.49 -18.19
C GLN A 310 -21.83 46.98 -18.44
N TRP A 311 -21.35 47.47 -19.58
CA TRP A 311 -21.47 48.88 -19.93
C TRP A 311 -22.81 49.14 -20.61
N ASP A 312 -23.17 50.42 -20.67
CA ASP A 312 -24.41 50.87 -21.32
C ASP A 312 -24.04 51.83 -22.44
N LEU A 313 -24.24 51.37 -23.68
CA LEU A 313 -23.91 52.20 -24.85
C LEU A 313 -24.66 53.52 -24.82
N THR A 314 -25.94 53.51 -24.46
CA THR A 314 -26.77 54.72 -24.40
C THR A 314 -26.16 55.79 -23.50
N ARG A 319 -20.26 55.57 -21.08
CA ARG A 319 -19.61 56.14 -19.90
C ARG A 319 -20.01 55.42 -18.62
N LYS A 320 -21.13 54.70 -18.67
CA LYS A 320 -21.67 54.00 -17.51
C LYS A 320 -21.34 52.50 -17.59
N TYR A 321 -20.98 51.94 -16.44
CA TYR A 321 -20.69 50.52 -16.31
C TYR A 321 -21.40 49.96 -15.07
N THR A 322 -21.38 48.64 -14.94
CA THR A 322 -21.91 47.98 -13.74
C THR A 322 -21.04 46.77 -13.40
N LEU A 323 -20.92 46.50 -12.10
CA LEU A 323 -20.02 45.47 -11.59
C LEU A 323 -20.73 44.14 -11.42
N PHE A 324 -20.00 43.06 -11.65
CA PHE A 324 -20.47 41.72 -11.34
C PHE A 324 -20.10 41.38 -9.90
N SER A 325 -21.06 40.81 -9.16
CA SER A 325 -20.84 40.31 -7.80
C SER A 325 -20.25 41.38 -6.88
N GLN A 331 -16.35 36.42 -4.32
CA GLN A 331 -16.98 35.59 -5.35
C GLN A 331 -16.53 35.99 -6.78
N ASN A 332 -15.94 37.18 -6.92
CA ASN A 332 -15.49 37.57 -8.25
C ASN A 332 -14.17 36.89 -8.56
N HIS A 333 -13.74 36.99 -9.83
CA HIS A 333 -12.40 36.56 -10.18
C HIS A 333 -11.37 37.46 -9.52
N SER A 334 -10.19 36.91 -9.25
CA SER A 334 -9.13 37.67 -8.62
C SER A 334 -8.00 38.04 -9.55
N ARG A 335 -7.82 37.31 -10.65
CA ARG A 335 -6.82 37.65 -11.67
C ARG A 335 -7.51 37.72 -13.03
N ILE A 336 -6.77 38.27 -14.00
CA ILE A 336 -7.36 38.70 -15.28
C ILE A 336 -8.16 37.59 -15.93
N VAL A 337 -9.24 37.98 -16.62
CA VAL A 337 -10.14 37.06 -17.31
C VAL A 337 -9.79 37.02 -18.78
N PHE A 338 -9.75 35.82 -19.36
CA PHE A 338 -9.38 35.66 -20.76
C PHE A 338 -10.57 35.48 -21.71
N ASN A 339 -11.53 34.61 -21.40
CA ASN A 339 -12.68 34.41 -22.29
C ASN A 339 -13.99 34.61 -21.54
N LEU A 340 -15.05 34.84 -22.33
CA LEU A 340 -16.42 34.98 -21.85
C LEU A 340 -17.35 34.31 -22.85
N CYS A 341 -18.06 33.26 -22.42
CA CYS A 341 -18.87 32.46 -23.33
C CYS A 341 -20.35 32.51 -22.96
N PRO A 342 -21.23 33.01 -23.84
CA PRO A 342 -22.67 32.93 -23.57
C PRO A 342 -23.20 31.50 -23.74
N LEU A 343 -24.04 31.08 -22.79
CA LEU A 343 -24.73 29.79 -22.85
C LEU A 343 -26.16 29.98 -22.39
N GLN A 344 -27.11 29.65 -23.24
CA GLN A 344 -28.53 29.69 -22.88
C GLN A 344 -28.99 28.27 -22.59
N THR A 345 -29.40 28.03 -21.35
CA THR A 345 -29.81 26.69 -20.97
C THR A 345 -31.20 26.39 -21.52
N GLU A 346 -31.51 25.08 -21.56
CA GLU A 346 -32.83 24.58 -21.91
C GLU A 346 -33.94 25.36 -21.20
N ASP A 347 -33.73 25.65 -19.92
CA ASP A 347 -34.62 26.41 -19.06
C ASP A 347 -34.54 27.93 -19.28
N ASP A 348 -33.99 28.37 -20.42
CA ASP A 348 -34.01 29.76 -20.85
C ASP A 348 -33.22 30.72 -19.96
N LYS A 349 -32.36 30.23 -19.08
CA LYS A 349 -31.49 31.10 -18.31
C LYS A 349 -30.31 31.55 -19.15
N GLN A 350 -30.00 32.84 -19.10
CA GLN A 350 -28.87 33.40 -19.85
C GLN A 350 -27.63 33.41 -18.97
N LEU A 351 -26.77 32.42 -19.15
CA LEU A 351 -25.50 32.33 -18.41
C LEU A 351 -24.36 32.86 -19.26
N LEU A 352 -23.23 33.14 -18.59
CA LEU A 352 -22.00 33.54 -19.26
C LEU A 352 -20.82 32.89 -18.55
N LEU A 353 -20.05 32.08 -19.28
CA LEU A 353 -18.91 31.37 -18.73
C LEU A 353 -17.64 32.22 -18.88
N SER A 354 -16.80 32.24 -17.83
CA SER A 354 -15.56 33.00 -17.85
C SER A 354 -14.38 32.14 -17.41
N THR A 355 -13.28 32.25 -18.16
CA THR A 355 -12.00 31.63 -17.82
C THR A 355 -11.05 32.70 -17.33
N SER A 356 -10.16 32.33 -16.42
CA SER A 356 -9.37 33.34 -15.76
C SER A 356 -8.01 32.81 -15.36
N MET A 357 -7.03 33.73 -15.36
CA MET A 357 -5.70 33.41 -14.87
C MET A 357 -5.72 32.87 -13.45
N ASP A 358 -6.79 33.18 -12.65
CA ASP A 358 -6.83 32.64 -11.28
C ASP A 358 -7.21 31.16 -11.22
N ARG A 359 -7.32 30.53 -12.40
CA ARG A 359 -7.54 29.09 -12.56
C ARG A 359 -8.93 28.65 -12.14
N ASP A 360 -9.88 29.57 -12.06
CA ASP A 360 -11.28 29.24 -11.80
C ASP A 360 -12.10 29.43 -13.06
N VAL A 361 -13.09 28.58 -13.22
CA VAL A 361 -14.07 28.66 -14.31
C VAL A 361 -15.41 29.02 -13.68
N LYS A 362 -15.83 30.27 -13.85
CA LYS A 362 -17.02 30.77 -13.18
C LYS A 362 -18.20 30.85 -14.15
N CYS A 363 -19.38 30.67 -13.60
CA CYS A 363 -20.63 30.85 -14.32
C CYS A 363 -21.31 32.11 -13.79
N TRP A 364 -21.91 32.88 -14.70
CA TRP A 364 -22.55 34.12 -14.32
C TRP A 364 -23.96 34.13 -14.89
N ASP A 365 -24.93 34.48 -14.05
CA ASP A 365 -26.34 34.59 -14.45
C ASP A 365 -26.59 36.03 -14.87
N ILE A 366 -26.74 36.27 -16.18
CA ILE A 366 -26.81 37.61 -16.74
C ILE A 366 -28.01 38.39 -16.21
N ALA A 367 -29.07 37.70 -15.77
CA ALA A 367 -30.16 38.41 -15.13
C ALA A 367 -29.72 39.03 -13.81
N THR A 368 -28.95 38.29 -12.99
CA THR A 368 -28.56 38.77 -11.67
C THR A 368 -27.16 39.36 -11.62
N LEU A 369 -26.28 39.00 -12.56
CA LEU A 369 -24.87 39.40 -12.55
C LEU A 369 -24.16 38.92 -11.29
N GLU A 370 -24.59 37.78 -10.78
CA GLU A 370 -23.92 37.07 -9.70
C GLU A 370 -23.35 35.77 -10.24
N CYS A 371 -22.42 35.18 -9.49
CA CYS A 371 -21.77 33.94 -9.88
C CYS A 371 -22.59 32.75 -9.39
N SER A 372 -23.02 31.88 -10.31
CA SER A 372 -23.84 30.74 -9.93
C SER A 372 -23.02 29.62 -9.34
N TRP A 373 -21.83 29.38 -9.90
CA TRP A 373 -20.93 28.37 -9.37
C TRP A 373 -19.53 28.63 -9.90
N THR A 374 -18.59 27.84 -9.40
CA THR A 374 -17.20 27.94 -9.80
C THR A 374 -16.65 26.54 -10.00
N LEU A 375 -15.94 26.33 -11.11
CA LEU A 375 -15.21 25.08 -11.32
C LEU A 375 -13.70 25.34 -11.21
N PRO A 376 -13.01 24.82 -10.20
CA PRO A 376 -11.57 25.04 -10.07
C PRO A 376 -10.75 24.05 -10.87
N SER A 377 -9.48 24.39 -11.07
CA SER A 377 -8.62 23.62 -11.94
C SER A 377 -7.21 23.53 -11.35
N LEU A 378 -6.38 22.70 -11.99
CA LEU A 378 -5.04 22.40 -11.50
C LEU A 378 -4.01 22.97 -12.46
N GLY A 379 -3.05 23.70 -11.92
CA GLY A 379 -2.00 24.33 -12.70
C GLY A 379 -0.68 23.59 -12.77
N GLY A 380 -0.60 22.36 -12.25
CA GLY A 380 0.62 21.61 -12.37
C GLY A 380 0.33 20.14 -12.12
N PHE A 381 1.39 19.33 -12.14
CA PHE A 381 1.25 17.92 -11.82
C PHE A 381 0.50 17.77 -10.51
N ALA A 382 -0.38 16.77 -10.44
CA ALA A 382 -0.98 16.37 -9.16
C ALA A 382 -0.02 15.38 -8.50
N TYR A 383 0.86 15.92 -7.64
CA TYR A 383 1.93 15.12 -7.06
C TYR A 383 1.47 14.26 -5.88
N SER A 384 0.39 14.62 -5.20
CA SER A 384 0.14 14.07 -3.88
C SER A 384 -1.34 14.14 -3.53
N LEU A 385 -1.85 13.08 -2.90
CA LEU A 385 -3.24 12.97 -2.46
C LEU A 385 -3.26 12.46 -1.02
N ALA A 386 -3.85 13.21 -0.10
CA ALA A 386 -3.89 12.81 1.30
C ALA A 386 -5.30 13.02 1.86
N PHE A 387 -5.89 11.96 2.39
CA PHE A 387 -7.20 12.04 3.05
C PHE A 387 -6.99 12.24 4.54
N SER A 388 -7.82 13.07 5.15
CA SER A 388 -7.70 13.31 6.58
C SER A 388 -8.51 12.27 7.34
N SER A 389 -7.96 11.84 8.48
CA SER A 389 -8.68 10.96 9.38
C SER A 389 -9.58 11.73 10.34
N VAL A 390 -9.32 13.02 10.54
CA VAL A 390 -10.15 13.83 11.43
C VAL A 390 -11.32 14.45 10.69
N ASP A 391 -11.08 14.99 9.50
CA ASP A 391 -12.12 15.41 8.58
C ASP A 391 -12.23 14.34 7.51
N ILE A 392 -13.36 13.64 7.45
CA ILE A 392 -13.39 12.40 6.69
C ILE A 392 -13.33 12.68 5.19
N GLY A 393 -14.05 13.69 4.72
CA GLY A 393 -14.00 13.92 3.28
C GLY A 393 -12.85 14.76 2.81
N SER A 394 -11.97 15.18 3.71
CA SER A 394 -10.98 16.21 3.41
C SER A 394 -9.84 15.60 2.62
N LEU A 395 -9.70 16.00 1.36
CA LEU A 395 -8.67 15.44 0.46
C LEU A 395 -7.68 16.54 0.09
N ALA A 396 -6.43 16.40 0.53
CA ALA A 396 -5.38 17.36 0.23
C ALA A 396 -4.66 16.97 -1.06
N ILE A 397 -4.41 17.97 -1.91
CA ILE A 397 -3.81 17.78 -3.22
C ILE A 397 -2.59 18.68 -3.29
N GLY A 398 -1.42 18.08 -3.52
CA GLY A 398 -0.22 18.83 -3.76
C GLY A 398 0.01 18.98 -5.24
N VAL A 399 0.00 20.24 -5.71
CA VAL A 399 0.04 20.54 -7.14
C VAL A 399 1.37 21.21 -7.48
N GLY A 400 1.81 20.98 -8.71
CA GLY A 400 3.09 21.53 -9.13
C GLY A 400 3.08 23.03 -9.30
N ASP A 401 1.91 23.64 -9.43
CA ASP A 401 1.79 25.08 -9.55
C ASP A 401 1.94 25.80 -8.20
N GLY A 402 2.27 25.09 -7.13
CA GLY A 402 2.60 25.74 -5.88
C GLY A 402 1.46 26.14 -5.00
N MET A 403 0.32 25.46 -5.06
CA MET A 403 -0.75 25.64 -4.11
C MET A 403 -1.24 24.29 -3.65
N ILE A 404 -1.57 24.20 -2.38
CA ILE A 404 -2.24 23.02 -1.85
C ILE A 404 -3.72 23.18 -2.07
N ARG A 405 -4.35 22.13 -2.56
CA ARG A 405 -5.80 22.06 -2.68
C ARG A 405 -6.34 21.15 -1.60
N VAL A 406 -7.28 21.64 -0.78
CA VAL A 406 -8.04 20.77 0.12
C VAL A 406 -9.45 20.68 -0.42
N TRP A 407 -9.94 19.46 -0.58
CA TRP A 407 -11.18 19.19 -1.31
C TRP A 407 -12.14 18.49 -0.35
N ASN A 408 -13.18 19.21 0.05
CA ASN A 408 -14.24 18.59 0.83
C ASN A 408 -15.09 17.75 -0.11
N THR A 409 -14.74 16.48 -0.27
CA THR A 409 -15.44 15.59 -1.19
C THR A 409 -16.85 15.22 -0.73
N LEU A 410 -17.32 15.88 0.32
CA LEU A 410 -18.64 15.61 0.86
C LEU A 410 -19.52 16.85 0.88
N SER A 411 -19.19 17.83 0.04
CA SER A 411 -19.96 19.06 -0.03
C SER A 411 -21.42 18.73 -0.32
N ILE A 412 -22.28 19.03 0.66
CA ILE A 412 -23.72 18.77 0.53
C ILE A 412 -24.30 19.32 -0.76
N LYS A 413 -23.92 20.55 -1.11
CA LYS A 413 -24.44 21.19 -2.32
C LYS A 413 -23.36 21.77 -3.22
N ASN A 414 -22.26 21.05 -3.40
CA ASN A 414 -21.19 21.53 -4.27
C ASN A 414 -20.18 20.42 -4.52
N ASN A 415 -20.05 19.98 -5.77
CA ASN A 415 -19.18 18.86 -6.09
C ASN A 415 -17.71 19.22 -6.19
N TYR A 416 -17.36 20.50 -6.13
CA TYR A 416 -15.98 20.95 -6.29
C TYR A 416 -15.65 21.99 -5.23
N ASP A 417 -15.95 21.65 -3.99
CA ASP A 417 -15.69 22.51 -2.83
C ASP A 417 -14.21 22.41 -2.48
N VAL A 418 -13.43 23.27 -3.15
CA VAL A 418 -11.99 23.24 -3.03
C VAL A 418 -11.47 24.55 -2.49
N LYS A 419 -10.56 24.48 -1.49
CA LYS A 419 -9.92 25.66 -0.93
C LYS A 419 -8.42 25.62 -1.23
N ASN A 420 -7.89 26.73 -1.71
CA ASN A 420 -6.48 26.84 -2.09
C ASN A 420 -5.68 27.48 -0.97
N PHE A 421 -4.40 27.16 -0.91
CA PHE A 421 -3.52 27.72 0.11
C PHE A 421 -2.25 28.23 -0.55
N TRP A 422 -2.20 29.55 -0.73
CA TRP A 422 -1.11 30.21 -1.43
C TRP A 422 0.05 30.50 -0.49
N GLN A 423 -0.24 31.11 0.66
CA GLN A 423 0.80 31.58 1.57
C GLN A 423 1.76 30.46 1.96
N GLY A 424 3.02 30.84 2.20
CA GLY A 424 4.04 29.88 2.57
C GLY A 424 4.60 29.14 1.37
N VAL A 425 3.75 28.40 0.68
CA VAL A 425 4.17 27.64 -0.50
C VAL A 425 4.54 28.56 -1.65
N LYS A 426 5.64 28.26 -2.32
CA LYS A 426 6.10 29.07 -3.44
C LYS A 426 6.74 28.21 -4.54
N SER A 427 6.47 26.91 -4.50
CA SER A 427 7.01 25.98 -5.49
C SER A 427 6.21 24.69 -5.52
N LYS A 428 6.67 23.73 -6.31
CA LYS A 428 5.98 22.44 -6.43
C LYS A 428 5.81 21.73 -5.08
N VAL A 429 4.57 21.63 -4.62
CA VAL A 429 4.21 20.79 -3.47
C VAL A 429 4.25 19.34 -3.87
N THR A 430 5.26 18.61 -3.42
CA THR A 430 5.44 17.24 -3.86
C THR A 430 5.15 16.18 -2.80
N ALA A 431 4.72 16.59 -1.59
CA ALA A 431 4.36 15.62 -0.55
C ALA A 431 3.36 16.26 0.40
N LEU A 432 2.51 15.43 0.99
CA LEU A 432 1.49 15.91 1.92
C LEU A 432 1.24 14.86 2.97
N CYS A 433 0.98 15.29 4.21
CA CYS A 433 0.48 14.35 5.20
C CYS A 433 -0.36 15.06 6.25
N TRP A 434 -1.55 14.53 6.51
CA TRP A 434 -2.39 15.03 7.59
C TRP A 434 -1.94 14.49 8.94
N HIS A 435 -2.06 15.31 9.97
CA HIS A 435 -1.83 14.81 11.31
C HIS A 435 -2.86 13.71 11.58
N PRO A 436 -2.44 12.58 12.18
CA PRO A 436 -3.42 11.54 12.47
C PRO A 436 -4.56 11.99 13.37
N THR A 437 -4.30 12.91 14.31
CA THR A 437 -5.28 13.25 15.33
C THR A 437 -5.73 14.71 15.31
N LYS A 438 -4.83 15.64 15.04
CA LYS A 438 -5.19 17.06 15.08
C LYS A 438 -5.86 17.46 13.77
N GLU A 439 -7.05 18.05 13.87
CA GLU A 439 -7.73 18.49 12.66
C GLU A 439 -7.03 19.72 12.08
N GLY A 440 -7.19 19.91 10.77
CA GLY A 440 -6.60 21.04 10.09
C GLY A 440 -5.10 21.01 10.02
N CYS A 441 -4.45 20.00 10.58
CA CYS A 441 -3.00 19.98 10.68
C CYS A 441 -2.44 19.19 9.49
N LEU A 442 -1.74 19.89 8.62
CA LEU A 442 -1.40 19.35 7.30
C LEU A 442 0.06 19.67 6.99
N ALA A 443 0.91 18.65 6.96
CA ALA A 443 2.32 18.84 6.60
C ALA A 443 2.50 18.73 5.09
N PHE A 444 3.41 19.55 4.56
CA PHE A 444 3.71 19.52 3.13
C PHE A 444 5.20 19.70 2.91
N GLY A 445 5.67 19.11 1.81
CA GLY A 445 7.04 19.29 1.37
C GLY A 445 7.08 19.72 -0.07
N THR A 446 8.15 20.41 -0.44
CA THR A 446 8.26 20.99 -1.78
C THR A 446 9.51 20.47 -2.49
N ASP A 447 9.63 20.86 -3.76
CA ASP A 447 10.77 20.50 -4.58
C ASP A 447 11.98 21.38 -4.29
N ASP A 448 11.79 22.48 -3.59
CA ASP A 448 12.89 23.27 -3.06
C ASP A 448 13.39 22.76 -1.72
N GLY A 449 12.96 21.57 -1.30
CA GLY A 449 13.39 20.96 -0.05
C GLY A 449 12.73 21.50 1.20
N LYS A 450 11.66 22.28 1.07
CA LYS A 450 11.05 22.96 2.20
C LYS A 450 9.95 22.09 2.78
N VAL A 451 10.01 21.86 4.09
CA VAL A 451 8.97 21.18 4.84
C VAL A 451 8.15 22.23 5.56
N GLY A 452 6.86 21.97 5.71
CA GLY A 452 5.97 22.96 6.27
C GLY A 452 4.77 22.33 6.94
N LEU A 453 4.13 23.11 7.82
CA LEU A 453 2.93 22.69 8.53
C LEU A 453 1.81 23.67 8.21
N TYR A 454 0.56 23.20 8.26
CA TYR A 454 -0.55 24.09 7.92
C TYR A 454 -1.82 23.91 8.77
N ASP A 455 -2.31 25.01 9.32
CA ASP A 455 -3.55 25.00 10.08
C ASP A 455 -4.58 25.42 9.03
N THR A 456 -5.26 24.43 8.47
CA THR A 456 -6.20 24.70 7.39
C THR A 456 -7.55 25.24 7.86
N TYR A 457 -7.76 25.39 9.16
CA TYR A 457 -8.89 26.17 9.66
C TYR A 457 -8.50 27.64 9.78
N SER A 458 -7.22 27.91 9.99
CA SER A 458 -6.70 29.26 10.17
C SER A 458 -6.61 30.01 8.85
N ASN A 459 -6.40 31.31 8.98
CA ASN A 459 -6.07 32.18 7.86
C ASN A 459 -4.57 32.38 7.71
N LYS A 460 -3.77 31.84 8.61
CA LYS A 460 -2.46 32.45 8.69
C LYS A 460 -1.40 31.62 7.99
N PRO A 461 -0.39 32.29 7.41
CA PRO A 461 0.66 31.61 6.68
C PRO A 461 1.30 30.50 7.52
N PRO A 462 1.79 29.45 6.86
CA PRO A 462 2.25 28.27 7.58
C PRO A 462 3.60 28.47 8.24
N GLN A 463 3.98 27.50 9.06
CA GLN A 463 5.31 27.41 9.64
C GLN A 463 6.21 26.60 8.72
N ILE A 464 7.42 27.09 8.51
CA ILE A 464 8.42 26.39 7.71
C ILE A 464 9.47 25.83 8.66
N SER A 465 9.93 24.62 8.38
CA SER A 465 11.08 24.09 9.09
C SER A 465 12.31 24.94 8.80
N SER A 466 13.06 25.28 9.85
CA SER A 466 14.31 26.02 9.64
C SER A 466 15.26 25.25 8.75
N THR A 467 15.13 23.94 8.71
CA THR A 467 15.97 23.06 7.92
C THR A 467 15.31 22.70 6.59
N TYR A 468 16.09 22.73 5.53
CA TYR A 468 15.67 22.29 4.22
C TYR A 468 16.38 20.98 3.87
N HIS A 469 15.73 20.15 3.07
CA HIS A 469 16.44 19.04 2.48
C HIS A 469 17.26 19.53 1.29
N LYS A 470 18.38 18.86 1.04
CA LYS A 470 19.15 19.21 -0.15
C LYS A 470 18.30 19.11 -1.42
N LYS A 471 17.53 18.03 -1.57
CA LYS A 471 16.72 17.79 -2.77
C LYS A 471 15.21 17.83 -2.49
N THR A 472 14.43 17.29 -3.42
CA THR A 472 12.97 17.31 -3.30
C THR A 472 12.48 16.53 -2.07
N VAL A 473 11.37 16.99 -1.49
CA VAL A 473 10.70 16.31 -0.39
C VAL A 473 9.63 15.37 -0.95
N TYR A 474 9.90 14.06 -0.88
CA TYR A 474 9.03 13.04 -1.46
C TYR A 474 8.12 12.34 -0.45
N THR A 475 8.50 12.25 0.82
CA THR A 475 7.67 11.55 1.80
C THR A 475 7.50 12.39 3.04
N LEU A 476 6.32 12.31 3.63
CA LEU A 476 6.10 12.86 4.95
C LEU A 476 5.26 11.87 5.72
N ALA A 477 5.68 11.53 6.93
CA ALA A 477 4.94 10.63 7.78
C ALA A 477 5.02 11.15 9.21
N TRP A 478 3.91 11.02 9.93
CA TRP A 478 3.90 11.27 11.36
C TRP A 478 4.20 9.96 12.08
N GLY A 479 4.89 10.08 13.21
CA GLY A 479 5.22 8.93 14.00
C GLY A 479 5.70 9.39 15.36
N PRO A 480 5.90 8.45 16.28
CA PRO A 480 6.30 8.83 17.62
C PRO A 480 7.68 9.43 17.58
N PRO A 481 8.01 10.32 18.53
CA PRO A 481 9.37 10.86 18.59
C PRO A 481 10.39 9.77 18.91
N VAL A 482 11.60 9.96 18.39
CA VAL A 482 12.70 9.03 18.62
C VAL A 482 13.90 9.79 19.18
N SER A 495 5.21 14.94 21.23
CA SER A 495 4.04 14.04 21.31
C SER A 495 3.87 13.15 20.07
N LEU A 496 3.87 13.77 18.90
CA LEU A 496 4.01 13.10 17.61
C LEU A 496 4.98 13.92 16.79
N ALA A 497 5.90 13.25 16.10
CA ALA A 497 6.91 13.94 15.33
C ALA A 497 6.61 13.86 13.83
N LEU A 498 7.04 14.89 13.11
CA LEU A 498 6.98 14.89 11.66
C LEU A 498 8.28 14.31 11.12
N TYR A 499 8.17 13.38 10.20
CA TYR A 499 9.31 12.83 9.48
C TYR A 499 9.22 13.21 8.02
N SER A 500 10.30 13.76 7.49
CA SER A 500 10.37 14.16 6.10
C SER A 500 11.57 13.49 5.43
N CYS A 501 11.38 12.98 4.23
CA CYS A 501 12.45 12.34 3.49
C CYS A 501 12.72 13.12 2.21
N GLY A 502 14.01 13.38 1.94
CA GLY A 502 14.44 14.13 0.77
C GLY A 502 15.16 13.27 -0.24
N GLY A 503 15.24 13.72 -1.50
CA GLY A 503 15.86 12.93 -2.54
C GLY A 503 17.33 12.67 -2.32
N GLU A 504 18.00 13.51 -1.51
CA GLU A 504 19.41 13.31 -1.19
C GLU A 504 19.66 12.09 -0.29
N GLY A 505 18.64 11.61 0.42
CA GLY A 505 18.75 10.41 1.22
C GLY A 505 18.63 10.60 2.71
N ILE A 506 18.37 11.81 3.16
CA ILE A 506 18.22 12.13 4.57
C ILE A 506 16.74 12.05 4.93
N VAL A 507 16.50 11.49 6.10
CA VAL A 507 15.22 11.60 6.76
C VAL A 507 15.42 12.43 8.01
N LEU A 508 14.61 13.49 8.17
CA LEU A 508 14.73 14.39 9.28
C LEU A 508 13.55 14.25 10.22
N GLN A 509 13.78 14.51 11.51
CA GLN A 509 12.73 14.48 12.51
C GLN A 509 12.46 15.92 12.97
N HIS A 510 11.24 16.38 12.72
CA HIS A 510 10.82 17.72 13.07
C HIS A 510 9.96 17.71 14.32
N ASN A 511 10.11 18.77 15.11
CA ASN A 511 9.21 19.01 16.24
C ASN A 511 8.13 19.98 15.81
N PRO A 512 6.86 19.57 15.77
CA PRO A 512 5.80 20.53 15.42
C PRO A 512 5.67 21.67 16.42
N TRP A 513 5.91 21.40 17.70
CA TRP A 513 5.86 22.45 18.71
C TRP A 513 6.82 23.59 18.39
N LYS A 514 8.05 23.26 17.98
CA LYS A 514 9.10 24.24 17.73
C LYS A 514 9.75 23.98 16.37
N LEU A 515 8.94 24.15 15.32
CA LEU A 515 9.38 23.79 13.97
C LEU A 515 10.54 24.64 13.47
N SER A 516 10.78 25.79 14.08
CA SER A 516 11.88 26.64 13.66
C SER A 516 13.20 26.24 14.28
N GLY A 517 13.19 25.33 15.25
CA GLY A 517 14.38 24.92 15.98
C GLY A 517 15.16 23.85 15.25
N GLU A 518 15.90 23.06 16.01
CA GLU A 518 16.75 22.03 15.44
C GLU A 518 15.92 20.86 14.93
N ALA A 519 16.33 20.30 13.80
CA ALA A 519 15.71 19.13 13.20
C ALA A 519 16.78 18.07 13.06
N PHE A 520 16.56 16.91 13.67
CA PHE A 520 17.59 15.90 13.84
C PHE A 520 17.52 14.85 12.74
N ASP A 521 18.61 14.71 11.99
CA ASP A 521 18.74 13.64 11.01
C ASP A 521 18.82 12.30 11.73
N ILE A 522 17.83 11.43 11.48
CA ILE A 522 17.72 10.20 12.26
C ILE A 522 18.80 9.17 11.94
N ASN A 523 19.61 9.39 10.89
CA ASN A 523 20.74 8.51 10.66
C ASN A 523 21.73 8.49 11.81
N LYS A 524 21.76 9.53 12.67
CA LYS A 524 22.70 9.49 13.78
C LYS A 524 22.25 8.45 14.82
N LEU A 525 20.94 8.35 15.06
CA LEU A 525 20.46 7.35 16.02
C LEU A 525 20.54 5.95 15.45
N ILE A 526 20.18 5.79 14.16
CA ILE A 526 20.38 4.50 13.51
C ILE A 526 21.81 4.02 13.72
N ARG A 527 22.78 4.92 13.55
CA ARG A 527 24.18 4.55 13.75
C ARG A 527 24.49 4.24 15.21
N ASP A 528 23.92 5.00 16.15
CA ASP A 528 24.23 4.71 17.55
C ASP A 528 23.59 3.41 18.00
N THR A 529 22.30 3.23 17.74
CA THR A 529 21.66 2.06 18.31
C THR A 529 21.91 0.78 17.56
N ASN A 530 22.53 0.81 16.41
CA ASN A 530 22.89 -0.44 15.74
C ASN A 530 24.40 -0.60 15.67
N SER A 531 24.81 -1.72 15.10
CA SER A 531 26.22 -2.08 14.97
C SER A 531 26.60 -1.84 13.51
N ILE A 532 27.10 -0.64 13.22
CA ILE A 532 27.35 -0.16 11.87
C ILE A 532 28.85 0.03 11.69
N LYS A 533 29.38 -0.45 10.55
CA LYS A 533 30.72 -0.09 10.10
C LYS A 533 30.73 0.27 8.61
N TYR A 534 29.59 0.69 8.07
CA TYR A 534 29.53 1.12 6.68
C TYR A 534 28.75 2.41 6.60
N LYS A 535 28.83 3.01 5.42
CA LYS A 535 28.01 4.16 5.10
C LYS A 535 26.58 3.68 4.93
N LEU A 536 25.65 4.43 5.50
CA LEU A 536 24.25 4.06 5.45
C LEU A 536 23.69 4.25 4.03
N PRO A 537 22.61 3.56 3.69
CA PRO A 537 22.02 3.76 2.37
C PRO A 537 21.39 5.14 2.23
N VAL A 538 21.12 5.47 0.97
CA VAL A 538 20.39 6.68 0.61
C VAL A 538 18.91 6.39 0.80
N HIS A 539 18.33 6.95 1.85
CA HIS A 539 16.92 6.69 2.12
C HIS A 539 16.04 7.45 1.15
N THR A 540 15.04 6.77 0.58
CA THR A 540 14.17 7.38 -0.41
C THR A 540 12.69 7.33 -0.05
N GLU A 541 12.30 6.56 0.95
CA GLU A 541 10.90 6.45 1.29
C GLU A 541 10.78 6.04 2.76
N ILE A 542 9.81 6.64 3.46
CA ILE A 542 9.54 6.26 4.84
C ILE A 542 8.07 5.93 4.99
N SER A 543 7.77 4.79 5.62
CA SER A 543 6.42 4.44 6.03
C SER A 543 6.46 3.81 7.42
N TRP A 544 5.70 4.39 8.34
CA TRP A 544 5.47 3.81 9.64
C TRP A 544 4.34 2.77 9.56
N LYS A 545 4.43 1.76 10.40
CA LYS A 545 3.37 0.77 10.54
C LYS A 545 2.17 1.43 11.26
N ALA A 546 1.04 0.72 11.28
CA ALA A 546 -0.20 1.30 11.77
C ALA A 546 -0.17 1.56 13.28
N ASP A 547 0.42 0.65 14.06
CA ASP A 547 0.45 0.83 15.51
C ASP A 547 1.47 1.87 15.98
N GLY A 548 2.30 2.42 15.10
CA GLY A 548 3.29 3.38 15.53
C GLY A 548 4.51 2.77 16.20
N LYS A 549 4.89 1.56 15.78
CA LYS A 549 5.94 0.80 16.45
C LYS A 549 6.99 0.27 15.51
N ILE A 550 6.76 0.25 14.21
CA ILE A 550 7.73 -0.22 13.22
C ILE A 550 7.82 0.85 12.14
N MET A 551 9.04 1.19 11.73
CA MET A 551 9.29 2.15 10.67
C MET A 551 10.02 1.43 9.55
N ALA A 552 9.60 1.66 8.31
CA ALA A 552 10.31 1.12 7.15
C ALA A 552 10.94 2.24 6.34
N LEU A 553 12.21 2.09 5.97
CA LEU A 553 12.87 3.04 5.06
C LEU A 553 13.19 2.33 3.74
N GLY A 554 12.73 2.92 2.65
CA GLY A 554 13.15 2.46 1.34
C GLY A 554 14.42 3.17 0.94
N ASN A 555 15.24 2.50 0.15
CA ASN A 555 16.54 3.03 -0.23
C ASN A 555 16.72 2.99 -1.74
N GLU A 556 17.69 3.79 -2.17
CA GLU A 556 18.08 3.89 -3.57
C GLU A 556 18.50 2.56 -4.18
N ASP A 557 19.23 1.73 -3.42
CA ASP A 557 19.68 0.45 -3.96
C ASP A 557 18.53 -0.53 -4.18
N GLY A 558 17.39 -0.32 -3.54
CA GLY A 558 16.27 -1.22 -3.62
C GLY A 558 15.97 -1.90 -2.31
N SER A 559 16.92 -1.87 -1.40
CA SER A 559 16.72 -2.32 -0.04
C SER A 559 15.52 -1.67 0.60
N ILE A 560 14.91 -2.41 1.53
CA ILE A 560 14.00 -1.82 2.50
C ILE A 560 14.41 -2.31 3.88
N GLU A 561 14.48 -1.38 4.84
CA GLU A 561 15.01 -1.69 6.16
C GLU A 561 13.92 -1.49 7.22
N ILE A 562 13.81 -2.47 8.12
CA ILE A 562 12.78 -2.52 9.15
C ILE A 562 13.42 -2.14 10.49
N PHE A 563 12.90 -1.10 11.15
CA PHE A 563 13.43 -0.60 12.42
C PHE A 563 12.37 -0.69 13.51
N GLN A 564 12.79 -1.12 14.71
CA GLN A 564 11.88 -1.32 15.83
C GLN A 564 11.78 -0.07 16.69
N ILE A 565 10.72 -0.02 17.49
CA ILE A 565 10.09 1.19 18.01
C ILE A 565 11.07 2.18 18.64
N PRO A 566 11.63 1.93 19.84
CA PRO A 566 12.07 3.07 20.65
C PRO A 566 13.26 3.82 20.09
N ASN A 567 14.27 3.11 19.59
CA ASN A 567 15.54 3.72 19.19
C ASN A 567 15.99 3.28 17.80
N LEU A 568 15.03 2.95 16.93
CA LEU A 568 15.33 2.57 15.54
C LEU A 568 16.30 1.40 15.49
N LYS A 569 16.05 0.39 16.31
CA LYS A 569 16.78 -0.85 16.18
C LYS A 569 16.40 -1.51 14.86
N LEU A 570 17.41 -1.83 14.04
CA LEU A 570 17.15 -2.52 12.78
C LEU A 570 16.93 -4.02 13.02
N ILE A 571 15.76 -4.53 12.64
CA ILE A 571 15.43 -5.95 12.82
C ILE A 571 15.47 -6.75 11.52
N CYS A 572 15.40 -6.10 10.36
CA CYS A 572 15.28 -6.86 9.13
C CYS A 572 15.63 -5.96 7.95
N THR A 573 16.29 -6.55 6.95
CA THR A 573 16.51 -5.90 5.66
C THR A 573 15.93 -6.77 4.57
N ILE A 574 15.08 -6.17 3.72
CA ILE A 574 14.48 -6.83 2.58
C ILE A 574 15.26 -6.42 1.34
N GLN A 575 15.82 -7.41 0.63
CA GLN A 575 16.43 -7.15 -0.67
C GLN A 575 15.56 -7.88 -1.69
N GLN A 576 14.56 -7.17 -2.20
CA GLN A 576 13.69 -7.64 -3.26
C GLN A 576 13.76 -6.76 -4.50
N HIS A 577 13.73 -5.44 -4.31
CA HIS A 577 13.91 -4.51 -5.41
C HIS A 577 15.39 -4.30 -5.70
N HIS A 578 15.69 -3.99 -6.96
CA HIS A 578 17.05 -3.70 -7.37
C HIS A 578 17.20 -2.26 -7.85
N LYS A 579 16.15 -1.44 -7.71
CA LYS A 579 16.17 -0.03 -8.06
C LYS A 579 15.53 0.76 -6.93
N LEU A 580 15.55 2.08 -7.05
CA LEU A 580 15.05 2.98 -6.02
C LEU A 580 13.59 2.68 -5.64
N VAL A 581 13.34 2.62 -4.32
CA VAL A 581 11.99 2.42 -3.81
C VAL A 581 11.26 3.74 -3.77
N ASN A 582 10.04 3.77 -4.31
CA ASN A 582 9.28 5.01 -4.38
C ASN A 582 8.18 5.10 -3.33
N THR A 583 7.65 3.97 -2.89
CA THR A 583 6.42 4.02 -2.14
C THR A 583 6.37 2.76 -1.29
N ILE A 584 6.03 2.93 -0.01
CA ILE A 584 5.77 1.83 0.90
C ILE A 584 4.44 2.10 1.56
N SER A 585 3.59 1.07 1.66
CA SER A 585 2.40 1.21 2.50
C SER A 585 2.16 -0.06 3.30
N TRP A 586 1.80 0.13 4.56
CA TRP A 586 1.43 -0.98 5.45
C TRP A 586 -0.07 -1.19 5.43
N HIS A 587 -0.49 -2.45 5.49
CA HIS A 587 -1.91 -2.75 5.46
C HIS A 587 -2.56 -2.25 6.74
N HIS A 588 -3.83 -1.83 6.64
CA HIS A 588 -4.44 -1.17 7.79
C HIS A 588 -4.76 -2.18 8.89
N GLU A 589 -4.90 -1.66 10.12
CA GLU A 589 -5.19 -2.52 11.27
C GLU A 589 -6.67 -2.89 11.37
N HIS A 590 -7.55 -2.04 10.82
CA HIS A 590 -9.00 -2.26 10.85
C HIS A 590 -9.45 -3.50 10.10
N GLY A 591 -8.53 -4.41 9.78
CA GLY A 591 -8.88 -5.60 9.03
C GLY A 591 -9.84 -6.49 9.79
N SER A 592 -10.04 -7.69 9.25
CA SER A 592 -10.91 -8.67 9.91
C SER A 592 -10.12 -9.89 10.36
N GLN A 593 -8.85 -9.67 10.72
CA GLN A 593 -7.90 -10.73 11.02
C GLN A 593 -6.56 -10.12 11.36
N PRO A 594 -5.84 -10.66 12.37
CA PRO A 594 -4.61 -10.01 12.87
C PRO A 594 -3.45 -10.03 11.89
N GLU A 595 -3.13 -11.21 11.34
CA GLU A 595 -1.92 -11.41 10.53
C GLU A 595 -1.78 -10.42 9.37
N LEU A 596 -2.79 -9.59 9.09
CA LEU A 596 -2.79 -8.70 7.93
C LEU A 596 -2.06 -7.38 8.17
N SER A 597 -2.09 -6.86 9.39
CA SER A 597 -1.44 -5.58 9.68
C SER A 597 0.05 -5.64 9.45
N TYR A 598 0.63 -6.84 9.41
CA TYR A 598 2.05 -7.03 9.14
C TYR A 598 2.34 -7.19 7.64
N LEU A 599 1.43 -6.74 6.77
CA LEU A 599 1.63 -6.84 5.34
C LEU A 599 2.08 -5.49 4.83
N MET A 600 3.19 -5.49 4.10
CA MET A 600 3.80 -4.27 3.58
C MET A 600 3.82 -4.33 2.07
N ALA A 601 3.37 -3.26 1.42
CA ALA A 601 3.43 -3.18 -0.03
C ALA A 601 4.41 -2.10 -0.44
N SER A 602 5.17 -2.37 -1.51
CA SER A 602 6.26 -1.48 -1.92
C SER A 602 6.39 -1.44 -3.43
N GLY A 603 6.76 -0.27 -3.94
CA GLY A 603 6.99 -0.09 -5.37
C GLY A 603 8.29 0.64 -5.63
N SER A 604 8.95 0.23 -6.71
CA SER A 604 10.24 0.79 -7.07
C SER A 604 10.23 1.31 -8.49
N ASN A 605 11.41 1.69 -9.01
CA ASN A 605 11.52 2.09 -10.39
C ASN A 605 11.37 0.92 -11.34
N ASN A 606 11.22 -0.29 -10.83
CA ASN A 606 10.83 -1.42 -11.67
C ASN A 606 9.32 -1.63 -11.61
N ALA A 607 8.81 -2.43 -12.54
CA ALA A 607 7.37 -2.58 -12.68
C ALA A 607 6.77 -3.45 -11.59
N VAL A 608 7.45 -4.54 -11.20
CA VAL A 608 6.87 -5.53 -10.30
C VAL A 608 6.69 -4.96 -8.90
N ILE A 609 5.46 -5.07 -8.37
CA ILE A 609 5.16 -4.73 -6.98
C ILE A 609 5.37 -5.96 -6.09
N TYR A 610 5.91 -5.76 -4.90
CA TYR A 610 6.04 -6.85 -3.95
C TYR A 610 5.23 -6.59 -2.68
N VAL A 611 4.83 -7.67 -2.04
CA VAL A 611 4.23 -7.68 -0.72
C VAL A 611 5.07 -8.58 0.16
N HIS A 612 5.28 -8.16 1.41
CA HIS A 612 6.10 -8.94 2.34
C HIS A 612 5.34 -9.11 3.65
N ASN A 613 5.53 -10.27 4.27
CA ASN A 613 4.87 -10.64 5.51
C ASN A 613 5.93 -10.61 6.60
N LEU A 614 5.88 -9.58 7.43
CA LEU A 614 6.91 -9.35 8.44
C LEU A 614 6.48 -9.80 9.83
N LYS A 615 5.35 -10.50 9.93
CA LYS A 615 4.81 -10.90 11.24
C LYS A 615 5.76 -11.84 11.99
N THR A 616 6.54 -12.65 11.28
CA THR A 616 7.55 -13.47 11.93
C THR A 616 8.64 -12.61 12.56
N VAL A 617 9.37 -11.86 11.74
CA VAL A 617 10.59 -11.21 12.23
C VAL A 617 10.28 -10.14 13.27
N ILE A 618 9.10 -9.52 13.20
CA ILE A 618 8.74 -8.54 14.21
C ILE A 618 8.48 -9.23 15.55
N GLU A 619 7.71 -10.32 15.54
CA GLU A 619 7.51 -11.11 16.75
C GLU A 619 8.81 -11.75 17.22
N SER A 620 9.63 -12.21 16.26
CA SER A 620 10.88 -12.88 16.61
C SER A 620 11.84 -11.93 17.32
N SER A 621 11.74 -10.63 17.03
CA SER A 621 12.47 -9.57 17.71
C SER A 621 13.97 -9.84 17.81
N PRO A 622 14.67 -10.02 16.68
CA PRO A 622 15.97 -10.71 16.70
C PRO A 622 17.08 -9.90 17.36
N GLU A 623 18.13 -10.64 17.74
CA GLU A 623 19.36 -10.01 18.21
C GLU A 623 20.05 -9.28 17.07
N SER A 624 20.48 -10.01 16.03
CA SER A 624 21.03 -9.46 14.81
C SER A 624 19.92 -9.24 13.79
N PRO A 625 20.17 -8.40 12.79
CA PRO A 625 19.17 -8.22 11.73
C PRO A 625 19.18 -9.37 10.73
N VAL A 626 18.00 -9.76 10.28
CA VAL A 626 17.81 -10.83 9.31
C VAL A 626 17.66 -10.20 7.93
N THR A 627 18.05 -10.96 6.90
CA THR A 627 17.86 -10.57 5.51
C THR A 627 16.75 -11.43 4.91
N ILE A 628 15.84 -10.79 4.18
CA ILE A 628 14.77 -11.48 3.46
C ILE A 628 14.97 -11.29 1.96
N THR A 629 14.93 -12.39 1.21
CA THR A 629 15.12 -12.38 -0.24
C THR A 629 13.95 -13.02 -0.99
N GLU A 630 12.85 -13.33 -0.31
CA GLU A 630 11.69 -13.92 -0.97
C GLU A 630 10.43 -13.15 -0.58
N PRO A 631 9.54 -12.89 -1.54
CA PRO A 631 8.34 -12.12 -1.24
C PRO A 631 7.17 -13.00 -0.79
N TYR A 632 6.22 -12.35 -0.13
CA TYR A 632 4.96 -13.02 0.19
C TYR A 632 4.05 -13.09 -1.03
N ARG A 633 3.90 -11.97 -1.75
CA ARG A 633 3.12 -11.94 -2.99
C ARG A 633 3.85 -11.05 -3.99
N THR A 634 3.75 -11.44 -5.25
CA THR A 634 4.39 -10.73 -6.36
C THR A 634 3.28 -10.30 -7.31
N LEU A 635 3.20 -9.00 -7.57
CA LEU A 635 2.16 -8.43 -8.47
C LEU A 635 2.86 -7.92 -9.73
N SER A 636 2.95 -8.78 -10.74
CA SER A 636 3.39 -8.38 -12.06
C SER A 636 2.23 -7.98 -12.95
N GLY A 637 2.47 -7.00 -13.82
CA GLY A 637 1.46 -6.45 -14.68
C GLY A 637 1.83 -5.12 -15.29
N HIS A 638 2.13 -4.13 -14.44
CA HIS A 638 2.58 -2.83 -14.91
C HIS A 638 3.81 -2.99 -15.80
N THR A 639 4.06 -1.95 -16.61
CA THR A 639 5.17 -1.95 -17.56
C THR A 639 6.08 -0.74 -17.36
N ALA A 640 5.98 -0.08 -16.21
CA ALA A 640 6.79 1.08 -15.91
C ALA A 640 6.79 1.26 -14.40
N LYS A 641 7.60 2.22 -13.92
CA LYS A 641 7.87 2.36 -12.49
C LYS A 641 6.59 2.60 -11.70
N ILE A 642 6.64 2.24 -10.42
CA ILE A 642 5.52 2.39 -9.52
C ILE A 642 5.76 3.60 -8.65
N THR A 643 4.85 4.57 -8.71
CA THR A 643 5.00 5.82 -7.97
C THR A 643 4.25 5.82 -6.67
N SER A 644 3.22 4.99 -6.51
CA SER A 644 2.38 5.04 -5.33
C SER A 644 1.59 3.75 -5.22
N VAL A 645 1.36 3.31 -3.98
CA VAL A 645 0.54 2.15 -3.69
C VAL A 645 -0.28 2.43 -2.44
N ALA A 646 -1.44 1.78 -2.34
CA ALA A 646 -2.37 2.05 -1.25
C ALA A 646 -3.27 0.84 -1.04
N TRP A 647 -3.43 0.49 0.23
CA TRP A 647 -4.30 -0.61 0.63
C TRP A 647 -5.72 -0.08 0.78
N SER A 648 -6.67 -0.86 0.31
CA SER A 648 -8.06 -0.50 0.47
C SER A 648 -8.44 -0.58 1.95
N PRO A 649 -9.02 0.48 2.51
CA PRO A 649 -9.49 0.42 3.91
C PRO A 649 -10.79 -0.35 4.09
N HIS A 650 -11.50 -0.67 3.00
CA HIS A 650 -12.76 -1.39 3.10
C HIS A 650 -12.62 -2.87 2.82
N HIS A 651 -11.43 -3.34 2.48
CA HIS A 651 -11.20 -4.71 2.07
C HIS A 651 -10.02 -5.30 2.85
N ASP A 652 -9.77 -6.59 2.65
CA ASP A 652 -8.60 -7.26 3.20
C ASP A 652 -7.63 -7.59 2.07
N GLY A 653 -6.44 -7.01 2.14
CA GLY A 653 -5.43 -7.29 1.13
C GLY A 653 -5.75 -6.85 -0.29
N ARG A 654 -6.35 -5.66 -0.46
CA ARG A 654 -6.67 -5.13 -1.78
C ARG A 654 -5.85 -3.88 -2.03
N LEU A 655 -5.00 -3.94 -3.05
CA LEU A 655 -4.03 -2.91 -3.33
C LEU A 655 -4.41 -2.17 -4.61
N VAL A 656 -4.20 -0.86 -4.62
CA VAL A 656 -4.22 -0.07 -5.84
C VAL A 656 -2.80 0.45 -6.04
N SER A 657 -2.39 0.55 -7.29
CA SER A 657 -1.05 1.00 -7.63
C SER A 657 -1.14 2.01 -8.76
N ALA A 658 -0.34 3.06 -8.67
CA ALA A 658 -0.19 4.02 -9.76
C ALA A 658 1.16 3.80 -10.42
N SER A 659 1.17 3.84 -11.75
CA SER A 659 2.37 3.55 -12.52
C SER A 659 2.62 4.63 -13.55
N TYR A 660 3.89 4.68 -13.97
CA TYR A 660 4.26 5.54 -15.08
C TYR A 660 3.67 5.05 -16.41
N ASP A 661 3.19 3.79 -16.47
CA ASP A 661 2.51 3.33 -17.67
C ASP A 661 1.08 4.02 -17.90
N GLY A 662 0.77 5.10 -17.18
CA GLY A 662 -0.51 5.79 -17.26
C GLY A 662 -1.73 5.00 -16.86
N THR A 663 -1.58 3.88 -16.17
CA THR A 663 -2.72 3.19 -15.58
C THR A 663 -2.57 3.09 -14.07
N ALA A 664 -3.70 2.80 -13.43
CA ALA A 664 -3.75 2.42 -12.02
C ALA A 664 -4.42 1.06 -11.94
N GLN A 665 -3.80 0.14 -11.20
CA GLN A 665 -4.25 -1.24 -11.15
C GLN A 665 -4.78 -1.55 -9.75
N VAL A 666 -6.00 -2.07 -9.70
CA VAL A 666 -6.53 -2.64 -8.47
C VAL A 666 -6.19 -4.11 -8.44
N TRP A 667 -5.60 -4.55 -7.35
CA TRP A 667 -5.23 -5.93 -7.14
C TRP A 667 -5.94 -6.46 -5.91
N ASP A 668 -6.32 -7.72 -5.95
CA ASP A 668 -6.52 -8.47 -4.72
C ASP A 668 -5.17 -9.12 -4.45
N ALA A 669 -4.38 -8.45 -3.59
CA ALA A 669 -2.98 -8.83 -3.42
C ALA A 669 -2.81 -10.25 -2.89
N LEU A 670 -3.74 -10.75 -2.07
CA LEU A 670 -3.57 -12.08 -1.50
C LEU A 670 -3.60 -13.19 -2.54
N ARG A 671 -4.43 -13.07 -3.58
CA ARG A 671 -4.54 -14.08 -4.64
C ARG A 671 -3.70 -13.74 -5.87
N GLU A 672 -2.90 -12.66 -5.81
CA GLU A 672 -2.10 -12.19 -6.93
C GLU A 672 -2.97 -12.02 -8.17
N GLU A 673 -4.10 -11.35 -7.97
CA GLU A 673 -5.17 -11.24 -8.93
C GLU A 673 -5.32 -9.79 -9.38
N PRO A 674 -5.24 -9.51 -10.67
CA PRO A 674 -5.57 -8.17 -11.15
C PRO A 674 -7.09 -8.03 -11.26
N LEU A 675 -7.63 -6.98 -10.66
CA LEU A 675 -9.07 -6.76 -10.64
C LEU A 675 -9.51 -5.80 -11.73
N CYS A 676 -9.05 -4.54 -11.69
CA CYS A 676 -9.39 -3.64 -12.77
C CYS A 676 -8.25 -2.63 -12.95
N ASN A 677 -8.25 -2.02 -14.14
CA ASN A 677 -7.19 -1.13 -14.56
C ASN A 677 -7.81 0.15 -15.08
N PHE A 678 -7.52 1.26 -14.43
CA PHE A 678 -8.06 2.55 -14.83
C PHE A 678 -7.15 3.18 -15.86
N ARG A 679 -7.73 3.57 -17.01
CA ARG A 679 -6.96 4.16 -18.11
C ARG A 679 -7.43 5.57 -18.45
N GLY A 680 -8.15 6.22 -17.53
CA GLY A 680 -8.68 7.54 -17.82
C GLY A 680 -7.65 8.66 -17.82
N HIS A 681 -6.45 8.43 -17.30
CA HIS A 681 -5.45 9.49 -17.32
C HIS A 681 -4.78 9.58 -18.68
N ARG A 682 -4.29 10.77 -18.98
CA ARG A 682 -3.60 11.05 -20.23
C ARG A 682 -2.07 11.17 -20.05
N GLY A 683 -1.56 10.87 -18.85
CA GLY A 683 -0.12 10.82 -18.63
C GLY A 683 0.35 9.93 -17.49
N ARG A 684 1.57 10.14 -17.02
CA ARG A 684 2.13 9.30 -15.96
C ARG A 684 1.46 9.58 -14.62
N LEU A 685 1.02 8.53 -13.93
CA LEU A 685 0.40 8.72 -12.63
C LEU A 685 1.43 8.89 -11.51
N LEU A 686 1.07 9.68 -10.51
CA LEU A 686 1.96 10.02 -9.42
C LEU A 686 1.41 9.66 -8.04
N CYS A 687 0.11 9.46 -7.88
CA CYS A 687 -0.50 9.17 -6.58
C CYS A 687 -1.88 8.54 -6.78
N VAL A 688 -2.30 7.79 -5.75
CA VAL A 688 -3.62 7.16 -5.71
C VAL A 688 -4.09 7.16 -4.26
N ALA A 689 -5.36 7.46 -4.03
CA ALA A 689 -5.90 7.36 -2.69
C ALA A 689 -7.30 6.78 -2.77
N TRP A 690 -7.57 5.77 -1.95
CA TRP A 690 -8.91 5.22 -1.86
C TRP A 690 -9.84 6.23 -1.21
N SER A 691 -11.04 6.35 -1.75
CA SER A 691 -12.07 7.14 -1.10
C SER A 691 -12.35 6.54 0.27
N PRO A 692 -12.35 7.33 1.34
CA PRO A 692 -12.47 6.77 2.69
C PRO A 692 -13.87 6.30 3.07
N LEU A 693 -14.87 6.40 2.20
CA LEU A 693 -16.20 5.98 2.59
C LEU A 693 -16.88 5.14 1.50
N ASP A 694 -16.59 5.42 0.24
CA ASP A 694 -17.11 4.60 -0.84
C ASP A 694 -16.09 3.51 -1.18
N PRO A 695 -16.44 2.22 -1.09
CA PRO A 695 -15.44 1.16 -1.29
C PRO A 695 -15.07 0.88 -2.75
N ASP A 696 -15.88 1.24 -3.73
CA ASP A 696 -15.49 1.05 -5.13
C ASP A 696 -15.03 2.35 -5.78
N CYS A 697 -14.66 3.36 -5.00
CA CYS A 697 -14.26 4.66 -5.52
C CYS A 697 -12.80 4.94 -5.19
N ILE A 698 -12.04 5.45 -6.18
CA ILE A 698 -10.61 5.75 -6.01
C ILE A 698 -10.26 7.08 -6.70
N TYR A 699 -9.32 7.81 -6.10
CA TYR A 699 -8.80 9.06 -6.68
C TYR A 699 -7.40 8.82 -7.21
N SER A 700 -7.08 9.49 -8.30
CA SER A 700 -5.82 9.35 -9.01
C SER A 700 -5.27 10.72 -9.35
N GLY A 701 -3.96 10.80 -9.52
CA GLY A 701 -3.30 12.04 -9.90
C GLY A 701 -2.16 11.73 -10.84
N ALA A 702 -2.05 12.49 -11.93
CA ALA A 702 -1.02 12.21 -12.91
C ALA A 702 -0.39 13.51 -13.39
N ASP A 703 0.67 13.37 -14.21
CA ASP A 703 1.36 14.53 -14.75
C ASP A 703 0.60 15.14 -15.92
N ASP A 704 -0.66 14.78 -16.06
CA ASP A 704 -1.54 15.43 -17.03
C ASP A 704 -2.35 16.56 -16.39
N PHE A 705 -1.90 17.08 -15.24
CA PHE A 705 -2.55 18.20 -14.53
C PHE A 705 -3.99 17.85 -14.11
N CYS A 706 -4.23 16.58 -13.80
CA CYS A 706 -5.58 16.05 -13.56
C CYS A 706 -5.63 15.27 -12.26
N VAL A 707 -6.82 15.24 -11.67
CA VAL A 707 -7.19 14.26 -10.67
C VAL A 707 -8.54 13.69 -11.12
N HIS A 708 -8.60 12.37 -11.29
CA HIS A 708 -9.84 11.68 -11.62
C HIS A 708 -10.33 10.92 -10.38
N LYS A 709 -11.62 11.07 -10.08
CA LYS A 709 -12.32 10.27 -9.08
C LYS A 709 -13.14 9.25 -9.85
N TRP A 710 -12.70 7.99 -9.84
CA TRP A 710 -13.28 6.94 -10.67
C TRP A 710 -13.73 5.74 -9.83
N LEU A 711 -14.64 4.96 -10.41
CA LEU A 711 -15.26 3.83 -9.74
C LEU A 711 -14.72 2.53 -10.29
N THR A 712 -14.38 1.62 -9.36
CA THR A 712 -13.83 0.31 -9.71
C THR A 712 -14.75 -0.45 -10.66
N SER A 713 -16.05 -0.33 -10.45
CA SER A 713 -17.03 -1.12 -11.17
C SER A 713 -17.27 -0.62 -12.58
N MET A 714 -16.89 0.62 -12.86
CA MET A 714 -17.11 1.21 -14.18
C MET A 714 -15.98 0.89 -15.15
N GLN A 715 -15.00 0.10 -14.75
CA GLN A 715 -13.83 -0.09 -15.60
C GLN A 715 -14.06 -1.20 -16.61
N ASP A 716 -13.43 -1.04 -17.77
CA ASP A 716 -13.58 -1.99 -18.86
C ASP A 716 -12.50 -3.04 -18.87
N HIS A 717 -11.24 -2.68 -18.35
CA HIS A 717 -10.12 -3.61 -18.36
C HIS A 717 -9.72 -4.08 -16.97
N SER A 718 -9.29 -5.32 -16.89
CA SER A 718 -8.86 -5.89 -15.62
C SER A 718 -7.35 -5.85 -15.41
N ARG A 719 -6.56 -5.70 -16.45
CA ARG A 719 -5.10 -5.76 -16.39
C ARG A 719 -4.51 -4.49 -16.99
N PRO A 720 -3.25 -4.19 -16.71
CA PRO A 720 -2.62 -3.03 -17.37
C PRO A 720 -2.15 -3.39 -18.77
N PRO A 721 -2.06 -2.42 -19.69
CA PRO A 721 -1.72 -2.74 -21.09
C PRO A 721 -0.30 -3.24 -21.26
N GLN A 722 0.12 -3.46 -22.51
CA GLN A 722 1.50 -3.81 -22.80
C GLN A 722 1.72 -3.88 -24.29
N GLN B 3 -20.28 -45.12 31.29
CA GLN B 3 -19.05 -44.81 30.59
C GLN B 3 -18.19 -43.86 31.44
N GLU B 4 -16.93 -43.69 31.06
CA GLU B 4 -16.05 -42.83 31.81
C GLU B 4 -15.56 -41.71 30.90
N PRO B 5 -15.30 -40.52 31.45
CA PRO B 5 -14.80 -39.42 30.63
C PRO B 5 -13.53 -39.79 29.88
N ARG B 6 -13.33 -39.15 28.74
CA ARG B 6 -12.10 -39.22 27.97
C ARG B 6 -11.74 -37.80 27.57
N THR B 7 -10.47 -37.60 27.29
CA THR B 7 -9.94 -36.33 26.82
C THR B 7 -9.04 -36.64 25.65
N LEU B 8 -9.37 -36.09 24.48
CA LEU B 8 -8.43 -36.16 23.36
C LEU B 8 -7.60 -34.88 23.41
N PRO B 9 -6.36 -34.93 23.89
CA PRO B 9 -5.68 -33.70 24.34
C PRO B 9 -4.93 -33.02 23.20
N PRO B 10 -4.44 -31.80 23.42
CA PRO B 10 -3.58 -31.17 22.42
C PRO B 10 -2.28 -31.95 22.29
N SER B 11 -1.60 -31.73 21.17
CA SER B 11 -0.34 -32.42 20.90
C SER B 11 0.75 -32.02 21.89
N PRO B 12 1.63 -32.95 22.23
CA PRO B 12 2.86 -32.56 22.96
C PRO B 12 3.71 -31.61 22.12
N ASN B 13 4.19 -30.53 22.76
CA ASN B 13 4.92 -29.47 22.07
C ASN B 13 6.22 -29.98 21.45
N TRP B 14 6.66 -29.30 20.41
CA TRP B 14 7.76 -29.70 19.55
C TRP B 14 9.03 -28.94 19.88
N TYR B 15 10.18 -29.58 19.62
CA TYR B 15 11.48 -28.90 19.67
C TYR B 15 11.81 -28.39 21.07
N CYS B 16 11.51 -29.20 22.07
CA CYS B 16 11.88 -28.92 23.45
C CYS B 16 12.69 -30.11 23.94
N ALA B 17 13.83 -29.84 24.60
CA ALA B 17 14.70 -30.92 24.97
C ALA B 17 14.13 -31.73 26.13
N ARG B 18 13.33 -31.09 27.00
CA ARG B 18 12.64 -31.78 28.10
C ARG B 18 11.34 -31.02 28.42
N CYS B 19 10.26 -31.44 27.77
CA CYS B 19 8.93 -30.97 28.15
C CYS B 19 7.99 -32.12 28.44
N SER B 20 8.55 -33.30 28.70
CA SER B 20 7.80 -34.39 29.32
C SER B 20 8.72 -35.19 30.24
N ASP B 21 8.11 -35.91 31.17
CA ASP B 21 8.82 -36.64 32.21
C ASP B 21 7.84 -37.61 32.85
N ALA B 22 8.37 -38.51 33.67
CA ALA B 22 7.54 -39.54 34.31
C ALA B 22 8.15 -39.93 35.65
N VAL B 23 7.29 -40.37 36.57
CA VAL B 23 7.71 -40.86 37.88
C VAL B 23 7.20 -42.27 38.10
N PRO B 24 7.89 -43.09 38.90
CA PRO B 24 7.54 -44.50 39.00
C PRO B 24 6.13 -44.69 39.52
N GLY B 25 5.62 -45.91 39.33
CA GLY B 25 4.32 -46.30 39.79
C GLY B 25 3.39 -46.18 38.61
N GLY B 26 3.37 -44.95 38.08
CA GLY B 26 2.67 -44.63 36.86
C GLY B 26 2.11 -43.23 36.77
N LEU B 27 2.96 -42.20 36.66
CA LEU B 27 2.44 -40.89 36.27
C LEU B 27 3.31 -40.26 35.18
N PHE B 28 2.69 -39.91 34.06
CA PHE B 28 3.38 -39.27 32.95
C PHE B 28 2.79 -37.88 32.72
N GLY B 29 3.67 -36.91 32.51
CA GLY B 29 3.24 -35.55 32.19
C GLY B 29 3.90 -35.04 30.93
N PHE B 30 3.14 -34.29 30.13
CA PHE B 30 3.70 -33.80 28.88
C PHE B 30 3.13 -32.43 28.56
N ALA B 31 4.01 -31.54 28.08
CA ALA B 31 3.65 -30.17 27.74
C ALA B 31 2.89 -30.11 26.41
N ALA B 32 1.74 -29.43 26.44
CA ALA B 32 0.87 -29.28 25.28
C ALA B 32 0.29 -27.87 25.32
N ARG B 33 0.69 -27.05 24.36
CA ARG B 33 0.28 -25.65 24.30
C ARG B 33 0.72 -25.01 25.59
N THR B 34 -0.18 -24.48 26.41
CA THR B 34 0.15 -23.75 27.61
C THR B 34 -0.11 -24.55 28.88
N SER B 35 -0.36 -25.84 28.75
CA SER B 35 -0.66 -26.69 29.90
C SER B 35 0.30 -27.87 29.90
N VAL B 36 0.24 -28.60 30.99
CA VAL B 36 0.84 -29.92 31.09
C VAL B 36 -0.31 -30.88 31.35
N PHE B 37 -0.45 -31.90 30.50
CA PHE B 37 -1.45 -32.94 30.70
C PHE B 37 -0.82 -34.12 31.43
N LEU B 38 -1.63 -34.77 32.28
CA LEU B 38 -1.15 -35.79 33.20
C LEU B 38 -1.83 -37.13 32.91
N VAL B 39 -1.04 -38.17 32.67
CA VAL B 39 -1.56 -39.48 32.31
C VAL B 39 -1.11 -40.52 33.34
N ARG B 40 -2.08 -41.11 34.04
CA ARG B 40 -1.76 -42.22 34.93
C ARG B 40 -1.53 -43.46 34.08
N VAL B 41 -0.44 -44.18 34.34
CA VAL B 41 -0.07 -45.36 33.57
C VAL B 41 0.08 -46.53 34.53
N GLY B 42 -0.35 -47.71 34.12
CA GLY B 42 -0.19 -48.89 34.94
C GLY B 42 -1.45 -49.27 35.68
N PRO B 43 -1.29 -50.13 36.67
CA PRO B 43 -2.48 -50.61 37.40
C PRO B 43 -3.35 -49.49 37.93
N GLY B 44 -2.75 -48.37 38.38
CA GLY B 44 -3.55 -47.33 39.01
C GLY B 44 -4.47 -46.60 38.05
N ALA B 45 -4.30 -46.77 36.74
CA ALA B 45 -5.21 -46.17 35.77
C ALA B 45 -6.63 -46.70 35.90
N GLY B 46 -6.84 -47.81 36.61
CA GLY B 46 -8.19 -48.31 36.82
C GLY B 46 -8.88 -48.73 35.54
N GLU B 47 -8.12 -49.15 34.54
CA GLU B 47 -8.67 -49.56 33.27
C GLU B 47 -8.94 -51.06 33.28
N SER B 48 -10.06 -51.48 32.66
CA SER B 48 -10.35 -52.91 32.60
C SER B 48 -9.31 -53.61 31.73
N PRO B 49 -8.95 -54.85 32.07
CA PRO B 49 -7.95 -55.57 31.27
C PRO B 49 -8.41 -55.73 29.84
N GLY B 50 -7.46 -55.98 28.94
CA GLY B 50 -7.69 -55.94 27.52
C GLY B 50 -7.54 -54.56 26.88
N THR B 51 -7.84 -53.53 27.58
CA THR B 51 -7.71 -52.12 27.28
C THR B 51 -6.38 -51.60 27.82
N PRO B 52 -5.70 -50.71 27.08
CA PRO B 52 -4.38 -50.25 27.51
C PRO B 52 -4.45 -49.56 28.86
N PRO B 53 -3.60 -49.88 29.70
CA PRO B 53 -3.66 -49.35 31.08
C PRO B 53 -3.11 -47.94 31.22
N PHE B 54 -3.86 -46.97 30.69
CA PHE B 54 -3.56 -45.57 30.93
C PHE B 54 -4.88 -44.80 30.99
N ARG B 55 -4.84 -43.67 31.69
CA ARG B 55 -5.96 -42.74 31.75
C ARG B 55 -5.44 -41.31 31.88
N VAL B 56 -5.90 -40.43 31.01
CA VAL B 56 -5.68 -38.99 31.13
C VAL B 56 -6.45 -38.47 32.33
N ILE B 57 -5.74 -37.98 33.34
CA ILE B 57 -6.32 -37.74 34.65
C ILE B 57 -6.23 -36.29 35.09
N GLY B 58 -5.70 -35.39 34.29
CA GLY B 58 -5.73 -34.02 34.72
C GLY B 58 -4.80 -33.12 33.91
N GLU B 59 -4.74 -31.87 34.37
CA GLU B 59 -4.13 -30.81 33.60
C GLU B 59 -3.57 -29.77 34.56
N LEU B 60 -2.29 -29.42 34.38
CA LEU B 60 -1.68 -28.29 35.08
C LEU B 60 -1.98 -27.03 34.29
N VAL B 61 -2.89 -26.21 34.81
CA VAL B 61 -3.39 -24.98 34.16
C VAL B 61 -2.90 -23.80 34.99
N GLY B 62 -2.35 -22.80 34.33
CA GLY B 62 -1.88 -21.63 35.04
C GLY B 62 -1.01 -20.81 34.11
N HIS B 63 -0.17 -21.48 33.34
CA HIS B 63 0.70 -20.76 32.43
C HIS B 63 -0.10 -20.04 31.35
N THR B 64 0.50 -18.96 30.88
CA THR B 64 -0.11 -18.00 29.99
C THR B 64 0.41 -18.11 28.55
N GLU B 65 1.56 -18.74 28.34
CA GLU B 65 2.03 -19.01 27.00
C GLU B 65 2.74 -20.36 26.97
N ARG B 66 3.27 -20.71 25.80
CA ARG B 66 3.75 -22.05 25.54
C ARG B 66 4.66 -22.58 26.66
N VAL B 67 4.39 -23.81 27.08
CA VAL B 67 5.21 -24.47 28.09
C VAL B 67 6.45 -25.07 27.46
N SER B 68 7.63 -24.56 27.81
CA SER B 68 8.86 -25.03 27.17
C SER B 68 9.50 -26.21 27.88
N GLY B 69 9.29 -26.36 29.18
CA GLY B 69 9.97 -27.43 29.91
C GLY B 69 9.08 -27.97 30.99
N PHE B 70 9.26 -29.24 31.28
CA PHE B 70 8.55 -29.88 32.38
C PHE B 70 9.47 -30.95 32.96
N THR B 71 9.51 -31.04 34.28
CA THR B 71 10.40 -31.97 34.96
C THR B 71 9.73 -32.36 36.27
N PHE B 72 9.74 -33.67 36.57
CA PHE B 72 9.28 -34.19 37.84
C PHE B 72 10.42 -34.18 38.85
N SER B 73 10.07 -34.05 40.12
CA SER B 73 11.02 -34.38 41.19
C SER B 73 11.09 -35.89 41.32
N HIS B 74 12.29 -36.46 41.17
CA HIS B 74 12.46 -37.89 41.30
C HIS B 74 12.95 -38.29 42.67
N HIS B 75 12.80 -37.40 43.66
CA HIS B 75 13.20 -37.70 45.04
C HIS B 75 12.07 -38.43 45.74
N PRO B 76 12.30 -39.64 46.25
CA PRO B 76 11.23 -40.42 46.88
C PRO B 76 10.49 -39.65 47.96
N GLY B 77 9.22 -39.99 48.14
CA GLY B 77 8.31 -39.22 48.97
C GLY B 77 7.86 -37.91 48.36
N GLN B 78 8.40 -37.53 47.19
CA GLN B 78 8.17 -36.21 46.62
C GLN B 78 7.82 -36.29 45.14
N TYR B 79 7.40 -37.47 44.66
CA TYR B 79 7.09 -37.66 43.26
C TYR B 79 5.93 -36.81 42.80
N ASN B 80 5.18 -36.22 43.73
CA ASN B 80 4.02 -35.41 43.41
C ASN B 80 4.37 -34.00 43.00
N LEU B 81 5.60 -33.56 43.24
CA LEU B 81 6.01 -32.21 42.82
C LEU B 81 6.65 -32.27 41.44
N CYS B 82 6.53 -31.17 40.71
CA CYS B 82 7.09 -31.10 39.38
C CYS B 82 7.32 -29.64 39.11
N ALA B 83 8.07 -29.35 38.05
CA ALA B 83 8.39 -27.97 37.73
C ALA B 83 8.22 -27.75 36.23
N THR B 84 7.84 -26.53 35.87
CA THR B 84 7.62 -26.22 34.46
C THR B 84 8.14 -24.84 34.05
N SER B 85 8.53 -24.72 32.80
CA SER B 85 9.02 -23.46 32.24
C SER B 85 8.06 -23.00 31.15
N SER B 86 7.99 -21.68 30.94
CA SER B 86 7.07 -21.16 29.94
C SER B 86 7.59 -19.88 29.29
N ASP B 87 7.23 -19.69 28.02
CA ASP B 87 7.46 -18.43 27.32
C ASP B 87 6.77 -17.25 28.01
N ASP B 88 5.89 -17.50 28.98
CA ASP B 88 5.47 -16.32 29.73
C ASP B 88 6.54 -15.85 30.74
N GLY B 89 7.75 -16.42 30.71
CA GLY B 89 8.85 -15.94 31.52
C GLY B 89 8.89 -16.43 32.95
N THR B 90 8.13 -17.46 33.29
CA THR B 90 8.06 -17.96 34.65
C THR B 90 8.44 -19.42 34.70
N VAL B 91 8.91 -19.82 35.88
CA VAL B 91 9.15 -21.20 36.27
C VAL B 91 8.21 -21.46 37.44
N LYS B 92 7.45 -22.54 37.39
CA LYS B 92 6.46 -22.80 38.43
C LYS B 92 6.65 -24.18 39.01
N ILE B 93 6.55 -24.27 40.33
CA ILE B 93 6.53 -25.53 41.05
C ILE B 93 5.07 -25.90 41.33
N TRP B 94 4.66 -27.08 40.85
CA TRP B 94 3.30 -27.58 40.98
C TRP B 94 3.24 -28.73 41.97
N ASP B 95 2.03 -28.90 42.56
CA ASP B 95 1.66 -30.10 43.30
C ASP B 95 0.65 -30.88 42.46
N VAL B 96 1.06 -32.07 42.00
CA VAL B 96 0.25 -32.87 41.10
C VAL B 96 -1.02 -33.41 41.76
N GLU B 97 -1.03 -33.54 43.09
CA GLU B 97 -2.25 -34.04 43.74
C GLU B 97 -3.33 -32.97 43.80
N THR B 98 -2.95 -31.71 44.00
CA THR B 98 -3.88 -30.59 43.94
C THR B 98 -3.98 -29.96 42.55
N LYS B 99 -2.98 -30.12 41.68
CA LYS B 99 -2.92 -29.42 40.40
C LYS B 99 -2.79 -27.90 40.57
N THR B 100 -2.19 -27.46 41.68
CA THR B 100 -2.00 -26.05 41.97
C THR B 100 -0.52 -25.68 42.05
N VAL B 101 -0.22 -24.40 41.87
CA VAL B 101 1.15 -23.92 41.92
C VAL B 101 1.58 -23.80 43.38
N VAL B 102 2.70 -24.41 43.71
CA VAL B 102 3.25 -24.28 45.05
C VAL B 102 3.99 -22.96 45.19
N THR B 103 4.80 -22.62 44.18
CA THR B 103 5.63 -21.42 44.16
C THR B 103 6.12 -21.23 42.73
N GLU B 104 6.67 -20.05 42.46
CA GLU B 104 7.11 -19.70 41.12
C GLU B 104 8.05 -18.51 41.16
N HIS B 105 8.96 -18.45 40.18
CA HIS B 105 9.82 -17.29 40.04
C HIS B 105 9.80 -16.79 38.60
N ALA B 106 10.14 -15.51 38.44
CA ALA B 106 10.25 -14.86 37.14
C ALA B 106 11.64 -14.24 36.99
N LEU B 107 12.67 -14.96 37.40
CA LEU B 107 14.03 -14.43 37.35
C LEU B 107 14.55 -14.27 35.93
N HIS B 108 14.15 -15.14 35.01
CA HIS B 108 14.71 -15.10 33.66
C HIS B 108 14.26 -13.84 32.94
N GLN B 109 15.22 -13.18 32.29
CA GLN B 109 14.97 -12.00 31.47
C GLN B 109 14.93 -12.33 30.00
N HIS B 110 15.06 -13.61 29.65
CA HIS B 110 15.08 -14.04 28.27
C HIS B 110 14.27 -15.33 28.18
N THR B 111 13.86 -15.65 26.95
CA THR B 111 13.03 -16.83 26.71
C THR B 111 13.73 -18.08 27.20
N ILE B 112 13.08 -18.78 28.12
CA ILE B 112 13.67 -19.96 28.73
C ILE B 112 13.73 -21.10 27.73
N SER B 113 14.84 -21.82 27.73
CA SER B 113 15.01 -23.01 26.92
C SER B 113 14.51 -24.26 27.61
N THR B 114 14.97 -24.50 28.85
CA THR B 114 14.71 -25.78 29.47
C THR B 114 14.88 -25.62 30.97
N LEU B 115 14.55 -26.68 31.71
CA LEU B 115 14.85 -26.73 33.14
C LEU B 115 14.97 -28.19 33.58
N HIS B 116 15.56 -28.37 34.76
CA HIS B 116 15.76 -29.71 35.27
C HIS B 116 15.66 -29.71 36.78
N TRP B 117 14.96 -30.71 37.33
CA TRP B 117 14.93 -30.90 38.76
C TRP B 117 16.18 -31.67 39.16
N SER B 118 16.88 -31.17 40.17
CA SER B 118 18.12 -31.83 40.58
C SER B 118 17.81 -33.23 41.10
N PRO B 119 18.45 -34.27 40.54
CA PRO B 119 18.31 -35.62 41.12
C PRO B 119 18.85 -35.72 42.53
N ARG B 120 19.67 -34.77 42.98
CA ARG B 120 20.32 -34.97 44.26
C ARG B 120 19.94 -33.97 45.35
N VAL B 121 19.39 -32.80 45.01
CA VAL B 121 18.99 -31.80 46.02
C VAL B 121 17.47 -31.63 45.91
N LYS B 122 16.77 -32.04 46.97
CA LYS B 122 15.31 -32.09 47.02
C LYS B 122 14.62 -30.89 46.38
N ASP B 123 15.08 -29.67 46.65
CA ASP B 123 14.29 -28.51 46.24
C ASP B 123 15.02 -27.62 45.23
N LEU B 124 15.95 -28.21 44.47
CA LEU B 124 16.78 -27.46 43.53
C LEU B 124 16.25 -27.63 42.11
N ILE B 125 15.85 -26.53 41.48
CA ILE B 125 15.48 -26.47 40.08
C ILE B 125 16.53 -25.61 39.37
N VAL B 126 17.04 -26.09 38.24
CA VAL B 126 18.04 -25.37 37.45
C VAL B 126 17.47 -25.12 36.04
N SER B 127 17.47 -23.86 35.61
CA SER B 127 16.81 -23.48 34.37
C SER B 127 17.76 -22.63 33.52
N GLY B 128 17.70 -22.81 32.21
CA GLY B 128 18.55 -22.06 31.30
C GLY B 128 17.73 -21.36 30.24
N ASP B 129 18.16 -20.15 29.84
CA ASP B 129 17.44 -19.40 28.83
C ASP B 129 18.27 -19.30 27.54
N GLU B 130 17.71 -18.61 26.57
CA GLU B 130 18.26 -18.67 25.23
C GLU B 130 19.42 -17.72 24.98
N LYS B 131 19.73 -16.81 25.90
CA LYS B 131 20.94 -16.00 25.77
C LYS B 131 22.07 -16.54 26.63
N GLY B 132 21.85 -17.64 27.33
CA GLY B 132 22.91 -18.35 28.03
C GLY B 132 22.91 -18.20 29.54
N VAL B 133 21.84 -17.67 30.11
CA VAL B 133 21.76 -17.44 31.55
C VAL B 133 21.15 -18.65 32.23
N VAL B 134 21.78 -19.09 33.30
CA VAL B 134 21.30 -20.21 34.11
C VAL B 134 20.89 -19.66 35.46
N PHE B 135 19.73 -20.10 35.94
CA PHE B 135 19.29 -19.80 37.30
C PHE B 135 19.17 -21.08 38.11
N CYS B 136 19.66 -21.05 39.33
CA CYS B 136 19.47 -22.11 40.31
C CYS B 136 18.46 -21.62 41.33
N TYR B 137 17.37 -22.35 41.48
CA TYR B 137 16.27 -21.98 42.36
C TYR B 137 16.11 -23.08 43.41
N TRP B 138 16.34 -22.74 44.68
CA TRP B 138 16.07 -23.64 45.79
C TRP B 138 14.73 -23.23 46.36
N PHE B 139 13.66 -23.96 46.01
CA PHE B 139 12.34 -23.35 46.19
C PHE B 139 11.95 -23.31 47.67
N ASN B 140 12.21 -24.38 48.43
CA ASN B 140 11.72 -24.39 49.80
C ASN B 140 12.30 -23.22 50.60
N ARG B 141 13.55 -22.88 50.33
CA ARG B 141 14.26 -21.82 51.03
C ARG B 141 14.14 -20.47 50.34
N ASN B 142 13.55 -20.45 49.14
CA ASN B 142 13.37 -19.23 48.35
C ASN B 142 14.67 -18.50 48.08
N ASP B 143 15.73 -19.26 47.80
CA ASP B 143 16.96 -18.65 47.31
C ASP B 143 17.15 -18.97 45.84
N SER B 144 18.06 -18.22 45.22
CA SER B 144 18.31 -18.30 43.78
C SER B 144 19.73 -17.85 43.50
N GLN B 145 20.32 -18.40 42.44
CA GLN B 145 21.64 -17.96 42.01
C GLN B 145 21.63 -17.75 40.51
N HIS B 146 22.11 -16.58 40.10
CA HIS B 146 22.28 -16.19 38.70
C HIS B 146 23.62 -16.72 38.18
N LEU B 147 23.59 -17.57 37.16
CA LEU B 147 24.82 -18.06 36.54
C LEU B 147 24.83 -17.68 35.06
N PHE B 148 25.94 -17.10 34.62
CA PHE B 148 26.20 -16.88 33.21
C PHE B 148 27.47 -17.60 32.82
N ILE B 149 27.37 -18.47 31.81
CA ILE B 149 28.51 -19.23 31.34
C ILE B 149 29.06 -18.63 30.05
N GLU B 150 28.45 -19.00 28.92
CA GLU B 150 28.89 -18.50 27.61
C GLU B 150 27.72 -17.84 26.89
N PRO B 151 28.02 -16.84 26.07
CA PRO B 151 26.97 -16.13 25.30
C PRO B 151 26.46 -16.93 24.11
N ARG B 152 25.82 -18.06 24.40
CA ARG B 152 25.30 -18.97 23.38
C ARG B 152 23.89 -19.40 23.78
N THR B 153 23.15 -19.98 22.85
CA THR B 153 21.77 -20.34 23.10
C THR B 153 21.71 -21.74 23.74
N ILE B 154 21.25 -21.79 24.99
CA ILE B 154 21.04 -23.07 25.65
C ILE B 154 19.94 -23.84 24.95
N PHE B 155 20.22 -25.11 24.66
CA PHE B 155 19.19 -26.01 24.16
C PHE B 155 18.75 -27.03 25.19
N CYS B 156 19.70 -27.59 25.93
CA CYS B 156 19.38 -28.63 26.90
C CYS B 156 20.34 -28.52 28.09
N LEU B 157 19.98 -29.21 29.17
CA LEU B 157 20.64 -29.02 30.44
C LEU B 157 20.30 -30.22 31.31
N THR B 158 21.31 -30.87 31.88
CA THR B 158 21.02 -32.08 32.66
C THR B 158 21.92 -32.11 33.88
N CYS B 159 21.30 -31.99 35.05
CA CYS B 159 22.03 -32.14 36.30
C CYS B 159 22.62 -33.54 36.39
N SER B 160 23.85 -33.62 36.89
CA SER B 160 24.46 -34.93 37.10
C SER B 160 23.62 -35.71 38.11
N PRO B 161 23.35 -36.98 37.86
CA PRO B 161 22.71 -37.82 38.89
C PRO B 161 23.61 -38.11 40.07
N HIS B 162 24.92 -37.88 39.98
CA HIS B 162 25.86 -38.29 41.01
C HIS B 162 26.45 -37.16 41.82
N HIS B 163 26.76 -36.02 41.22
CA HIS B 163 27.34 -34.88 41.92
C HIS B 163 26.32 -33.73 41.92
N GLU B 164 25.91 -33.30 43.11
CA GLU B 164 24.89 -32.27 43.22
C GLU B 164 25.33 -30.94 42.63
N ASP B 165 26.62 -30.77 42.34
CA ASP B 165 27.12 -29.50 41.85
C ASP B 165 27.27 -29.45 40.34
N LEU B 166 27.31 -30.60 39.68
CA LEU B 166 27.65 -30.66 38.26
C LEU B 166 26.41 -30.57 37.41
N VAL B 167 26.46 -29.73 36.37
CA VAL B 167 25.36 -29.61 35.41
C VAL B 167 25.96 -29.64 34.02
N ALA B 168 25.35 -30.41 33.13
CA ALA B 168 25.72 -30.44 31.72
C ALA B 168 24.83 -29.50 30.93
N ILE B 169 25.43 -28.78 29.98
CA ILE B 169 24.72 -27.76 29.22
C ILE B 169 25.10 -27.91 27.74
N GLY B 170 24.10 -28.06 26.89
CA GLY B 170 24.30 -28.18 25.45
C GLY B 170 23.73 -26.97 24.73
N TYR B 171 24.36 -26.57 23.63
CA TYR B 171 24.07 -25.31 22.98
C TYR B 171 23.67 -25.50 21.52
N LYS B 172 23.01 -24.46 20.97
CA LYS B 172 22.60 -24.50 19.58
C LYS B 172 23.77 -24.74 18.61
N ASP B 173 24.99 -24.33 18.97
CA ASP B 173 26.11 -24.45 18.05
C ASP B 173 27.03 -25.66 18.31
N GLY B 174 26.60 -26.66 19.09
CA GLY B 174 27.36 -27.90 19.24
C GLY B 174 28.24 -27.98 20.48
N ILE B 175 28.56 -26.85 21.10
CA ILE B 175 29.35 -26.89 22.32
C ILE B 175 28.55 -27.56 23.43
N VAL B 176 29.26 -28.34 24.26
CA VAL B 176 28.77 -28.89 25.52
C VAL B 176 29.79 -28.55 26.60
N VAL B 177 29.30 -28.20 27.79
CA VAL B 177 30.14 -27.88 28.93
C VAL B 177 29.59 -28.56 30.18
N ILE B 178 30.48 -28.80 31.13
CA ILE B 178 30.11 -29.21 32.47
C ILE B 178 30.45 -28.06 33.41
N ILE B 179 29.45 -27.55 34.13
CA ILE B 179 29.69 -26.46 35.07
C ILE B 179 29.50 -26.98 36.49
N ASP B 180 30.09 -26.24 37.43
CA ASP B 180 29.95 -26.52 38.85
C ASP B 180 29.23 -25.31 39.47
N ILE B 181 27.96 -25.51 39.82
CA ILE B 181 27.15 -24.40 40.28
C ILE B 181 27.62 -23.89 41.64
N SER B 182 28.42 -24.66 42.38
CA SER B 182 28.90 -24.17 43.67
C SER B 182 30.18 -23.36 43.53
N LYS B 183 30.82 -23.41 42.37
CA LYS B 183 31.96 -22.55 42.08
C LYS B 183 31.54 -21.45 41.12
N LYS B 184 30.36 -20.89 41.34
CA LYS B 184 29.86 -19.75 40.56
C LYS B 184 29.76 -20.08 39.08
N GLY B 185 29.48 -21.34 38.75
CA GLY B 185 29.32 -21.67 37.35
C GLY B 185 30.60 -21.85 36.57
N GLU B 186 31.73 -21.98 37.26
CA GLU B 186 32.99 -22.34 36.61
C GLU B 186 32.81 -23.50 35.66
N VAL B 187 33.41 -23.39 34.49
CA VAL B 187 33.38 -24.50 33.53
C VAL B 187 34.45 -25.51 33.95
N ILE B 188 34.02 -26.74 34.20
CA ILE B 188 34.90 -27.82 34.61
C ILE B 188 35.44 -28.58 33.40
N HIS B 189 34.59 -28.79 32.40
CA HIS B 189 34.99 -29.45 31.18
C HIS B 189 34.24 -28.85 30.01
N ARG B 190 34.97 -28.63 28.93
CA ARG B 190 34.39 -28.36 27.62
C ARG B 190 34.52 -29.63 26.80
N LEU B 191 33.41 -30.07 26.21
CA LEU B 191 33.40 -31.28 25.38
C LEU B 191 33.27 -30.86 23.92
N ARG B 192 34.40 -30.80 23.22
CA ARG B 192 34.47 -30.32 21.84
C ARG B 192 34.33 -31.46 20.85
N GLY B 193 33.43 -31.33 19.90
CA GLY B 193 33.32 -32.38 18.91
C GLY B 193 32.04 -32.37 18.10
N HIS B 194 30.95 -31.90 18.69
CA HIS B 194 29.71 -31.82 17.93
C HIS B 194 29.74 -30.62 16.98
N ASP B 195 29.13 -30.81 15.82
CA ASP B 195 29.08 -29.79 14.79
C ASP B 195 27.82 -28.93 14.84
N ASP B 196 26.84 -29.26 15.69
CA ASP B 196 25.50 -28.68 15.54
C ASP B 196 24.70 -28.85 16.83
N GLU B 197 23.45 -28.38 16.79
CA GLU B 197 22.53 -28.36 17.92
C GLU B 197 22.65 -29.60 18.80
N ILE B 198 22.77 -29.38 20.09
CA ILE B 198 22.73 -30.48 21.03
C ILE B 198 21.27 -30.66 21.43
N HIS B 199 20.74 -31.86 21.19
CA HIS B 199 19.35 -32.12 21.52
C HIS B 199 19.13 -32.77 22.88
N SER B 200 20.12 -33.47 23.42
CA SER B 200 19.96 -34.14 24.69
C SER B 200 21.32 -34.49 25.29
N ILE B 201 21.39 -34.44 26.62
CA ILE B 201 22.50 -34.98 27.37
C ILE B 201 21.93 -35.99 28.37
N ALA B 202 22.48 -37.19 28.39
CA ALA B 202 22.14 -38.16 29.42
C ALA B 202 23.42 -38.66 30.06
N TRP B 203 23.48 -38.60 31.39
CA TRP B 203 24.62 -39.13 32.13
C TRP B 203 24.51 -40.64 32.28
N CYS B 204 25.64 -41.33 32.21
CA CYS B 204 25.63 -42.76 32.51
C CYS B 204 25.14 -42.94 33.94
N PRO B 205 24.14 -43.78 34.17
CA PRO B 205 23.52 -43.85 35.50
C PRO B 205 24.33 -44.60 36.55
N LEU B 206 25.53 -45.08 36.23
CA LEU B 206 26.41 -45.61 37.26
C LEU B 206 27.65 -44.75 37.39
N PRO B 207 28.20 -44.62 38.61
CA PRO B 207 29.42 -43.82 38.80
C PRO B 207 30.63 -44.46 38.15
N GLY B 208 31.55 -43.61 37.70
CA GLY B 208 32.80 -44.08 37.12
C GLY B 208 32.68 -44.69 35.74
N CYS B 240 33.27 -41.56 35.36
CA CYS B 240 32.07 -40.80 35.03
C CYS B 240 31.85 -40.70 33.52
N TYR B 241 30.67 -41.06 33.03
CA TYR B 241 30.37 -41.06 31.60
C TYR B 241 29.10 -40.27 31.30
N LEU B 242 29.03 -39.77 30.08
CA LEU B 242 28.03 -38.79 29.64
C LEU B 242 27.78 -39.05 28.17
N ALA B 243 26.52 -38.95 27.74
CA ALA B 243 26.19 -39.11 26.32
C ALA B 243 25.43 -37.89 25.78
N THR B 244 25.72 -37.52 24.53
CA THR B 244 25.15 -36.32 23.93
C THR B 244 24.63 -36.67 22.54
N GLY B 245 23.42 -36.22 22.24
CA GLY B 245 22.82 -36.41 20.92
C GLY B 245 22.76 -35.06 20.24
N SER B 246 22.98 -35.07 18.92
CA SER B 246 23.13 -33.82 18.17
C SER B 246 22.44 -33.93 16.81
N LYS B 247 22.07 -32.76 16.29
CA LYS B 247 21.61 -32.66 14.91
C LYS B 247 22.69 -33.03 13.89
N ASP B 248 23.98 -33.00 14.27
CA ASP B 248 25.04 -33.51 13.39
C ASP B 248 24.98 -35.03 13.19
N GLN B 249 23.94 -35.70 13.70
CA GLN B 249 23.62 -37.09 13.41
C GLN B 249 24.53 -38.08 14.10
N THR B 250 25.15 -37.66 15.21
CA THR B 250 26.02 -38.52 16.00
C THR B 250 25.58 -38.50 17.45
N ILE B 251 25.72 -39.64 18.10
CA ILE B 251 25.79 -39.72 19.55
C ILE B 251 27.26 -39.81 19.92
N ARG B 252 27.66 -39.07 20.95
CA ARG B 252 29.03 -39.16 21.46
C ARG B 252 29.01 -39.49 22.95
N ILE B 253 29.83 -40.47 23.34
CA ILE B 253 30.00 -40.80 24.75
C ILE B 253 31.29 -40.13 25.22
N TRP B 254 31.19 -39.39 26.33
CA TRP B 254 32.31 -38.61 26.85
C TRP B 254 32.77 -39.15 28.20
N SER B 255 34.07 -39.04 28.44
CA SER B 255 34.63 -39.26 29.77
C SER B 255 34.54 -37.97 30.58
N CYS B 256 33.65 -37.94 31.59
CA CYS B 256 33.50 -36.77 32.46
C CYS B 256 34.73 -36.55 33.32
N SER B 257 35.61 -37.53 33.36
CA SER B 257 36.88 -37.44 34.08
C SER B 257 37.96 -36.87 33.16
N ARG B 258 38.43 -37.68 32.22
CA ARG B 258 39.46 -37.26 31.27
C ARG B 258 38.96 -36.19 30.30
N GLY B 259 37.67 -35.83 30.32
CA GLY B 259 37.12 -34.74 29.53
C GLY B 259 37.08 -34.97 28.02
N ARG B 260 37.43 -36.14 27.55
CA ARG B 260 37.54 -36.41 26.12
C ARG B 260 36.45 -37.36 25.68
N GLY B 261 36.16 -37.31 24.38
CA GLY B 261 35.22 -38.25 23.80
C GLY B 261 35.80 -39.65 23.83
N VAL B 262 34.95 -40.61 24.10
CA VAL B 262 35.33 -42.00 24.19
C VAL B 262 34.87 -42.80 22.98
N MET B 263 33.80 -42.39 22.33
CA MET B 263 33.08 -43.26 21.40
C MET B 263 32.17 -42.39 20.55
N ILE B 264 32.10 -42.68 19.25
CA ILE B 264 31.20 -41.98 18.34
C ILE B 264 30.24 -42.98 17.72
N LEU B 265 28.96 -42.66 17.73
CA LEU B 265 27.92 -43.47 17.11
C LEU B 265 27.20 -42.64 16.05
N LYS B 266 27.12 -43.16 14.83
CA LYS B 266 26.50 -42.43 13.73
C LYS B 266 25.20 -43.12 13.35
N LEU B 267 24.11 -42.36 13.35
CA LEU B 267 22.80 -42.93 13.10
C LEU B 267 22.80 -43.67 11.76
N PRO B 268 22.15 -44.82 11.67
CA PRO B 268 22.17 -45.68 10.48
C PRO B 268 21.21 -45.25 9.37
N ARG B 284 15.20 -34.64 8.17
CA ARG B 284 14.77 -34.01 9.43
C ARG B 284 15.04 -34.93 10.63
N LEU B 285 15.55 -34.38 11.73
CA LEU B 285 16.06 -35.19 12.82
C LEU B 285 16.03 -34.44 14.14
N TRP B 286 15.56 -35.12 15.19
CA TRP B 286 15.78 -34.75 16.58
C TRP B 286 16.36 -35.95 17.31
N LEU B 287 17.55 -35.81 17.88
CA LEU B 287 18.28 -36.97 18.37
C LEU B 287 18.31 -36.94 19.90
N THR B 288 17.31 -37.56 20.51
CA THR B 288 17.23 -37.54 21.96
C THR B 288 17.63 -38.90 22.53
N LEU B 289 17.95 -38.91 23.82
CA LEU B 289 18.63 -40.08 24.41
C LEU B 289 17.91 -40.55 25.66
N HIS B 290 18.05 -41.86 25.94
CA HIS B 290 17.65 -42.39 27.24
C HIS B 290 18.62 -43.49 27.65
N TRP B 291 19.28 -43.30 28.80
CA TRP B 291 20.29 -44.24 29.28
C TRP B 291 19.70 -45.06 30.43
N PRO B 292 19.30 -46.33 30.18
CA PRO B 292 18.57 -47.09 31.20
C PRO B 292 19.41 -47.46 32.43
N SER B 293 18.80 -47.28 33.61
CA SER B 293 19.47 -47.66 34.84
C SER B 293 19.75 -49.15 34.88
N ASN B 294 18.80 -49.97 34.40
CA ASN B 294 18.88 -51.43 34.55
C ASN B 294 19.87 -52.03 33.60
N GLN B 295 20.12 -51.43 32.46
CA GLN B 295 21.13 -51.93 31.54
C GLN B 295 21.95 -50.75 31.05
N PRO B 296 22.93 -50.33 31.85
CA PRO B 296 23.79 -49.20 31.44
C PRO B 296 24.82 -49.57 30.39
N THR B 297 24.83 -50.84 29.96
CA THR B 297 25.48 -51.29 28.74
C THR B 297 24.78 -50.76 27.49
N GLN B 298 23.57 -50.25 27.65
CA GLN B 298 22.66 -49.98 26.54
C GLN B 298 22.29 -48.50 26.54
N LEU B 299 21.97 -48.01 25.35
CA LEU B 299 21.61 -46.61 25.17
C LEU B 299 20.51 -46.54 24.13
N VAL B 300 19.37 -45.99 24.49
CA VAL B 300 18.24 -45.83 23.57
C VAL B 300 18.29 -44.44 22.94
N SER B 301 17.94 -44.35 21.67
CA SER B 301 17.97 -43.05 21.03
C SER B 301 16.90 -42.99 19.97
N SER B 302 16.44 -41.77 19.72
CA SER B 302 15.66 -41.45 18.54
C SER B 302 16.54 -41.47 17.30
N CYS B 303 15.89 -41.34 16.15
CA CYS B 303 16.54 -41.43 14.86
C CYS B 303 15.62 -40.78 13.82
N PHE B 304 16.01 -40.89 12.55
CA PHE B 304 15.22 -40.30 11.47
C PHE B 304 13.82 -40.90 11.42
N GLY B 305 12.86 -40.05 11.08
CA GLY B 305 11.46 -40.47 10.94
C GLY B 305 10.90 -41.17 12.15
N GLY B 306 11.39 -40.83 13.36
CA GLY B 306 10.82 -41.33 14.59
C GLY B 306 11.29 -42.68 15.06
N GLU B 307 12.05 -43.40 14.24
CA GLU B 307 12.60 -44.69 14.65
C GLU B 307 13.32 -44.56 16.00
N LEU B 308 13.20 -45.62 16.81
CA LEU B 308 13.90 -45.74 18.07
C LEU B 308 14.90 -46.87 17.99
N LEU B 309 16.07 -46.67 18.59
CA LEU B 309 17.15 -47.65 18.56
C LEU B 309 17.60 -47.98 19.97
N GLN B 310 18.05 -49.22 20.16
CA GLN B 310 18.73 -49.64 21.38
C GLN B 310 20.18 -49.96 21.02
N TRP B 311 21.12 -49.13 21.49
CA TRP B 311 22.54 -49.26 21.16
C TRP B 311 23.23 -50.14 22.19
N ASP B 312 23.94 -51.17 21.72
CA ASP B 312 24.83 -51.94 22.58
C ASP B 312 26.17 -51.20 22.59
N LEU B 313 26.56 -50.65 23.75
CA LEU B 313 27.77 -49.84 23.82
C LEU B 313 29.03 -50.67 24.03
N THR B 314 28.91 -51.97 24.32
CA THR B 314 30.12 -52.79 24.43
C THR B 314 30.68 -53.13 23.06
N GLN B 315 29.82 -53.45 22.09
CA GLN B 315 30.27 -53.83 20.76
C GLN B 315 30.95 -52.65 20.06
N ARG B 318 32.06 -53.41 15.52
CA ARG B 318 31.55 -52.13 15.07
C ARG B 318 30.28 -51.75 15.84
N ARG B 319 29.65 -50.64 15.43
CA ARG B 319 28.49 -50.13 16.13
C ARG B 319 27.27 -51.02 15.90
N LYS B 320 26.63 -51.44 16.98
CA LYS B 320 25.48 -52.35 16.91
C LYS B 320 24.26 -51.70 17.57
N TYR B 321 23.11 -51.84 16.93
CA TYR B 321 21.86 -51.33 17.45
C TYR B 321 20.73 -52.31 17.18
N THR B 322 19.65 -52.16 17.93
CA THR B 322 18.42 -52.86 17.63
C THR B 322 17.31 -51.84 17.41
N LEU B 323 16.52 -52.06 16.36
CA LEU B 323 15.40 -51.18 16.10
C LEU B 323 14.22 -51.63 16.96
N PHE B 324 13.43 -50.67 17.43
CA PHE B 324 12.17 -51.02 18.09
C PHE B 324 11.16 -51.43 17.02
N SER B 325 10.32 -52.43 17.35
CA SER B 325 9.24 -52.93 16.46
C SER B 325 9.73 -53.42 15.10
N GLN B 331 3.68 -49.36 13.25
CA GLN B 331 3.76 -49.39 14.71
C GLN B 331 4.73 -48.34 15.28
N ASN B 332 5.88 -48.13 14.64
CA ASN B 332 6.77 -47.10 15.17
C ASN B 332 6.24 -45.72 14.77
N HIS B 333 6.86 -44.69 15.34
CA HIS B 333 6.47 -43.32 15.04
C HIS B 333 6.70 -43.03 13.56
N SER B 334 5.96 -42.06 13.02
CA SER B 334 6.10 -41.74 11.61
C SER B 334 6.86 -40.44 11.36
N ARG B 335 7.18 -39.67 12.40
CA ARG B 335 7.98 -38.46 12.31
C ARG B 335 8.91 -38.40 13.52
N ILE B 336 9.87 -37.50 13.48
CA ILE B 336 10.93 -37.44 14.49
C ILE B 336 10.37 -37.41 15.90
N VAL B 337 11.10 -38.01 16.84
CA VAL B 337 10.70 -38.11 18.24
C VAL B 337 11.48 -37.07 19.04
N PHE B 338 10.80 -36.36 19.92
CA PHE B 338 11.45 -35.34 20.72
C PHE B 338 11.84 -35.83 22.12
N ASN B 339 10.99 -36.55 22.84
CA ASN B 339 11.33 -36.96 24.20
C ASN B 339 11.14 -38.47 24.39
N LEU B 340 11.88 -39.01 25.36
CA LEU B 340 11.74 -40.38 25.83
C LEU B 340 11.69 -40.35 27.36
N CYS B 341 10.71 -41.06 27.96
CA CYS B 341 10.54 -40.92 29.41
C CYS B 341 10.32 -42.30 30.01
N PRO B 342 11.30 -42.80 30.80
CA PRO B 342 11.13 -44.10 31.43
C PRO B 342 10.09 -44.08 32.53
N LEU B 343 9.40 -45.21 32.67
CA LEU B 343 8.37 -45.31 33.68
C LEU B 343 8.34 -46.75 34.12
N GLN B 344 8.49 -46.96 35.41
CA GLN B 344 8.40 -48.29 35.97
C GLN B 344 7.08 -48.39 36.71
N THR B 345 6.24 -49.32 36.31
CA THR B 345 4.93 -49.39 36.91
C THR B 345 4.98 -50.17 38.23
N GLU B 346 3.87 -50.12 38.97
CA GLU B 346 3.77 -50.92 40.19
C GLU B 346 3.89 -52.40 39.87
N ASP B 347 3.37 -52.80 38.72
CA ASP B 347 3.50 -54.14 38.15
C ASP B 347 4.95 -54.46 37.79
N ASP B 348 5.85 -53.48 37.85
CA ASP B 348 7.27 -53.64 37.57
C ASP B 348 7.56 -53.94 36.10
N LYS B 349 6.68 -53.50 35.19
CA LYS B 349 7.06 -53.40 33.79
C LYS B 349 7.94 -52.19 33.63
N GLN B 350 8.98 -52.32 32.80
CA GLN B 350 9.82 -51.18 32.41
C GLN B 350 9.28 -50.61 31.10
N LEU B 351 8.70 -49.42 31.18
CA LEU B 351 8.14 -48.79 29.99
C LEU B 351 8.98 -47.59 29.59
N LEU B 352 8.84 -47.20 28.32
CA LEU B 352 9.43 -45.99 27.80
C LEU B 352 8.37 -45.23 27.03
N LEU B 353 8.11 -44.00 27.44
CA LEU B 353 7.12 -43.15 26.79
C LEU B 353 7.82 -42.19 25.84
N SER B 354 7.26 -42.03 24.63
CA SER B 354 7.84 -41.20 23.59
C SER B 354 6.82 -40.23 23.02
N THR B 355 7.28 -39.00 22.77
CA THR B 355 6.49 -37.98 22.09
C THR B 355 7.09 -37.67 20.71
N SER B 356 6.23 -37.25 19.79
CA SER B 356 6.66 -37.16 18.39
C SER B 356 5.91 -36.08 17.63
N MET B 357 6.62 -35.53 16.64
CA MET B 357 5.99 -34.66 15.66
C MET B 357 4.76 -35.30 15.04
N ASP B 358 4.73 -36.63 14.90
CA ASP B 358 3.54 -37.22 14.31
C ASP B 358 2.33 -37.12 15.22
N ARG B 359 2.48 -36.49 16.38
CA ARG B 359 1.40 -36.17 17.31
C ARG B 359 0.88 -37.36 18.13
N ASP B 360 1.53 -38.52 18.11
CA ASP B 360 1.16 -39.63 18.99
C ASP B 360 2.06 -39.64 20.23
N VAL B 361 1.50 -40.14 21.33
CA VAL B 361 2.30 -40.56 22.48
C VAL B 361 2.31 -42.06 22.48
N LYS B 362 3.50 -42.63 22.32
CA LYS B 362 3.63 -44.07 22.27
C LYS B 362 4.29 -44.57 23.55
N CYS B 363 3.90 -45.75 23.98
CA CYS B 363 4.42 -46.37 25.19
C CYS B 363 5.08 -47.66 24.77
N TRP B 364 6.35 -47.79 25.06
CA TRP B 364 7.11 -48.97 24.68
C TRP B 364 7.40 -49.79 25.94
N ASP B 365 7.36 -51.10 25.79
CA ASP B 365 7.82 -51.99 26.84
C ASP B 365 9.27 -52.35 26.53
N ILE B 366 10.18 -51.91 27.40
CA ILE B 366 11.61 -52.02 27.10
C ILE B 366 12.05 -53.47 26.95
N ALA B 367 11.44 -54.40 27.68
CA ALA B 367 11.91 -55.78 27.62
C ALA B 367 11.80 -56.36 26.21
N THR B 368 10.73 -56.03 25.47
CA THR B 368 10.53 -56.57 24.13
C THR B 368 10.69 -55.55 23.01
N LEU B 369 10.85 -54.27 23.33
CA LEU B 369 10.87 -53.19 22.34
C LEU B 369 9.63 -53.20 21.44
N GLU B 370 8.49 -53.57 22.02
CA GLU B 370 7.19 -53.44 21.39
C GLU B 370 6.45 -52.20 21.91
N CYS B 371 5.65 -51.58 21.02
CA CYS B 371 4.72 -50.51 21.39
C CYS B 371 3.50 -51.11 22.09
N SER B 372 3.27 -50.70 23.35
CA SER B 372 2.12 -51.24 24.10
C SER B 372 0.84 -50.53 23.74
N TRP B 373 0.91 -49.21 23.53
CA TRP B 373 -0.26 -48.44 23.18
C TRP B 373 0.16 -47.08 22.63
N THR B 374 -0.81 -46.43 22.00
CA THR B 374 -0.63 -45.13 21.41
C THR B 374 -1.74 -44.21 21.90
N LEU B 375 -1.35 -43.04 22.41
CA LEU B 375 -2.32 -41.99 22.73
C LEU B 375 -2.26 -40.89 21.67
N PRO B 376 -3.32 -40.69 20.86
CA PRO B 376 -3.31 -39.63 19.85
C PRO B 376 -3.73 -38.28 20.42
N SER B 377 -3.47 -37.24 19.61
CA SER B 377 -3.62 -35.86 20.07
C SER B 377 -4.01 -34.96 18.89
N LEU B 378 -4.51 -33.75 19.24
CA LEU B 378 -5.03 -32.77 18.29
C LEU B 378 -4.03 -31.65 18.04
N GLY B 379 -3.78 -31.36 16.77
CA GLY B 379 -2.87 -30.28 16.40
C GLY B 379 -3.51 -28.94 16.06
N GLY B 380 -4.82 -28.79 16.24
CA GLY B 380 -5.54 -27.56 15.93
C GLY B 380 -6.83 -27.50 16.70
N PHE B 381 -7.54 -26.38 16.55
CA PHE B 381 -8.90 -26.27 17.06
C PHE B 381 -9.72 -27.48 16.62
N ALA B 382 -10.62 -27.90 17.49
CA ALA B 382 -11.57 -28.93 17.15
C ALA B 382 -12.81 -28.20 16.67
N TYR B 383 -12.91 -28.02 15.33
CA TYR B 383 -14.02 -27.22 14.80
C TYR B 383 -15.35 -27.96 14.81
N SER B 384 -15.35 -29.27 14.55
CA SER B 384 -16.63 -29.91 14.28
C SER B 384 -16.60 -31.35 14.77
N LEU B 385 -17.78 -31.84 15.17
CA LEU B 385 -18.00 -33.18 15.67
C LEU B 385 -19.25 -33.78 15.01
N ALA B 386 -19.15 -35.01 14.53
CA ALA B 386 -20.32 -35.64 13.93
C ALA B 386 -20.25 -37.14 14.09
N PHE B 387 -21.35 -37.72 14.61
CA PHE B 387 -21.54 -39.15 14.68
C PHE B 387 -22.26 -39.67 13.44
N SER B 388 -21.77 -40.79 12.89
CA SER B 388 -22.43 -41.41 11.74
C SER B 388 -23.73 -42.07 12.18
N SER B 389 -24.75 -41.94 11.34
CA SER B 389 -26.04 -42.52 11.69
C SER B 389 -26.13 -44.00 11.37
N VAL B 390 -25.14 -44.56 10.69
CA VAL B 390 -25.11 -46.01 10.42
C VAL B 390 -24.01 -46.71 11.24
N ASP B 391 -22.74 -46.29 11.08
CA ASP B 391 -21.68 -46.75 11.97
C ASP B 391 -21.82 -45.94 13.25
N ILE B 392 -22.60 -46.48 14.19
CA ILE B 392 -23.21 -45.62 15.21
C ILE B 392 -22.19 -45.07 16.18
N GLY B 393 -21.13 -45.80 16.47
CA GLY B 393 -20.19 -45.23 17.40
C GLY B 393 -19.10 -44.37 16.81
N SER B 394 -19.17 -44.05 15.52
CA SER B 394 -18.04 -43.49 14.78
C SER B 394 -18.10 -41.96 14.79
N LEU B 395 -17.12 -41.34 15.45
CA LEU B 395 -17.06 -39.89 15.66
C LEU B 395 -16.02 -39.27 14.74
N ALA B 396 -16.45 -38.36 13.88
CA ALA B 396 -15.53 -37.60 13.03
C ALA B 396 -15.23 -36.27 13.69
N ILE B 397 -13.97 -35.87 13.64
CA ILE B 397 -13.52 -34.60 14.18
C ILE B 397 -12.82 -33.82 13.07
N GLY B 398 -13.24 -32.58 12.89
CA GLY B 398 -12.57 -31.66 11.97
C GLY B 398 -11.68 -30.73 12.76
N VAL B 399 -10.40 -30.70 12.38
CA VAL B 399 -9.36 -30.10 13.21
C VAL B 399 -8.67 -29.00 12.43
N GLY B 400 -8.24 -27.98 13.16
CA GLY B 400 -7.60 -26.84 12.54
C GLY B 400 -6.22 -27.13 11.95
N ASP B 401 -5.67 -28.32 12.16
CA ASP B 401 -4.41 -28.69 11.52
C ASP B 401 -4.63 -29.38 10.19
N GLY B 402 -5.86 -29.41 9.71
CA GLY B 402 -6.13 -29.95 8.40
C GLY B 402 -6.27 -31.44 8.32
N MET B 403 -6.66 -32.08 9.41
CA MET B 403 -6.83 -33.52 9.43
C MET B 403 -8.21 -33.84 9.97
N ILE B 404 -8.79 -34.90 9.46
CA ILE B 404 -10.01 -35.43 10.05
C ILE B 404 -9.63 -36.64 10.88
N ARG B 405 -10.12 -36.70 12.10
CA ARG B 405 -9.99 -37.90 12.91
C ARG B 405 -11.35 -38.58 12.92
N VAL B 406 -11.38 -39.89 12.70
CA VAL B 406 -12.58 -40.65 12.95
C VAL B 406 -12.32 -41.55 14.16
N TRP B 407 -13.05 -41.28 15.23
CA TRP B 407 -12.91 -41.94 16.52
C TRP B 407 -13.95 -43.06 16.64
N ASN B 408 -13.50 -44.32 16.60
CA ASN B 408 -14.38 -45.42 16.95
C ASN B 408 -14.60 -45.48 18.45
N THR B 409 -15.66 -44.84 18.93
CA THR B 409 -15.90 -44.81 20.37
C THR B 409 -16.54 -46.09 20.91
N LEU B 410 -16.84 -47.08 20.07
CA LEU B 410 -17.33 -48.39 20.51
C LEU B 410 -16.22 -49.37 20.83
N SER B 411 -14.96 -49.03 20.54
CA SER B 411 -13.89 -49.99 20.65
C SER B 411 -13.76 -50.46 22.08
N ILE B 412 -13.66 -51.77 22.27
CA ILE B 412 -13.45 -52.32 23.60
C ILE B 412 -12.01 -52.77 23.81
N LYS B 413 -11.14 -52.57 22.83
CA LYS B 413 -9.74 -52.92 22.93
C LYS B 413 -8.84 -51.70 22.98
N ASN B 414 -9.43 -50.50 23.01
CA ASN B 414 -8.72 -49.25 22.80
C ASN B 414 -9.68 -48.10 23.07
N ASN B 415 -9.36 -47.25 24.05
CA ASN B 415 -10.23 -46.11 24.35
C ASN B 415 -9.93 -44.90 23.48
N TYR B 416 -8.91 -44.97 22.63
CA TYR B 416 -8.56 -43.90 21.71
C TYR B 416 -8.24 -44.49 20.35
N ASP B 417 -9.19 -45.26 19.82
CA ASP B 417 -9.06 -45.92 18.52
C ASP B 417 -9.38 -44.89 17.45
N VAL B 418 -8.37 -44.13 17.02
CA VAL B 418 -8.56 -42.96 16.19
C VAL B 418 -7.81 -43.14 14.89
N LYS B 419 -8.50 -42.93 13.76
CA LYS B 419 -7.89 -42.98 12.43
C LYS B 419 -7.87 -41.59 11.84
N ASN B 420 -6.78 -41.27 11.13
CA ASN B 420 -6.51 -39.94 10.59
C ASN B 420 -6.70 -39.98 9.09
N PHE B 421 -7.42 -38.99 8.56
CA PHE B 421 -7.58 -38.85 7.12
C PHE B 421 -6.95 -37.53 6.71
N TRP B 422 -5.81 -37.61 6.03
CA TRP B 422 -5.09 -36.43 5.58
C TRP B 422 -5.51 -36.03 4.17
N GLN B 423 -6.01 -34.81 4.03
CA GLN B 423 -6.47 -34.30 2.73
C GLN B 423 -5.37 -34.43 1.68
N SER B 427 -5.65 -27.72 5.03
CA SER B 427 -6.18 -26.49 5.62
C SER B 427 -7.23 -26.87 6.66
N LYS B 428 -7.63 -25.89 7.47
CA LYS B 428 -8.56 -26.12 8.57
C LYS B 428 -9.87 -26.78 8.11
N VAL B 429 -10.16 -27.96 8.65
CA VAL B 429 -11.42 -28.65 8.41
C VAL B 429 -12.47 -28.06 9.34
N THR B 430 -13.36 -27.26 8.78
CA THR B 430 -14.28 -26.48 9.59
C THR B 430 -15.73 -26.95 9.53
N ALA B 431 -16.04 -27.98 8.74
CA ALA B 431 -17.38 -28.56 8.74
C ALA B 431 -17.30 -30.02 8.35
N LEU B 432 -18.20 -30.84 8.90
CA LEU B 432 -18.32 -32.23 8.46
C LEU B 432 -19.78 -32.69 8.44
N CYS B 433 -20.06 -33.71 7.66
CA CYS B 433 -21.39 -34.33 7.70
C CYS B 433 -21.32 -35.74 7.16
N TRP B 434 -21.69 -36.72 7.98
CA TRP B 434 -21.85 -38.09 7.49
C TRP B 434 -23.08 -38.20 6.58
N HIS B 435 -22.99 -39.09 5.60
CA HIS B 435 -24.18 -39.45 4.82
C HIS B 435 -25.16 -40.20 5.71
N PRO B 436 -26.47 -39.96 5.55
CA PRO B 436 -27.44 -40.59 6.45
C PRO B 436 -27.57 -42.08 6.25
N THR B 437 -27.32 -42.60 5.05
CA THR B 437 -27.52 -44.02 4.82
C THR B 437 -26.28 -44.77 4.35
N LYS B 438 -25.36 -44.14 3.61
CA LYS B 438 -24.22 -44.83 3.05
C LYS B 438 -23.07 -44.81 4.06
N GLU B 439 -22.73 -45.98 4.59
CA GLU B 439 -21.73 -46.07 5.66
C GLU B 439 -20.33 -45.75 5.14
N GLY B 440 -19.54 -45.08 5.98
CA GLY B 440 -18.20 -44.66 5.63
C GLY B 440 -18.11 -43.48 4.69
N CYS B 441 -19.20 -42.74 4.47
CA CYS B 441 -19.25 -41.63 3.52
C CYS B 441 -19.30 -40.32 4.30
N LEU B 442 -18.27 -39.48 4.14
CA LEU B 442 -18.08 -38.31 5.00
C LEU B 442 -17.78 -37.09 4.15
N ALA B 443 -18.63 -36.06 4.27
CA ALA B 443 -18.43 -34.80 3.56
C ALA B 443 -17.81 -33.77 4.49
N PHE B 444 -16.90 -32.96 3.95
CA PHE B 444 -16.18 -32.02 4.78
C PHE B 444 -16.04 -30.68 4.08
N GLY B 445 -15.85 -29.65 4.88
CA GLY B 445 -15.53 -28.32 4.36
C GLY B 445 -14.31 -27.72 5.03
N THR B 446 -13.64 -26.83 4.30
CA THR B 446 -12.40 -26.23 4.77
C THR B 446 -12.47 -24.71 4.77
N ASP B 447 -11.46 -24.10 5.40
CA ASP B 447 -11.42 -22.64 5.43
C ASP B 447 -10.91 -22.07 4.13
N ASP B 448 -10.59 -22.92 3.15
CA ASP B 448 -10.29 -22.52 1.79
C ASP B 448 -11.49 -22.59 0.88
N GLY B 449 -12.68 -22.79 1.45
CA GLY B 449 -13.91 -22.87 0.69
C GLY B 449 -14.12 -24.19 -0.01
N LYS B 450 -13.24 -25.15 0.18
CA LYS B 450 -13.32 -26.43 -0.52
C LYS B 450 -14.32 -27.36 0.15
N VAL B 451 -15.04 -28.11 -0.69
CA VAL B 451 -15.96 -29.17 -0.24
C VAL B 451 -15.41 -30.49 -0.74
N GLY B 452 -15.50 -31.53 0.12
CA GLY B 452 -14.93 -32.81 -0.22
C GLY B 452 -15.72 -33.97 0.35
N LEU B 453 -15.44 -35.15 -0.19
CA LEU B 453 -16.18 -36.36 0.13
C LEU B 453 -15.22 -37.52 0.33
N TYR B 454 -15.20 -38.09 1.54
CA TYR B 454 -14.34 -39.22 1.90
C TYR B 454 -15.11 -40.53 1.90
N ASP B 455 -14.42 -41.60 1.48
CA ASP B 455 -14.80 -42.98 1.80
C ASP B 455 -13.92 -43.45 2.94
N THR B 456 -14.36 -43.20 4.18
CA THR B 456 -13.55 -43.48 5.35
C THR B 456 -13.34 -44.96 5.58
N TYR B 457 -13.83 -45.82 4.69
CA TYR B 457 -13.55 -47.24 4.79
C TYR B 457 -12.48 -47.66 3.80
N SER B 458 -11.88 -46.73 3.07
CA SER B 458 -10.83 -47.06 2.13
C SER B 458 -9.55 -46.34 2.49
N ASN B 459 -8.61 -46.27 1.54
CA ASN B 459 -7.41 -45.47 1.71
C ASN B 459 -7.19 -44.58 0.50
N LYS B 460 -8.26 -44.20 -0.20
CA LYS B 460 -8.08 -43.31 -1.33
C LYS B 460 -8.10 -41.87 -0.86
N PRO B 461 -7.54 -40.95 -1.66
CA PRO B 461 -7.69 -39.53 -1.37
C PRO B 461 -9.12 -39.11 -1.64
N PRO B 462 -9.58 -37.99 -1.08
CA PRO B 462 -10.99 -37.63 -1.19
C PRO B 462 -11.31 -37.06 -2.56
N GLN B 463 -12.59 -37.08 -2.87
CA GLN B 463 -13.10 -36.34 -4.03
C GLN B 463 -13.42 -34.93 -3.59
N ILE B 464 -12.98 -33.95 -4.38
CA ILE B 464 -13.13 -32.54 -4.06
C ILE B 464 -14.05 -31.91 -5.09
N SER B 465 -15.06 -31.19 -4.63
CA SER B 465 -15.90 -30.42 -5.53
C SER B 465 -15.04 -29.45 -6.31
N SER B 466 -15.30 -29.33 -7.62
CA SER B 466 -14.55 -28.37 -8.44
C SER B 466 -15.02 -26.93 -8.23
N THR B 467 -16.18 -26.74 -7.61
CA THR B 467 -16.65 -25.43 -7.18
C THR B 467 -16.21 -25.14 -5.75
N TYR B 468 -15.59 -23.99 -5.54
CA TYR B 468 -15.17 -23.56 -4.21
C TYR B 468 -16.06 -22.45 -3.70
N HIS B 469 -16.18 -22.33 -2.38
CA HIS B 469 -16.77 -21.15 -1.79
C HIS B 469 -15.74 -20.03 -1.71
N LYS B 470 -16.21 -18.78 -1.85
CA LYS B 470 -15.31 -17.63 -1.69
C LYS B 470 -14.68 -17.62 -0.30
N LYS B 471 -15.45 -17.97 0.74
CA LYS B 471 -15.03 -18.01 2.15
C LYS B 471 -15.23 -19.43 2.71
N THR B 472 -15.05 -19.55 4.04
CA THR B 472 -15.01 -20.82 4.77
C THR B 472 -16.31 -21.58 4.65
N VAL B 473 -16.22 -22.91 4.56
CA VAL B 473 -17.39 -23.78 4.63
C VAL B 473 -17.75 -24.00 6.11
N TYR B 474 -18.93 -23.52 6.51
CA TYR B 474 -19.37 -23.67 7.89
C TYR B 474 -20.43 -24.75 8.07
N THR B 475 -21.13 -25.14 7.01
CA THR B 475 -22.18 -26.13 7.15
C THR B 475 -22.15 -27.10 5.98
N LEU B 476 -22.56 -28.32 6.28
CA LEU B 476 -22.80 -29.35 5.28
C LEU B 476 -24.04 -30.10 5.71
N ALA B 477 -24.93 -30.35 4.75
CA ALA B 477 -26.18 -31.02 5.04
C ALA B 477 -26.55 -31.85 3.83
N TRP B 478 -27.01 -33.06 4.09
CA TRP B 478 -27.54 -33.93 3.04
C TRP B 478 -29.05 -33.73 2.97
N GLY B 479 -29.58 -33.64 1.75
CA GLY B 479 -30.99 -33.45 1.57
C GLY B 479 -31.44 -33.82 0.18
N PRO B 480 -32.74 -33.86 -0.04
CA PRO B 480 -33.25 -34.21 -1.38
C PRO B 480 -32.72 -33.24 -2.41
N PRO B 481 -32.40 -33.72 -3.62
CA PRO B 481 -32.03 -32.80 -4.69
C PRO B 481 -33.17 -31.85 -4.99
N VAL B 482 -32.83 -30.65 -5.44
CA VAL B 482 -33.80 -29.66 -5.86
C VAL B 482 -33.43 -29.19 -7.26
N PRO B 483 -34.41 -28.77 -8.04
CA PRO B 483 -34.18 -28.30 -9.41
C PRO B 483 -32.91 -27.45 -9.50
N SER B 495 -29.73 -38.86 -5.89
CA SER B 495 -30.57 -39.53 -4.90
C SER B 495 -30.73 -38.66 -3.64
N LEU B 496 -29.68 -38.55 -2.84
CA LEU B 496 -29.54 -37.46 -1.89
C LEU B 496 -28.43 -36.54 -2.37
N ALA B 497 -28.64 -35.24 -2.25
CA ALA B 497 -27.62 -34.26 -2.63
C ALA B 497 -26.88 -33.76 -1.40
N LEU B 498 -25.77 -33.07 -1.65
CA LEU B 498 -24.90 -32.52 -0.61
C LEU B 498 -24.93 -31.01 -0.70
N TYR B 499 -25.39 -30.36 0.36
CA TYR B 499 -25.48 -28.91 0.43
C TYR B 499 -24.35 -28.36 1.27
N SER B 500 -23.68 -27.34 0.76
CA SER B 500 -22.62 -26.66 1.50
C SER B 500 -22.98 -25.18 1.65
N CYS B 501 -22.57 -24.58 2.76
CA CYS B 501 -22.82 -23.16 3.00
C CYS B 501 -21.52 -22.50 3.36
N GLY B 502 -21.14 -21.46 2.62
CA GLY B 502 -19.90 -20.75 2.87
C GLY B 502 -20.10 -19.39 3.49
N GLY B 503 -19.06 -18.88 4.15
CA GLY B 503 -19.20 -17.62 4.88
C GLY B 503 -19.59 -16.46 4.00
N GLU B 504 -19.30 -16.56 2.70
CA GLU B 504 -19.68 -15.48 1.80
C GLU B 504 -21.19 -15.33 1.69
N GLY B 505 -21.95 -16.39 1.99
CA GLY B 505 -23.41 -16.33 1.99
C GLY B 505 -24.13 -17.20 0.97
N ILE B 506 -23.42 -17.98 0.14
CA ILE B 506 -24.02 -18.84 -0.87
C ILE B 506 -24.21 -20.24 -0.30
N VAL B 507 -25.33 -20.88 -0.66
CA VAL B 507 -25.50 -22.32 -0.44
C VAL B 507 -25.42 -23.02 -1.79
N LEU B 508 -24.51 -23.99 -1.90
CA LEU B 508 -24.25 -24.73 -3.13
C LEU B 508 -24.89 -26.12 -3.05
N GLN B 509 -25.48 -26.57 -4.17
CA GLN B 509 -25.99 -27.93 -4.28
C GLN B 509 -25.01 -28.77 -5.08
N HIS B 510 -24.52 -29.84 -4.48
CA HIS B 510 -23.52 -30.71 -5.08
C HIS B 510 -24.16 -32.04 -5.42
N ASN B 511 -23.75 -32.59 -6.56
CA ASN B 511 -24.06 -33.97 -6.91
C ASN B 511 -22.97 -34.87 -6.36
N PRO B 512 -23.22 -35.63 -5.29
CA PRO B 512 -22.15 -36.46 -4.70
C PRO B 512 -21.58 -37.48 -5.67
N TRP B 513 -22.29 -37.77 -6.77
CA TRP B 513 -21.82 -38.69 -7.78
C TRP B 513 -21.11 -38.00 -8.93
N LYS B 514 -20.97 -36.68 -8.87
CA LYS B 514 -20.30 -35.92 -9.93
C LYS B 514 -19.75 -34.63 -9.34
N LEU B 515 -18.97 -34.77 -8.26
CA LEU B 515 -18.44 -33.63 -7.52
C LEU B 515 -17.63 -32.68 -8.39
N SER B 516 -16.97 -33.20 -9.43
CA SER B 516 -16.27 -32.37 -10.39
C SER B 516 -17.19 -31.82 -11.49
N GLY B 517 -18.50 -31.82 -11.25
CA GLY B 517 -19.45 -31.28 -12.19
C GLY B 517 -19.95 -29.91 -11.76
N GLU B 518 -21.08 -29.51 -12.34
CA GLU B 518 -21.68 -28.23 -11.97
C GLU B 518 -22.22 -28.30 -10.54
N ALA B 519 -22.06 -27.19 -9.82
CA ALA B 519 -22.68 -26.99 -8.51
C ALA B 519 -23.60 -25.78 -8.61
N PHE B 520 -24.78 -25.89 -8.01
CA PHE B 520 -25.84 -24.92 -8.24
C PHE B 520 -26.08 -24.09 -7.00
N ASP B 521 -26.00 -22.77 -7.16
CA ASP B 521 -26.42 -21.82 -6.13
C ASP B 521 -27.95 -21.86 -6.04
N ILE B 522 -28.48 -22.33 -4.91
CA ILE B 522 -29.93 -22.49 -4.79
C ILE B 522 -30.67 -21.16 -4.72
N ASN B 523 -29.95 -20.03 -4.64
CA ASN B 523 -30.62 -18.73 -4.68
C ASN B 523 -31.32 -18.51 -6.02
N LYS B 524 -30.78 -19.09 -7.09
CA LYS B 524 -31.46 -19.09 -8.37
C LYS B 524 -32.87 -19.66 -8.25
N LEU B 525 -33.00 -20.80 -7.59
CA LEU B 525 -34.31 -21.43 -7.47
C LEU B 525 -35.22 -20.67 -6.53
N ILE B 526 -34.65 -20.17 -5.43
CA ILE B 526 -35.41 -19.36 -4.49
C ILE B 526 -36.07 -18.19 -5.21
N ARG B 527 -35.29 -17.44 -5.97
CA ARG B 527 -35.84 -16.28 -6.70
C ARG B 527 -36.94 -16.68 -7.68
N ASP B 528 -36.80 -17.84 -8.34
CA ASP B 528 -37.79 -18.27 -9.31
C ASP B 528 -39.11 -18.68 -8.65
N THR B 529 -39.03 -19.43 -7.54
CA THR B 529 -40.21 -20.04 -6.90
C THR B 529 -41.03 -19.03 -6.13
N ASN B 530 -40.37 -18.11 -5.42
CA ASN B 530 -41.01 -17.19 -4.51
C ASN B 530 -41.07 -15.79 -5.10
N SER B 531 -41.80 -14.91 -4.42
CA SER B 531 -42.05 -13.54 -4.89
C SER B 531 -41.01 -12.62 -4.28
N ILE B 532 -39.95 -12.34 -5.01
CA ILE B 532 -38.77 -11.66 -4.50
C ILE B 532 -38.68 -10.27 -5.13
N LYS B 533 -38.46 -9.25 -4.29
CA LYS B 533 -38.18 -7.90 -4.78
C LYS B 533 -37.02 -7.22 -4.03
N TYR B 534 -36.31 -7.94 -3.16
CA TYR B 534 -35.12 -7.43 -2.49
C TYR B 534 -33.97 -8.39 -2.73
N LYS B 535 -32.74 -7.89 -2.60
CA LYS B 535 -31.60 -8.79 -2.68
C LYS B 535 -31.73 -9.86 -1.61
N LEU B 536 -31.40 -11.10 -1.96
CA LEU B 536 -31.54 -12.20 -1.02
C LEU B 536 -30.54 -12.07 0.14
N PRO B 537 -30.89 -12.56 1.32
CA PRO B 537 -29.98 -12.44 2.46
C PRO B 537 -28.74 -13.30 2.28
N VAL B 538 -27.75 -12.99 3.11
CA VAL B 538 -26.50 -13.75 3.17
C VAL B 538 -26.77 -14.96 4.06
N HIS B 539 -26.89 -16.13 3.44
CA HIS B 539 -27.13 -17.36 4.18
C HIS B 539 -25.87 -17.76 4.95
N THR B 540 -26.04 -18.14 6.21
CA THR B 540 -24.94 -18.54 7.07
C THR B 540 -25.07 -19.95 7.64
N GLU B 541 -26.25 -20.53 7.59
CA GLU B 541 -26.46 -21.84 8.18
C GLU B 541 -27.57 -22.55 7.43
N ILE B 542 -27.39 -23.84 7.20
CA ILE B 542 -28.42 -24.66 6.61
C ILE B 542 -28.70 -25.83 7.54
N SER B 543 -29.95 -26.27 7.58
CA SER B 543 -30.36 -27.40 8.41
C SER B 543 -31.63 -27.99 7.85
N TRP B 544 -31.56 -29.23 7.35
CA TRP B 544 -32.71 -29.98 6.86
C TRP B 544 -33.47 -30.63 8.01
N LYS B 545 -34.79 -30.50 8.00
CA LYS B 545 -35.65 -31.24 8.92
C LYS B 545 -35.46 -32.74 8.72
N ALA B 546 -35.83 -33.51 9.74
CA ALA B 546 -35.51 -34.93 9.73
C ALA B 546 -36.26 -35.67 8.62
N ASP B 547 -37.46 -35.23 8.26
CA ASP B 547 -38.22 -35.89 7.20
C ASP B 547 -37.73 -35.54 5.79
N GLY B 548 -36.85 -34.55 5.64
CA GLY B 548 -36.34 -34.21 4.32
C GLY B 548 -37.26 -33.33 3.50
N LYS B 549 -38.22 -32.70 4.15
CA LYS B 549 -39.22 -31.92 3.45
C LYS B 549 -39.15 -30.44 3.73
N ILE B 550 -38.39 -30.03 4.73
CA ILE B 550 -38.32 -28.64 5.10
C ILE B 550 -36.85 -28.28 5.22
N MET B 551 -36.47 -27.15 4.63
CA MET B 551 -35.10 -26.66 4.74
C MET B 551 -35.10 -25.33 5.45
N ALA B 552 -34.26 -25.20 6.47
CA ALA B 552 -34.07 -23.94 7.18
C ALA B 552 -32.76 -23.30 6.76
N LEU B 553 -32.77 -21.99 6.57
CA LEU B 553 -31.56 -21.21 6.31
C LEU B 553 -31.49 -20.11 7.34
N GLY B 554 -30.39 -20.08 8.08
CA GLY B 554 -30.11 -18.94 8.91
C GLY B 554 -29.35 -17.92 8.08
N ASN B 555 -29.50 -16.65 8.44
CA ASN B 555 -28.86 -15.59 7.71
C ASN B 555 -28.08 -14.66 8.63
N GLU B 556 -27.26 -13.82 7.97
CA GLU B 556 -26.39 -12.88 8.65
C GLU B 556 -27.16 -11.85 9.47
N ASP B 557 -28.34 -11.45 9.03
CA ASP B 557 -29.08 -10.47 9.82
C ASP B 557 -29.83 -11.09 10.98
N GLY B 558 -29.81 -12.40 11.11
CA GLY B 558 -30.43 -13.10 12.22
C GLY B 558 -31.71 -13.82 11.87
N SER B 559 -32.28 -13.47 10.72
CA SER B 559 -33.47 -14.14 10.21
C SER B 559 -33.19 -15.61 9.91
N ILE B 560 -34.23 -16.41 10.07
CA ILE B 560 -34.24 -17.80 9.67
C ILE B 560 -35.41 -17.97 8.71
N GLU B 561 -35.14 -18.57 7.55
CA GLU B 561 -36.17 -18.75 6.54
C GLU B 561 -36.46 -20.23 6.35
N ILE B 562 -37.76 -20.55 6.26
CA ILE B 562 -38.25 -21.91 6.12
C ILE B 562 -38.70 -22.14 4.69
N PHE B 563 -38.17 -23.21 4.09
CA PHE B 563 -38.52 -23.57 2.72
C PHE B 563 -39.06 -24.99 2.73
N GLN B 564 -39.93 -25.28 1.77
CA GLN B 564 -40.53 -26.59 1.61
C GLN B 564 -40.13 -27.17 0.24
N ILE B 565 -40.19 -28.49 0.12
CA ILE B 565 -39.83 -29.15 -1.13
C ILE B 565 -40.99 -29.13 -2.13
N ASN B 567 -39.57 -27.14 -4.95
CA ASN B 567 -38.79 -26.01 -5.45
C ASN B 567 -38.36 -24.95 -4.42
N LEU B 568 -38.24 -25.31 -3.15
CA LEU B 568 -37.81 -24.31 -2.17
C LEU B 568 -38.80 -23.16 -2.07
N LYS B 569 -40.08 -23.50 -1.93
CA LYS B 569 -41.07 -22.48 -1.64
C LYS B 569 -40.91 -22.00 -0.20
N LEU B 570 -40.78 -20.69 -0.03
CA LEU B 570 -40.61 -20.07 1.28
C LEU B 570 -41.96 -19.99 1.97
N ILE B 571 -42.10 -20.62 3.13
CA ILE B 571 -43.37 -20.61 3.84
C ILE B 571 -43.33 -19.80 5.13
N CYS B 572 -42.16 -19.36 5.56
CA CYS B 572 -42.08 -18.69 6.84
C CYS B 572 -40.70 -18.04 7.04
N THR B 573 -40.68 -16.83 7.58
CA THR B 573 -39.42 -16.25 8.01
C THR B 573 -39.51 -16.00 9.51
N ILE B 574 -38.59 -16.58 10.25
CA ILE B 574 -38.47 -16.33 11.67
C ILE B 574 -37.58 -15.12 11.87
N GLN B 575 -38.08 -14.13 12.59
CA GLN B 575 -37.22 -13.00 12.95
C GLN B 575 -37.11 -12.95 14.47
N GLN B 576 -36.03 -13.52 15.02
CA GLN B 576 -35.87 -13.52 16.47
C GLN B 576 -34.46 -13.17 16.88
N HIS B 577 -33.47 -13.89 16.32
CA HIS B 577 -32.09 -13.49 16.48
C HIS B 577 -31.85 -12.17 15.74
N HIS B 578 -31.08 -11.29 16.35
CA HIS B 578 -30.74 -10.00 15.75
C HIS B 578 -29.32 -9.96 15.24
N LYS B 579 -28.65 -11.12 15.15
CA LYS B 579 -27.29 -11.23 14.65
C LYS B 579 -27.14 -12.57 13.93
N LEU B 580 -26.05 -12.68 13.16
CA LEU B 580 -25.70 -13.85 12.35
C LEU B 580 -26.07 -15.16 13.02
N VAL B 581 -26.75 -16.03 12.30
CA VAL B 581 -27.11 -17.34 12.82
C VAL B 581 -25.92 -18.28 12.69
N ASN B 582 -25.61 -19.01 13.78
CA ASN B 582 -24.48 -19.91 13.75
C ASN B 582 -24.87 -21.38 13.65
N THR B 583 -26.08 -21.73 14.09
CA THR B 583 -26.39 -23.14 14.29
C THR B 583 -27.90 -23.30 14.29
N ILE B 584 -28.40 -24.30 13.56
CA ILE B 584 -29.81 -24.68 13.59
C ILE B 584 -29.87 -26.20 13.72
N SER B 585 -30.74 -26.69 14.59
CA SER B 585 -30.91 -28.14 14.70
C SER B 585 -32.37 -28.45 14.88
N TRP B 586 -32.88 -29.37 14.06
CA TRP B 586 -34.26 -29.84 14.20
C TRP B 586 -34.31 -31.05 15.11
N HIS B 587 -35.34 -31.12 15.95
CA HIS B 587 -35.51 -32.22 16.90
C HIS B 587 -35.80 -33.54 16.18
N HIS B 588 -35.22 -34.62 16.68
CA HIS B 588 -35.36 -35.93 16.06
C HIS B 588 -36.83 -36.38 16.05
N GLU B 589 -37.09 -37.47 15.34
CA GLU B 589 -38.45 -37.97 15.14
C GLU B 589 -38.76 -39.18 16.00
N HIS B 590 -37.94 -39.47 17.01
CA HIS B 590 -38.19 -40.56 17.96
C HIS B 590 -38.91 -40.10 19.22
N GLY B 591 -39.32 -38.84 19.29
CA GLY B 591 -39.93 -38.34 20.50
C GLY B 591 -41.17 -39.11 20.90
N SER B 592 -41.52 -38.99 22.18
CA SER B 592 -42.72 -39.64 22.68
C SER B 592 -43.99 -39.03 22.11
N GLN B 593 -43.88 -37.91 21.40
CA GLN B 593 -45.00 -37.22 20.79
C GLN B 593 -44.66 -36.86 19.36
N PRO B 594 -45.66 -36.80 18.48
CA PRO B 594 -45.37 -36.51 17.07
C PRO B 594 -44.95 -35.07 16.81
N GLU B 595 -45.48 -34.11 17.57
CA GLU B 595 -45.22 -32.70 17.31
C GLU B 595 -43.82 -32.27 17.69
N LEU B 596 -43.01 -33.16 18.27
CA LEU B 596 -41.69 -32.76 18.70
C LEU B 596 -40.76 -32.52 17.52
N SER B 597 -40.92 -33.29 16.45
CA SER B 597 -40.08 -33.16 15.26
C SER B 597 -40.27 -31.83 14.53
N TYR B 598 -41.21 -30.98 14.95
CA TYR B 598 -41.40 -29.63 14.44
C TYR B 598 -40.66 -28.57 15.27
N LEU B 599 -39.88 -28.99 16.25
CA LEU B 599 -39.18 -28.04 17.09
C LEU B 599 -37.81 -27.78 16.49
N MET B 600 -37.47 -26.50 16.36
CA MET B 600 -36.22 -26.07 15.78
C MET B 600 -35.51 -25.16 16.78
N ALA B 601 -34.28 -25.53 17.14
CA ALA B 601 -33.44 -24.76 18.04
C ALA B 601 -32.41 -24.02 17.20
N SER B 602 -32.06 -22.82 17.63
CA SER B 602 -31.14 -22.04 16.82
C SER B 602 -30.31 -21.15 17.72
N GLY B 603 -29.08 -20.92 17.29
CA GLY B 603 -28.16 -20.03 17.99
C GLY B 603 -27.46 -19.07 17.04
N SER B 604 -27.26 -17.86 17.52
CA SER B 604 -26.60 -16.77 16.82
C SER B 604 -25.38 -16.25 17.59
N ASN B 605 -24.95 -15.04 17.24
CA ASN B 605 -23.86 -14.35 17.91
C ASN B 605 -24.30 -13.69 19.22
N ASN B 606 -25.61 -13.50 19.45
CA ASN B 606 -26.13 -13.22 20.78
C ASN B 606 -26.11 -14.48 21.63
N ALA B 607 -26.19 -14.31 22.94
CA ALA B 607 -26.06 -15.45 23.85
C ALA B 607 -27.35 -16.24 24.05
N VAL B 608 -28.51 -15.64 23.77
CA VAL B 608 -29.79 -16.30 24.04
C VAL B 608 -30.09 -17.31 22.92
N ILE B 609 -30.47 -18.55 23.31
CA ILE B 609 -30.92 -19.55 22.35
C ILE B 609 -32.44 -19.46 22.24
N TYR B 610 -32.97 -19.81 21.07
CA TYR B 610 -34.40 -19.89 20.87
C TYR B 610 -34.77 -21.25 20.32
N VAL B 611 -36.00 -21.64 20.62
CA VAL B 611 -36.66 -22.82 20.07
C VAL B 611 -37.94 -22.32 19.43
N HIS B 612 -38.20 -22.74 18.20
CA HIS B 612 -39.47 -22.44 17.54
C HIS B 612 -40.19 -23.74 17.22
N ASN B 613 -41.51 -23.69 17.28
CA ASN B 613 -42.38 -24.81 16.94
C ASN B 613 -43.07 -24.47 15.64
N LEU B 614 -42.82 -25.24 14.60
CA LEU B 614 -43.33 -24.91 13.27
C LEU B 614 -44.45 -25.85 12.82
N LYS B 615 -45.17 -26.46 13.77
CA LYS B 615 -46.24 -27.37 13.39
C LYS B 615 -47.36 -26.64 12.65
N THR B 616 -47.66 -25.40 13.06
CA THR B 616 -48.69 -24.62 12.38
C THR B 616 -48.30 -24.34 10.93
N VAL B 617 -47.20 -23.60 10.71
CA VAL B 617 -46.92 -23.11 9.36
C VAL B 617 -46.75 -24.26 8.39
N ILE B 618 -46.09 -25.34 8.81
CA ILE B 618 -45.77 -26.42 7.89
C ILE B 618 -47.01 -27.23 7.53
N GLU B 619 -47.91 -27.44 8.50
CA GLU B 619 -49.16 -28.11 8.20
C GLU B 619 -50.12 -27.17 7.46
N SER B 620 -50.00 -25.87 7.68
CA SER B 620 -50.80 -24.92 6.90
C SER B 620 -50.36 -24.87 5.44
N SER B 621 -49.06 -24.92 5.17
CA SER B 621 -48.52 -24.80 3.82
C SER B 621 -49.16 -23.62 3.09
N PRO B 622 -48.94 -22.40 3.55
CA PRO B 622 -49.66 -21.25 2.99
C PRO B 622 -49.09 -20.84 1.64
N GLU B 623 -49.98 -20.37 0.76
CA GLU B 623 -49.51 -19.92 -0.55
C GLU B 623 -48.75 -18.61 -0.48
N SER B 624 -48.81 -17.91 0.65
CA SER B 624 -48.05 -16.68 0.89
C SER B 624 -47.35 -16.78 2.25
N PRO B 625 -46.06 -16.43 2.33
CA PRO B 625 -45.29 -16.72 3.55
C PRO B 625 -45.62 -15.80 4.71
N VAL B 626 -45.42 -16.34 5.91
CA VAL B 626 -45.78 -15.70 7.18
C VAL B 626 -44.49 -15.39 7.93
N THR B 627 -44.49 -14.30 8.68
CA THR B 627 -43.35 -13.96 9.51
C THR B 627 -43.69 -14.23 10.97
N ILE B 628 -42.81 -14.97 11.66
CA ILE B 628 -42.98 -15.32 13.06
C ILE B 628 -42.08 -14.42 13.90
N THR B 629 -42.63 -13.88 14.99
CA THR B 629 -41.95 -12.85 15.79
C THR B 629 -41.69 -13.27 17.22
N GLU B 630 -42.25 -14.39 17.65
CA GLU B 630 -42.20 -14.77 19.05
C GLU B 630 -41.74 -16.21 19.18
N PRO B 631 -40.98 -16.53 20.22
CA PRO B 631 -40.42 -17.87 20.34
C PRO B 631 -41.38 -18.84 21.01
N TYR B 632 -41.19 -20.11 20.71
CA TYR B 632 -41.84 -21.15 21.49
C TYR B 632 -41.19 -21.26 22.88
N ARG B 633 -39.86 -21.34 22.93
CA ARG B 633 -39.12 -21.34 24.18
C ARG B 633 -37.87 -20.48 24.05
N THR B 634 -37.40 -20.01 25.18
CA THR B 634 -36.22 -19.16 25.27
C THR B 634 -35.24 -19.73 26.31
N LEU B 635 -33.98 -19.95 25.90
CA LEU B 635 -32.94 -20.49 26.78
C LEU B 635 -31.92 -19.39 27.03
N SER B 636 -32.10 -18.65 28.13
CA SER B 636 -31.13 -17.64 28.55
C SER B 636 -30.14 -18.25 29.55
N GLY B 637 -28.91 -17.75 29.49
CA GLY B 637 -27.87 -18.16 30.40
C GLY B 637 -26.46 -17.92 29.90
N HIS B 638 -26.18 -18.29 28.65
CA HIS B 638 -24.87 -18.11 28.10
C HIS B 638 -24.49 -16.63 28.06
N THR B 639 -23.20 -16.39 27.91
CA THR B 639 -22.55 -15.08 28.10
C THR B 639 -21.86 -14.61 26.83
N ALA B 640 -21.83 -15.46 25.80
CA ALA B 640 -21.13 -15.15 24.57
C ALA B 640 -21.85 -15.90 23.45
N LYS B 641 -21.29 -15.84 22.24
CA LYS B 641 -22.00 -16.36 21.08
C LYS B 641 -22.18 -17.87 21.18
N ILE B 642 -23.12 -18.39 20.39
CA ILE B 642 -23.50 -19.79 20.40
C ILE B 642 -23.05 -20.41 19.09
N THR B 643 -22.07 -21.33 19.16
CA THR B 643 -21.46 -21.93 17.99
C THR B 643 -22.18 -23.19 17.52
N SER B 644 -22.95 -23.86 18.39
CA SER B 644 -23.48 -25.15 18.01
C SER B 644 -24.53 -25.57 19.03
N VAL B 645 -25.62 -26.20 18.55
CA VAL B 645 -26.64 -26.79 19.42
C VAL B 645 -27.02 -28.14 18.84
N ALA B 646 -27.60 -28.98 19.70
CA ALA B 646 -27.90 -30.36 19.31
C ALA B 646 -28.95 -30.88 20.27
N TRP B 647 -29.89 -31.64 19.74
CA TRP B 647 -30.90 -32.31 20.54
C TRP B 647 -30.37 -33.68 20.96
N SER B 648 -30.76 -34.09 22.15
CA SER B 648 -30.41 -35.44 22.60
C SER B 648 -31.27 -36.47 21.87
N PRO B 649 -30.68 -37.53 21.33
CA PRO B 649 -31.48 -38.60 20.71
C PRO B 649 -32.17 -39.52 21.70
N HIS B 650 -31.85 -39.41 22.99
CA HIS B 650 -32.39 -40.27 24.03
C HIS B 650 -33.52 -39.63 24.79
N HIS B 651 -33.87 -38.39 24.48
CA HIS B 651 -34.81 -37.63 25.29
C HIS B 651 -35.76 -36.87 24.39
N ASP B 652 -36.83 -36.39 25.02
CA ASP B 652 -37.75 -35.41 24.47
C ASP B 652 -37.28 -34.01 24.86
N GLY B 653 -37.08 -33.14 23.88
CA GLY B 653 -36.79 -31.73 24.16
C GLY B 653 -35.57 -31.44 25.02
N ARG B 654 -34.50 -32.22 24.91
CA ARG B 654 -33.30 -31.95 25.69
C ARG B 654 -32.21 -31.43 24.77
N LEU B 655 -31.72 -30.24 25.08
CA LEU B 655 -30.80 -29.58 24.17
C LEU B 655 -29.44 -29.41 24.86
N VAL B 656 -28.38 -29.50 24.08
CA VAL B 656 -27.06 -29.13 24.54
C VAL B 656 -26.54 -28.04 23.62
N SER B 657 -25.92 -27.03 24.22
CA SER B 657 -25.46 -25.85 23.51
C SER B 657 -24.00 -25.57 23.86
N ALA B 658 -23.23 -25.18 22.84
CA ALA B 658 -21.82 -24.84 22.97
C ALA B 658 -21.65 -23.34 22.78
N SER B 659 -20.95 -22.69 23.70
CA SER B 659 -20.81 -21.25 23.68
C SER B 659 -19.36 -20.79 23.73
N TYR B 660 -19.17 -19.55 23.28
CA TYR B 660 -17.92 -18.86 23.49
C TYR B 660 -17.67 -18.53 24.94
N ASP B 661 -18.70 -18.63 25.76
CA ASP B 661 -18.69 -18.73 27.23
C ASP B 661 -17.50 -19.49 27.79
N GLY B 662 -16.95 -20.43 27.03
CA GLY B 662 -16.16 -21.51 27.53
C GLY B 662 -16.92 -22.70 28.08
N THR B 663 -18.24 -22.66 28.09
CA THR B 663 -19.00 -23.75 28.65
C THR B 663 -19.95 -24.37 27.61
N ALA B 664 -20.42 -25.58 27.92
CA ALA B 664 -21.52 -26.24 27.23
C ALA B 664 -22.66 -26.42 28.23
N GLN B 665 -23.90 -26.21 27.77
CA GLN B 665 -25.06 -26.18 28.66
C GLN B 665 -26.08 -27.20 28.20
N VAL B 666 -26.56 -28.03 29.14
CA VAL B 666 -27.66 -28.93 28.89
C VAL B 666 -28.94 -28.28 29.43
N TRP B 667 -29.96 -28.19 28.57
CA TRP B 667 -31.25 -27.59 28.84
C TRP B 667 -32.34 -28.62 28.72
N ASP B 668 -33.33 -28.53 29.61
CA ASP B 668 -34.66 -29.05 29.29
C ASP B 668 -35.37 -27.95 28.53
N ALA B 669 -35.36 -28.06 27.20
CA ALA B 669 -35.88 -26.95 26.39
C ALA B 669 -37.36 -26.70 26.66
N LEU B 670 -38.14 -27.77 26.88
CA LEU B 670 -39.59 -27.57 27.00
C LEU B 670 -39.96 -26.85 28.29
N ARG B 671 -39.25 -27.12 29.38
CA ARG B 671 -39.46 -26.42 30.63
C ARG B 671 -38.49 -25.27 30.85
N GLU B 672 -37.63 -24.97 29.87
CA GLU B 672 -36.70 -23.83 29.92
C GLU B 672 -35.82 -23.87 31.17
N GLU B 673 -35.42 -25.07 31.56
CA GLU B 673 -34.62 -25.18 32.75
C GLU B 673 -33.20 -25.54 32.37
N PRO B 674 -32.19 -24.84 32.89
CA PRO B 674 -30.81 -25.29 32.71
C PRO B 674 -30.56 -26.49 33.63
N LEU B 675 -29.95 -27.53 33.07
CA LEU B 675 -29.75 -28.76 33.80
C LEU B 675 -28.31 -28.92 34.29
N CYS B 676 -27.33 -28.74 33.41
CA CYS B 676 -25.96 -28.82 33.87
C CYS B 676 -25.05 -28.10 32.88
N ASN B 677 -23.92 -27.63 33.40
CA ASN B 677 -23.00 -26.79 32.66
C ASN B 677 -21.61 -27.40 32.73
N PHE B 678 -21.02 -27.70 31.58
CA PHE B 678 -19.71 -28.33 31.55
C PHE B 678 -18.62 -27.27 31.37
N ARG B 679 -17.71 -27.22 32.35
CA ARG B 679 -16.65 -26.20 32.41
C ARG B 679 -15.25 -26.78 32.25
N GLY B 680 -15.11 -27.98 31.69
CA GLY B 680 -13.77 -28.52 31.67
C GLY B 680 -12.91 -28.00 30.56
N HIS B 681 -13.48 -27.27 29.62
CA HIS B 681 -12.64 -26.67 28.61
C HIS B 681 -11.94 -25.46 29.16
N ARG B 682 -10.88 -25.08 28.45
CA ARG B 682 -10.14 -23.91 28.81
C ARG B 682 -10.30 -22.77 27.79
N GLY B 683 -10.92 -23.05 26.64
CA GLY B 683 -11.15 -22.02 25.68
C GLY B 683 -12.58 -21.96 25.18
N ARG B 684 -12.78 -21.34 24.03
CA ARG B 684 -14.10 -21.17 23.45
C ARG B 684 -14.56 -22.46 22.78
N LEU B 685 -15.77 -22.91 23.09
CA LEU B 685 -16.27 -24.13 22.48
C LEU B 685 -16.73 -23.87 21.05
N LEU B 686 -16.65 -24.90 20.23
CA LEU B 686 -17.08 -24.78 18.84
C LEU B 686 -18.08 -25.83 18.42
N CYS B 687 -18.22 -26.94 19.13
CA CYS B 687 -19.03 -28.04 18.64
C CYS B 687 -19.39 -28.96 19.80
N VAL B 688 -20.61 -29.52 19.73
CA VAL B 688 -21.14 -30.48 20.69
C VAL B 688 -21.81 -31.59 19.91
N ALA B 689 -21.91 -32.75 20.53
CA ALA B 689 -22.43 -33.94 19.86
C ALA B 689 -22.79 -34.92 20.95
N TRP B 690 -24.07 -35.25 21.03
CA TRP B 690 -24.50 -36.21 22.01
C TRP B 690 -24.01 -37.59 21.59
N SER B 691 -23.53 -38.34 22.57
CA SER B 691 -23.22 -39.73 22.33
C SER B 691 -24.47 -40.45 21.87
N PRO B 692 -24.42 -41.18 20.75
CA PRO B 692 -25.57 -41.96 20.32
C PRO B 692 -25.85 -43.17 21.18
N LEU B 693 -24.98 -43.47 22.14
CA LEU B 693 -25.01 -44.71 22.90
C LEU B 693 -25.44 -44.51 24.33
N ASP B 694 -24.84 -43.52 24.98
CA ASP B 694 -25.04 -43.27 26.39
C ASP B 694 -25.87 -42.00 26.59
N PRO B 695 -27.07 -42.10 27.16
CA PRO B 695 -27.86 -40.88 27.40
C PRO B 695 -27.20 -39.86 28.33
N ASP B 696 -26.11 -40.20 29.01
CA ASP B 696 -25.50 -39.25 29.93
C ASP B 696 -24.24 -38.64 29.39
N CYS B 697 -23.91 -38.92 28.13
CA CYS B 697 -22.57 -38.70 27.65
C CYS B 697 -22.60 -37.75 26.46
N ILE B 698 -21.74 -36.73 26.51
CA ILE B 698 -21.66 -35.69 25.50
C ILE B 698 -20.20 -35.42 25.15
N TYR B 699 -19.94 -35.12 23.89
CA TYR B 699 -18.63 -34.75 23.40
C TYR B 699 -18.66 -33.29 22.99
N SER B 700 -17.57 -32.58 23.25
CA SER B 700 -17.48 -31.18 22.89
C SER B 700 -16.02 -30.84 22.59
N GLY B 701 -15.85 -29.93 21.62
CA GLY B 701 -14.53 -29.52 21.18
C GLY B 701 -14.39 -28.02 21.27
N ALA B 702 -13.15 -27.55 21.39
CA ALA B 702 -12.97 -26.13 21.66
C ALA B 702 -11.68 -25.62 21.01
N ASP B 703 -11.47 -24.32 21.10
CA ASP B 703 -10.26 -23.73 20.55
C ASP B 703 -9.05 -23.98 21.47
N ASP B 704 -9.23 -24.73 22.55
CA ASP B 704 -8.14 -25.18 23.41
C ASP B 704 -7.49 -26.46 22.89
N PHE B 705 -7.79 -26.86 21.65
CA PHE B 705 -7.21 -28.04 21.00
C PHE B 705 -7.64 -29.33 21.70
N CYS B 706 -8.81 -29.35 22.35
CA CYS B 706 -9.27 -30.52 23.09
C CYS B 706 -10.64 -30.96 22.63
N VAL B 707 -10.88 -32.27 22.68
CA VAL B 707 -12.20 -32.84 22.69
C VAL B 707 -12.38 -33.53 24.03
N HIS B 708 -13.38 -33.11 24.81
CA HIS B 708 -13.73 -33.75 26.06
C HIS B 708 -15.01 -34.57 25.89
N LYS B 709 -14.99 -35.78 26.42
CA LYS B 709 -16.18 -36.59 26.58
C LYS B 709 -16.50 -36.56 28.06
N TRP B 710 -17.65 -36.01 28.40
CA TRP B 710 -18.04 -35.83 29.78
C TRP B 710 -19.44 -36.42 30.00
N LEU B 711 -19.86 -36.41 31.25
CA LEU B 711 -21.13 -37.01 31.68
C LEU B 711 -21.97 -35.95 32.37
N THR B 712 -23.26 -35.87 31.99
CA THR B 712 -24.15 -34.85 32.53
C THR B 712 -24.37 -35.06 34.03
N SER B 713 -24.24 -36.29 34.51
CA SER B 713 -24.49 -36.49 35.93
C SER B 713 -23.28 -36.21 36.81
N MET B 714 -22.12 -35.95 36.21
CA MET B 714 -20.90 -35.70 36.98
C MET B 714 -20.64 -34.21 37.21
N GLN B 715 -21.52 -33.32 36.79
CA GLN B 715 -21.18 -31.90 36.76
C GLN B 715 -21.52 -31.21 38.07
N ASP B 716 -20.65 -30.28 38.49
CA ASP B 716 -20.92 -29.55 39.71
C ASP B 716 -21.92 -28.42 39.52
N HIS B 717 -22.11 -27.96 38.29
CA HIS B 717 -22.77 -26.70 38.00
C HIS B 717 -23.94 -26.91 37.07
N SER B 718 -25.00 -26.14 37.29
CA SER B 718 -26.22 -26.33 36.52
C SER B 718 -26.49 -25.27 35.48
N ARG B 719 -25.86 -24.10 35.58
CA ARG B 719 -26.08 -22.97 34.69
C ARG B 719 -24.75 -22.45 34.18
N PRO B 720 -24.77 -21.63 33.13
CA PRO B 720 -23.53 -21.00 32.68
C PRO B 720 -23.08 -19.95 33.68
N PRO B 721 -21.77 -19.73 33.81
CA PRO B 721 -21.26 -18.71 34.74
C PRO B 721 -21.74 -17.31 34.42
N GLN B 722 -21.58 -16.45 35.42
CA GLN B 722 -21.75 -15.01 35.33
C GLN B 722 -20.83 -14.43 34.25
N GLN C 3 56.96 35.90 19.11
CA GLN C 3 56.54 34.92 20.10
C GLN C 3 55.95 33.73 19.37
N GLU C 4 55.54 32.71 20.10
CA GLU C 4 54.95 31.55 19.46
C GLU C 4 53.61 31.26 20.13
N PRO C 5 52.70 30.60 19.43
CA PRO C 5 51.33 30.50 19.94
C PRO C 5 51.26 29.61 21.16
N ARG C 6 50.28 29.88 22.02
CA ARG C 6 50.06 29.09 23.22
C ARG C 6 48.57 28.75 23.34
N THR C 7 48.27 27.62 23.98
CA THR C 7 46.90 27.18 24.16
C THR C 7 46.70 26.79 25.61
N LEU C 8 45.78 27.47 26.28
CA LEU C 8 45.24 27.04 27.58
C LEU C 8 44.06 26.10 27.38
N PRO C 9 44.26 24.77 27.48
CA PRO C 9 43.25 23.83 26.96
C PRO C 9 42.15 23.55 27.97
N PRO C 10 41.12 22.82 27.57
CA PRO C 10 40.15 22.29 28.55
C PRO C 10 40.78 21.22 29.43
N SER C 11 40.26 21.10 30.64
CA SER C 11 40.66 20.04 31.57
C SER C 11 40.63 18.65 30.93
N PRO C 12 41.66 17.82 31.15
CA PRO C 12 41.55 16.39 30.86
C PRO C 12 40.30 15.79 31.46
N ASN C 13 39.72 14.83 30.75
CA ASN C 13 38.45 14.25 31.17
C ASN C 13 38.63 13.32 32.38
N TRP C 14 37.63 13.31 33.25
CA TRP C 14 37.70 12.55 34.49
C TRP C 14 37.13 11.15 34.34
N TYR C 15 37.65 10.24 35.18
CA TYR C 15 37.03 8.93 35.42
C TYR C 15 37.12 8.02 34.18
N CYS C 16 38.21 8.15 33.44
CA CYS C 16 38.45 7.32 32.27
C CYS C 16 39.68 6.48 32.53
N ALA C 17 39.58 5.18 32.31
CA ALA C 17 40.73 4.34 32.59
C ALA C 17 41.88 4.63 31.63
N ARG C 18 41.59 4.96 30.37
CA ARG C 18 42.67 5.38 29.47
C ARG C 18 42.13 6.41 28.46
N CYS C 19 42.33 7.70 28.74
CA CYS C 19 42.03 8.71 27.74
C CYS C 19 43.17 9.71 27.58
N SER C 20 44.39 9.30 27.87
CA SER C 20 45.61 9.96 27.46
C SER C 20 46.65 8.90 27.14
N ASP C 21 47.66 9.28 26.40
CA ASP C 21 48.70 8.33 26.03
C ASP C 21 49.82 9.11 25.35
N ALA C 22 50.98 8.48 25.21
CA ALA C 22 52.18 9.15 24.68
C ALA C 22 53.01 8.17 23.88
N VAL C 23 53.70 8.69 22.87
CA VAL C 23 54.63 7.91 22.06
C VAL C 23 56.02 8.51 22.24
N PRO C 24 57.06 7.76 21.90
CA PRO C 24 58.41 8.23 22.25
C PRO C 24 58.81 9.41 21.38
N GLY C 25 59.88 10.07 21.82
CA GLY C 25 60.43 11.19 21.09
C GLY C 25 59.83 12.43 21.70
N GLY C 26 58.51 12.47 21.69
CA GLY C 26 57.83 13.43 22.50
C GLY C 26 56.47 13.88 22.04
N LEU C 27 55.48 12.99 21.95
CA LEU C 27 54.09 13.42 21.73
C LEU C 27 53.16 12.84 22.80
N PHE C 28 52.36 13.71 23.41
CA PHE C 28 51.40 13.34 24.45
C PHE C 28 50.04 13.81 24.00
N GLY C 29 49.05 12.92 24.03
CA GLY C 29 47.67 13.28 23.74
C GLY C 29 46.80 13.03 24.96
N PHE C 30 45.90 13.99 25.26
CA PHE C 30 44.88 13.78 26.28
C PHE C 30 43.49 14.21 25.77
N ALA C 31 42.48 13.50 26.23
CA ALA C 31 41.09 13.79 25.93
C ALA C 31 40.54 14.87 26.86
N ALA C 32 40.10 15.98 26.24
CA ALA C 32 39.50 17.10 26.95
C ALA C 32 38.17 17.34 26.24
N ARG C 33 37.07 17.25 26.99
CA ARG C 33 35.73 17.42 26.45
C ARG C 33 35.49 16.55 25.21
N THR C 34 35.31 17.18 24.05
CA THR C 34 35.08 16.42 22.82
C THR C 34 36.30 16.31 21.92
N SER C 35 37.47 16.78 22.34
CA SER C 35 38.67 16.72 21.55
C SER C 35 39.79 15.95 22.27
N VAL C 36 40.86 15.72 21.51
CA VAL C 36 42.13 15.25 22.03
C VAL C 36 43.18 16.32 21.75
N PHE C 37 43.87 16.77 22.79
CA PHE C 37 44.88 17.81 22.63
C PHE C 37 46.25 17.15 22.59
N LEU C 38 47.07 17.60 21.64
CA LEU C 38 48.38 17.02 21.41
C LEU C 38 49.45 17.98 21.92
N VAL C 39 50.42 17.43 22.65
CA VAL C 39 51.51 18.19 23.25
C VAL C 39 52.84 17.58 22.81
N ARG C 40 53.67 18.38 22.18
CA ARG C 40 55.02 17.96 21.86
C ARG C 40 55.85 18.16 23.14
N VAL C 41 56.61 17.13 23.53
CA VAL C 41 57.39 17.14 24.76
C VAL C 41 58.82 16.81 24.39
N GLY C 42 59.77 17.52 24.98
CA GLY C 42 61.17 17.27 24.72
C GLY C 42 61.88 18.26 23.81
N PRO C 43 63.07 17.89 23.37
CA PRO C 43 63.87 18.74 22.49
C PRO C 43 63.09 19.23 21.27
N GLY C 44 62.38 18.32 20.61
CA GLY C 44 61.60 18.67 19.43
C GLY C 44 60.44 19.59 19.72
N ALA C 45 60.37 20.10 20.95
CA ALA C 45 59.29 20.99 21.36
C ALA C 45 59.50 22.41 20.85
N GLY C 46 60.75 22.74 20.50
CA GLY C 46 61.08 24.06 20.01
C GLY C 46 60.88 25.12 21.07
N GLU C 47 61.66 25.02 22.14
CA GLU C 47 61.56 25.98 23.24
C GLU C 47 62.93 26.48 23.68
N SER C 48 62.95 27.66 24.28
CA SER C 48 64.20 28.25 24.76
C SER C 48 64.70 27.53 26.00
N PRO C 49 66.01 27.63 26.25
CA PRO C 49 66.62 26.98 27.40
C PRO C 49 66.16 27.62 28.71
N GLY C 50 66.16 26.85 29.79
CA GLY C 50 65.71 27.40 31.07
C GLY C 50 64.19 27.48 31.17
N THR C 51 63.49 27.04 30.12
CA THR C 51 62.03 26.99 30.13
C THR C 51 61.54 25.56 29.98
N PRO C 52 60.21 25.40 29.96
CA PRO C 52 59.61 24.07 29.84
C PRO C 52 59.59 23.55 28.40
N PRO C 53 60.18 22.37 28.21
CA PRO C 53 60.28 21.71 26.92
C PRO C 53 58.99 21.10 26.38
N PHE C 54 57.88 21.83 26.42
CA PHE C 54 56.65 21.27 25.87
C PHE C 54 55.84 22.38 25.19
N ARG C 55 54.99 21.96 24.25
CA ARG C 55 54.12 22.85 23.48
C ARG C 55 52.86 22.12 23.05
N VAL C 56 51.70 22.72 23.29
CA VAL C 56 50.47 22.26 22.64
C VAL C 56 50.60 22.49 21.13
N ILE C 57 50.51 21.44 20.33
CA ILE C 57 50.73 21.58 18.88
C ILE C 57 49.46 21.47 18.08
N GLY C 58 48.37 20.99 18.65
CA GLY C 58 47.27 20.63 17.80
C GLY C 58 46.17 19.97 18.60
N GLU C 59 45.09 19.70 17.89
CA GLU C 59 43.85 19.22 18.48
C GLU C 59 43.21 18.26 17.49
N LEU C 60 42.71 17.15 18.01
CA LEU C 60 42.00 16.13 17.22
C LEU C 60 40.51 16.43 17.32
N VAL C 61 39.97 17.02 16.26
CA VAL C 61 38.61 17.57 16.26
C VAL C 61 37.70 16.71 15.40
N GLY C 62 36.56 16.31 15.96
CA GLY C 62 35.67 15.54 15.13
C GLY C 62 34.61 14.79 15.90
N HIS C 63 34.89 14.41 17.16
CA HIS C 63 33.84 13.77 17.92
C HIS C 63 32.77 14.78 18.31
N THR C 64 31.56 14.27 18.49
CA THR C 64 30.37 15.05 18.75
C THR C 64 30.00 15.05 20.23
N GLU C 65 30.59 14.14 21.03
CA GLU C 65 30.33 14.04 22.45
C GLU C 65 31.64 13.72 23.16
N ARG C 66 31.56 13.63 24.50
CA ARG C 66 32.73 13.40 25.35
C ARG C 66 33.62 12.27 24.83
N VAL C 67 34.92 12.54 24.74
CA VAL C 67 35.91 11.51 24.36
C VAL C 67 36.24 10.70 25.61
N SER C 68 36.02 9.39 25.53
CA SER C 68 36.16 8.57 26.71
C SER C 68 37.44 7.71 26.69
N GLY C 69 38.19 7.75 25.59
CA GLY C 69 39.36 6.90 25.46
C GLY C 69 40.26 7.40 24.36
N PHE C 70 41.55 7.13 24.50
CA PHE C 70 42.55 7.57 23.55
C PHE C 70 43.76 6.65 23.69
N THR C 71 44.29 6.17 22.57
CA THR C 71 45.41 5.26 22.60
C THR C 71 46.23 5.45 21.33
N PHE C 72 47.53 5.64 21.49
CA PHE C 72 48.42 5.68 20.34
C PHE C 72 48.70 4.26 19.87
N SER C 73 49.06 4.14 18.59
CA SER C 73 49.80 2.97 18.13
C SER C 73 51.24 3.08 18.60
N HIS C 74 51.76 2.01 19.19
CA HIS C 74 53.13 1.99 19.68
C HIS C 74 54.02 1.12 18.80
N HIS C 75 53.63 0.96 17.54
CA HIS C 75 54.47 0.26 16.58
C HIS C 75 55.41 1.25 15.88
N PRO C 76 56.72 1.00 15.91
CA PRO C 76 57.66 1.90 15.20
C PRO C 76 57.24 2.13 13.74
N GLY C 77 57.60 3.30 13.21
CA GLY C 77 57.20 3.71 11.89
C GLY C 77 55.73 4.08 11.76
N GLN C 78 54.93 3.81 12.79
CA GLN C 78 53.50 4.03 12.75
C GLN C 78 53.03 4.77 14.00
N TYR C 79 53.93 5.50 14.67
CA TYR C 79 53.59 6.21 15.91
C TYR C 79 52.64 7.36 15.68
N ASN C 80 52.34 7.70 14.44
CA ASN C 80 51.49 8.84 14.17
C ASN C 80 50.00 8.48 14.20
N LEU C 81 49.65 7.19 14.20
CA LEU C 81 48.27 6.75 14.30
C LEU C 81 47.81 6.60 15.76
N CYS C 82 46.54 6.88 16.00
CA CYS C 82 45.94 6.71 17.31
C CYS C 82 44.45 6.49 17.11
N ALA C 83 43.80 6.07 18.18
CA ALA C 83 42.37 5.79 18.13
C ALA C 83 41.69 6.39 19.35
N THR C 84 40.47 6.87 19.13
CA THR C 84 39.66 7.48 20.18
C THR C 84 38.34 6.75 20.25
N SER C 85 37.66 6.89 21.39
CA SER C 85 36.28 6.46 21.55
C SER C 85 35.50 7.58 22.20
N SER C 86 34.20 7.59 21.98
CA SER C 86 33.41 8.74 22.38
C SER C 86 32.00 8.29 22.77
N ASP C 87 31.42 9.06 23.70
CA ASP C 87 29.98 8.98 23.96
C ASP C 87 29.13 9.28 22.72
N ASP C 88 29.70 9.71 21.59
CA ASP C 88 28.85 9.83 20.41
C ASP C 88 28.62 8.48 19.76
N GLY C 89 29.26 7.44 20.28
CA GLY C 89 29.09 6.08 19.84
C GLY C 89 30.17 5.58 18.91
N THR C 90 31.07 6.45 18.46
CA THR C 90 32.02 6.07 17.42
C THR C 90 33.40 5.79 17.99
N VAL C 91 34.15 4.97 17.25
CA VAL C 91 35.58 4.77 17.42
C VAL C 91 36.26 5.28 16.14
N LYS C 92 37.21 6.19 16.26
CA LYS C 92 37.88 6.76 15.09
C LYS C 92 39.38 6.52 15.16
N ILE C 93 39.98 6.20 14.02
CA ILE C 93 41.44 6.15 13.88
C ILE C 93 41.89 7.46 13.27
N TRP C 94 42.93 8.05 13.84
CA TRP C 94 43.41 9.34 13.38
C TRP C 94 44.84 9.25 12.85
N ASP C 95 45.24 10.29 12.14
CA ASP C 95 46.62 10.52 11.76
C ASP C 95 47.02 11.86 12.38
N VAL C 96 47.96 11.86 13.31
CA VAL C 96 48.33 13.13 13.94
C VAL C 96 49.22 14.00 13.03
N GLU C 97 49.78 13.47 11.95
CA GLU C 97 50.38 14.35 10.95
C GLU C 97 49.34 15.33 10.41
N THR C 98 48.16 14.81 10.00
CA THR C 98 47.13 15.63 9.38
C THR C 98 46.03 16.09 10.32
N LYS C 99 45.98 15.55 11.55
CA LYS C 99 44.84 15.70 12.47
C LYS C 99 43.51 15.35 11.80
N THR C 100 43.51 14.36 10.92
CA THR C 100 42.31 13.91 10.22
C THR C 100 42.02 12.44 10.51
N VAL C 101 40.76 12.06 10.28
CA VAL C 101 40.27 10.71 10.56
C VAL C 101 40.66 9.77 9.43
N VAL C 102 41.50 8.78 9.73
CA VAL C 102 41.84 7.76 8.73
C VAL C 102 40.60 6.91 8.44
N THR C 103 39.92 6.48 9.50
CA THR C 103 38.77 5.60 9.38
C THR C 103 38.07 5.56 10.73
N GLU C 104 36.83 5.05 10.73
CA GLU C 104 36.07 5.03 11.97
C GLU C 104 35.01 3.95 11.91
N HIS C 105 34.55 3.53 13.08
CA HIS C 105 33.48 2.54 13.13
C HIS C 105 32.46 2.96 14.19
N ALA C 106 31.30 2.32 14.15
CA ALA C 106 30.20 2.59 15.08
C ALA C 106 29.54 1.29 15.48
N LEU C 107 30.38 0.26 15.71
CA LEU C 107 29.87 -1.09 15.98
C LEU C 107 29.30 -1.30 17.36
N HIS C 108 29.72 -0.50 18.33
CA HIS C 108 29.17 -0.58 19.66
C HIS C 108 27.71 -0.12 19.64
N GLN C 109 26.89 -0.76 20.46
CA GLN C 109 25.50 -0.36 20.63
C GLN C 109 25.20 0.19 22.01
N HIS C 110 26.19 0.23 22.90
CA HIS C 110 26.01 0.89 24.18
C HIS C 110 27.23 1.76 24.41
N THR C 111 27.18 2.54 25.49
CA THR C 111 28.22 3.51 25.78
C THR C 111 29.59 2.83 25.94
N ILE C 112 30.54 3.27 25.13
CA ILE C 112 31.89 2.72 25.17
C ILE C 112 32.56 3.11 26.48
N SER C 113 33.32 2.18 27.06
CA SER C 113 34.06 2.47 28.27
C SER C 113 35.47 2.94 27.97
N THR C 114 36.18 2.21 27.10
CA THR C 114 37.57 2.49 26.81
C THR C 114 37.95 1.74 25.53
N LEU C 115 39.21 1.87 25.13
CA LEU C 115 39.76 1.11 24.02
C LEU C 115 41.25 1.01 24.20
N HIS C 116 41.86 0.10 23.45
CA HIS C 116 43.31 -0.09 23.51
C HIS C 116 43.81 -0.47 22.12
N TRP C 117 44.86 0.19 21.65
CA TRP C 117 45.58 -0.24 20.46
C TRP C 117 46.45 -1.42 20.81
N SER C 118 46.34 -2.51 20.06
CA SER C 118 47.13 -3.71 20.33
C SER C 118 48.62 -3.43 20.20
N PRO C 119 49.42 -3.68 21.24
CA PRO C 119 50.87 -3.54 21.09
C PRO C 119 51.48 -4.52 20.11
N ARG C 120 50.71 -5.47 19.59
CA ARG C 120 51.31 -6.52 18.78
C ARG C 120 50.75 -6.64 17.38
N VAL C 121 49.46 -6.40 17.18
CA VAL C 121 48.87 -6.40 15.84
C VAL C 121 48.83 -4.97 15.37
N LYS C 122 49.54 -4.68 14.27
CA LYS C 122 49.74 -3.31 13.84
C LYS C 122 48.44 -2.52 13.65
N ASP C 123 47.33 -3.20 13.37
CA ASP C 123 46.11 -2.48 13.00
C ASP C 123 44.89 -2.89 13.83
N LEU C 124 45.11 -3.46 15.02
CA LEU C 124 44.01 -3.95 15.86
C LEU C 124 43.75 -3.01 17.03
N ILE C 125 42.51 -2.60 17.16
CA ILE C 125 42.02 -1.79 18.27
C ILE C 125 40.97 -2.62 18.96
N VAL C 126 40.99 -2.64 20.28
CA VAL C 126 40.01 -3.38 21.05
C VAL C 126 39.30 -2.40 21.95
N SER C 127 37.96 -2.41 21.87
CA SER C 127 37.08 -1.49 22.61
C SER C 127 36.02 -2.28 23.35
N GLY C 128 35.58 -1.76 24.48
CA GLY C 128 34.60 -2.45 25.31
C GLY C 128 33.63 -1.47 25.92
N ASP C 129 32.37 -1.90 26.07
CA ASP C 129 31.34 -0.96 26.53
C ASP C 129 30.73 -1.34 27.89
N GLU C 130 29.88 -0.41 28.38
CA GLU C 130 29.29 -0.48 29.70
C GLU C 130 28.28 -1.60 29.85
N LYS C 131 27.85 -2.23 28.77
CA LYS C 131 26.99 -3.40 28.87
C LYS C 131 27.73 -4.68 28.51
N GLY C 132 29.06 -4.67 28.56
CA GLY C 132 29.84 -5.89 28.53
C GLY C 132 30.40 -6.28 27.18
N VAL C 133 30.08 -5.56 26.12
CA VAL C 133 30.46 -5.98 24.77
C VAL C 133 31.85 -5.47 24.48
N VAL C 134 32.64 -6.32 23.82
CA VAL C 134 33.96 -5.96 23.30
C VAL C 134 33.94 -6.14 21.79
N PHE C 135 34.52 -5.17 21.07
CA PHE C 135 34.74 -5.31 19.64
C PHE C 135 36.22 -5.33 19.35
N CYS C 136 36.65 -6.26 18.51
CA CYS C 136 37.98 -6.25 17.91
C CYS C 136 37.83 -5.72 16.50
N TYR C 137 38.61 -4.69 16.18
CA TYR C 137 38.52 -3.98 14.91
C TYR C 137 39.91 -3.95 14.31
N TRP C 138 40.08 -4.62 13.16
CA TRP C 138 41.32 -4.52 12.38
C TRP C 138 41.07 -3.50 11.27
N PHE C 139 41.65 -2.31 11.41
CA PHE C 139 41.17 -1.20 10.60
C PHE C 139 41.64 -1.27 9.16
N ASN C 140 42.78 -1.92 8.91
CA ASN C 140 43.33 -1.95 7.55
C ASN C 140 42.31 -2.50 6.56
N ARG C 141 41.55 -3.51 6.96
CA ARG C 141 40.60 -4.16 6.06
C ARG C 141 39.16 -4.12 6.55
N ASN C 142 38.87 -3.31 7.59
CA ASN C 142 37.52 -3.12 8.13
C ASN C 142 36.95 -4.42 8.74
N ASP C 143 37.81 -5.32 9.23
CA ASP C 143 37.36 -6.51 9.92
C ASP C 143 36.92 -6.17 11.34
N SER C 144 35.96 -6.93 11.85
CA SER C 144 35.50 -6.78 13.21
C SER C 144 35.20 -8.15 13.79
N GLN C 145 35.56 -8.34 15.05
CA GLN C 145 35.19 -9.55 15.79
C GLN C 145 34.34 -9.11 16.98
N HIS C 146 33.08 -9.51 16.98
CA HIS C 146 32.15 -9.16 18.05
C HIS C 146 32.25 -10.18 19.17
N LEU C 147 32.43 -9.70 20.39
CA LEU C 147 32.66 -10.53 21.56
C LEU C 147 31.78 -10.07 22.72
N PHE C 148 31.01 -10.98 23.26
CA PHE C 148 30.46 -10.87 24.60
C PHE C 148 31.26 -11.80 25.52
N ILE C 149 31.26 -11.44 26.81
CA ILE C 149 32.04 -12.20 27.78
C ILE C 149 31.23 -12.37 29.05
N GLU C 150 30.90 -11.26 29.72
CA GLU C 150 30.13 -11.37 30.92
C GLU C 150 29.27 -10.12 31.06
N PRO C 151 27.98 -10.26 31.44
CA PRO C 151 27.10 -9.07 31.54
C PRO C 151 27.47 -8.15 32.66
N ARG C 152 28.57 -7.42 32.50
CA ARG C 152 29.04 -6.51 33.53
C ARG C 152 29.59 -5.25 32.87
N THR C 153 29.59 -4.15 33.62
CA THR C 153 30.08 -2.87 33.13
C THR C 153 31.62 -2.89 33.07
N ILE C 154 32.18 -2.82 31.86
CA ILE C 154 33.63 -2.77 31.68
C ILE C 154 34.17 -1.44 32.15
N PHE C 155 35.23 -1.48 32.93
CA PHE C 155 35.90 -0.25 33.31
C PHE C 155 37.20 -0.02 32.55
N CYS C 156 38.01 -1.05 32.38
CA CYS C 156 39.31 -0.92 31.74
C CYS C 156 39.63 -2.19 30.99
N LEU C 157 40.56 -2.05 30.04
CA LEU C 157 40.91 -3.12 29.12
C LEU C 157 42.34 -2.85 28.66
N THR C 158 43.18 -3.90 28.66
CA THR C 158 44.61 -3.77 28.35
C THR C 158 45.04 -5.04 27.63
N CYS C 159 45.40 -4.88 26.35
CA CYS C 159 45.96 -5.98 25.58
C CYS C 159 47.34 -6.33 26.09
N SER C 160 47.64 -7.62 26.01
CA SER C 160 48.92 -8.13 26.45
C SER C 160 50.04 -7.57 25.56
N PRO C 161 51.20 -7.22 26.15
CA PRO C 161 52.34 -6.77 25.36
C PRO C 161 53.08 -7.92 24.72
N HIS C 162 53.13 -9.07 25.38
CA HIS C 162 53.96 -10.16 24.89
C HIS C 162 53.16 -11.16 24.08
N HIS C 163 52.16 -11.76 24.70
CA HIS C 163 51.30 -12.69 23.99
C HIS C 163 50.34 -11.82 23.20
N GLU C 164 50.43 -11.91 21.88
CA GLU C 164 49.58 -11.10 21.00
C GLU C 164 48.24 -11.76 20.69
N ASP C 165 47.51 -12.13 21.74
CA ASP C 165 46.21 -12.77 21.58
C ASP C 165 45.34 -12.66 22.83
N LEU C 166 45.96 -12.28 23.94
CA LEU C 166 45.26 -12.16 25.22
C LEU C 166 45.06 -10.71 25.64
N VAL C 167 43.86 -10.41 26.14
CA VAL C 167 43.52 -9.07 26.61
C VAL C 167 42.72 -9.19 27.91
N ALA C 168 43.12 -8.39 28.89
CA ALA C 168 42.54 -8.35 30.22
C ALA C 168 41.46 -7.29 30.24
N ILE C 169 40.42 -7.58 31.04
CA ILE C 169 39.25 -6.71 31.17
C ILE C 169 38.90 -6.61 32.66
N GLY C 170 38.83 -5.40 33.18
CA GLY C 170 38.40 -5.17 34.55
C GLY C 170 37.05 -4.50 34.56
N TYR C 171 36.18 -4.96 35.46
CA TYR C 171 34.79 -4.52 35.51
C TYR C 171 34.51 -3.66 36.74
N LYS C 172 33.31 -3.06 36.71
CA LYS C 172 32.88 -2.22 37.82
C LYS C 172 32.73 -3.01 39.12
N ASP C 173 32.46 -4.29 39.01
CA ASP C 173 32.21 -5.14 40.16
C ASP C 173 33.49 -5.50 40.90
N GLY C 174 34.63 -5.50 40.19
CA GLY C 174 35.88 -6.02 40.71
C GLY C 174 36.37 -7.29 40.06
N ILE C 175 35.60 -7.90 39.17
CA ILE C 175 36.11 -9.08 38.49
C ILE C 175 37.11 -8.66 37.41
N VAL C 176 38.13 -9.50 37.24
CA VAL C 176 39.14 -9.34 36.21
C VAL C 176 39.18 -10.66 35.46
N VAL C 177 39.11 -10.60 34.12
CA VAL C 177 39.20 -11.79 33.30
C VAL C 177 40.25 -11.57 32.22
N ILE C 178 40.77 -12.70 31.72
CA ILE C 178 41.71 -12.74 30.61
C ILE C 178 41.12 -13.62 29.52
N ILE C 179 41.03 -13.06 28.31
CA ILE C 179 40.33 -13.74 27.22
C ILE C 179 41.30 -14.00 26.07
N ASP C 180 40.82 -14.83 25.13
CA ASP C 180 41.57 -15.27 23.95
C ASP C 180 40.82 -14.78 22.72
N ILE C 181 41.25 -13.63 22.20
CA ILE C 181 40.63 -13.03 21.02
C ILE C 181 40.91 -13.84 19.76
N SER C 182 41.40 -15.04 19.98
CA SER C 182 41.68 -16.00 18.92
C SER C 182 40.74 -17.21 19.05
N LYS C 183 40.28 -17.48 20.27
CA LYS C 183 39.37 -18.58 20.55
C LYS C 183 37.99 -18.09 20.94
N LYS C 184 37.37 -17.33 20.05
CA LYS C 184 36.02 -16.79 20.24
C LYS C 184 35.76 -15.97 21.51
N GLY C 185 36.81 -15.55 22.21
CA GLY C 185 36.63 -14.75 23.40
C GLY C 185 36.44 -15.59 24.64
N GLU C 186 36.92 -16.82 24.63
CA GLU C 186 36.84 -17.67 25.82
C GLU C 186 37.63 -17.06 26.97
N VAL C 187 37.12 -17.27 28.18
CA VAL C 187 37.81 -16.83 29.38
C VAL C 187 38.87 -17.86 29.74
N ILE C 188 40.13 -17.42 29.80
CA ILE C 188 41.25 -18.28 30.19
C ILE C 188 41.45 -18.26 31.70
N HIS C 189 41.42 -17.06 32.28
CA HIS C 189 41.54 -16.88 33.72
C HIS C 189 40.46 -15.94 34.18
N ARG C 190 39.80 -16.30 35.27
CA ARG C 190 38.98 -15.36 36.02
C ARG C 190 39.74 -15.04 37.30
N LEU C 191 40.30 -13.83 37.37
CA LEU C 191 41.01 -13.37 38.56
C LEU C 191 40.00 -12.82 39.55
N ARG C 192 39.88 -13.47 40.70
CA ARG C 192 38.93 -13.05 41.73
C ARG C 192 39.69 -12.66 42.99
N GLY C 193 39.26 -11.56 43.60
CA GLY C 193 39.97 -10.97 44.71
C GLY C 193 39.55 -9.56 45.05
N HIS C 194 39.36 -8.71 44.05
CA HIS C 194 39.02 -7.32 44.33
C HIS C 194 37.56 -7.18 44.72
N ASP C 195 37.29 -6.22 45.60
CA ASP C 195 35.96 -5.98 46.12
C ASP C 195 35.26 -4.80 45.45
N ASP C 196 35.87 -4.16 44.46
CA ASP C 196 35.33 -2.92 43.93
C ASP C 196 36.03 -2.61 42.62
N GLU C 197 35.56 -1.53 41.97
CA GLU C 197 35.95 -1.14 40.62
C GLU C 197 37.45 -1.33 40.37
N ILE C 198 37.76 -1.92 39.22
CA ILE C 198 39.12 -1.97 38.70
C ILE C 198 39.39 -0.70 37.89
N HIS C 199 40.45 0.03 38.23
CA HIS C 199 40.75 1.26 37.54
C HIS C 199 41.84 1.12 36.48
N SER C 200 42.79 0.20 36.64
CA SER C 200 43.77 -0.01 35.61
C SER C 200 44.24 -1.46 35.64
N ILE C 201 44.81 -1.88 34.53
CA ILE C 201 45.42 -3.19 34.38
C ILE C 201 46.73 -3.00 33.62
N ALA C 202 47.86 -3.31 34.25
CA ALA C 202 49.19 -3.21 33.64
C ALA C 202 49.87 -4.56 33.64
N TRP C 203 50.21 -5.08 32.46
CA TRP C 203 51.00 -6.30 32.35
C TRP C 203 52.46 -6.04 32.70
N CYS C 204 53.11 -7.06 33.26
CA CYS C 204 54.55 -6.99 33.49
C CYS C 204 55.22 -6.80 32.14
N PRO C 205 56.10 -5.81 31.99
CA PRO C 205 56.67 -5.55 30.66
C PRO C 205 57.67 -6.58 30.14
N LEU C 206 57.98 -7.65 30.87
CA LEU C 206 58.82 -8.70 30.30
C LEU C 206 58.17 -10.06 30.52
N PRO C 207 58.32 -11.00 29.57
CA PRO C 207 57.47 -12.19 29.56
C PRO C 207 57.69 -13.15 30.74
N GLY C 208 56.63 -13.90 31.06
CA GLY C 208 56.69 -14.91 32.09
C GLY C 208 56.76 -14.40 33.53
N CYS C 240 52.88 -15.15 32.68
CA CYS C 240 52.97 -13.69 32.72
C CYS C 240 52.47 -13.13 34.05
N TYR C 241 53.06 -12.02 34.47
CA TYR C 241 52.58 -11.33 35.65
C TYR C 241 51.69 -10.16 35.25
N LEU C 242 50.77 -9.82 36.14
CA LEU C 242 49.71 -8.88 35.82
C LEU C 242 49.37 -8.06 37.07
N ALA C 243 49.23 -6.75 36.92
CA ALA C 243 48.96 -5.85 38.03
C ALA C 243 47.64 -5.13 37.83
N THR C 244 46.88 -5.03 38.91
CA THR C 244 45.53 -4.51 38.89
C THR C 244 45.39 -3.52 40.03
N GLY C 245 44.76 -2.38 39.76
CA GLY C 245 44.51 -1.36 40.77
C GLY C 245 43.01 -1.13 40.92
N SER C 246 42.59 -0.91 42.16
CA SER C 246 41.16 -0.95 42.42
C SER C 246 40.79 0.09 43.47
N LYS C 247 39.57 0.61 43.32
CA LYS C 247 38.93 1.45 44.34
C LYS C 247 38.90 0.81 45.72
N ASP C 248 39.11 -0.52 45.84
CA ASP C 248 39.20 -1.14 47.17
C ASP C 248 40.58 -0.96 47.77
N GLN C 249 41.37 -0.05 47.21
CA GLN C 249 42.53 0.50 47.84
C GLN C 249 43.71 -0.46 47.79
N THR C 250 43.63 -1.52 46.96
CA THR C 250 44.73 -2.45 46.83
C THR C 250 45.17 -2.59 45.38
N ILE C 251 46.46 -2.85 45.23
CA ILE C 251 47.06 -3.30 43.99
C ILE C 251 47.29 -4.79 44.14
N ARG C 252 46.92 -5.58 43.13
CA ARG C 252 47.16 -7.02 43.19
C ARG C 252 48.07 -7.43 42.04
N ILE C 253 49.06 -8.26 42.36
CA ILE C 253 49.91 -8.87 41.33
C ILE C 253 49.46 -10.31 41.13
N TRP C 254 49.03 -10.64 39.91
CA TRP C 254 48.48 -11.94 39.58
C TRP C 254 49.45 -12.73 38.71
N SER C 255 49.25 -14.04 38.69
CA SER C 255 50.07 -14.99 37.95
C SER C 255 49.25 -15.56 36.79
N CYS C 256 49.68 -15.24 35.55
CA CYS C 256 49.03 -15.71 34.32
C CYS C 256 49.20 -17.20 34.07
N SER C 257 49.81 -17.94 35.01
CA SER C 257 49.92 -19.39 34.91
C SER C 257 49.22 -20.08 36.06
N ARG C 258 49.59 -19.77 37.31
CA ARG C 258 48.85 -20.30 38.45
C ARG C 258 47.41 -19.78 38.49
N GLY C 259 47.11 -18.72 37.74
CA GLY C 259 45.76 -18.17 37.73
C GLY C 259 45.29 -17.74 39.11
N ARG C 260 46.06 -16.89 39.77
CA ARG C 260 45.77 -16.47 41.14
C ARG C 260 46.75 -15.36 41.51
N GLY C 261 46.47 -14.70 42.63
CA GLY C 261 47.29 -13.58 43.06
C GLY C 261 48.54 -14.04 43.81
N VAL C 262 49.65 -13.35 43.55
CA VAL C 262 50.91 -13.61 44.23
C VAL C 262 51.37 -12.45 45.09
N MET C 263 50.67 -11.33 45.05
CA MET C 263 51.05 -10.22 45.90
C MET C 263 49.87 -9.26 46.05
N ILE C 264 49.85 -8.56 47.18
CA ILE C 264 48.82 -7.58 47.49
C ILE C 264 49.47 -6.37 48.14
N LEU C 265 49.24 -5.20 47.57
CA LEU C 265 49.72 -3.94 48.13
C LEU C 265 48.52 -3.11 48.55
N LYS C 266 48.49 -2.69 49.80
CA LYS C 266 47.44 -1.83 50.32
C LYS C 266 47.93 -0.39 50.32
N LEU C 267 47.13 0.52 49.81
CA LEU C 267 47.56 1.90 49.70
C LEU C 267 47.82 2.46 51.08
N PRO C 268 48.89 3.21 51.28
CA PRO C 268 49.15 3.84 52.57
C PRO C 268 48.25 5.04 52.79
N LEU C 270 48.82 8.50 53.77
CA LEU C 270 49.83 9.53 53.94
C LEU C 270 49.20 10.80 54.51
N LYS C 271 50.04 11.71 54.97
CA LYS C 271 49.57 13.02 55.40
C LYS C 271 49.49 14.01 54.23
N ARG C 284 37.53 9.26 48.12
CA ARG C 284 37.76 9.47 46.69
C ARG C 284 39.15 9.00 46.25
N LEU C 285 39.17 8.11 45.26
CA LEU C 285 40.40 7.46 44.88
C LEU C 285 40.28 6.89 43.49
N TRP C 286 41.20 7.25 42.61
CA TRP C 286 41.38 6.52 41.38
C TRP C 286 42.76 5.87 41.45
N LEU C 287 42.81 4.57 41.25
CA LEU C 287 44.04 3.83 41.50
C LEU C 287 44.57 3.30 40.19
N THR C 288 45.39 4.11 39.54
CA THR C 288 45.91 3.76 38.24
C THR C 288 47.39 3.41 38.38
N LEU C 289 47.92 2.77 37.33
CA LEU C 289 49.21 2.13 37.43
C LEU C 289 50.08 2.49 36.23
N HIS C 290 51.39 2.49 36.46
CA HIS C 290 52.35 2.46 35.37
C HIS C 290 53.45 1.47 35.70
N TRP C 291 53.63 0.48 34.84
CA TRP C 291 54.67 -0.52 35.08
C TRP C 291 55.82 -0.25 34.12
N PRO C 292 56.87 0.44 34.55
CA PRO C 292 57.90 0.88 33.61
C PRO C 292 58.69 -0.28 33.05
N SER C 293 58.83 -0.33 31.72
CA SER C 293 59.70 -1.34 31.10
C SER C 293 61.15 -1.19 31.58
N ASN C 294 61.59 0.06 31.78
CA ASN C 294 62.87 0.38 32.39
C ASN C 294 63.18 -0.49 33.59
N GLN C 295 62.21 -0.57 34.49
CA GLN C 295 62.40 -1.07 35.85
C GLN C 295 61.29 -2.07 36.12
N PRO C 296 61.38 -3.28 35.58
CA PRO C 296 60.32 -4.26 35.82
C PRO C 296 60.14 -4.61 37.29
N THR C 297 61.11 -4.32 38.17
CA THR C 297 60.92 -4.54 39.59
C THR C 297 60.09 -3.45 40.26
N GLN C 298 59.87 -2.32 39.60
CA GLN C 298 59.11 -1.25 40.22
C GLN C 298 57.74 -1.11 39.58
N LEU C 299 56.84 -0.53 40.35
CA LEU C 299 55.49 -0.26 39.89
C LEU C 299 55.10 1.09 40.46
N VAL C 300 54.57 1.98 39.61
CA VAL C 300 54.13 3.32 40.01
C VAL C 300 52.61 3.32 40.09
N SER C 301 52.06 3.97 41.11
CA SER C 301 50.61 4.00 41.20
C SER C 301 50.17 5.37 41.70
N SER C 302 48.90 5.67 41.48
CA SER C 302 48.26 6.81 42.09
C SER C 302 47.81 6.41 43.49
N CYS C 303 47.11 7.32 44.16
CA CYS C 303 46.82 7.20 45.58
C CYS C 303 45.96 8.40 45.97
N PHE C 304 45.52 8.42 47.23
CA PHE C 304 44.61 9.47 47.68
C PHE C 304 45.20 10.84 47.43
N GLY C 305 44.35 11.78 46.99
CA GLY C 305 44.74 13.15 46.70
C GLY C 305 45.65 13.29 45.50
N GLY C 306 45.78 12.24 44.69
CA GLY C 306 46.70 12.37 43.59
C GLY C 306 48.16 12.25 43.95
N GLU C 307 48.51 11.91 45.19
CA GLU C 307 49.89 11.48 45.44
C GLU C 307 50.25 10.33 44.51
N LEU C 308 51.48 10.33 44.04
CA LEU C 308 52.04 9.23 43.26
C LEU C 308 53.06 8.48 44.11
N LEU C 309 53.11 7.15 43.91
CA LEU C 309 53.99 6.26 44.66
C LEU C 309 54.78 5.40 43.69
N GLN C 310 56.02 5.12 44.07
CA GLN C 310 56.83 4.08 43.42
C GLN C 310 56.94 2.90 44.37
N TRP C 311 56.43 1.76 43.94
CA TRP C 311 56.47 0.54 44.74
C TRP C 311 57.70 -0.26 44.38
N ASP C 312 58.48 -0.65 45.39
CA ASP C 312 59.63 -1.52 45.20
C ASP C 312 59.14 -2.95 45.41
N LEU C 313 58.86 -3.67 44.31
CA LEU C 313 58.40 -5.05 44.43
C LEU C 313 59.51 -6.01 44.87
N THR C 314 60.78 -5.67 44.65
CA THR C 314 61.90 -6.39 45.24
C THR C 314 61.65 -6.66 46.72
N GLN C 315 61.36 -5.60 47.45
CA GLN C 315 61.09 -5.66 48.89
C GLN C 315 59.58 -5.85 49.10
N SER C 316 59.11 -6.99 48.55
CA SER C 316 57.73 -7.45 48.68
C SER C 316 57.30 -7.44 50.13
N TRP C 317 57.85 -8.36 50.90
CA TRP C 317 57.84 -8.30 52.35
C TRP C 317 58.28 -6.92 52.79
N ARG C 318 57.42 -6.25 53.56
CA ARG C 318 57.71 -4.90 54.01
C ARG C 318 56.89 -3.88 53.21
N ARG C 319 56.61 -4.21 51.95
CA ARG C 319 55.84 -3.35 51.02
C ARG C 319 56.41 -1.93 50.95
N LYS C 320 57.53 -1.79 50.26
CA LYS C 320 58.21 -0.48 50.21
C LYS C 320 57.61 0.40 49.11
N TYR C 321 57.31 1.65 49.46
CA TYR C 321 56.91 2.62 48.47
C TYR C 321 57.71 3.89 48.69
N THR C 322 57.75 4.72 47.65
CA THR C 322 58.41 6.02 47.71
C THR C 322 57.46 7.06 47.14
N LEU C 323 57.29 8.17 47.86
CA LEU C 323 56.48 9.29 47.39
C LEU C 323 57.21 10.13 46.34
N PHE C 324 56.48 10.51 45.30
CA PHE C 324 56.96 11.56 44.39
C PHE C 324 56.97 12.91 45.11
N SER C 325 57.97 13.74 44.81
CA SER C 325 58.12 15.10 45.39
C SER C 325 57.79 15.20 46.87
N GLN C 331 53.83 21.07 44.59
CA GLN C 331 54.34 20.32 43.44
C GLN C 331 53.50 19.07 43.17
N ASN C 332 52.88 18.56 44.21
CA ASN C 332 52.04 17.38 44.09
C ASN C 332 50.67 17.80 43.56
N HIS C 333 50.04 16.87 42.89
CA HIS C 333 48.62 17.00 42.62
C HIS C 333 47.87 17.12 43.93
N SER C 334 46.72 17.80 43.90
CA SER C 334 45.89 17.98 45.10
C SER C 334 44.59 17.18 45.02
N ARG C 335 44.39 16.46 43.93
CA ARG C 335 43.20 15.66 43.78
C ARG C 335 43.61 14.46 42.96
N ILE C 336 42.77 13.43 43.02
CA ILE C 336 43.08 12.12 42.45
C ILE C 336 43.58 12.18 41.01
N VAL C 337 44.47 11.24 40.67
CA VAL C 337 45.04 11.13 39.35
C VAL C 337 44.39 10.01 38.60
N PHE C 338 44.03 10.26 37.32
CA PHE C 338 43.40 9.24 36.50
C PHE C 338 44.37 8.45 35.62
N ASN C 339 45.29 9.10 34.92
CA ASN C 339 46.15 8.40 33.99
C ASN C 339 47.62 8.74 34.25
N LEU C 340 48.49 7.79 33.93
CA LEU C 340 49.94 7.94 33.92
C LEU C 340 50.44 7.51 32.55
N CYS C 341 51.25 8.35 31.91
CA CYS C 341 51.73 8.08 30.55
C CYS C 341 53.24 8.20 30.53
N PRO C 342 53.97 7.12 30.27
CA PRO C 342 55.42 7.23 30.14
C PRO C 342 55.75 7.90 28.83
N LEU C 343 56.81 8.72 28.85
CA LEU C 343 57.30 9.37 27.64
C LEU C 343 58.82 9.37 27.71
N GLN C 344 59.46 8.72 26.76
CA GLN C 344 60.90 8.76 26.60
C GLN C 344 61.23 9.81 25.53
N THR C 345 61.88 10.91 25.94
CA THR C 345 62.12 11.96 24.95
C THR C 345 63.33 11.60 24.09
N GLU C 346 63.48 12.31 22.96
CA GLU C 346 64.60 12.01 22.05
C GLU C 346 65.97 12.22 22.70
N ASP C 347 66.07 13.08 23.71
CA ASP C 347 67.36 13.15 24.41
C ASP C 347 67.37 12.28 25.70
N ASP C 348 66.80 11.08 25.63
CA ASP C 348 67.04 10.00 26.59
C ASP C 348 66.54 10.30 27.99
N LYS C 349 65.56 11.18 28.16
CA LYS C 349 64.94 11.41 29.45
C LYS C 349 63.66 10.60 29.55
N GLN C 350 63.38 10.06 30.74
CA GLN C 350 62.20 9.23 31.00
C GLN C 350 61.24 10.05 31.84
N LEU C 351 60.08 10.36 31.27
CA LEU C 351 59.11 11.21 31.94
C LEU C 351 57.82 10.43 32.13
N LEU C 352 56.99 10.93 33.03
CA LEU C 352 55.69 10.36 33.33
C LEU C 352 54.70 11.50 33.34
N LEU C 353 53.70 11.43 32.48
CA LEU C 353 52.69 12.47 32.42
C LEU C 353 51.46 12.01 33.20
N SER C 354 50.94 12.90 34.05
CA SER C 354 49.81 12.60 34.91
C SER C 354 48.68 13.58 34.63
N THR C 355 47.43 13.09 34.70
CA THR C 355 46.20 13.87 34.60
C THR C 355 45.37 13.68 35.86
N SER C 356 44.65 14.72 36.22
CA SER C 356 44.09 14.72 37.55
C SER C 356 42.85 15.59 37.59
N MET C 357 41.87 15.14 38.39
CA MET C 357 40.74 15.97 38.79
C MET C 357 41.13 17.39 39.21
N ASP C 358 42.39 17.62 39.58
CA ASP C 358 42.73 18.97 39.98
C ASP C 358 42.90 19.89 38.79
N ARG C 359 42.68 19.39 37.58
CA ARG C 359 42.72 20.12 36.30
C ARG C 359 44.14 20.43 35.82
N ASP C 360 45.18 19.88 36.46
CA ASP C 360 46.54 20.10 35.99
C ASP C 360 47.10 18.87 35.31
N VAL C 361 47.77 19.05 34.16
CA VAL C 361 48.68 18.04 33.65
C VAL C 361 50.06 18.25 34.24
N LYS C 362 50.62 17.21 34.87
CA LYS C 362 51.99 17.31 35.37
C LYS C 362 52.91 16.36 34.63
N CYS C 363 54.14 16.81 34.42
CA CYS C 363 55.19 15.98 33.85
C CYS C 363 56.21 15.67 34.94
N TRP C 364 56.35 14.39 35.28
CA TRP C 364 57.28 13.93 36.30
C TRP C 364 58.54 13.37 35.64
N ASP C 365 59.70 13.70 36.20
CA ASP C 365 60.91 13.06 35.74
C ASP C 365 61.10 11.79 36.58
N ILE C 366 61.20 10.67 35.90
CA ILE C 366 61.26 9.40 36.60
C ILE C 366 62.59 9.27 37.35
N ALA C 367 63.68 9.90 36.87
CA ALA C 367 64.95 9.73 37.57
C ALA C 367 64.87 10.32 38.98
N THR C 368 64.25 11.50 39.11
CA THR C 368 64.22 12.25 40.37
C THR C 368 62.90 12.15 41.14
N LEU C 369 61.83 11.70 40.49
CA LEU C 369 60.48 11.72 41.07
C LEU C 369 60.11 13.15 41.51
N GLU C 370 60.58 14.12 40.73
CA GLU C 370 60.18 15.51 40.90
C GLU C 370 59.35 15.91 39.70
N CYS C 371 58.54 16.95 39.88
CA CYS C 371 57.70 17.46 38.80
C CYS C 371 58.55 18.39 37.95
N SER C 372 58.68 18.09 36.66
CA SER C 372 59.37 18.99 35.74
C SER C 372 58.54 20.24 35.45
N TRP C 373 57.23 20.07 35.25
CA TRP C 373 56.39 21.18 34.82
C TRP C 373 54.91 20.83 34.94
N THR C 374 54.12 21.88 34.92
CA THR C 374 52.67 21.81 35.05
C THR C 374 52.02 22.61 33.94
N LEU C 375 51.14 21.94 33.17
CA LEU C 375 50.22 22.60 32.23
C LEU C 375 48.85 22.77 32.88
N PRO C 376 48.40 23.99 33.17
CA PRO C 376 47.04 24.18 33.68
C PRO C 376 46.03 24.10 32.54
N SER C 377 44.75 24.10 32.90
CA SER C 377 43.65 23.90 31.96
C SER C 377 42.40 24.62 32.46
N LEU C 378 41.44 24.84 31.56
CA LEU C 378 40.21 25.54 31.90
C LEU C 378 39.10 24.55 32.16
N GLY C 379 38.25 24.86 33.15
CA GLY C 379 37.14 24.01 33.50
C GLY C 379 35.78 24.58 33.11
N GLY C 380 35.74 25.70 32.41
CA GLY C 380 34.52 26.30 31.89
C GLY C 380 34.79 27.23 30.72
N PHE C 381 33.71 27.86 30.22
CA PHE C 381 33.85 28.90 29.20
C PHE C 381 34.81 29.98 29.68
N ALA C 382 35.65 30.47 28.77
CA ALA C 382 36.43 31.67 29.02
C ALA C 382 35.56 32.85 28.64
N TYR C 383 35.00 33.54 29.64
CA TYR C 383 34.11 34.65 29.31
C TYR C 383 34.84 35.97 29.15
N SER C 384 35.88 36.24 29.95
CA SER C 384 36.48 37.56 29.88
C SER C 384 38.00 37.47 29.86
N LEU C 385 38.61 38.48 29.27
CA LEU C 385 40.05 38.63 29.16
C LEU C 385 40.39 40.09 29.41
N ALA C 386 41.33 40.32 30.31
CA ALA C 386 41.68 41.68 30.69
C ALA C 386 43.14 41.72 31.10
N PHE C 387 43.88 42.59 30.43
CA PHE C 387 45.26 42.83 30.74
C PHE C 387 45.39 44.03 31.66
N SER C 388 46.26 43.93 32.66
CA SER C 388 46.50 45.07 33.55
C SER C 388 47.32 46.15 32.83
N SER C 389 46.86 47.39 32.91
CA SER C 389 47.69 48.48 32.41
C SER C 389 48.99 48.65 33.19
N VAL C 390 49.03 48.21 34.44
CA VAL C 390 50.18 48.44 35.30
C VAL C 390 51.15 47.29 35.15
N ASP C 391 50.74 46.10 35.59
CA ASP C 391 51.57 44.94 35.35
C ASP C 391 51.26 44.40 33.96
N ILE C 392 52.14 44.72 33.02
CA ILE C 392 51.83 44.58 31.60
C ILE C 392 51.52 43.15 31.24
N GLY C 393 52.27 42.20 31.75
CA GLY C 393 51.98 40.90 31.17
C GLY C 393 50.86 40.15 31.83
N SER C 394 50.14 40.78 32.74
CA SER C 394 49.26 40.07 33.65
C SER C 394 47.85 39.94 33.03
N LEU C 395 47.50 38.72 32.63
CA LEU C 395 46.25 38.42 31.94
C LEU C 395 45.28 37.77 32.91
N ALA C 396 44.14 38.40 33.15
CA ALA C 396 43.07 37.83 33.97
C ALA C 396 42.03 37.20 33.07
N ILE C 397 41.54 36.04 33.49
CA ILE C 397 40.59 35.24 32.73
C ILE C 397 39.42 34.88 33.64
N GLY C 398 38.22 35.31 33.28
CA GLY C 398 37.02 34.86 33.96
C GLY C 398 36.48 33.60 33.31
N VAL C 399 36.36 32.53 34.09
CA VAL C 399 36.04 31.21 33.57
C VAL C 399 34.66 30.81 34.08
N GLY C 400 33.97 29.96 33.32
CA GLY C 400 32.65 29.51 33.72
C GLY C 400 32.63 28.56 34.90
N ASP C 401 33.78 27.99 35.28
CA ASP C 401 33.82 27.21 36.51
C ASP C 401 33.86 28.09 37.74
N GLY C 402 33.75 29.42 37.59
CA GLY C 402 33.73 30.30 38.73
C GLY C 402 35.08 30.64 39.32
N MET C 403 36.17 30.31 38.65
CA MET C 403 37.50 30.74 39.05
C MET C 403 37.99 31.88 38.17
N ILE C 404 38.69 32.82 38.77
CA ILE C 404 39.49 33.78 38.04
C ILE C 404 40.89 33.21 37.91
N ARG C 405 41.43 33.24 36.71
CA ARG C 405 42.80 32.83 36.42
C ARG C 405 43.61 34.09 36.11
N VAL C 406 44.74 34.28 36.77
CA VAL C 406 45.64 35.37 36.39
C VAL C 406 46.88 34.74 35.78
N TRP C 407 47.06 34.97 34.50
CA TRP C 407 48.16 34.38 33.73
C TRP C 407 49.29 35.41 33.64
N ASN C 408 50.43 35.06 34.22
CA ASN C 408 51.62 35.92 34.18
C ASN C 408 52.40 35.58 32.91
N THR C 409 52.05 36.31 31.88
CA THR C 409 52.51 36.15 30.52
C THR C 409 53.96 36.58 30.35
N LEU C 410 54.52 37.27 31.34
CA LEU C 410 55.90 37.73 31.27
C LEU C 410 56.88 36.72 31.83
N SER C 411 56.42 35.66 32.48
CA SER C 411 57.33 34.76 33.18
C SER C 411 58.35 34.18 32.22
N ILE C 412 59.62 34.20 32.63
CA ILE C 412 60.71 33.70 31.80
C ILE C 412 61.14 32.31 32.21
N LYS C 413 60.44 31.73 33.21
CA LYS C 413 60.67 30.39 33.73
C LYS C 413 59.53 29.44 33.40
N ASN C 414 58.39 29.96 32.97
CA ASN C 414 57.18 29.16 32.87
C ASN C 414 56.25 29.86 31.89
N ASN C 415 55.82 29.15 30.85
CA ASN C 415 54.95 29.72 29.83
C ASN C 415 53.49 29.66 30.24
N TYR C 416 53.21 29.04 31.36
CA TYR C 416 51.86 28.84 31.84
C TYR C 416 51.80 29.12 33.33
N ASP C 417 52.48 30.17 33.75
CA ASP C 417 52.42 30.63 35.13
C ASP C 417 51.03 31.21 35.40
N VAL C 418 50.11 30.39 35.90
CA VAL C 418 48.70 30.76 36.05
C VAL C 418 48.29 30.62 37.51
N LYS C 419 48.00 31.73 38.17
CA LYS C 419 47.48 31.68 39.53
C LYS C 419 45.95 31.64 39.51
N ASN C 420 45.36 31.11 40.59
CA ASN C 420 43.93 30.84 40.70
C ASN C 420 43.30 31.63 41.83
N PHE C 421 42.05 32.07 41.63
CA PHE C 421 41.36 32.91 42.59
C PHE C 421 39.90 32.46 42.70
N TRP C 422 39.69 31.31 43.33
CA TRP C 422 38.34 30.78 43.51
C TRP C 422 37.57 31.61 44.52
N LYS C 426 31.29 30.95 43.84
CA LYS C 426 30.84 29.62 43.42
C LYS C 426 30.11 29.63 42.07
N SER C 427 30.18 30.74 41.31
CA SER C 427 29.42 30.93 40.07
C SER C 427 30.30 31.58 39.00
N LYS C 428 29.78 31.63 37.77
CA LYS C 428 30.56 32.00 36.60
C LYS C 428 31.01 33.46 36.59
N VAL C 429 32.26 33.69 36.19
CA VAL C 429 32.87 35.01 36.15
C VAL C 429 32.70 35.58 34.73
N THR C 430 31.89 36.63 34.61
CA THR C 430 31.42 37.09 33.31
C THR C 430 32.01 38.41 32.89
N ALA C 431 32.62 39.16 33.80
CA ALA C 431 33.24 40.42 33.41
C ALA C 431 34.44 40.63 34.31
N LEU C 432 35.44 41.33 33.79
CA LEU C 432 36.66 41.58 34.55
C LEU C 432 37.17 42.94 34.15
N CYS C 433 37.84 43.62 35.07
CA CYS C 433 38.51 44.85 34.70
C CYS C 433 39.55 45.22 35.74
N TRP C 434 40.82 45.23 35.34
CA TRP C 434 41.89 45.68 36.21
C TRP C 434 41.76 47.18 36.48
N HIS C 435 42.25 47.60 37.64
CA HIS C 435 42.33 49.02 37.94
C HIS C 435 43.36 49.66 37.03
N PRO C 436 43.13 50.88 36.56
CA PRO C 436 44.03 51.47 35.57
C PRO C 436 45.41 51.81 36.11
N THR C 437 45.52 52.14 37.40
CA THR C 437 46.80 52.55 37.97
C THR C 437 47.26 51.73 39.18
N LYS C 438 46.38 50.95 39.82
CA LYS C 438 46.75 50.17 40.99
C LYS C 438 47.06 48.74 40.54
N GLU C 439 48.32 48.33 40.69
CA GLU C 439 48.73 46.94 40.48
C GLU C 439 47.97 46.02 41.42
N GLY C 440 47.60 44.85 40.90
CA GLY C 440 46.92 43.86 41.71
C GLY C 440 45.45 44.13 42.03
N CYS C 441 44.89 45.27 41.64
CA CYS C 441 43.47 45.56 41.91
C CYS C 441 42.62 45.12 40.72
N LEU C 442 41.80 44.08 40.93
CA LEU C 442 41.08 43.45 39.84
C LEU C 442 39.60 43.34 40.20
N ALA C 443 38.76 43.96 39.38
CA ALA C 443 37.32 43.89 39.60
C ALA C 443 36.73 42.75 38.76
N PHE C 444 35.69 42.11 39.29
CA PHE C 444 35.05 41.03 38.55
C PHE C 444 33.55 41.08 38.83
N GLY C 445 32.76 40.61 37.86
CA GLY C 445 31.35 40.38 38.08
C GLY C 445 30.96 38.99 37.59
N THR C 446 29.80 38.53 38.07
CA THR C 446 29.41 37.14 37.90
C THR C 446 28.00 37.05 37.33
N ASP C 447 27.61 35.81 37.02
CA ASP C 447 26.31 35.53 36.42
C ASP C 447 25.20 35.40 37.45
N ASP C 448 25.43 35.73 38.71
CA ASP C 448 24.30 36.06 39.56
C ASP C 448 24.43 37.48 40.08
N GLY C 449 24.96 38.38 39.25
CA GLY C 449 24.90 39.80 39.52
C GLY C 449 25.80 40.32 40.61
N LYS C 450 26.76 39.51 41.06
CA LYS C 450 27.70 39.93 42.09
C LYS C 450 28.79 40.78 41.47
N VAL C 451 29.27 41.76 42.22
CA VAL C 451 30.37 42.61 41.79
C VAL C 451 31.42 42.57 42.88
N GLY C 452 32.65 42.18 42.52
CA GLY C 452 33.69 42.00 43.51
C GLY C 452 34.95 42.75 43.16
N LEU C 453 35.82 42.86 44.17
CA LEU C 453 37.13 43.50 43.98
C LEU C 453 38.19 42.65 44.68
N TYR C 454 39.08 42.09 43.88
CA TYR C 454 40.20 41.30 44.37
C TYR C 454 41.45 42.15 44.53
N ASP C 455 42.34 41.70 45.41
CA ASP C 455 43.69 42.22 45.51
C ASP C 455 44.62 41.03 45.27
N THR C 456 45.03 40.84 44.01
CA THR C 456 45.81 39.67 43.61
C THR C 456 47.21 39.61 44.22
N TYR C 457 47.66 40.61 44.98
CA TYR C 457 48.92 40.50 45.70
C TYR C 457 48.72 40.03 47.13
N SER C 458 47.49 39.70 47.50
CA SER C 458 47.14 39.25 48.83
C SER C 458 46.45 37.90 48.75
N ASN C 459 46.36 37.25 49.91
CA ASN C 459 45.62 36.01 50.03
C ASN C 459 44.22 36.23 50.57
N LYS C 460 43.79 37.46 50.68
CA LYS C 460 42.51 37.56 51.36
C LYS C 460 41.36 37.54 50.37
N PRO C 461 40.16 37.17 50.84
CA PRO C 461 39.02 37.07 49.95
C PRO C 461 38.65 38.44 49.40
N PRO C 462 37.97 38.49 48.27
CA PRO C 462 37.65 39.77 47.65
C PRO C 462 36.55 40.52 48.38
N GLN C 463 36.66 41.84 48.38
CA GLN C 463 35.54 42.67 48.79
C GLN C 463 34.38 42.48 47.81
N ILE C 464 33.20 42.21 48.36
CA ILE C 464 31.98 42.03 47.57
C ILE C 464 31.08 43.24 47.79
N SER C 465 30.54 43.79 46.70
CA SER C 465 29.64 44.92 46.83
C SER C 465 28.30 44.44 47.40
N SER C 466 27.74 45.24 48.32
CA SER C 466 26.47 44.84 48.93
C SER C 466 25.34 44.87 47.92
N THR C 467 25.44 45.73 46.91
CA THR C 467 24.41 45.83 45.89
C THR C 467 24.71 44.87 44.74
N TYR C 468 23.71 44.06 44.39
CA TYR C 468 23.81 43.11 43.29
C TYR C 468 22.96 43.58 42.12
N HIS C 469 23.40 43.30 40.90
CA HIS C 469 22.50 43.42 39.77
C HIS C 469 21.50 42.28 39.79
N LYS C 470 20.34 42.49 39.15
CA LYS C 470 19.32 41.44 39.08
C LYS C 470 19.77 40.30 38.16
N LYS C 471 20.66 40.58 37.21
CA LYS C 471 21.08 39.62 36.18
C LYS C 471 22.60 39.62 36.05
N THR C 472 23.10 38.79 35.14
CA THR C 472 24.54 38.68 34.89
C THR C 472 25.19 40.05 34.74
N VAL C 473 26.38 40.18 35.34
CA VAL C 473 27.23 41.36 35.15
C VAL C 473 27.99 41.18 33.85
N TYR C 474 27.80 42.08 32.89
CA TYR C 474 28.46 41.95 31.60
C TYR C 474 29.58 42.95 31.38
N THR C 475 29.60 44.07 32.10
CA THR C 475 30.65 45.05 31.87
C THR C 475 31.10 45.63 33.19
N LEU C 476 32.41 45.88 33.30
CA LEU C 476 32.95 46.70 34.37
C LEU C 476 33.91 47.73 33.77
N ALA C 477 33.90 48.94 34.33
CA ALA C 477 34.72 49.99 33.79
C ALA C 477 35.09 50.94 34.92
N TRP C 478 36.33 51.40 34.93
CA TRP C 478 36.78 52.44 35.84
C TRP C 478 36.66 53.79 35.14
N GLY C 479 36.04 54.74 35.81
CA GLY C 479 35.96 56.09 35.32
C GLY C 479 35.97 57.04 36.50
N PRO C 480 35.92 58.34 36.24
CA PRO C 480 35.83 59.29 37.33
C PRO C 480 34.48 59.16 38.00
N PRO C 481 34.40 59.42 39.29
CA PRO C 481 33.09 59.36 39.96
C PRO C 481 32.19 60.49 39.46
N VAL C 482 30.90 60.29 39.65
CA VAL C 482 29.89 61.25 39.27
C VAL C 482 28.95 61.51 40.44
N PRO C 483 28.28 62.66 40.44
CA PRO C 483 27.36 63.02 41.51
C PRO C 483 26.33 61.94 41.79
N SER C 495 38.23 58.92 44.00
CA SER C 495 39.27 59.16 43.01
C SER C 495 38.97 58.56 41.62
N LEU C 496 38.75 57.25 41.57
CA LEU C 496 38.10 56.60 40.43
C LEU C 496 37.03 55.67 40.96
N ALA C 497 35.89 55.64 40.27
CA ALA C 497 34.80 54.76 40.67
C ALA C 497 34.79 53.52 39.80
N LEU C 498 34.15 52.48 40.31
CA LEU C 498 33.94 51.24 39.56
C LEU C 498 32.49 51.22 39.10
N TYR C 499 32.29 51.13 37.78
CA TYR C 499 30.96 51.09 37.16
C TYR C 499 30.71 49.67 36.66
N SER C 500 29.53 49.15 36.97
CA SER C 500 29.11 47.83 36.54
C SER C 500 27.84 47.93 35.71
N CYS C 501 27.67 46.97 34.80
CA CYS C 501 26.50 46.90 33.96
C CYS C 501 25.93 45.48 34.03
N GLY C 502 24.70 45.36 34.54
CA GLY C 502 24.01 44.09 34.56
C GLY C 502 23.06 43.94 33.39
N GLY C 503 22.66 42.69 33.13
CA GLY C 503 21.77 42.37 32.02
C GLY C 503 20.37 42.91 32.20
N GLU C 504 20.00 43.32 33.41
CA GLU C 504 18.70 43.92 33.62
C GLU C 504 18.66 45.33 33.04
N GLY C 505 19.80 45.97 32.82
CA GLY C 505 19.79 47.30 32.22
C GLY C 505 20.32 48.41 33.10
N ILE C 506 20.68 48.15 34.35
CA ILE C 506 21.21 49.17 35.27
C ILE C 506 22.73 49.25 35.19
N VAL C 507 23.25 50.48 35.24
CA VAL C 507 24.66 50.73 35.48
C VAL C 507 24.81 51.25 36.90
N LEU C 508 25.62 50.55 37.70
CA LEU C 508 25.89 50.95 39.07
C LEU C 508 27.19 51.69 39.15
N GLN C 509 27.21 52.72 40.00
CA GLN C 509 28.45 53.43 40.33
C GLN C 509 28.85 53.01 41.74
N HIS C 510 29.99 52.32 41.85
CA HIS C 510 30.48 51.79 43.11
C HIS C 510 31.65 52.59 43.63
N ASN C 511 31.70 52.70 44.97
CA ASN C 511 32.88 53.20 45.65
C ASN C 511 33.83 52.04 45.92
N PRO C 512 35.03 52.02 45.31
CA PRO C 512 35.94 50.89 45.54
C PRO C 512 36.54 50.88 46.95
N TRP C 513 36.60 52.02 47.64
CA TRP C 513 37.01 52.00 49.03
C TRP C 513 35.83 51.87 50.00
N LYS C 514 34.63 51.64 49.49
CA LYS C 514 33.48 51.46 50.35
C LYS C 514 32.49 50.52 49.69
N LEU C 515 32.99 49.38 49.21
CA LEU C 515 32.19 48.45 48.41
C LEU C 515 30.95 47.95 49.15
N SER C 516 30.93 47.95 50.47
CA SER C 516 29.75 47.52 51.19
C SER C 516 28.80 48.65 51.52
N GLY C 517 29.06 49.86 51.02
CA GLY C 517 28.17 50.99 51.17
C GLY C 517 27.06 51.00 50.12
N GLU C 518 26.50 52.18 49.90
CA GLU C 518 25.42 52.33 48.93
C GLU C 518 25.99 52.43 47.52
N ALA C 519 25.53 51.58 46.61
CA ALA C 519 25.86 51.75 45.20
C ALA C 519 24.81 52.64 44.57
N PHE C 520 25.21 53.38 43.55
CA PHE C 520 24.37 54.41 42.95
C PHE C 520 23.96 54.05 41.53
N ASP C 521 22.65 54.07 41.28
CA ASP C 521 22.05 53.85 39.97
C ASP C 521 22.18 55.13 39.15
N ILE C 522 23.04 55.12 38.13
CA ILE C 522 23.34 56.38 37.44
C ILE C 522 22.18 56.89 36.59
N ASN C 523 21.16 56.07 36.32
CA ASN C 523 19.96 56.61 35.65
C ASN C 523 19.41 57.81 36.43
N LYS C 524 19.52 57.78 37.77
CA LYS C 524 19.02 58.88 38.57
C LYS C 524 19.75 60.18 38.26
N LEU C 525 21.05 60.09 37.98
CA LEU C 525 21.77 61.31 37.63
C LEU C 525 21.46 61.75 36.21
N ILE C 526 21.37 60.79 35.30
CA ILE C 526 21.02 61.10 33.92
C ILE C 526 19.66 61.76 33.85
N ARG C 527 18.71 61.32 34.69
CA ARG C 527 17.36 61.89 34.72
C ARG C 527 17.36 63.32 35.26
N ASP C 528 18.31 63.65 36.13
CA ASP C 528 18.32 64.97 36.75
C ASP C 528 19.13 65.96 35.94
N THR C 529 20.20 65.50 35.31
CA THR C 529 21.08 66.41 34.61
C THR C 529 20.48 66.83 33.29
N ASN C 530 20.17 65.87 32.45
CA ASN C 530 19.22 66.08 31.38
C ASN C 530 17.85 66.04 32.03
N SER C 531 16.89 66.72 31.44
CA SER C 531 15.62 66.78 32.14
C SER C 531 14.68 65.69 31.67
N ILE C 532 15.23 64.50 31.53
CA ILE C 532 14.55 63.37 30.91
C ILE C 532 13.58 62.74 31.90
N LYS C 533 12.35 62.54 31.45
CA LYS C 533 11.31 61.94 32.28
C LYS C 533 10.73 60.67 31.64
N TYR C 534 11.27 60.28 30.49
CA TYR C 534 10.79 59.06 29.83
C TYR C 534 11.42 57.81 30.45
N LYS C 535 11.03 56.65 29.94
CA LYS C 535 11.53 55.39 30.49
C LYS C 535 12.88 55.13 29.82
N LEU C 536 13.97 55.19 30.59
CA LEU C 536 15.29 55.09 29.96
C LEU C 536 15.46 53.73 29.30
N PRO C 537 16.34 53.64 28.30
CA PRO C 537 16.64 52.33 27.71
C PRO C 537 17.38 51.40 28.69
N VAL C 538 17.16 50.11 28.49
CA VAL C 538 17.90 49.03 29.13
C VAL C 538 19.37 49.12 28.67
N HIS C 539 20.26 49.58 29.54
CA HIS C 539 21.69 49.70 29.22
C HIS C 539 22.37 48.34 29.23
N THR C 540 23.14 48.03 28.18
CA THR C 540 23.82 46.74 28.09
C THR C 540 25.34 46.80 28.05
N GLU C 541 25.94 47.98 27.99
CA GLU C 541 27.37 48.04 27.82
C GLU C 541 27.78 49.44 28.19
N ILE C 542 28.92 49.57 28.83
CA ILE C 542 29.45 50.88 29.20
C ILE C 542 30.92 50.91 28.81
N SER C 543 31.37 52.06 28.31
CA SER C 543 32.75 52.18 27.89
C SER C 543 33.17 53.63 28.07
N TRP C 544 34.21 53.85 28.88
CA TRP C 544 34.76 55.19 29.07
C TRP C 544 35.81 55.48 28.00
N LYS C 545 35.74 56.67 27.47
CA LYS C 545 36.77 57.11 26.54
C LYS C 545 38.06 57.29 27.35
N ALA C 546 39.22 57.15 26.68
CA ALA C 546 40.48 57.06 27.41
C ALA C 546 40.75 58.28 28.28
N ASP C 547 40.25 59.45 27.90
CA ASP C 547 40.58 60.62 28.72
C ASP C 547 39.69 60.74 29.94
N GLY C 548 38.75 59.80 30.14
CA GLY C 548 37.78 59.93 31.22
C GLY C 548 36.85 61.13 31.13
N LYS C 549 36.64 61.69 29.94
CA LYS C 549 35.71 62.80 29.77
C LYS C 549 34.38 62.40 29.15
N ILE C 550 34.29 61.21 28.57
CA ILE C 550 33.11 60.81 27.80
C ILE C 550 32.79 59.37 28.18
N MET C 551 31.52 59.12 28.48
CA MET C 551 31.00 57.78 28.74
C MET C 551 29.97 57.43 27.68
N ALA C 552 30.03 56.19 27.20
CA ALA C 552 29.10 55.66 26.21
C ALA C 552 28.33 54.50 26.84
N LEU C 553 27.01 54.48 26.63
CA LEU C 553 26.16 53.36 27.03
C LEU C 553 25.56 52.73 25.78
N GLY C 554 25.67 51.42 25.66
CA GLY C 554 24.92 50.69 24.67
C GLY C 554 23.65 50.18 25.30
N ASN C 555 22.61 50.05 24.49
CA ASN C 555 21.30 49.66 25.01
C ASN C 555 20.77 48.44 24.28
N GLU C 556 19.79 47.79 24.90
CA GLU C 556 19.10 46.66 24.28
C GLU C 556 18.53 47.04 22.92
N ASP C 557 17.97 48.26 22.83
CA ASP C 557 17.55 48.96 21.63
C ASP C 557 18.52 48.81 20.46
N GLY C 558 19.81 48.86 20.72
CA GLY C 558 20.81 49.01 19.68
C GLY C 558 21.44 50.38 19.66
N SER C 559 20.86 51.32 20.39
CA SER C 559 21.37 52.67 20.36
C SER C 559 22.56 52.78 21.30
N ILE C 560 23.34 53.85 21.11
CA ILE C 560 24.50 54.16 21.93
C ILE C 560 24.43 55.63 22.29
N GLU C 561 24.35 55.91 23.58
CA GLU C 561 24.26 57.28 24.10
C GLU C 561 25.63 57.75 24.57
N ILE C 562 25.92 59.03 24.33
CA ILE C 562 27.21 59.63 24.65
C ILE C 562 26.99 60.71 25.72
N PHE C 563 27.65 60.57 26.87
CA PHE C 563 27.50 61.46 28.00
C PHE C 563 28.81 62.19 28.27
N GLN C 564 28.68 63.41 28.79
CA GLN C 564 29.78 64.33 29.04
C GLN C 564 30.13 64.36 30.52
N ILE C 565 31.40 64.58 30.82
CA ILE C 565 32.03 64.13 32.07
C ILE C 565 31.33 64.61 33.34
N PRO C 566 31.18 65.93 33.61
CA PRO C 566 30.87 66.33 34.99
C PRO C 566 29.61 65.67 35.53
N ASN C 567 28.48 65.84 34.82
CA ASN C 567 27.20 65.40 35.35
C ASN C 567 26.45 64.46 34.41
N LEU C 568 27.17 63.82 33.49
CA LEU C 568 26.57 62.93 32.51
C LEU C 568 25.50 63.65 31.68
N LYS C 569 25.86 64.83 31.18
CA LYS C 569 25.05 65.49 30.17
C LYS C 569 25.06 64.69 28.88
N LEU C 570 23.87 64.34 28.38
CA LEU C 570 23.73 63.70 27.07
C LEU C 570 24.06 64.71 25.97
N ILE C 571 24.94 64.32 25.04
CA ILE C 571 25.25 65.18 23.91
C ILE C 571 24.95 64.51 22.58
N CYS C 572 24.82 63.19 22.52
CA CYS C 572 24.73 62.52 21.24
C CYS C 572 24.03 61.19 21.40
N THR C 573 23.30 60.79 20.35
CA THR C 573 22.78 59.44 20.26
C THR C 573 23.12 58.85 18.89
N ILE C 574 23.70 57.66 18.91
CA ILE C 574 24.15 56.95 17.71
C ILE C 574 23.14 55.86 17.42
N GLN C 575 22.48 55.95 16.26
CA GLN C 575 21.46 55.00 15.84
C GLN C 575 22.03 54.27 14.65
N GLN C 576 22.68 53.13 14.91
CA GLN C 576 23.30 52.38 13.84
C GLN C 576 22.93 50.91 13.99
N HIS C 577 23.16 50.34 15.17
CA HIS C 577 22.78 48.95 15.43
C HIS C 577 21.27 48.87 15.64
N HIS C 578 20.70 47.72 15.27
CA HIS C 578 19.29 47.41 15.50
C HIS C 578 19.10 46.22 16.44
N LYS C 579 20.17 45.69 17.01
CA LYS C 579 20.06 44.69 18.04
C LYS C 579 20.97 45.08 19.19
N LEU C 580 20.79 44.35 20.29
CA LEU C 580 21.45 44.63 21.57
C LEU C 580 22.96 44.81 21.42
N VAL C 581 23.52 45.71 22.21
CA VAL C 581 24.91 46.13 22.10
C VAL C 581 25.76 45.35 23.12
N ASN C 582 26.67 44.51 22.62
CA ASN C 582 27.55 43.66 23.43
C ASN C 582 28.88 44.29 23.81
N THR C 583 29.49 45.08 22.94
CA THR C 583 30.85 45.54 23.15
C THR C 583 31.00 46.93 22.53
N ILE C 584 31.71 47.82 23.23
CA ILE C 584 32.05 49.17 22.79
C ILE C 584 33.50 49.39 23.19
N SER C 585 34.30 50.00 22.31
CA SER C 585 35.69 50.24 22.69
C SER C 585 36.20 51.52 22.06
N TRP C 586 36.79 52.38 22.87
CA TRP C 586 37.36 53.64 22.39
C TRP C 586 38.81 53.38 21.98
N HIS C 587 39.24 54.04 20.93
CA HIS C 587 40.61 53.92 20.45
C HIS C 587 41.54 54.66 21.42
N HIS C 588 42.71 54.06 21.66
CA HIS C 588 43.71 54.60 22.57
C HIS C 588 44.17 55.99 22.13
N GLU C 589 44.91 56.67 23.00
CA GLU C 589 45.38 58.02 22.74
C GLU C 589 46.83 58.07 22.27
N HIS C 590 47.40 56.98 21.81
CA HIS C 590 48.83 56.93 21.53
C HIS C 590 49.17 56.98 20.06
N GLY C 591 48.18 57.05 19.18
CA GLY C 591 48.44 56.95 17.76
C GLY C 591 49.18 58.16 17.20
N SER C 592 49.55 58.02 15.93
CA SER C 592 50.31 59.06 15.23
C SER C 592 49.46 60.27 14.83
N GLN C 593 48.13 60.16 14.91
CA GLN C 593 47.24 61.31 14.75
C GLN C 593 46.30 61.37 15.95
N PRO C 594 46.17 62.54 16.60
CA PRO C 594 45.41 62.59 17.87
C PRO C 594 43.90 62.40 17.72
N GLU C 595 43.33 62.65 16.54
CA GLU C 595 41.88 62.52 16.44
C GLU C 595 41.41 61.06 16.39
N LEU C 596 42.34 60.10 16.40
CA LEU C 596 41.96 58.70 16.48
C LEU C 596 41.30 58.37 17.80
N SER C 597 41.59 59.18 18.81
CA SER C 597 41.02 58.93 20.13
C SER C 597 39.51 59.18 20.16
N TYR C 598 38.96 59.86 19.14
CA TYR C 598 37.52 60.03 19.03
C TYR C 598 36.85 58.88 18.30
N LEU C 599 37.61 57.91 17.80
CA LEU C 599 37.04 56.75 17.14
C LEU C 599 36.50 55.78 18.17
N MET C 600 35.26 55.33 17.99
CA MET C 600 34.64 54.40 18.91
C MET C 600 34.03 53.26 18.11
N ALA C 601 34.44 52.05 18.42
CA ALA C 601 33.95 50.85 17.77
C ALA C 601 32.91 50.17 18.64
N SER C 602 32.00 49.45 17.99
CA SER C 602 30.89 48.88 18.70
C SER C 602 30.40 47.68 17.92
N GLY C 603 29.76 46.76 18.65
CA GLY C 603 29.36 45.47 18.15
C GLY C 603 28.09 45.04 18.87
N SER C 604 27.18 44.40 18.14
CA SER C 604 25.85 44.08 18.63
C SER C 604 25.51 42.63 18.30
N ASN C 605 24.24 42.24 18.49
CA ASN C 605 23.84 40.89 18.13
C ASN C 605 23.74 40.70 16.62
N ASN C 606 23.86 41.77 15.83
CA ASN C 606 24.11 41.62 14.40
C ASN C 606 25.59 41.40 14.13
N ALA C 607 25.88 40.91 12.92
CA ALA C 607 27.25 40.60 12.52
C ALA C 607 28.07 41.82 12.03
N VAL C 608 27.43 42.87 11.52
CA VAL C 608 28.11 44.08 11.04
C VAL C 608 28.68 44.87 12.22
N ILE C 609 29.94 45.28 12.12
CA ILE C 609 30.61 46.11 13.15
C ILE C 609 30.71 47.56 12.66
N TYR C 610 30.48 48.51 13.55
CA TYR C 610 30.59 49.92 13.20
C TYR C 610 31.69 50.62 13.99
N VAL C 611 32.28 51.61 13.33
CA VAL C 611 33.18 52.59 13.91
C VAL C 611 32.55 53.97 13.69
N HIS C 612 32.46 54.76 14.76
CA HIS C 612 32.02 56.13 14.67
C HIS C 612 33.15 57.08 15.07
N ASN C 613 33.06 58.31 14.60
CA ASN C 613 34.02 59.35 14.93
C ASN C 613 33.26 60.45 15.65
N LEU C 614 33.59 60.66 16.92
CA LEU C 614 32.88 61.59 17.78
C LEU C 614 33.62 62.92 17.95
N LYS C 615 34.65 63.16 17.11
CA LYS C 615 35.44 64.36 17.24
C LYS C 615 34.58 65.61 17.08
N THR C 616 33.78 65.68 16.02
CA THR C 616 32.99 66.88 15.79
C THR C 616 32.01 67.11 16.92
N VAL C 617 31.29 66.08 17.35
CA VAL C 617 30.23 66.38 18.31
C VAL C 617 30.80 66.63 19.70
N ILE C 618 31.88 65.95 20.09
CA ILE C 618 32.42 66.19 21.43
C ILE C 618 32.99 67.60 21.53
N GLU C 619 33.69 68.05 20.48
CA GLU C 619 34.26 69.39 20.52
C GLU C 619 33.24 70.49 20.34
N SER C 620 32.06 70.19 19.77
CA SER C 620 31.04 71.20 19.64
C SER C 620 30.23 71.37 20.93
N SER C 621 30.31 70.41 21.84
CA SER C 621 29.70 70.43 23.16
C SER C 621 28.26 70.98 23.08
N PRO C 622 27.39 70.34 22.31
CA PRO C 622 26.15 70.99 21.91
C PRO C 622 25.22 71.25 23.08
N GLU C 623 24.47 72.36 22.97
CA GLU C 623 23.49 72.74 23.99
C GLU C 623 22.40 71.69 24.13
N SER C 624 21.92 71.15 23.00
CA SER C 624 20.98 70.04 22.98
C SER C 624 21.57 68.87 22.18
N PRO C 625 21.13 67.63 22.43
CA PRO C 625 21.87 66.47 21.92
C PRO C 625 21.69 66.23 20.42
N VAL C 626 22.79 65.95 19.76
CA VAL C 626 22.82 65.53 18.36
C VAL C 626 22.40 64.06 18.25
N THR C 627 22.02 63.68 17.03
CA THR C 627 21.80 62.30 16.65
C THR C 627 22.74 61.98 15.48
N ILE C 628 23.27 60.76 15.45
CA ILE C 628 24.14 60.32 14.36
C ILE C 628 23.57 59.04 13.79
N THR C 629 23.45 58.98 12.47
CA THR C 629 22.79 57.86 11.81
C THR C 629 23.60 57.26 10.67
N GLU C 630 24.77 57.81 10.36
CA GLU C 630 25.67 57.19 9.41
C GLU C 630 26.98 56.84 10.11
N PRO C 631 27.60 55.71 9.78
CA PRO C 631 28.85 55.32 10.42
C PRO C 631 30.07 55.89 9.69
N TYR C 632 31.13 56.07 10.46
CA TYR C 632 32.39 56.55 9.91
C TYR C 632 33.09 55.45 9.12
N ARG C 633 32.98 54.21 9.58
CA ARG C 633 33.50 53.02 8.91
C ARG C 633 32.59 51.86 9.25
N THR C 634 32.54 50.89 8.35
CA THR C 634 31.73 49.70 8.57
C THR C 634 32.57 48.51 8.25
N LEU C 635 32.57 47.55 9.15
CA LEU C 635 33.32 46.31 9.01
C LEU C 635 32.32 45.19 8.83
N SER C 636 32.25 44.66 7.61
CA SER C 636 31.35 43.57 7.28
C SER C 636 32.14 42.30 7.03
N GLY C 637 31.57 41.17 7.43
CA GLY C 637 32.27 39.92 7.22
C GLY C 637 31.88 38.81 8.18
N HIS C 638 31.64 39.15 9.43
CA HIS C 638 31.19 38.13 10.36
C HIS C 638 29.80 37.64 9.98
N THR C 639 29.46 36.48 10.52
CA THR C 639 28.23 35.77 10.20
C THR C 639 27.35 35.53 11.43
N ALA C 640 27.77 36.00 12.60
CA ALA C 640 26.95 35.89 13.80
C ALA C 640 27.28 37.06 14.72
N LYS C 641 26.70 37.08 15.91
CA LYS C 641 26.81 38.21 16.81
C LYS C 641 28.26 38.49 17.21
N ILE C 642 28.51 39.76 17.51
CA ILE C 642 29.82 40.24 17.92
C ILE C 642 29.82 40.36 19.43
N THR C 643 30.66 39.56 20.08
CA THR C 643 30.73 39.58 21.52
C THR C 643 31.76 40.56 22.03
N SER C 644 32.70 40.98 21.20
CA SER C 644 33.81 41.72 21.80
C SER C 644 34.67 42.33 20.72
N VAL C 645 35.09 43.59 20.88
CA VAL C 645 36.03 44.24 19.97
C VAL C 645 37.11 44.96 20.77
N ALA C 646 38.31 45.07 20.20
CA ALA C 646 39.40 45.72 20.90
C ALA C 646 40.33 46.34 19.88
N TRP C 647 40.88 47.50 20.22
CA TRP C 647 41.85 48.20 19.37
C TRP C 647 43.28 47.79 19.70
N SER C 648 44.10 47.67 18.69
CA SER C 648 45.49 47.36 18.94
C SER C 648 46.18 48.57 19.55
N PRO C 649 46.88 48.41 20.69
CA PRO C 649 47.67 49.52 21.24
C PRO C 649 48.92 49.80 20.46
N HIS C 650 49.27 48.96 19.50
CA HIS C 650 50.50 49.13 18.73
C HIS C 650 50.29 49.79 17.37
N HIS C 651 49.05 50.07 16.96
CA HIS C 651 48.74 50.50 15.60
C HIS C 651 47.76 51.68 15.62
N ASP C 652 47.58 52.26 14.43
CA ASP C 652 46.48 53.19 14.15
C ASP C 652 45.30 52.43 13.59
N GLY C 653 44.15 52.51 14.25
CA GLY C 653 42.93 51.97 13.67
C GLY C 653 42.96 50.48 13.37
N ARG C 654 43.68 49.69 14.15
CA ARG C 654 43.60 48.26 13.94
C ARG C 654 42.71 47.66 15.02
N LEU C 655 41.71 46.90 14.59
CA LEU C 655 40.67 46.38 15.44
C LEU C 655 40.67 44.87 15.29
N VAL C 656 40.41 44.17 16.40
CA VAL C 656 40.09 42.76 16.34
C VAL C 656 38.69 42.59 16.90
N SER C 657 37.97 41.59 16.37
CA SER C 657 36.63 41.29 16.81
C SER C 657 36.47 39.79 17.05
N ALA C 658 35.68 39.46 18.06
CA ALA C 658 35.29 38.09 18.38
C ALA C 658 33.81 37.88 18.06
N SER C 659 33.50 36.73 17.47
CA SER C 659 32.16 36.48 16.97
C SER C 659 31.67 35.09 17.36
N TYR C 660 30.34 34.97 17.42
CA TYR C 660 29.71 33.65 17.50
C TYR C 660 29.94 32.82 16.25
N ASP C 661 30.47 33.41 15.17
CA ASP C 661 30.69 32.55 14.03
C ASP C 661 31.89 31.64 14.23
N GLY C 662 32.52 31.69 15.41
CA GLY C 662 33.64 30.82 15.75
C GLY C 662 35.00 31.34 15.38
N THR C 663 35.12 32.58 14.96
CA THR C 663 36.37 33.15 14.48
C THR C 663 36.60 34.51 15.12
N ALA C 664 37.86 34.89 15.19
CA ALA C 664 38.28 36.25 15.47
C ALA C 664 38.90 36.84 14.21
N GLN C 665 38.69 38.13 14.01
CA GLN C 665 39.03 38.78 12.75
C GLN C 665 39.77 40.07 13.06
N VAL C 666 40.83 40.36 12.33
CA VAL C 666 41.57 41.60 12.50
C VAL C 666 41.28 42.54 11.34
N TRP C 667 41.00 43.80 11.66
CA TRP C 667 40.65 44.77 10.65
C TRP C 667 41.55 45.99 10.70
N ASP C 668 41.98 46.45 9.53
CA ASP C 668 42.37 47.84 9.39
C ASP C 668 41.07 48.64 9.27
N ALA C 669 40.59 49.10 10.43
CA ALA C 669 39.32 49.80 10.54
C ALA C 669 39.23 50.95 9.55
N LEU C 670 40.30 51.76 9.45
CA LEU C 670 40.19 52.96 8.63
C LEU C 670 40.11 52.69 7.14
N ARG C 671 40.46 51.48 6.70
CA ARG C 671 40.26 51.06 5.31
C ARG C 671 39.08 50.12 5.12
N GLU C 672 38.47 49.65 6.21
CA GLU C 672 37.48 48.58 6.14
C GLU C 672 38.00 47.38 5.36
N GLU C 673 39.27 47.04 5.60
CA GLU C 673 39.91 45.90 4.96
C GLU C 673 40.08 44.76 5.97
N PRO C 674 39.66 43.54 5.64
CA PRO C 674 39.92 42.42 6.57
C PRO C 674 41.38 41.98 6.48
N LEU C 675 42.05 41.88 7.64
CA LEU C 675 43.48 41.59 7.62
C LEU C 675 43.78 40.12 7.80
N CYS C 676 43.18 39.49 8.81
CA CYS C 676 43.41 38.07 9.00
C CYS C 676 42.33 37.50 9.91
N ASN C 677 42.05 36.22 9.72
CA ASN C 677 40.96 35.56 10.41
C ASN C 677 41.48 34.35 11.17
N PHE C 678 41.22 34.30 12.48
CA PHE C 678 41.70 33.21 13.31
C PHE C 678 40.58 32.21 13.51
N ARG C 679 40.82 30.96 13.09
CA ARG C 679 39.84 29.87 13.13
C ARG C 679 40.22 28.74 14.06
N GLY C 680 41.14 28.97 15.01
CA GLY C 680 41.58 27.87 15.85
C GLY C 680 40.57 27.43 16.89
N HIS C 681 39.65 28.31 17.28
CA HIS C 681 38.66 27.89 18.27
C HIS C 681 37.68 26.89 17.65
N ARG C 682 36.99 26.16 18.51
CA ARG C 682 35.97 25.24 18.03
C ARG C 682 34.61 25.56 18.60
N GLY C 683 34.45 26.68 19.25
CA GLY C 683 33.12 27.07 19.60
C GLY C 683 32.91 28.55 19.32
N ARG C 684 31.95 29.15 20.01
CA ARG C 684 31.69 30.56 19.90
C ARG C 684 32.68 31.38 20.76
N LEU C 685 33.30 32.41 20.15
CA LEU C 685 34.20 33.29 20.89
C LEU C 685 33.43 34.23 21.80
N LEU C 686 34.02 34.51 22.96
CA LEU C 686 33.40 35.36 23.97
C LEU C 686 34.20 36.61 24.30
N CYS C 687 35.47 36.71 23.89
CA CYS C 687 36.33 37.80 24.33
C CYS C 687 37.65 37.77 23.54
N VAL C 688 38.31 38.93 23.45
CA VAL C 688 39.59 39.12 22.76
C VAL C 688 40.39 40.19 23.50
N ALA C 689 41.70 39.97 23.59
CA ALA C 689 42.58 40.94 24.20
C ALA C 689 43.84 40.98 23.38
N TRP C 690 44.24 42.18 22.98
CA TRP C 690 45.51 42.34 22.29
C TRP C 690 46.64 42.19 23.30
N SER C 691 47.70 41.51 22.90
CA SER C 691 48.86 41.45 23.75
C SER C 691 49.42 42.86 23.90
N PRO C 692 49.75 43.28 25.12
CA PRO C 692 50.29 44.64 25.28
C PRO C 692 51.77 44.74 25.00
N LEU C 693 52.44 43.66 24.59
CA LEU C 693 53.84 43.77 24.20
C LEU C 693 54.12 43.45 22.74
N ASP C 694 53.51 42.40 22.17
CA ASP C 694 53.83 42.03 20.79
C ASP C 694 52.72 42.46 19.86
N PRO C 695 52.99 43.35 18.89
CA PRO C 695 51.92 43.78 17.96
C PRO C 695 51.29 42.68 17.15
N ASP C 696 51.97 41.57 16.91
CA ASP C 696 51.36 40.52 16.11
C ASP C 696 50.61 39.51 16.93
N CYS C 697 50.40 39.76 18.21
CA CYS C 697 50.00 38.69 19.10
C CYS C 697 48.68 39.00 19.79
N ILE C 698 47.76 38.02 19.79
CA ILE C 698 46.43 38.24 20.29
C ILE C 698 45.95 37.02 21.06
N TYR C 699 45.19 37.28 22.12
CA TYR C 699 44.56 36.24 22.91
C TYR C 699 43.04 36.23 22.68
N SER C 700 42.45 35.04 22.67
CA SER C 700 40.99 34.92 22.55
C SER C 700 40.46 33.76 23.37
N GLY C 701 39.22 33.90 23.81
CA GLY C 701 38.55 32.87 24.60
C GLY C 701 37.17 32.57 24.05
N ALA C 702 36.77 31.30 24.14
CA ALA C 702 35.54 30.84 23.53
C ALA C 702 34.83 29.85 24.44
N ASP C 703 33.63 29.47 24.03
CA ASP C 703 32.89 28.51 24.81
C ASP C 703 33.38 27.06 24.56
N ASP C 704 34.49 26.90 23.87
CA ASP C 704 35.14 25.61 23.74
C ASP C 704 36.09 25.29 24.93
N PHE C 705 36.02 26.05 26.02
CA PHE C 705 36.91 25.91 27.19
C PHE C 705 38.38 26.17 26.83
N CYS C 706 38.63 27.08 25.88
CA CYS C 706 39.98 27.39 25.46
C CYS C 706 40.27 28.86 25.54
N VAL C 707 41.55 29.16 25.76
CA VAL C 707 42.13 30.43 25.40
C VAL C 707 43.28 30.13 24.45
N HIS C 708 43.28 30.77 23.28
CA HIS C 708 44.37 30.69 22.33
C HIS C 708 45.12 31.99 22.30
N LYS C 709 46.45 31.89 22.31
CA LYS C 709 47.34 33.00 22.03
C LYS C 709 47.85 32.77 20.61
N TRP C 710 47.53 33.66 19.70
CA TRP C 710 47.89 33.42 18.31
C TRP C 710 48.54 34.67 17.71
N LEU C 711 49.02 34.52 16.49
CA LEU C 711 49.83 35.54 15.81
C LEU C 711 49.19 35.94 14.49
N THR C 712 49.06 37.24 14.27
CA THR C 712 48.33 37.69 13.08
C THR C 712 49.10 37.43 11.80
N SER C 713 50.42 37.25 11.88
CA SER C 713 51.24 36.92 10.73
C SER C 713 51.23 35.43 10.40
N MET C 714 50.69 34.57 11.23
CA MET C 714 50.74 33.14 10.98
C MET C 714 49.43 32.61 10.37
N GLN C 715 48.44 33.46 10.13
CA GLN C 715 47.15 32.96 9.70
C GLN C 715 47.13 32.67 8.20
N ASP C 716 46.33 31.67 7.83
CA ASP C 716 46.17 31.35 6.42
C ASP C 716 44.98 32.05 5.78
N HIS C 717 44.07 32.64 6.55
CA HIS C 717 42.86 33.28 6.01
C HIS C 717 42.75 34.73 6.45
N SER C 718 42.16 35.55 5.58
CA SER C 718 42.00 36.99 5.69
C SER C 718 40.65 37.43 6.24
N ARG C 719 39.60 36.69 5.96
CA ARG C 719 38.20 37.07 6.15
C ARG C 719 37.46 35.98 6.92
N PRO C 720 36.33 36.31 7.51
CA PRO C 720 35.52 35.26 8.13
C PRO C 720 34.99 34.31 7.06
N PRO C 721 34.78 33.03 7.41
CA PRO C 721 34.21 32.07 6.46
C PRO C 721 32.85 32.51 5.94
N GLN C 722 32.51 32.00 4.77
CA GLN C 722 31.20 32.26 4.14
C GLN C 722 30.11 31.49 4.86
N GLN D 3 -16.89 1.03 -43.89
CA GLN D 3 -16.91 2.36 -43.28
C GLN D 3 -17.51 2.34 -41.87
N GLU D 4 -18.52 1.50 -41.64
CA GLU D 4 -19.27 1.53 -40.40
C GLU D 4 -19.70 0.11 -40.04
N PRO D 5 -19.95 -0.16 -38.75
CA PRO D 5 -20.32 -1.51 -38.31
C PRO D 5 -21.74 -1.89 -38.66
N ARG D 6 -21.96 -3.20 -38.79
CA ARG D 6 -23.29 -3.76 -38.97
C ARG D 6 -23.49 -4.93 -38.00
N THR D 7 -24.74 -5.17 -37.66
CA THR D 7 -25.17 -6.35 -36.91
C THR D 7 -26.34 -6.99 -37.64
N LEU D 8 -26.13 -8.19 -38.15
CA LEU D 8 -27.20 -9.07 -38.55
C LEU D 8 -27.75 -9.79 -37.31
N PRO D 9 -28.93 -9.40 -36.83
CA PRO D 9 -29.35 -9.78 -35.48
C PRO D 9 -30.09 -11.11 -35.49
N PRO D 10 -30.34 -11.67 -34.31
CA PRO D 10 -31.25 -12.83 -34.23
C PRO D 10 -32.66 -12.42 -34.61
N SER D 11 -33.49 -13.44 -34.84
CA SER D 11 -34.89 -13.23 -35.20
C SER D 11 -35.71 -12.72 -34.01
N PRO D 12 -36.60 -11.76 -34.23
CA PRO D 12 -37.58 -11.39 -33.21
C PRO D 12 -38.34 -12.61 -32.71
N ASN D 13 -38.66 -12.62 -31.42
CA ASN D 13 -39.26 -13.80 -30.80
C ASN D 13 -40.71 -13.98 -31.21
N TRP D 14 -41.16 -15.24 -31.27
CA TRP D 14 -42.48 -15.56 -31.77
C TRP D 14 -43.48 -15.68 -30.63
N TYR D 15 -44.75 -15.43 -30.96
CA TYR D 15 -45.88 -15.75 -30.07
C TYR D 15 -45.84 -14.98 -28.76
N CYS D 16 -45.45 -13.71 -28.84
CA CYS D 16 -45.48 -12.78 -27.73
C CYS D 16 -46.37 -11.61 -28.12
N ALA D 17 -47.32 -11.28 -27.26
CA ALA D 17 -48.26 -10.23 -27.63
C ALA D 17 -47.57 -8.87 -27.69
N ARG D 18 -46.48 -8.68 -26.95
CA ARG D 18 -45.73 -7.43 -26.98
C ARG D 18 -44.28 -7.72 -26.60
N CYS D 19 -43.44 -7.95 -27.61
CA CYS D 19 -42.02 -8.11 -27.34
C CYS D 19 -41.21 -7.18 -28.24
N SER D 20 -41.77 -6.02 -28.58
CA SER D 20 -41.11 -4.98 -29.36
C SER D 20 -41.91 -3.70 -29.20
N ASP D 21 -41.23 -2.56 -29.35
CA ASP D 21 -41.89 -1.26 -29.21
C ASP D 21 -40.95 -0.20 -29.77
N ALA D 22 -41.46 1.03 -29.86
CA ALA D 22 -40.69 2.15 -30.39
C ALA D 22 -41.11 3.44 -29.71
N VAL D 23 -40.17 4.37 -29.63
CA VAL D 23 -40.42 5.70 -29.08
C VAL D 23 -40.09 6.71 -30.17
N PRO D 24 -40.66 7.91 -30.09
CA PRO D 24 -40.59 8.84 -31.23
C PRO D 24 -39.21 9.46 -31.40
N GLY D 25 -39.02 10.01 -32.57
CA GLY D 25 -37.75 10.57 -32.96
C GLY D 25 -37.10 9.49 -33.72
N GLY D 26 -37.11 8.29 -33.14
CA GLY D 26 -36.73 7.12 -33.88
C GLY D 26 -35.92 6.11 -33.12
N LEU D 27 -36.54 5.37 -32.19
CA LEU D 27 -35.88 4.22 -31.55
C LEU D 27 -36.83 3.03 -31.53
N PHE D 28 -36.40 1.90 -32.11
CA PHE D 28 -37.17 0.66 -32.14
C PHE D 28 -36.40 -0.44 -31.40
N GLY D 29 -37.08 -1.12 -30.49
CA GLY D 29 -36.52 -2.25 -29.78
C GLY D 29 -37.32 -3.51 -30.06
N PHE D 30 -36.62 -4.64 -30.23
CA PHE D 30 -37.32 -5.90 -30.43
C PHE D 30 -36.61 -7.03 -29.69
N ALA D 31 -37.42 -7.90 -29.08
CA ALA D 31 -36.88 -9.03 -28.32
C ALA D 31 -36.43 -10.13 -29.26
N ALA D 32 -35.20 -10.61 -29.06
CA ALA D 32 -34.63 -11.67 -29.89
C ALA D 32 -33.76 -12.54 -29.00
N ARG D 33 -34.10 -13.83 -28.92
CA ARG D 33 -33.43 -14.78 -28.04
C ARG D 33 -33.44 -14.23 -26.61
N THR D 34 -32.29 -13.99 -25.98
CA THR D 34 -32.30 -13.50 -24.60
C THR D 34 -31.95 -12.03 -24.48
N SER D 35 -31.97 -11.31 -25.58
CA SER D 35 -31.60 -9.90 -25.62
C SER D 35 -32.77 -9.09 -26.17
N VAL D 36 -32.61 -7.77 -26.14
CA VAL D 36 -33.46 -6.83 -26.86
C VAL D 36 -32.54 -5.98 -27.72
N PHE D 37 -32.83 -5.94 -29.03
CA PHE D 37 -32.00 -5.22 -29.98
C PHE D 37 -32.60 -3.85 -30.24
N LEU D 38 -31.73 -2.84 -30.26
CA LEU D 38 -32.11 -1.45 -30.40
C LEU D 38 -31.73 -0.94 -31.77
N VAL D 39 -32.67 -0.28 -32.45
CA VAL D 39 -32.50 0.18 -33.83
C VAL D 39 -32.96 1.63 -33.93
N ARG D 40 -32.02 2.52 -34.23
CA ARG D 40 -32.37 3.92 -34.45
C ARG D 40 -32.97 4.06 -35.85
N VAL D 41 -34.10 4.76 -35.92
CA VAL D 41 -34.85 4.92 -37.17
C VAL D 41 -35.06 6.40 -37.47
N GLY D 42 -34.71 6.82 -38.68
CA GLY D 42 -34.89 8.19 -39.07
C GLY D 42 -33.58 8.92 -39.26
N PRO D 43 -33.66 10.24 -39.38
CA PRO D 43 -32.46 11.04 -39.66
C PRO D 43 -31.31 10.78 -38.72
N GLY D 44 -31.57 10.37 -37.49
CA GLY D 44 -30.53 10.11 -36.51
C GLY D 44 -29.68 8.88 -36.79
N ALA D 45 -30.10 7.99 -37.70
CA ALA D 45 -29.26 6.85 -38.06
C ALA D 45 -28.02 7.27 -38.85
N GLY D 46 -28.02 8.45 -39.46
CA GLY D 46 -26.84 8.93 -40.16
C GLY D 46 -26.50 8.19 -41.44
N GLU D 47 -27.50 7.67 -42.16
CA GLU D 47 -27.24 6.98 -43.41
C GLU D 47 -27.33 7.93 -44.60
N SER D 48 -26.72 7.52 -45.71
CA SER D 48 -26.73 8.32 -46.91
C SER D 48 -28.15 8.48 -47.44
N PRO D 49 -28.42 9.53 -48.21
CA PRO D 49 -29.68 9.58 -48.96
C PRO D 49 -29.76 8.39 -49.90
N GLY D 50 -30.98 7.88 -50.10
CA GLY D 50 -31.11 6.66 -50.87
C GLY D 50 -30.51 5.44 -50.20
N THR D 51 -30.26 5.50 -48.90
CA THR D 51 -29.93 4.37 -48.06
C THR D 51 -30.98 4.29 -46.96
N PRO D 52 -31.51 3.10 -46.72
CA PRO D 52 -32.50 2.91 -45.65
C PRO D 52 -32.05 3.74 -44.46
N PRO D 53 -32.99 4.39 -43.79
CA PRO D 53 -32.64 5.25 -42.65
C PRO D 53 -32.60 4.53 -41.30
N PHE D 54 -31.99 3.35 -41.22
CA PHE D 54 -31.93 2.71 -39.91
C PHE D 54 -30.52 2.20 -39.62
N ARG D 55 -30.19 2.19 -38.34
CA ARG D 55 -28.95 1.62 -37.85
C ARG D 55 -29.27 0.78 -36.62
N VAL D 56 -28.73 -0.44 -36.59
CA VAL D 56 -28.69 -1.21 -35.36
C VAL D 56 -27.66 -0.58 -34.42
N ILE D 57 -28.10 -0.11 -33.25
CA ILE D 57 -27.25 0.69 -32.38
C ILE D 57 -26.84 -0.08 -31.14
N GLY D 58 -27.69 -1.00 -30.62
CA GLY D 58 -27.28 -1.61 -29.36
C GLY D 58 -28.09 -2.83 -28.99
N GLU D 59 -27.68 -3.43 -27.89
CA GLU D 59 -28.23 -4.68 -27.38
C GLU D 59 -28.40 -4.64 -25.86
N LEU D 60 -29.60 -4.98 -25.39
CA LEU D 60 -29.92 -5.05 -23.97
C LEU D 60 -29.55 -6.44 -23.47
N VAL D 61 -28.37 -6.55 -22.87
CA VAL D 61 -27.79 -7.84 -22.49
C VAL D 61 -27.91 -8.02 -20.97
N GLY D 62 -28.44 -9.16 -20.55
CA GLY D 62 -28.63 -9.38 -19.14
C GLY D 62 -29.47 -10.61 -18.82
N HIS D 63 -30.53 -10.83 -19.57
CA HIS D 63 -31.41 -11.94 -19.26
C HIS D 63 -30.71 -13.26 -19.55
N THR D 64 -31.09 -14.29 -18.79
CA THR D 64 -30.51 -15.61 -18.94
C THR D 64 -31.38 -16.56 -19.72
N GLU D 65 -32.58 -16.13 -20.09
CA GLU D 65 -33.56 -16.96 -20.76
C GLU D 65 -34.36 -16.06 -21.71
N ARG D 66 -35.20 -16.68 -22.55
CA ARG D 66 -35.86 -15.96 -23.66
C ARG D 66 -36.63 -14.75 -23.16
N VAL D 67 -36.49 -13.64 -23.87
CA VAL D 67 -37.23 -12.41 -23.56
C VAL D 67 -38.63 -12.51 -24.15
N SER D 68 -39.63 -12.41 -23.28
CA SER D 68 -41.00 -12.60 -23.69
C SER D 68 -41.78 -11.31 -23.82
N GLY D 69 -41.26 -10.21 -23.31
CA GLY D 69 -42.00 -8.97 -23.29
C GLY D 69 -41.04 -7.80 -23.28
N PHE D 70 -41.41 -6.75 -24.02
CA PHE D 70 -40.64 -5.51 -24.06
C PHE D 70 -41.60 -4.34 -24.22
N THR D 71 -41.27 -3.22 -23.57
CA THR D 71 -42.16 -2.07 -23.45
C THR D 71 -41.32 -0.84 -23.13
N PHE D 72 -41.38 0.17 -24.00
CA PHE D 72 -40.74 1.44 -23.75
C PHE D 72 -41.57 2.27 -22.78
N SER D 73 -40.97 3.34 -22.29
CA SER D 73 -41.71 4.35 -21.56
C SER D 73 -42.10 5.42 -22.57
N HIS D 74 -43.38 5.75 -22.63
CA HIS D 74 -43.82 6.78 -23.56
C HIS D 74 -44.09 8.09 -22.84
N HIS D 75 -43.34 8.36 -21.79
CA HIS D 75 -43.49 9.57 -21.02
C HIS D 75 -42.44 10.57 -21.47
N PRO D 76 -42.84 11.77 -21.94
CA PRO D 76 -41.86 12.72 -22.51
C PRO D 76 -40.68 12.98 -21.58
N GLY D 77 -39.51 13.18 -22.19
CA GLY D 77 -38.30 13.31 -21.40
C GLY D 77 -37.88 12.07 -20.65
N GLN D 78 -38.51 10.92 -20.95
CA GLN D 78 -38.20 9.66 -20.30
C GLN D 78 -38.24 8.50 -21.30
N TYR D 79 -38.20 8.79 -22.60
CA TYR D 79 -38.20 7.72 -23.60
C TYR D 79 -36.93 6.89 -23.59
N ASN D 80 -36.01 7.10 -22.66
CA ASN D 80 -34.84 6.23 -22.59
C ASN D 80 -35.06 5.01 -21.69
N LEU D 81 -36.20 4.92 -21.03
CA LEU D 81 -36.50 3.82 -20.13
C LEU D 81 -37.42 2.81 -20.79
N CYS D 82 -37.20 1.53 -20.47
CA CYS D 82 -38.00 0.45 -21.03
C CYS D 82 -37.95 -0.73 -20.08
N ALA D 83 -38.89 -1.66 -20.23
CA ALA D 83 -38.97 -2.81 -19.34
C ALA D 83 -39.07 -4.10 -20.15
N THR D 84 -38.46 -5.15 -19.62
CA THR D 84 -38.42 -6.47 -20.22
C THR D 84 -38.89 -7.51 -19.21
N SER D 85 -39.44 -8.60 -19.75
CA SER D 85 -39.85 -9.74 -18.96
C SER D 85 -39.20 -10.97 -19.60
N SER D 86 -38.99 -12.01 -18.80
CA SER D 86 -38.19 -13.11 -19.32
C SER D 86 -38.57 -14.42 -18.66
N ASP D 87 -38.31 -15.50 -19.40
CA ASP D 87 -38.45 -16.83 -18.82
C ASP D 87 -37.44 -17.10 -17.71
N ASP D 88 -36.58 -16.16 -17.34
CA ASP D 88 -35.79 -16.32 -16.14
C ASP D 88 -36.53 -15.81 -14.90
N GLY D 89 -37.79 -15.37 -15.08
CA GLY D 89 -38.64 -14.86 -14.03
C GLY D 89 -38.39 -13.41 -13.65
N THR D 90 -37.52 -12.73 -14.38
CA THR D 90 -37.11 -11.36 -14.13
C THR D 90 -37.99 -10.37 -14.88
N VAL D 91 -38.39 -9.27 -14.22
CA VAL D 91 -38.71 -8.01 -14.90
C VAL D 91 -37.60 -6.99 -14.63
N LYS D 92 -37.02 -6.44 -15.69
CA LYS D 92 -35.92 -5.48 -15.62
C LYS D 92 -36.31 -4.14 -16.20
N ILE D 93 -35.94 -3.06 -15.51
CA ILE D 93 -36.02 -1.71 -16.06
C ILE D 93 -34.63 -1.36 -16.58
N TRP D 94 -34.56 -0.82 -17.79
CA TRP D 94 -33.30 -0.50 -18.41
C TRP D 94 -33.24 0.99 -18.74
N ASP D 95 -32.02 1.45 -18.96
CA ASP D 95 -31.75 2.76 -19.55
C ASP D 95 -30.99 2.50 -20.86
N VAL D 96 -31.66 2.78 -21.99
CA VAL D 96 -31.05 2.50 -23.29
C VAL D 96 -29.86 3.41 -23.56
N GLU D 97 -29.80 4.59 -22.94
CA GLU D 97 -28.60 5.39 -23.08
C GLU D 97 -27.37 4.60 -22.65
N THR D 98 -27.44 3.91 -21.50
CA THR D 98 -26.30 3.16 -20.98
C THR D 98 -26.38 1.67 -21.23
N LYS D 99 -27.49 1.18 -21.79
CA LYS D 99 -27.73 -0.26 -22.02
C LYS D 99 -27.64 -1.07 -20.73
N THR D 100 -27.94 -0.48 -19.58
CA THR D 100 -27.77 -1.14 -18.30
C THR D 100 -29.07 -1.12 -17.49
N VAL D 101 -29.18 -2.10 -16.58
CA VAL D 101 -30.36 -2.26 -15.74
C VAL D 101 -30.42 -1.16 -14.69
N VAL D 102 -31.57 -0.51 -14.56
CA VAL D 102 -31.77 0.44 -13.48
C VAL D 102 -32.17 -0.30 -12.21
N THR D 103 -33.20 -1.13 -12.32
CA THR D 103 -33.64 -2.00 -11.22
C THR D 103 -34.42 -3.14 -11.84
N GLU D 104 -34.78 -4.12 -11.00
CA GLU D 104 -35.45 -5.31 -11.48
C GLU D 104 -36.14 -6.03 -10.33
N HIS D 105 -37.11 -6.89 -10.67
CA HIS D 105 -37.79 -7.68 -9.64
C HIS D 105 -38.03 -9.10 -10.12
N ALA D 106 -38.33 -9.97 -9.15
CA ALA D 106 -38.60 -11.39 -9.33
C ALA D 106 -39.87 -11.76 -8.58
N LEU D 107 -40.88 -10.90 -8.72
CA LEU D 107 -42.13 -11.07 -8.01
C LEU D 107 -42.93 -12.24 -8.56
N HIS D 108 -42.93 -12.43 -9.88
CA HIS D 108 -43.76 -13.49 -10.46
C HIS D 108 -43.22 -14.86 -10.09
N GLN D 109 -44.12 -15.80 -9.86
CA GLN D 109 -43.71 -17.15 -9.51
C GLN D 109 -43.93 -18.15 -10.63
N HIS D 110 -44.64 -17.76 -11.69
CA HIS D 110 -44.83 -18.57 -12.88
C HIS D 110 -44.37 -17.80 -14.11
N THR D 111 -44.35 -18.51 -15.24
CA THR D 111 -43.83 -17.96 -16.48
C THR D 111 -44.56 -16.67 -16.87
N ILE D 112 -43.80 -15.58 -17.01
CA ILE D 112 -44.40 -14.30 -17.34
C ILE D 112 -44.91 -14.32 -18.77
N SER D 113 -46.09 -13.75 -18.99
CA SER D 113 -46.68 -13.70 -20.33
C SER D 113 -46.33 -12.41 -21.06
N THR D 114 -46.34 -11.27 -20.36
CA THR D 114 -46.12 -10.01 -21.04
C THR D 114 -46.03 -8.91 -19.98
N LEU D 115 -45.71 -7.70 -20.44
CA LEU D 115 -45.61 -6.54 -19.56
C LEU D 115 -45.96 -5.28 -20.34
N HIS D 116 -46.38 -4.23 -19.63
CA HIS D 116 -46.74 -3.00 -20.30
C HIS D 116 -46.37 -1.83 -19.42
N TRP D 117 -45.78 -0.80 -20.01
CA TRP D 117 -45.52 0.42 -19.27
C TRP D 117 -46.78 1.29 -19.28
N SER D 118 -47.20 1.74 -18.11
CA SER D 118 -48.41 2.54 -18.00
C SER D 118 -48.27 3.84 -18.79
N PRO D 119 -49.18 4.13 -19.73
CA PRO D 119 -49.14 5.44 -20.41
C PRO D 119 -49.41 6.61 -19.50
N ARG D 120 -49.98 6.37 -18.32
CA ARG D 120 -50.44 7.44 -17.46
C ARG D 120 -49.47 7.77 -16.34
N VAL D 121 -48.94 6.76 -15.66
CA VAL D 121 -48.15 6.98 -14.46
C VAL D 121 -46.70 6.65 -14.76
N LYS D 122 -45.80 7.57 -14.40
CA LYS D 122 -44.50 7.60 -15.05
C LYS D 122 -43.67 6.37 -14.74
N ASP D 123 -43.88 5.75 -13.57
CA ASP D 123 -43.00 4.68 -13.11
C ASP D 123 -43.75 3.39 -12.81
N LEU D 124 -44.85 3.10 -13.51
CA LEU D 124 -45.56 1.85 -13.28
C LEU D 124 -45.36 0.92 -14.46
N ILE D 125 -45.01 -0.31 -14.15
CA ILE D 125 -44.96 -1.43 -15.08
C ILE D 125 -45.98 -2.45 -14.56
N VAL D 126 -46.73 -3.03 -15.47
CA VAL D 126 -47.73 -4.04 -15.13
C VAL D 126 -47.39 -5.29 -15.92
N SER D 127 -47.24 -6.41 -15.22
CA SER D 127 -46.93 -7.68 -15.87
C SER D 127 -47.92 -8.75 -15.42
N GLY D 128 -48.03 -9.78 -16.25
CA GLY D 128 -48.93 -10.89 -15.97
C GLY D 128 -48.32 -12.18 -16.43
N ASP D 129 -48.73 -13.28 -15.79
CA ASP D 129 -48.14 -14.57 -16.11
C ASP D 129 -49.21 -15.59 -16.52
N GLU D 130 -48.77 -16.81 -16.77
CA GLU D 130 -49.62 -17.86 -17.31
C GLU D 130 -50.51 -18.50 -16.26
N LYS D 131 -50.33 -18.20 -14.98
CA LYS D 131 -51.28 -18.66 -13.99
C LYS D 131 -52.40 -17.66 -13.74
N GLY D 132 -52.19 -16.42 -14.15
CA GLY D 132 -53.20 -15.38 -14.03
C GLY D 132 -52.81 -14.26 -13.11
N VAL D 133 -51.61 -14.28 -12.59
CA VAL D 133 -51.21 -13.31 -11.59
C VAL D 133 -50.73 -12.05 -12.27
N VAL D 134 -51.16 -10.90 -11.76
CA VAL D 134 -50.73 -9.61 -12.27
C VAL D 134 -49.97 -8.89 -11.18
N PHE D 135 -48.88 -8.24 -11.56
CA PHE D 135 -48.12 -7.41 -10.64
C PHE D 135 -48.02 -5.97 -11.15
N CYS D 136 -48.34 -5.02 -10.28
CA CYS D 136 -48.10 -3.61 -10.51
C CYS D 136 -46.81 -3.24 -9.80
N TYR D 137 -45.89 -2.60 -10.51
CA TYR D 137 -44.57 -2.32 -9.98
C TYR D 137 -44.24 -0.86 -10.20
N TRP D 138 -44.09 -0.12 -9.09
CA TRP D 138 -43.70 1.28 -9.12
C TRP D 138 -42.22 1.34 -8.76
N PHE D 139 -41.36 1.56 -9.77
CA PHE D 139 -39.94 1.27 -9.60
C PHE D 139 -39.17 2.34 -8.82
N ASN D 140 -39.66 3.58 -8.75
CA ASN D 140 -38.97 4.60 -7.95
C ASN D 140 -38.79 4.14 -6.51
N ARG D 141 -39.90 3.83 -5.85
CA ARG D 141 -39.89 3.42 -4.46
C ARG D 141 -40.08 1.92 -4.28
N ASN D 142 -40.03 1.14 -5.37
CA ASN D 142 -40.11 -0.32 -5.31
C ASN D 142 -41.43 -0.81 -4.73
N ASP D 143 -42.53 -0.08 -4.95
CA ASP D 143 -43.83 -0.54 -4.50
C ASP D 143 -44.39 -1.57 -5.46
N SER D 144 -44.99 -2.63 -4.91
CA SER D 144 -45.49 -3.75 -5.70
C SER D 144 -46.85 -4.18 -5.18
N GLN D 145 -47.81 -4.36 -6.09
CA GLN D 145 -49.13 -4.85 -5.70
C GLN D 145 -49.41 -6.16 -6.42
N HIS D 146 -49.66 -7.21 -5.64
CA HIS D 146 -50.03 -8.50 -6.20
C HIS D 146 -51.51 -8.47 -6.56
N LEU D 147 -51.82 -8.93 -7.76
CA LEU D 147 -53.21 -9.01 -8.19
C LEU D 147 -53.46 -10.37 -8.81
N PHE D 148 -54.61 -10.95 -8.46
CA PHE D 148 -55.07 -12.18 -9.09
C PHE D 148 -56.52 -11.99 -9.46
N ILE D 149 -56.83 -12.02 -10.76
CA ILE D 149 -58.15 -11.66 -11.24
C ILE D 149 -58.95 -12.88 -11.67
N GLU D 150 -58.38 -13.81 -12.47
CA GLU D 150 -59.09 -15.03 -12.85
C GLU D 150 -58.09 -16.14 -13.11
N PRO D 151 -58.35 -17.39 -12.64
CA PRO D 151 -57.44 -18.52 -12.91
C PRO D 151 -57.37 -18.90 -14.39
N ARG D 152 -56.81 -18.01 -15.19
CA ARG D 152 -56.73 -18.22 -16.63
C ARG D 152 -55.34 -17.83 -17.11
N THR D 153 -54.96 -18.38 -18.26
CA THR D 153 -53.66 -18.11 -18.84
C THR D 153 -53.71 -16.76 -19.58
N ILE D 154 -52.92 -15.80 -19.11
CA ILE D 154 -52.86 -14.49 -19.72
C ILE D 154 -52.05 -14.57 -21.00
N PHE D 155 -52.58 -13.97 -22.07
CA PHE D 155 -51.84 -13.81 -23.32
C PHE D 155 -51.39 -12.38 -23.57
N CYS D 156 -52.19 -11.39 -23.17
CA CYS D 156 -51.79 -10.02 -23.40
C CYS D 156 -52.45 -9.13 -22.37
N LEU D 157 -51.96 -7.90 -22.33
CA LEU D 157 -52.38 -6.97 -21.30
C LEU D 157 -52.05 -5.59 -21.81
N THR D 158 -52.95 -4.62 -21.61
CA THR D 158 -52.73 -3.26 -22.07
C THR D 158 -53.36 -2.30 -21.09
N CYS D 159 -52.56 -1.37 -20.56
CA CYS D 159 -53.11 -0.31 -19.73
C CYS D 159 -53.84 0.69 -20.61
N SER D 160 -54.95 1.22 -20.07
CA SER D 160 -55.65 2.29 -20.74
C SER D 160 -54.71 3.48 -20.94
N PRO D 161 -54.69 4.09 -22.12
CA PRO D 161 -53.91 5.33 -22.29
C PRO D 161 -54.58 6.53 -21.66
N HIS D 162 -55.76 6.36 -21.07
CA HIS D 162 -56.49 7.52 -20.56
C HIS D 162 -56.68 7.50 -19.07
N HIS D 163 -57.18 6.42 -18.49
CA HIS D 163 -57.37 6.42 -17.04
C HIS D 163 -56.29 5.63 -16.34
N GLU D 164 -55.65 6.31 -15.37
CA GLU D 164 -54.47 5.84 -14.65
C GLU D 164 -54.64 4.43 -14.09
N ASP D 165 -55.85 4.02 -13.78
CA ASP D 165 -56.05 2.82 -12.97
C ASP D 165 -56.57 1.64 -13.76
N LEU D 166 -56.85 1.80 -15.05
CA LEU D 166 -57.57 0.79 -15.83
C LEU D 166 -56.64 -0.07 -16.66
N VAL D 167 -56.84 -1.38 -16.60
CA VAL D 167 -56.03 -2.35 -17.34
C VAL D 167 -56.94 -3.36 -18.02
N ALA D 168 -56.60 -3.70 -19.26
CA ALA D 168 -57.31 -4.71 -20.03
C ALA D 168 -56.41 -5.93 -20.23
N ILE D 169 -57.01 -7.11 -20.03
CA ILE D 169 -56.30 -8.38 -20.07
C ILE D 169 -57.04 -9.33 -21.01
N GLY D 170 -56.29 -10.05 -21.83
CA GLY D 170 -56.84 -11.09 -22.67
C GLY D 170 -56.20 -12.44 -22.35
N TYR D 171 -57.01 -13.50 -22.45
CA TYR D 171 -56.62 -14.83 -22.00
C TYR D 171 -56.57 -15.82 -23.17
N LYS D 172 -56.03 -17.01 -22.86
CA LYS D 172 -55.89 -18.07 -23.86
C LYS D 172 -57.23 -18.63 -24.30
N ASP D 173 -58.24 -18.56 -23.45
CA ASP D 173 -59.54 -19.12 -23.82
C ASP D 173 -60.41 -18.16 -24.65
N GLY D 174 -60.09 -16.88 -24.72
CA GLY D 174 -60.93 -15.91 -25.41
C GLY D 174 -61.58 -14.87 -24.51
N ILE D 175 -61.47 -15.03 -23.19
CA ILE D 175 -62.01 -14.07 -22.24
C ILE D 175 -61.19 -12.77 -22.29
N VAL D 176 -61.89 -11.64 -22.21
CA VAL D 176 -61.26 -10.34 -22.03
C VAL D 176 -61.89 -9.68 -20.80
N VAL D 177 -61.06 -8.94 -20.05
CA VAL D 177 -61.48 -8.37 -18.78
C VAL D 177 -60.88 -6.97 -18.64
N ILE D 178 -61.65 -6.05 -18.04
CA ILE D 178 -61.13 -4.74 -17.64
C ILE D 178 -61.16 -4.67 -16.12
N ILE D 179 -60.03 -4.29 -15.52
CA ILE D 179 -59.93 -4.18 -14.06
C ILE D 179 -59.47 -2.78 -13.68
N ASP D 180 -59.57 -2.50 -12.38
CA ASP D 180 -59.11 -1.26 -11.78
C ASP D 180 -58.00 -1.55 -10.78
N ILE D 181 -56.88 -0.83 -10.90
CA ILE D 181 -55.70 -1.07 -10.08
C ILE D 181 -55.89 -0.56 -8.66
N SER D 182 -56.55 0.57 -8.49
CA SER D 182 -56.70 1.15 -7.17
C SER D 182 -57.83 0.50 -6.37
N LYS D 183 -58.46 -0.54 -6.90
CA LYS D 183 -59.50 -1.26 -6.17
C LYS D 183 -59.17 -2.75 -6.11
N LYS D 184 -57.87 -3.07 -5.95
CA LYS D 184 -57.40 -4.44 -5.77
C LYS D 184 -57.81 -5.32 -6.95
N GLY D 185 -57.65 -4.78 -8.15
CA GLY D 185 -57.99 -5.51 -9.37
C GLY D 185 -59.45 -5.83 -9.50
N GLU D 186 -60.35 -4.96 -9.04
CA GLU D 186 -61.78 -5.22 -9.20
C GLU D 186 -62.12 -5.26 -10.69
N VAL D 187 -62.88 -6.28 -11.09
CA VAL D 187 -63.27 -6.43 -12.48
C VAL D 187 -64.40 -5.46 -12.76
N ILE D 188 -64.19 -4.58 -13.74
CA ILE D 188 -65.18 -3.60 -14.15
C ILE D 188 -66.06 -4.15 -15.25
N HIS D 189 -65.47 -4.92 -16.15
CA HIS D 189 -66.19 -5.46 -17.28
C HIS D 189 -65.61 -6.81 -17.64
N ARG D 190 -66.48 -7.81 -17.73
CA ARG D 190 -66.18 -9.07 -18.39
C ARG D 190 -66.76 -8.96 -19.80
N LEU D 191 -65.89 -9.03 -20.81
CA LEU D 191 -66.27 -8.89 -22.22
C LEU D 191 -66.17 -10.26 -22.89
N ARG D 192 -67.32 -10.86 -23.20
CA ARG D 192 -67.37 -12.20 -23.76
C ARG D 192 -67.89 -12.14 -25.19
N GLY D 193 -67.36 -13.02 -26.03
CA GLY D 193 -67.65 -12.99 -27.46
C GLY D 193 -66.60 -13.74 -28.25
N HIS D 194 -65.34 -13.50 -27.96
CA HIS D 194 -64.29 -14.25 -28.62
C HIS D 194 -64.38 -15.72 -28.23
N ASP D 195 -64.02 -16.59 -29.16
CA ASP D 195 -63.99 -18.03 -28.87
C ASP D 195 -62.60 -18.60 -28.60
N ASP D 196 -61.53 -17.85 -28.90
CA ASP D 196 -60.16 -18.39 -28.93
C ASP D 196 -59.19 -17.36 -28.40
N GLU D 197 -57.89 -17.72 -28.36
CA GLU D 197 -56.78 -16.89 -27.90
C GLU D 197 -56.95 -15.41 -28.23
N ILE D 198 -56.72 -14.55 -27.25
CA ILE D 198 -56.64 -13.11 -27.49
C ILE D 198 -55.20 -12.79 -27.82
N HIS D 199 -54.97 -12.17 -28.98
CA HIS D 199 -53.60 -11.84 -29.35
C HIS D 199 -53.24 -10.38 -29.11
N SER D 200 -54.22 -9.47 -29.08
CA SER D 200 -53.92 -8.08 -28.81
C SER D 200 -55.15 -7.34 -28.31
N ILE D 201 -54.88 -6.31 -27.52
CA ILE D 201 -55.87 -5.34 -27.07
C ILE D 201 -55.35 -3.93 -27.39
N ALA D 202 -56.17 -3.15 -28.07
CA ALA D 202 -55.84 -1.78 -28.39
C ALA D 202 -57.01 -0.89 -27.96
N TRP D 203 -56.72 0.08 -27.10
CA TRP D 203 -57.71 1.09 -26.74
C TRP D 203 -57.81 2.14 -27.85
N CYS D 204 -59.01 2.69 -27.98
CA CYS D 204 -59.21 3.84 -28.85
C CYS D 204 -58.34 4.98 -28.35
N PRO D 205 -57.42 5.50 -29.15
CA PRO D 205 -56.48 6.51 -28.65
C PRO D 205 -57.10 7.86 -28.36
N LEU D 206 -58.41 8.01 -28.52
CA LEU D 206 -59.09 9.23 -28.09
C LEU D 206 -60.22 8.85 -27.15
N PRO D 207 -60.52 9.71 -26.18
CA PRO D 207 -61.47 9.35 -25.13
C PRO D 207 -62.93 9.49 -25.55
N GLY D 208 -63.76 8.60 -24.99
CA GLY D 208 -65.19 8.65 -25.23
C GLY D 208 -65.62 7.99 -26.53
N CYS D 240 -65.49 4.93 -23.38
CA CYS D 240 -64.31 4.16 -23.77
C CYS D 240 -64.59 3.11 -24.84
N TYR D 241 -63.84 3.18 -25.94
CA TYR D 241 -63.85 2.11 -26.92
C TYR D 241 -62.58 1.28 -26.81
N LEU D 242 -62.67 0.04 -27.27
CA LEU D 242 -61.60 -0.94 -27.10
C LEU D 242 -61.68 -1.96 -28.23
N ALA D 243 -60.52 -2.38 -28.76
CA ALA D 243 -60.46 -3.38 -29.83
C ALA D 243 -59.61 -4.59 -29.42
N THR D 244 -60.08 -5.78 -29.80
CA THR D 244 -59.41 -7.03 -29.45
C THR D 244 -59.27 -7.91 -30.68
N GLY D 245 -58.10 -8.52 -30.84
CA GLY D 245 -57.86 -9.44 -31.94
C GLY D 245 -57.67 -10.87 -31.48
N SER D 246 -58.28 -11.82 -32.14
CA SER D 246 -58.29 -13.17 -31.61
C SER D 246 -57.90 -14.16 -32.69
N LYS D 247 -57.31 -15.27 -32.22
CA LYS D 247 -57.13 -16.42 -33.09
C LYS D 247 -58.45 -16.93 -33.71
N ASP D 248 -59.62 -16.53 -33.16
CA ASP D 248 -60.91 -16.92 -33.79
C ASP D 248 -61.20 -16.23 -35.16
N GLN D 249 -60.25 -15.42 -35.62
CA GLN D 249 -60.26 -14.76 -36.92
C GLN D 249 -61.19 -13.56 -36.94
N THR D 250 -61.54 -13.03 -35.77
CA THR D 250 -62.32 -11.81 -35.66
C THR D 250 -61.60 -10.76 -34.82
N ILE D 251 -61.87 -9.51 -35.17
CA ILE D 251 -61.58 -8.33 -34.36
C ILE D 251 -62.91 -7.83 -33.79
N ARG D 252 -62.97 -7.63 -32.49
CA ARG D 252 -64.19 -7.18 -31.83
C ARG D 252 -63.93 -5.85 -31.14
N ILE D 253 -64.73 -4.84 -31.47
CA ILE D 253 -64.64 -3.54 -30.84
C ILE D 253 -65.75 -3.42 -29.81
N TRP D 254 -65.38 -3.10 -28.57
CA TRP D 254 -66.29 -3.11 -27.44
C TRP D 254 -66.56 -1.70 -26.95
N SER D 255 -67.74 -1.51 -26.35
CA SER D 255 -68.03 -0.28 -25.62
C SER D 255 -67.67 -0.50 -24.15
N CYS D 256 -66.48 -0.02 -23.76
CA CYS D 256 -65.99 -0.21 -22.40
C CYS D 256 -66.84 0.52 -21.37
N SER D 257 -67.86 1.26 -21.81
CA SER D 257 -68.90 1.76 -20.92
C SER D 257 -70.10 0.82 -20.99
N ARG D 258 -70.93 0.99 -22.03
CA ARG D 258 -72.13 0.19 -22.28
C ARG D 258 -71.90 -1.33 -22.24
N GLY D 259 -70.64 -1.78 -22.14
CA GLY D 259 -70.30 -3.10 -21.61
C GLY D 259 -70.26 -4.28 -22.56
N ARG D 260 -70.50 -4.10 -23.86
CA ARG D 260 -70.54 -5.26 -24.76
C ARG D 260 -69.97 -4.87 -26.13
N GLY D 261 -70.04 -5.80 -27.08
CA GLY D 261 -69.48 -5.58 -28.40
C GLY D 261 -70.41 -4.77 -29.29
N VAL D 262 -69.80 -3.93 -30.13
CA VAL D 262 -70.56 -3.06 -31.03
C VAL D 262 -70.22 -3.28 -32.50
N MET D 263 -69.10 -3.92 -32.82
CA MET D 263 -68.79 -4.22 -34.20
C MET D 263 -67.88 -5.44 -34.20
N ILE D 264 -68.05 -6.31 -35.20
CA ILE D 264 -67.25 -7.52 -35.34
C ILE D 264 -66.69 -7.54 -36.76
N LEU D 265 -65.36 -7.68 -36.89
CA LEU D 265 -64.71 -7.81 -38.19
C LEU D 265 -64.14 -9.21 -38.32
N LYS D 266 -64.36 -9.86 -39.45
CA LYS D 266 -63.80 -11.17 -39.75
C LYS D 266 -62.74 -11.02 -40.82
N LEU D 267 -61.55 -11.58 -40.60
CA LEU D 267 -60.49 -11.37 -41.56
C LEU D 267 -60.92 -11.97 -42.89
N PRO D 268 -60.59 -11.33 -44.01
CA PRO D 268 -61.00 -11.82 -45.33
C PRO D 268 -60.33 -13.15 -45.72
N ARG D 284 -53.22 -20.74 -40.03
CA ARG D 284 -52.19 -20.20 -39.13
C ARG D 284 -52.32 -18.70 -38.92
N LEU D 285 -52.45 -18.25 -37.67
CA LEU D 285 -52.86 -16.87 -37.46
C LEU D 285 -52.36 -16.32 -36.13
N TRP D 286 -51.77 -15.13 -36.17
CA TRP D 286 -51.66 -14.22 -35.05
C TRP D 286 -52.32 -12.92 -35.50
N LEU D 287 -53.32 -12.47 -34.77
CA LEU D 287 -54.04 -11.26 -35.17
C LEU D 287 -53.74 -10.16 -34.14
N THR D 288 -52.84 -9.28 -34.51
CA THR D 288 -52.37 -8.19 -33.67
C THR D 288 -52.90 -6.89 -34.25
N LEU D 289 -52.99 -5.85 -33.41
CA LEU D 289 -53.68 -4.60 -33.77
C LEU D 289 -52.77 -3.38 -33.61
N HIS D 290 -53.12 -2.32 -34.33
CA HIS D 290 -52.55 -0.98 -34.11
C HIS D 290 -53.65 0.04 -34.35
N TRP D 291 -53.94 0.88 -33.36
CA TRP D 291 -55.00 1.88 -33.52
C TRP D 291 -54.38 3.28 -33.54
N PRO D 292 -54.18 3.88 -34.72
CA PRO D 292 -53.30 5.07 -34.80
C PRO D 292 -53.94 6.32 -34.21
N SER D 293 -53.08 7.16 -33.59
CA SER D 293 -53.54 8.46 -33.13
C SER D 293 -54.09 9.29 -34.29
N ASN D 294 -53.38 9.31 -35.42
CA ASN D 294 -53.73 10.15 -36.56
C ASN D 294 -55.14 9.86 -37.05
N GLN D 295 -55.45 8.58 -37.25
CA GLN D 295 -56.66 8.18 -37.95
C GLN D 295 -57.50 7.32 -37.01
N PRO D 296 -58.07 7.92 -35.96
CA PRO D 296 -58.87 7.14 -35.00
C PRO D 296 -59.98 6.34 -35.64
N THR D 297 -60.49 6.80 -36.79
CA THR D 297 -61.48 6.04 -37.56
C THR D 297 -60.89 4.80 -38.23
N GLN D 298 -59.57 4.70 -38.31
CA GLN D 298 -58.87 3.61 -38.98
C GLN D 298 -58.21 2.71 -37.95
N LEU D 299 -58.20 1.40 -38.21
CA LEU D 299 -57.58 0.41 -37.32
C LEU D 299 -56.83 -0.59 -38.19
N VAL D 300 -55.53 -0.79 -37.95
CA VAL D 300 -54.77 -1.72 -38.80
C VAL D 300 -54.48 -2.99 -38.01
N SER D 301 -54.42 -4.09 -38.74
CA SER D 301 -54.30 -5.41 -38.12
C SER D 301 -53.47 -6.31 -39.02
N SER D 302 -53.04 -7.43 -38.44
CA SER D 302 -52.40 -8.51 -39.17
C SER D 302 -53.48 -9.46 -39.69
N CYS D 303 -53.06 -10.47 -40.45
CA CYS D 303 -53.99 -11.35 -41.13
C CYS D 303 -53.19 -12.57 -41.59
N PHE D 304 -53.86 -13.50 -42.26
CA PHE D 304 -53.21 -14.76 -42.57
C PHE D 304 -51.95 -14.51 -43.41
N GLY D 305 -50.95 -15.36 -43.18
CA GLY D 305 -49.70 -15.28 -43.91
C GLY D 305 -48.93 -13.99 -43.71
N GLY D 306 -49.30 -13.21 -42.68
CA GLY D 306 -48.66 -11.93 -42.44
C GLY D 306 -49.06 -10.78 -43.34
N GLU D 307 -50.19 -10.88 -44.04
CA GLU D 307 -50.78 -9.69 -44.63
C GLU D 307 -51.14 -8.67 -43.55
N LEU D 308 -51.03 -7.38 -43.91
CA LEU D 308 -51.45 -6.26 -43.07
C LEU D 308 -52.64 -5.53 -43.71
N LEU D 309 -53.65 -5.23 -42.90
CA LEU D 309 -54.85 -4.55 -43.37
C LEU D 309 -55.02 -3.25 -42.62
N GLN D 310 -55.57 -2.25 -43.30
CA GLN D 310 -56.10 -1.08 -42.62
C GLN D 310 -57.60 -1.10 -42.78
N TRP D 311 -58.30 -1.14 -41.66
CA TRP D 311 -59.76 -1.21 -41.68
C TRP D 311 -60.32 0.19 -41.57
N ASP D 312 -61.32 0.50 -42.37
CA ASP D 312 -62.05 1.75 -42.28
C ASP D 312 -63.27 1.48 -41.40
N LEU D 313 -63.31 2.08 -40.20
CA LEU D 313 -64.44 1.85 -39.31
C LEU D 313 -65.61 2.79 -39.57
N THR D 314 -65.37 3.87 -40.32
CA THR D 314 -66.48 4.67 -40.84
C THR D 314 -67.46 3.80 -41.57
N GLN D 315 -66.94 2.92 -42.43
CA GLN D 315 -67.73 1.94 -43.15
C GLN D 315 -68.03 0.75 -42.24
N SER D 316 -68.82 1.02 -41.19
CA SER D 316 -69.32 -0.04 -40.33
C SER D 316 -69.97 -1.15 -41.17
N TRP D 317 -71.06 -0.82 -41.85
CA TRP D 317 -71.57 -1.70 -42.89
C TRP D 317 -70.57 -1.76 -44.05
N ARG D 318 -70.47 -2.94 -44.68
CA ARG D 318 -69.63 -3.29 -45.82
C ARG D 318 -68.32 -3.98 -45.42
N ARG D 319 -67.75 -3.61 -44.26
CA ARG D 319 -66.48 -4.17 -43.80
C ARG D 319 -65.35 -3.84 -44.76
N LYS D 320 -64.88 -2.59 -44.72
CA LYS D 320 -63.91 -2.06 -45.68
C LYS D 320 -62.49 -2.12 -45.11
N TYR D 321 -61.61 -2.81 -45.83
CA TYR D 321 -60.21 -2.93 -45.46
C TYR D 321 -59.34 -2.59 -46.66
N THR D 322 -58.06 -2.36 -46.41
CA THR D 322 -57.10 -2.13 -47.48
C THR D 322 -55.85 -2.96 -47.21
N LEU D 323 -55.42 -3.72 -48.21
CA LEU D 323 -54.19 -4.47 -48.13
C LEU D 323 -52.98 -3.52 -48.14
N PHE D 324 -52.05 -3.73 -47.21
CA PHE D 324 -50.75 -3.09 -47.33
C PHE D 324 -50.07 -3.61 -48.60
N SER D 325 -49.22 -2.75 -49.20
CA SER D 325 -48.33 -3.12 -50.32
C SER D 325 -48.91 -4.09 -51.33
N GLN D 331 -43.39 -6.77 -51.61
CA GLN D 331 -42.44 -6.48 -50.54
C GLN D 331 -43.16 -6.66 -49.18
N ASN D 332 -44.06 -7.65 -49.09
CA ASN D 332 -44.88 -7.93 -47.91
C ASN D 332 -44.40 -9.19 -47.16
N HIS D 333 -44.88 -9.35 -45.91
CA HIS D 333 -44.51 -10.51 -45.10
C HIS D 333 -45.09 -11.80 -45.69
N SER D 334 -44.31 -12.88 -45.61
CA SER D 334 -44.76 -14.17 -46.12
C SER D 334 -45.24 -15.12 -45.03
N ARG D 335 -45.26 -14.70 -43.77
CA ARG D 335 -45.73 -15.52 -42.66
C ARG D 335 -46.29 -14.59 -41.61
N ILE D 336 -47.04 -15.17 -40.68
CA ILE D 336 -47.85 -14.41 -39.73
C ILE D 336 -47.03 -13.34 -39.03
N VAL D 337 -47.70 -12.27 -38.62
CA VAL D 337 -47.06 -11.13 -38.01
C VAL D 337 -47.47 -11.05 -36.54
N PHE D 338 -46.48 -10.77 -35.68
CA PHE D 338 -46.74 -10.78 -34.26
C PHE D 338 -46.98 -9.39 -33.67
N ASN D 339 -46.12 -8.43 -33.97
CA ASN D 339 -46.25 -7.11 -33.36
C ASN D 339 -46.24 -6.03 -34.42
N LEU D 340 -46.87 -4.91 -34.09
CA LEU D 340 -46.85 -3.71 -34.90
C LEU D 340 -46.51 -2.54 -33.98
N CYS D 341 -45.53 -1.72 -34.36
CA CYS D 341 -45.11 -0.60 -33.53
C CYS D 341 -45.08 0.68 -34.34
N PRO D 342 -45.91 1.67 -33.99
CA PRO D 342 -45.77 3.00 -34.60
C PRO D 342 -44.50 3.71 -34.17
N LEU D 343 -43.99 4.55 -35.07
CA LEU D 343 -42.80 5.36 -34.81
C LEU D 343 -42.89 6.64 -35.64
N GLN D 344 -42.94 7.76 -34.96
CA GLN D 344 -42.93 9.06 -35.61
C GLN D 344 -41.50 9.55 -35.61
N THR D 345 -40.91 9.72 -36.79
CA THR D 345 -39.54 10.21 -36.80
C THR D 345 -39.49 11.69 -36.52
N GLU D 346 -38.27 12.17 -36.20
CA GLU D 346 -38.01 13.59 -35.99
C GLU D 346 -38.41 14.39 -37.22
N ASP D 347 -38.33 13.78 -38.39
CA ASP D 347 -38.74 14.39 -39.65
C ASP D 347 -40.24 14.40 -39.87
N ASP D 348 -41.02 13.83 -38.95
CA ASP D 348 -42.48 13.82 -39.02
C ASP D 348 -43.01 12.88 -40.11
N LYS D 349 -42.42 11.70 -40.22
CA LYS D 349 -43.01 10.62 -41.01
C LYS D 349 -43.59 9.57 -40.06
N GLN D 350 -44.78 9.09 -40.40
CA GLN D 350 -45.47 8.10 -39.59
C GLN D 350 -45.09 6.72 -40.10
N LEU D 351 -44.27 6.00 -39.33
CA LEU D 351 -43.86 4.66 -39.72
C LEU D 351 -44.53 3.63 -38.84
N LEU D 352 -44.57 2.39 -39.35
CA LEU D 352 -45.06 1.28 -38.57
C LEU D 352 -44.08 0.14 -38.77
N LEU D 353 -43.58 -0.41 -37.67
CA LEU D 353 -42.64 -1.53 -37.70
C LEU D 353 -43.35 -2.82 -37.37
N SER D 354 -43.07 -3.87 -38.13
CA SER D 354 -43.72 -5.16 -37.94
C SER D 354 -42.69 -6.27 -37.78
N THR D 355 -43.02 -7.25 -36.96
CA THR D 355 -42.20 -8.44 -36.81
C THR D 355 -42.99 -9.66 -37.26
N SER D 356 -42.26 -10.69 -37.66
CA SER D 356 -42.98 -11.76 -38.32
C SER D 356 -42.24 -13.06 -38.14
N MET D 357 -42.99 -14.15 -38.12
CA MET D 357 -42.39 -15.47 -38.15
C MET D 357 -41.49 -15.65 -39.37
N ASP D 358 -41.64 -14.84 -40.43
CA ASP D 358 -40.75 -14.98 -41.58
C ASP D 358 -39.36 -14.39 -41.32
N ARG D 359 -39.11 -13.89 -40.12
CA ARG D 359 -37.77 -13.50 -39.65
C ARG D 359 -37.31 -12.17 -40.23
N ASP D 360 -38.22 -11.43 -40.84
CA ASP D 360 -37.95 -10.07 -41.30
C ASP D 360 -38.58 -9.06 -40.35
N VAL D 361 -37.91 -7.93 -40.17
CA VAL D 361 -38.53 -6.74 -39.62
C VAL D 361 -38.77 -5.75 -40.75
N LYS D 362 -39.99 -5.25 -40.84
CA LYS D 362 -40.35 -4.34 -41.92
C LYS D 362 -40.78 -3.01 -41.35
N CYS D 363 -40.45 -1.96 -42.09
CA CYS D 363 -40.81 -0.61 -41.71
C CYS D 363 -41.76 -0.09 -42.77
N TRP D 364 -43.02 0.05 -42.39
CA TRP D 364 -44.04 0.47 -43.33
C TRP D 364 -44.17 1.98 -43.26
N ASP D 365 -44.31 2.61 -44.43
CA ASP D 365 -44.76 3.99 -44.47
C ASP D 365 -46.29 3.99 -44.42
N ILE D 366 -46.85 4.74 -43.47
CA ILE D 366 -48.29 4.65 -43.21
C ILE D 366 -49.07 5.54 -44.16
N ALA D 367 -48.45 6.62 -44.66
CA ALA D 367 -49.13 7.42 -45.68
C ALA D 367 -49.41 6.58 -46.92
N THR D 368 -48.48 5.70 -47.30
CA THR D 368 -48.60 5.00 -48.57
C THR D 368 -48.96 3.53 -48.41
N LEU D 369 -48.78 2.97 -47.22
CA LEU D 369 -48.93 1.53 -46.96
C LEU D 369 -47.94 0.72 -47.78
N GLU D 370 -46.78 1.29 -48.06
CA GLU D 370 -45.70 0.59 -48.73
C GLU D 370 -44.57 0.34 -47.75
N CYS D 371 -43.69 -0.59 -48.12
CA CYS D 371 -42.62 -1.00 -47.23
C CYS D 371 -41.34 -0.21 -47.53
N SER D 372 -40.93 0.64 -46.59
CA SER D 372 -39.73 1.44 -46.80
C SER D 372 -38.46 0.63 -46.76
N TRP D 373 -38.38 -0.36 -45.88
CA TRP D 373 -37.16 -1.16 -45.77
C TRP D 373 -37.40 -2.43 -44.97
N THR D 374 -36.50 -3.37 -45.16
CA THR D 374 -36.55 -4.62 -44.44
C THR D 374 -35.20 -4.86 -43.76
N LEU D 375 -35.27 -5.27 -42.50
CA LEU D 375 -34.13 -5.79 -41.75
C LEU D 375 -34.26 -7.28 -41.60
N PRO D 376 -33.37 -8.10 -42.17
CA PRO D 376 -33.48 -9.56 -41.98
C PRO D 376 -32.79 -10.02 -40.70
N SER D 377 -32.85 -11.31 -40.38
CA SER D 377 -32.35 -11.82 -39.09
C SER D 377 -32.05 -13.31 -39.22
N LEU D 378 -31.33 -13.84 -38.24
CA LEU D 378 -30.93 -15.25 -38.29
C LEU D 378 -31.76 -16.05 -37.30
N GLY D 379 -32.10 -17.29 -37.69
CA GLY D 379 -32.83 -18.16 -36.79
C GLY D 379 -32.00 -19.23 -36.15
N GLY D 380 -30.69 -19.24 -36.40
CA GLY D 380 -29.83 -20.29 -35.90
C GLY D 380 -28.45 -19.72 -35.72
N PHE D 381 -27.54 -20.58 -35.27
CA PHE D 381 -26.12 -20.23 -35.20
C PHE D 381 -25.63 -19.85 -36.58
N ALA D 382 -24.72 -18.87 -36.63
CA ALA D 382 -23.95 -18.58 -37.82
C ALA D 382 -22.74 -19.53 -37.83
N TYR D 383 -22.82 -20.56 -38.64
CA TYR D 383 -21.77 -21.58 -38.61
C TYR D 383 -20.62 -21.27 -39.55
N SER D 384 -20.90 -20.74 -40.74
CA SER D 384 -19.85 -20.42 -41.70
C SER D 384 -20.09 -19.06 -42.32
N LEU D 385 -19.01 -18.54 -42.94
CA LEU D 385 -18.98 -17.26 -43.63
C LEU D 385 -18.00 -17.41 -44.78
N ALA D 386 -18.44 -17.15 -46.00
CA ALA D 386 -17.55 -17.25 -47.15
C ALA D 386 -17.82 -16.12 -48.11
N PHE D 387 -16.75 -15.50 -48.60
CA PHE D 387 -16.83 -14.41 -49.56
C PHE D 387 -16.49 -14.93 -50.95
N SER D 388 -17.38 -14.75 -51.92
CA SER D 388 -17.04 -15.15 -53.27
C SER D 388 -15.86 -14.34 -53.78
N SER D 389 -14.95 -15.02 -54.48
CA SER D 389 -13.82 -14.35 -55.11
C SER D 389 -14.18 -13.68 -56.41
N VAL D 390 -15.40 -13.86 -56.90
CA VAL D 390 -15.86 -13.21 -58.13
C VAL D 390 -16.77 -12.03 -57.84
N ASP D 391 -17.84 -12.23 -57.05
CA ASP D 391 -18.65 -11.12 -56.52
C ASP D 391 -17.98 -10.70 -55.23
N ILE D 392 -17.18 -9.64 -55.30
CA ILE D 392 -16.20 -9.34 -54.25
C ILE D 392 -16.89 -9.22 -52.90
N GLY D 393 -18.00 -8.50 -52.85
CA GLY D 393 -18.67 -8.33 -51.58
C GLY D 393 -19.80 -9.29 -51.31
N SER D 394 -19.91 -10.39 -52.06
CA SER D 394 -20.96 -11.39 -51.88
C SER D 394 -20.54 -12.39 -50.79
N LEU D 395 -21.24 -12.34 -49.66
CA LEU D 395 -20.92 -13.15 -48.51
C LEU D 395 -22.04 -14.18 -48.25
N ALA D 396 -21.64 -15.44 -48.15
CA ALA D 396 -22.54 -16.55 -47.83
C ALA D 396 -22.43 -16.90 -46.35
N ILE D 397 -23.60 -17.06 -45.71
CA ILE D 397 -23.68 -17.33 -44.29
C ILE D 397 -24.44 -18.64 -44.10
N GLY D 398 -23.79 -19.61 -43.45
CA GLY D 398 -24.44 -20.87 -43.16
C GLY D 398 -25.06 -20.74 -41.80
N VAL D 399 -26.36 -21.09 -41.71
CA VAL D 399 -27.16 -20.81 -40.53
C VAL D 399 -27.87 -22.06 -40.03
N GLY D 400 -28.07 -22.12 -38.71
CA GLY D 400 -28.66 -23.28 -38.05
C GLY D 400 -30.15 -23.46 -38.26
N ASP D 401 -30.83 -22.47 -38.83
CA ASP D 401 -32.25 -22.59 -39.17
C ASP D 401 -32.49 -23.23 -40.53
N GLY D 402 -31.44 -23.70 -41.21
CA GLY D 402 -31.62 -24.41 -42.46
C GLY D 402 -31.40 -23.57 -43.71
N MET D 403 -31.39 -22.27 -43.59
CA MET D 403 -31.32 -21.43 -44.77
C MET D 403 -29.92 -20.93 -44.97
N ILE D 404 -29.48 -20.98 -46.21
CA ILE D 404 -28.26 -20.29 -46.59
C ILE D 404 -28.61 -18.83 -46.85
N ARG D 405 -27.79 -17.94 -46.34
CA ARG D 405 -27.94 -16.51 -46.53
C ARG D 405 -26.83 -16.00 -47.45
N VAL D 406 -27.20 -15.23 -48.46
CA VAL D 406 -26.20 -14.54 -49.27
C VAL D 406 -26.45 -13.05 -49.12
N TRP D 407 -25.45 -12.35 -48.63
CA TRP D 407 -25.53 -10.94 -48.29
C TRP D 407 -24.71 -10.17 -49.30
N ASN D 408 -25.34 -9.26 -50.03
CA ASN D 408 -24.61 -8.40 -50.96
C ASN D 408 -24.13 -7.21 -50.14
N THR D 409 -22.91 -7.32 -49.64
CA THR D 409 -22.25 -6.28 -48.87
C THR D 409 -22.07 -4.99 -49.67
N LEU D 410 -22.25 -5.00 -50.98
CA LEU D 410 -22.00 -3.80 -51.76
C LEU D 410 -23.25 -3.22 -52.39
N SER D 411 -24.42 -3.65 -51.94
CA SER D 411 -25.67 -3.12 -52.48
C SER D 411 -25.69 -1.61 -52.30
N ILE D 412 -25.96 -0.90 -53.39
CA ILE D 412 -25.96 0.55 -53.34
C ILE D 412 -27.16 1.07 -52.55
N LYS D 413 -28.31 0.40 -52.66
CA LYS D 413 -29.52 0.90 -52.06
C LYS D 413 -29.83 0.31 -50.68
N ASN D 414 -28.87 -0.39 -50.06
CA ASN D 414 -29.19 -1.27 -48.94
C ASN D 414 -27.94 -1.73 -48.21
N ASN D 415 -27.96 -1.60 -46.89
CA ASN D 415 -26.91 -2.13 -46.04
C ASN D 415 -27.20 -3.56 -45.59
N TYR D 416 -28.34 -4.13 -45.99
CA TYR D 416 -28.76 -5.47 -45.57
C TYR D 416 -29.42 -6.20 -46.72
N ASP D 417 -28.83 -6.13 -47.91
CA ASP D 417 -29.34 -6.84 -49.07
C ASP D 417 -29.04 -8.33 -48.91
N VAL D 418 -29.97 -9.06 -48.31
CA VAL D 418 -29.76 -10.46 -47.94
C VAL D 418 -30.84 -11.31 -48.63
N LYS D 419 -30.42 -12.21 -49.51
CA LYS D 419 -31.29 -13.17 -50.16
C LYS D 419 -31.17 -14.53 -49.47
N ASN D 420 -32.28 -15.27 -49.43
CA ASN D 420 -32.38 -16.53 -48.73
C ASN D 420 -32.48 -17.69 -49.72
N PHE D 421 -31.74 -18.76 -49.46
CA PHE D 421 -31.80 -19.98 -50.26
C PHE D 421 -32.19 -21.13 -49.35
N TRP D 422 -33.46 -21.54 -49.42
CA TRP D 422 -34.01 -22.60 -48.57
C TRP D 422 -34.27 -23.90 -49.30
N GLN D 423 -34.56 -23.84 -50.60
CA GLN D 423 -34.98 -25.00 -51.39
C GLN D 423 -34.14 -26.23 -51.06
N GLY D 424 -34.81 -27.30 -50.67
CA GLY D 424 -34.12 -28.50 -50.24
C GLY D 424 -33.78 -28.48 -48.77
N VAL D 425 -32.53 -28.10 -48.46
CA VAL D 425 -31.92 -28.13 -47.13
C VAL D 425 -33.07 -27.94 -46.13
N LYS D 426 -33.21 -28.89 -45.21
CA LYS D 426 -34.19 -28.82 -44.12
C LYS D 426 -33.43 -29.09 -42.82
N SER D 427 -32.16 -28.68 -42.78
CA SER D 427 -31.25 -28.99 -41.68
C SER D 427 -30.22 -27.87 -41.58
N LYS D 428 -29.34 -28.00 -40.60
CA LYS D 428 -28.38 -26.94 -40.29
C LYS D 428 -27.26 -26.89 -41.33
N VAL D 429 -26.94 -25.68 -41.78
CA VAL D 429 -25.90 -25.46 -42.79
C VAL D 429 -24.59 -25.15 -42.08
N THR D 430 -23.67 -26.10 -42.08
CA THR D 430 -22.48 -26.01 -41.24
C THR D 430 -21.19 -25.75 -42.01
N ALA D 431 -21.21 -25.80 -43.34
CA ALA D 431 -20.03 -25.52 -44.15
C ALA D 431 -20.46 -24.89 -45.47
N LEU D 432 -19.62 -23.99 -45.98
CA LEU D 432 -19.83 -23.27 -47.23
C LEU D 432 -18.51 -23.04 -47.93
N CYS D 433 -18.55 -22.99 -49.25
CA CYS D 433 -17.37 -22.62 -50.03
C CYS D 433 -17.79 -22.20 -51.42
N TRP D 434 -17.39 -21.00 -51.85
CA TRP D 434 -17.70 -20.58 -53.20
C TRP D 434 -16.76 -21.24 -54.18
N HIS D 435 -17.25 -21.47 -55.38
CA HIS D 435 -16.37 -21.86 -56.46
C HIS D 435 -15.30 -20.77 -56.64
N PRO D 436 -14.04 -21.15 -56.80
CA PRO D 436 -12.98 -20.13 -56.98
C PRO D 436 -13.19 -19.23 -58.19
N THR D 437 -13.96 -19.66 -59.20
CA THR D 437 -14.07 -18.90 -60.45
C THR D 437 -15.48 -18.76 -60.99
N LYS D 438 -16.41 -19.67 -60.67
CA LYS D 438 -17.73 -19.67 -61.30
C LYS D 438 -18.70 -18.84 -60.45
N GLU D 439 -19.14 -17.72 -61.02
CA GLU D 439 -20.10 -16.84 -60.36
C GLU D 439 -21.32 -17.63 -59.87
N GLY D 440 -21.79 -17.27 -58.67
CA GLY D 440 -23.00 -17.87 -58.14
C GLY D 440 -22.97 -19.36 -57.84
N CYS D 441 -21.79 -20.00 -57.78
CA CYS D 441 -21.69 -21.44 -57.51
C CYS D 441 -21.22 -21.65 -56.07
N LEU D 442 -22.08 -22.26 -55.27
CA LEU D 442 -21.91 -22.25 -53.82
C LEU D 442 -22.11 -23.65 -53.29
N ALA D 443 -21.05 -24.22 -52.73
CA ALA D 443 -21.12 -25.53 -52.12
C ALA D 443 -21.53 -25.38 -50.66
N PHE D 444 -22.35 -26.30 -50.19
CA PHE D 444 -22.76 -26.25 -48.80
C PHE D 444 -22.76 -27.65 -48.21
N GLY D 445 -22.59 -27.72 -46.88
CA GLY D 445 -22.70 -28.97 -46.16
C GLY D 445 -23.59 -28.80 -44.94
N THR D 446 -24.15 -29.92 -44.48
CA THR D 446 -25.20 -29.91 -43.46
C THR D 446 -24.87 -30.81 -42.26
N ASP D 447 -25.56 -30.52 -41.15
CA ASP D 447 -25.40 -31.27 -39.91
C ASP D 447 -25.95 -32.69 -39.98
N ASP D 448 -26.51 -33.13 -41.11
CA ASP D 448 -26.71 -34.56 -41.32
C ASP D 448 -25.93 -35.04 -42.54
N GLY D 449 -24.82 -34.38 -42.84
CA GLY D 449 -23.83 -34.96 -43.71
C GLY D 449 -24.13 -34.84 -45.17
N LYS D 450 -25.09 -34.00 -45.54
CA LYS D 450 -25.41 -33.75 -46.93
C LYS D 450 -24.43 -32.75 -47.50
N VAL D 451 -23.97 -33.01 -48.72
CA VAL D 451 -23.19 -32.04 -49.50
C VAL D 451 -24.04 -31.60 -50.68
N GLY D 452 -23.97 -30.31 -51.00
CA GLY D 452 -24.81 -29.75 -52.04
C GLY D 452 -24.15 -28.63 -52.81
N LEU D 453 -24.73 -28.33 -53.97
CA LEU D 453 -24.23 -27.30 -54.87
C LEU D 453 -25.39 -26.43 -55.30
N TYR D 454 -25.36 -25.16 -54.91
CA TYR D 454 -26.37 -24.19 -55.30
C TYR D 454 -25.85 -23.32 -56.42
N ASP D 455 -26.76 -22.91 -57.31
CA ASP D 455 -26.53 -21.84 -58.29
C ASP D 455 -27.36 -20.64 -57.86
N THR D 456 -26.73 -19.71 -57.13
CA THR D 456 -27.42 -18.57 -56.53
C THR D 456 -27.95 -17.60 -57.58
N TYR D 457 -27.59 -17.79 -58.84
CA TYR D 457 -28.14 -17.01 -59.93
C TYR D 457 -29.34 -17.69 -60.58
N SER D 458 -29.74 -18.85 -60.06
CA SER D 458 -30.85 -19.60 -60.61
C SER D 458 -31.93 -19.75 -59.57
N ASN D 459 -33.13 -20.06 -60.04
CA ASN D 459 -34.23 -20.41 -59.15
C ASN D 459 -34.34 -21.90 -58.91
N LYS D 460 -33.53 -22.70 -59.59
CA LYS D 460 -33.60 -24.15 -59.44
C LYS D 460 -33.16 -24.56 -58.03
N PRO D 461 -33.63 -25.70 -57.54
CA PRO D 461 -33.10 -26.23 -56.28
C PRO D 461 -31.67 -26.71 -56.48
N PRO D 462 -30.93 -26.92 -55.40
CA PRO D 462 -29.51 -27.27 -55.55
C PRO D 462 -29.32 -28.72 -55.95
N GLN D 463 -28.20 -28.98 -56.62
CA GLN D 463 -27.75 -30.36 -56.78
C GLN D 463 -27.32 -30.93 -55.43
N ILE D 464 -27.80 -32.13 -55.11
CA ILE D 464 -27.47 -32.80 -53.87
C ILE D 464 -26.65 -34.04 -54.19
N SER D 465 -25.56 -34.23 -53.46
CA SER D 465 -24.72 -35.41 -53.65
C SER D 465 -25.45 -36.65 -53.18
N SER D 466 -25.32 -37.72 -53.95
CA SER D 466 -25.96 -38.97 -53.54
C SER D 466 -25.21 -39.61 -52.38
N THR D 467 -23.92 -39.33 -52.25
CA THR D 467 -23.16 -39.81 -51.12
C THR D 467 -23.23 -38.79 -50.00
N TYR D 468 -23.62 -39.24 -48.81
CA TYR D 468 -23.69 -38.43 -47.60
C TYR D 468 -22.52 -38.79 -46.68
N HIS D 469 -22.27 -37.92 -45.71
CA HIS D 469 -21.34 -38.20 -44.62
C HIS D 469 -22.09 -38.69 -43.40
N LYS D 470 -21.45 -39.60 -42.65
CA LYS D 470 -22.08 -40.18 -41.47
C LYS D 470 -22.36 -39.14 -40.39
N LYS D 471 -21.62 -38.03 -40.38
CA LYS D 471 -21.82 -36.96 -39.40
C LYS D 471 -21.78 -35.62 -40.11
N THR D 472 -21.89 -34.55 -39.30
CA THR D 472 -21.88 -33.18 -39.81
C THR D 472 -20.74 -32.91 -40.78
N VAL D 473 -21.03 -32.12 -41.81
CA VAL D 473 -20.01 -31.64 -42.73
C VAL D 473 -19.38 -30.39 -42.11
N TYR D 474 -18.06 -30.46 -41.81
CA TYR D 474 -17.42 -29.33 -41.15
C TYR D 474 -16.56 -28.49 -42.07
N THR D 475 -16.18 -28.99 -43.24
CA THR D 475 -15.41 -28.15 -44.13
C THR D 475 -15.68 -28.57 -45.57
N LEU D 476 -15.60 -27.59 -46.48
CA LEU D 476 -15.63 -27.83 -47.92
C LEU D 476 -14.46 -27.08 -48.55
N ALA D 477 -13.89 -27.67 -49.60
CA ALA D 477 -12.77 -27.05 -50.27
C ALA D 477 -12.75 -27.48 -51.72
N TRP D 478 -12.54 -26.50 -52.61
CA TRP D 478 -12.36 -26.76 -54.03
C TRP D 478 -10.87 -26.93 -54.30
N GLY D 479 -10.54 -27.94 -55.10
CA GLY D 479 -9.17 -28.18 -55.43
C GLY D 479 -9.03 -29.11 -56.62
N PRO D 480 -7.79 -29.41 -56.97
CA PRO D 480 -7.54 -30.20 -58.18
C PRO D 480 -8.07 -31.61 -58.02
N PRO D 481 -8.70 -32.15 -59.06
CA PRO D 481 -9.17 -33.53 -58.99
C PRO D 481 -7.98 -34.47 -58.88
N VAL D 482 -8.21 -35.63 -58.28
CA VAL D 482 -7.18 -36.63 -58.11
C VAL D 482 -7.75 -38.05 -58.15
N PRO D 483 -8.82 -38.21 -58.93
CA PRO D 483 -9.49 -39.52 -59.05
C PRO D 483 -8.50 -40.64 -59.40
N SER D 495 -12.21 -30.05 -64.08
CA SER D 495 -11.02 -29.23 -63.89
C SER D 495 -10.82 -28.88 -62.43
N LEU D 496 -11.90 -28.93 -61.65
CA LEU D 496 -11.83 -28.58 -60.24
C LEU D 496 -12.86 -29.44 -59.51
N ALA D 497 -12.41 -30.24 -58.56
CA ALA D 497 -13.31 -31.05 -57.76
C ALA D 497 -13.60 -30.38 -56.42
N LEU D 498 -14.67 -30.83 -55.78
CA LEU D 498 -15.10 -30.32 -54.49
C LEU D 498 -14.82 -31.39 -53.43
N TYR D 499 -13.97 -31.06 -52.46
CA TYR D 499 -13.69 -31.97 -51.35
C TYR D 499 -14.59 -31.62 -50.17
N SER D 500 -15.03 -32.66 -49.47
CA SER D 500 -15.87 -32.49 -48.29
C SER D 500 -15.40 -33.43 -47.19
N CYS D 501 -15.41 -32.92 -45.97
CA CYS D 501 -14.90 -33.64 -44.82
C CYS D 501 -15.96 -33.62 -43.73
N GLY D 502 -16.31 -34.79 -43.20
CA GLY D 502 -17.31 -34.88 -42.16
C GLY D 502 -16.77 -35.33 -40.82
N GLY D 503 -17.58 -35.17 -39.76
CA GLY D 503 -17.14 -35.52 -38.43
C GLY D 503 -16.73 -36.96 -38.27
N GLU D 504 -17.30 -37.85 -39.08
CA GLU D 504 -16.92 -39.27 -39.08
C GLU D 504 -15.43 -39.44 -39.34
N GLY D 505 -14.83 -38.55 -40.13
CA GLY D 505 -13.42 -38.60 -40.48
C GLY D 505 -13.11 -38.82 -41.94
N ILE D 506 -14.13 -38.97 -42.78
CA ILE D 506 -13.94 -39.25 -44.21
C ILE D 506 -13.87 -37.94 -44.97
N VAL D 507 -12.91 -37.85 -45.88
CA VAL D 507 -12.86 -36.76 -46.83
C VAL D 507 -13.28 -37.33 -48.17
N LEU D 508 -14.41 -36.85 -48.68
CA LEU D 508 -14.94 -37.27 -49.98
C LEU D 508 -14.56 -36.28 -51.07
N GLN D 509 -14.20 -36.82 -52.23
CA GLN D 509 -14.01 -36.02 -53.44
C GLN D 509 -15.23 -36.21 -54.33
N HIS D 510 -15.87 -35.10 -54.70
CA HIS D 510 -17.06 -35.10 -55.53
C HIS D 510 -16.76 -34.51 -56.90
N ASN D 511 -17.50 -34.98 -57.91
CA ASN D 511 -17.46 -34.41 -59.24
C ASN D 511 -18.50 -33.30 -59.32
N PRO D 512 -18.10 -32.03 -59.48
CA PRO D 512 -19.09 -30.94 -59.39
C PRO D 512 -20.15 -31.00 -60.48
N TRP D 513 -19.87 -31.62 -61.62
CA TRP D 513 -20.83 -31.69 -62.71
C TRP D 513 -21.38 -33.09 -62.91
N LYS D 514 -21.25 -33.94 -61.89
CA LYS D 514 -21.87 -35.25 -61.86
C LYS D 514 -22.13 -35.58 -60.40
N LEU D 515 -22.86 -34.69 -59.72
CA LEU D 515 -22.90 -34.69 -58.27
C LEU D 515 -23.69 -35.85 -57.69
N SER D 516 -24.32 -36.68 -58.50
CA SER D 516 -25.03 -37.84 -58.00
C SER D 516 -24.36 -39.14 -58.42
N GLY D 517 -23.18 -39.07 -59.04
CA GLY D 517 -22.38 -40.25 -59.31
C GLY D 517 -21.60 -40.66 -58.08
N GLU D 518 -20.59 -41.50 -58.32
CA GLU D 518 -19.74 -41.97 -57.24
C GLU D 518 -18.93 -40.80 -56.67
N ALA D 519 -18.72 -40.84 -55.36
CA ALA D 519 -17.91 -39.85 -54.65
C ALA D 519 -16.79 -40.61 -53.93
N PHE D 520 -15.55 -40.25 -54.26
CA PHE D 520 -14.40 -41.07 -53.92
C PHE D 520 -13.83 -40.68 -52.55
N ASP D 521 -13.69 -41.69 -51.70
CA ASP D 521 -12.92 -41.55 -50.47
C ASP D 521 -11.44 -41.42 -50.85
N ILE D 522 -10.83 -40.26 -50.52
CA ILE D 522 -9.43 -40.06 -50.85
C ILE D 522 -8.50 -40.95 -50.04
N ASN D 523 -9.00 -41.64 -49.00
CA ASN D 523 -8.15 -42.57 -48.26
C ASN D 523 -7.79 -43.80 -49.08
N LYS D 524 -8.66 -44.17 -50.01
CA LYS D 524 -8.43 -45.31 -50.87
C LYS D 524 -7.26 -45.01 -51.82
N LEU D 525 -7.08 -43.73 -52.14
CA LEU D 525 -6.01 -43.29 -53.03
C LEU D 525 -4.74 -43.00 -52.23
N ILE D 526 -4.89 -42.32 -51.10
CA ILE D 526 -3.75 -42.00 -50.25
C ILE D 526 -3.03 -43.28 -49.87
N ARG D 527 -3.80 -44.28 -49.46
CA ARG D 527 -3.26 -45.58 -49.08
C ARG D 527 -2.44 -46.17 -50.21
N ASP D 528 -3.00 -46.21 -51.42
CA ASP D 528 -2.35 -46.93 -52.52
C ASP D 528 -1.16 -46.17 -53.10
N THR D 529 -0.98 -44.92 -52.70
CA THR D 529 0.14 -44.12 -53.19
C THR D 529 1.31 -44.17 -52.23
N ASN D 530 1.02 -44.42 -50.95
CA ASN D 530 2.07 -44.50 -49.94
C ASN D 530 2.13 -45.90 -49.34
N SER D 531 2.88 -46.03 -48.26
CA SER D 531 3.01 -47.31 -47.57
C SER D 531 2.14 -47.33 -46.32
N ILE D 532 1.04 -46.59 -46.37
CA ILE D 532 0.12 -46.50 -45.24
C ILE D 532 -0.57 -47.83 -44.97
N LYS D 533 0.05 -48.64 -44.11
CA LYS D 533 -0.52 -49.93 -43.74
C LYS D 533 -1.38 -49.83 -42.48
N TYR D 534 -1.20 -48.75 -41.73
CA TYR D 534 -1.97 -48.53 -40.50
C TYR D 534 -3.37 -48.00 -40.80
N LYS D 535 -4.19 -47.92 -39.77
CA LYS D 535 -5.55 -47.43 -39.90
C LYS D 535 -5.45 -45.91 -39.96
N LEU D 536 -5.84 -45.32 -41.09
CA LEU D 536 -5.55 -43.91 -41.26
C LEU D 536 -6.35 -43.07 -40.27
N PRO D 537 -5.86 -41.90 -39.90
CA PRO D 537 -6.53 -41.12 -38.86
C PRO D 537 -7.86 -40.54 -39.34
N VAL D 538 -8.67 -40.17 -38.35
CA VAL D 538 -9.97 -39.53 -38.58
C VAL D 538 -9.71 -38.06 -38.91
N HIS D 539 -9.98 -37.68 -40.16
CA HIS D 539 -9.65 -36.34 -40.64
C HIS D 539 -10.73 -35.34 -40.24
N THR D 540 -10.30 -34.19 -39.75
CA THR D 540 -11.20 -33.20 -39.17
C THR D 540 -11.32 -31.94 -39.98
N GLU D 541 -10.37 -31.68 -40.88
CA GLU D 541 -10.29 -30.42 -41.60
C GLU D 541 -9.49 -30.65 -42.86
N ILE D 542 -9.90 -30.02 -43.94
CA ILE D 542 -9.13 -30.04 -45.19
C ILE D 542 -8.90 -28.60 -45.64
N SER D 543 -7.69 -28.30 -46.09
CA SER D 543 -7.37 -26.96 -46.57
C SER D 543 -6.29 -27.07 -47.63
N TRP D 544 -6.58 -26.60 -48.84
CA TRP D 544 -5.60 -26.58 -49.91
C TRP D 544 -4.66 -25.39 -49.75
N LYS D 545 -3.45 -25.53 -50.29
CA LYS D 545 -2.58 -24.38 -50.44
C LYS D 545 -3.12 -23.49 -51.56
N ALA D 546 -2.54 -22.29 -51.67
CA ALA D 546 -3.09 -21.30 -52.60
C ALA D 546 -2.94 -21.75 -54.05
N ASP D 547 -1.79 -22.35 -54.39
CA ASP D 547 -1.51 -22.75 -55.76
C ASP D 547 -2.16 -24.08 -56.15
N GLY D 548 -3.05 -24.63 -55.33
CA GLY D 548 -3.67 -25.91 -55.61
C GLY D 548 -2.69 -27.05 -55.79
N LYS D 549 -1.51 -26.97 -55.16
CA LYS D 549 -0.50 -28.01 -55.30
C LYS D 549 -0.20 -28.72 -53.99
N ILE D 550 -0.84 -28.35 -52.89
CA ILE D 550 -0.62 -28.95 -51.59
C ILE D 550 -1.96 -29.07 -50.86
N MET D 551 -2.14 -30.19 -50.17
CA MET D 551 -3.35 -30.45 -49.40
C MET D 551 -3.00 -30.79 -47.97
N ALA D 552 -3.57 -30.06 -47.02
CA ALA D 552 -3.33 -30.30 -45.61
C ALA D 552 -4.57 -30.89 -44.96
N LEU D 553 -4.40 -32.01 -44.27
CA LEU D 553 -5.48 -32.68 -43.55
C LEU D 553 -5.25 -32.52 -42.07
N GLY D 554 -6.21 -31.92 -41.36
CA GLY D 554 -6.20 -31.94 -39.92
C GLY D 554 -6.86 -33.18 -39.36
N ASN D 555 -6.39 -33.63 -38.19
CA ASN D 555 -6.92 -34.88 -37.67
C ASN D 555 -7.44 -34.73 -36.25
N GLU D 556 -8.17 -35.75 -35.82
CA GLU D 556 -8.72 -35.76 -34.47
C GLU D 556 -7.62 -35.89 -33.41
N ASP D 557 -6.47 -36.44 -33.79
CA ASP D 557 -5.31 -36.50 -32.90
C ASP D 557 -4.80 -35.10 -32.61
N GLY D 558 -4.77 -34.26 -33.62
CA GLY D 558 -4.03 -33.03 -33.61
C GLY D 558 -2.97 -32.99 -34.68
N SER D 559 -2.64 -34.16 -35.22
CA SER D 559 -1.76 -34.26 -36.37
C SER D 559 -2.31 -33.44 -37.53
N ILE D 560 -1.40 -32.93 -38.37
CA ILE D 560 -1.73 -32.27 -39.62
C ILE D 560 -0.78 -32.82 -40.67
N GLU D 561 -1.33 -33.43 -41.72
CA GLU D 561 -0.57 -34.15 -42.72
C GLU D 561 -0.57 -33.39 -44.03
N ILE D 562 0.62 -33.16 -44.58
CA ILE D 562 0.80 -32.40 -45.80
C ILE D 562 0.93 -33.39 -46.96
N PHE D 563 0.06 -33.27 -47.96
CA PHE D 563 0.10 -34.08 -49.18
C PHE D 563 0.38 -33.19 -50.38
N GLN D 564 0.86 -33.80 -51.46
CA GLN D 564 1.18 -33.07 -52.69
C GLN D 564 0.67 -33.83 -53.92
N ILE D 565 0.07 -33.10 -54.85
CA ILE D 565 -0.45 -33.70 -56.07
C ILE D 565 0.63 -34.50 -56.80
N ASN D 567 -0.63 -37.42 -56.50
CA ASN D 567 -1.47 -38.49 -55.97
C ASN D 567 -1.41 -38.58 -54.46
N LEU D 568 -1.32 -37.44 -53.78
CA LEU D 568 -1.44 -37.33 -52.33
C LEU D 568 -0.34 -38.15 -51.63
N LYS D 569 0.88 -37.63 -51.77
CA LYS D 569 2.07 -38.23 -51.18
C LYS D 569 2.37 -37.54 -49.85
N LEU D 570 2.34 -38.32 -48.76
CA LEU D 570 2.56 -37.75 -47.43
C LEU D 570 3.98 -37.22 -47.32
N ILE D 571 4.18 -35.97 -47.75
CA ILE D 571 5.52 -35.40 -47.76
C ILE D 571 5.90 -34.77 -46.42
N CYS D 572 4.95 -34.63 -45.49
CA CYS D 572 5.28 -34.05 -44.19
C CYS D 572 4.14 -34.28 -43.21
N THR D 573 4.51 -34.42 -41.93
CA THR D 573 3.55 -34.59 -40.84
C THR D 573 3.89 -33.63 -39.69
N ILE D 574 2.95 -32.73 -39.37
CA ILE D 574 3.11 -31.70 -38.34
C ILE D 574 2.43 -32.16 -37.06
N GLN D 575 3.18 -32.17 -35.95
CA GLN D 575 2.69 -32.60 -34.64
C GLN D 575 2.90 -31.46 -33.64
N GLN D 576 1.82 -30.74 -33.35
CA GLN D 576 1.87 -29.63 -32.41
C GLN D 576 0.60 -29.62 -31.58
N HIS D 577 -0.54 -29.71 -32.25
CA HIS D 577 -1.83 -29.73 -31.58
C HIS D 577 -2.04 -31.11 -30.98
N HIS D 578 -2.54 -31.16 -29.75
CA HIS D 578 -2.75 -32.43 -29.09
C HIS D 578 -4.22 -32.80 -29.05
N LYS D 579 -5.06 -32.07 -29.78
CA LYS D 579 -6.50 -32.25 -29.80
C LYS D 579 -7.02 -31.97 -31.21
N LEU D 580 -8.30 -32.32 -31.42
CA LEU D 580 -8.94 -32.24 -32.72
C LEU D 580 -8.69 -30.90 -33.42
N VAL D 581 -8.43 -30.95 -34.72
CA VAL D 581 -8.08 -29.77 -35.49
C VAL D 581 -9.34 -29.16 -36.11
N ASN D 582 -9.59 -27.88 -35.81
CA ASN D 582 -10.81 -27.24 -36.22
C ASN D 582 -10.68 -26.42 -37.50
N THR D 583 -9.50 -25.90 -37.78
CA THR D 583 -9.38 -24.90 -38.84
C THR D 583 -7.94 -24.86 -39.32
N ILE D 584 -7.76 -24.86 -40.63
CA ILE D 584 -6.45 -24.71 -41.27
C ILE D 584 -6.58 -23.65 -42.34
N SER D 585 -5.59 -22.75 -42.43
CA SER D 585 -5.62 -21.78 -43.53
C SER D 585 -4.21 -21.44 -43.97
N TRP D 586 -3.99 -21.60 -45.27
CA TRP D 586 -2.77 -21.09 -45.85
C TRP D 586 -2.88 -19.59 -46.08
N HIS D 587 -1.73 -18.92 -45.95
CA HIS D 587 -1.59 -17.51 -46.26
C HIS D 587 -1.66 -17.29 -47.78
N HIS D 588 -2.06 -16.09 -48.17
CA HIS D 588 -2.25 -15.76 -49.58
C HIS D 588 -0.91 -15.47 -50.25
N GLU D 589 -0.95 -15.39 -51.59
CA GLU D 589 0.25 -15.21 -52.42
C GLU D 589 0.46 -13.76 -52.82
N HIS D 590 -0.31 -12.82 -52.29
CA HIS D 590 -0.15 -11.41 -52.61
C HIS D 590 0.84 -10.70 -51.71
N GLY D 591 1.40 -11.38 -50.72
CA GLY D 591 2.23 -10.71 -49.75
C GLY D 591 3.53 -10.17 -50.31
N SER D 592 4.17 -9.33 -49.51
CA SER D 592 5.38 -8.65 -49.94
C SER D 592 6.49 -9.65 -50.31
N GLN D 593 6.77 -10.60 -49.41
CA GLN D 593 7.87 -11.57 -49.54
C GLN D 593 7.35 -12.92 -50.02
N PRO D 594 8.22 -13.78 -50.60
CA PRO D 594 7.74 -14.99 -51.28
C PRO D 594 7.38 -16.14 -50.33
N GLU D 595 8.20 -16.26 -49.28
CA GLU D 595 8.00 -17.20 -48.17
C GLU D 595 6.59 -17.15 -47.58
N LEU D 596 5.77 -16.19 -48.00
CA LEU D 596 4.47 -15.98 -47.38
C LEU D 596 3.44 -16.98 -47.85
N SER D 597 3.61 -17.56 -49.04
CA SER D 597 2.63 -18.56 -49.48
C SER D 597 2.74 -19.88 -48.72
N TYR D 598 3.87 -20.14 -48.07
CA TYR D 598 4.13 -21.41 -47.41
C TYR D 598 3.81 -21.37 -45.93
N LEU D 599 3.23 -20.28 -45.45
CA LEU D 599 2.74 -20.20 -44.09
C LEU D 599 1.39 -20.87 -43.97
N MET D 600 1.18 -21.56 -42.85
CA MET D 600 -0.06 -22.28 -42.60
C MET D 600 -0.45 -22.13 -41.14
N ALA D 601 -1.65 -21.57 -40.91
CA ALA D 601 -2.21 -21.41 -39.58
C ALA D 601 -3.20 -22.53 -39.29
N SER D 602 -3.28 -22.89 -38.02
CA SER D 602 -4.14 -23.98 -37.61
C SER D 602 -4.63 -23.70 -36.20
N GLY D 603 -5.91 -24.00 -35.95
CA GLY D 603 -6.46 -23.98 -34.62
C GLY D 603 -7.08 -25.31 -34.23
N SER D 604 -7.08 -25.59 -32.93
CA SER D 604 -7.59 -26.85 -32.41
C SER D 604 -8.54 -26.63 -31.22
N ASN D 605 -8.96 -27.73 -30.57
CA ASN D 605 -9.67 -27.59 -29.31
C ASN D 605 -8.81 -27.04 -28.18
N ASN D 606 -7.49 -26.98 -28.35
CA ASN D 606 -6.63 -26.21 -27.46
C ASN D 606 -6.68 -24.74 -27.85
N ALA D 607 -6.40 -23.88 -26.86
CA ALA D 607 -6.55 -22.45 -27.06
C ALA D 607 -5.40 -21.80 -27.82
N VAL D 608 -4.23 -22.45 -27.86
CA VAL D 608 -3.02 -21.90 -28.49
C VAL D 608 -3.06 -22.15 -29.98
N ILE D 609 -2.73 -21.13 -30.77
CA ILE D 609 -2.70 -21.22 -32.23
C ILE D 609 -1.26 -21.30 -32.71
N TYR D 610 -1.03 -22.07 -33.78
CA TYR D 610 0.31 -22.18 -34.34
C TYR D 610 0.31 -21.85 -35.82
N VAL D 611 1.43 -21.29 -36.27
CA VAL D 611 1.74 -21.06 -37.67
C VAL D 611 2.96 -21.91 -38.02
N HIS D 612 2.95 -22.48 -39.20
CA HIS D 612 4.08 -23.29 -39.63
C HIS D 612 4.60 -22.79 -40.97
N ASN D 613 5.92 -22.83 -41.12
CA ASN D 613 6.56 -22.41 -42.37
C ASN D 613 6.98 -23.66 -43.13
N LEU D 614 6.14 -24.08 -44.07
CA LEU D 614 6.42 -25.28 -44.86
C LEU D 614 7.11 -24.99 -46.19
N LYS D 615 7.88 -23.91 -46.24
CA LYS D 615 8.58 -23.54 -47.45
C LYS D 615 9.88 -24.34 -47.61
N THR D 616 10.40 -24.83 -46.49
CA THR D 616 11.64 -25.59 -46.50
C THR D 616 11.44 -27.07 -46.85
N VAL D 617 10.43 -27.70 -46.24
CA VAL D 617 10.17 -29.10 -46.49
C VAL D 617 9.34 -29.33 -47.74
N ILE D 618 8.59 -28.34 -48.21
CA ILE D 618 7.92 -28.52 -49.50
C ILE D 618 8.93 -28.50 -50.64
N GLU D 619 9.80 -27.48 -50.66
CA GLU D 619 10.82 -27.42 -51.70
C GLU D 619 11.88 -28.50 -51.52
N SER D 620 11.83 -29.25 -50.43
CA SER D 620 12.63 -30.47 -50.32
C SER D 620 12.02 -31.58 -51.18
N SER D 621 10.75 -31.91 -50.92
CA SER D 621 9.96 -33.00 -51.53
C SER D 621 10.64 -34.35 -51.39
N PRO D 622 10.97 -34.78 -50.17
CA PRO D 622 11.71 -36.03 -50.02
C PRO D 622 10.83 -37.23 -50.34
N GLU D 623 11.48 -38.30 -50.83
CA GLU D 623 10.75 -39.52 -51.14
C GLU D 623 10.17 -40.17 -49.87
N SER D 624 10.69 -39.78 -48.64
CA SER D 624 10.25 -40.17 -47.31
C SER D 624 9.43 -39.06 -46.67
N PRO D 625 8.41 -39.41 -45.89
CA PRO D 625 7.79 -38.42 -45.01
C PRO D 625 8.80 -37.88 -44.00
N VAL D 626 8.58 -36.63 -43.59
CA VAL D 626 9.42 -35.91 -42.65
C VAL D 626 8.52 -35.29 -41.60
N THR D 627 9.02 -35.21 -40.36
CA THR D 627 8.19 -34.88 -39.22
C THR D 627 8.56 -33.53 -38.61
N ILE D 628 7.58 -32.65 -38.47
CA ILE D 628 7.74 -31.35 -37.86
C ILE D 628 7.14 -31.40 -36.46
N THR D 629 7.89 -30.92 -35.47
CA THR D 629 7.44 -30.89 -34.08
C THR D 629 7.65 -29.54 -33.41
N GLU D 630 8.13 -28.54 -34.14
CA GLU D 630 8.38 -27.21 -33.62
C GLU D 630 7.72 -26.20 -34.54
N PRO D 631 7.05 -25.20 -33.97
CA PRO D 631 6.29 -24.24 -34.79
C PRO D 631 7.12 -23.05 -35.24
N TYR D 632 6.72 -22.52 -36.40
CA TYR D 632 7.30 -21.26 -36.88
C TYR D 632 6.85 -20.09 -36.01
N ARG D 633 5.55 -20.01 -35.68
CA ARG D 633 5.05 -19.02 -34.72
C ARG D 633 4.04 -19.66 -33.78
N THR D 634 3.74 -18.93 -32.70
CA THR D 634 2.93 -19.42 -31.60
C THR D 634 2.10 -18.27 -31.06
N LEU D 635 0.78 -18.44 -30.99
CA LEU D 635 -0.12 -17.35 -30.65
C LEU D 635 -0.94 -17.75 -29.43
N SER D 636 -0.44 -17.39 -28.26
CA SER D 636 -1.14 -17.64 -27.00
C SER D 636 -1.98 -16.43 -26.63
N GLY D 637 -3.11 -16.71 -25.98
CA GLY D 637 -4.00 -15.64 -25.57
C GLY D 637 -5.43 -16.05 -25.36
N HIS D 638 -5.99 -16.87 -26.24
CA HIS D 638 -7.36 -17.33 -26.05
C HIS D 638 -7.44 -18.25 -24.84
N THR D 639 -8.65 -18.38 -24.30
CA THR D 639 -8.87 -19.26 -23.17
C THR D 639 -9.72 -20.48 -23.50
N ALA D 640 -10.19 -20.61 -24.74
CA ALA D 640 -11.02 -21.75 -25.11
C ALA D 640 -10.62 -22.19 -26.53
N LYS D 641 -11.41 -23.11 -27.10
CA LYS D 641 -11.05 -23.74 -28.37
C LYS D 641 -11.10 -22.76 -29.54
N ILE D 642 -10.27 -23.02 -30.55
CA ILE D 642 -10.21 -22.20 -31.74
C ILE D 642 -11.10 -22.81 -32.81
N THR D 643 -12.14 -22.08 -33.21
CA THR D 643 -13.04 -22.62 -34.20
C THR D 643 -12.66 -22.25 -35.63
N SER D 644 -11.90 -21.17 -35.80
CA SER D 644 -11.75 -20.64 -37.14
C SER D 644 -10.60 -19.66 -37.18
N VAL D 645 -9.91 -19.64 -38.31
CA VAL D 645 -8.68 -18.88 -38.50
C VAL D 645 -8.68 -18.31 -39.91
N ALA D 646 -8.31 -17.04 -40.07
CA ALA D 646 -8.23 -16.49 -41.41
C ALA D 646 -7.09 -15.48 -41.53
N TRP D 647 -6.50 -15.40 -42.73
CA TRP D 647 -5.47 -14.42 -43.02
C TRP D 647 -6.07 -13.22 -43.74
N SER D 648 -5.52 -12.04 -43.46
CA SER D 648 -5.98 -10.85 -44.15
C SER D 648 -5.47 -10.84 -45.58
N PRO D 649 -6.35 -10.68 -46.58
CA PRO D 649 -5.85 -10.50 -47.96
C PRO D 649 -5.16 -9.16 -48.17
N HIS D 650 -5.20 -8.27 -47.19
CA HIS D 650 -4.70 -6.90 -47.29
C HIS D 650 -3.36 -6.70 -46.61
N HIS D 651 -2.93 -7.63 -45.77
CA HIS D 651 -1.75 -7.42 -44.94
C HIS D 651 -0.72 -8.52 -45.19
N ASP D 652 0.39 -8.43 -44.46
CA ASP D 652 1.41 -9.48 -44.45
C ASP D 652 1.39 -10.18 -43.10
N GLY D 653 1.03 -11.46 -43.10
CA GLY D 653 1.09 -12.24 -41.87
C GLY D 653 0.18 -11.75 -40.77
N ARG D 654 -1.02 -11.29 -41.12
CA ARG D 654 -1.98 -10.84 -40.13
C ARG D 654 -3.14 -11.83 -40.05
N LEU D 655 -3.34 -12.39 -38.87
CA LEU D 655 -4.30 -13.46 -38.62
C LEU D 655 -5.44 -12.95 -37.74
N VAL D 656 -6.64 -13.43 -38.05
CA VAL D 656 -7.78 -13.27 -37.17
C VAL D 656 -8.20 -14.67 -36.71
N SER D 657 -8.58 -14.78 -35.44
CA SER D 657 -9.03 -16.07 -34.90
C SER D 657 -10.34 -15.91 -34.13
N ALA D 658 -11.19 -16.92 -34.25
CA ALA D 658 -12.47 -16.97 -33.55
C ALA D 658 -12.39 -18.05 -32.48
N SER D 659 -12.92 -17.77 -31.29
CA SER D 659 -12.75 -18.68 -30.17
C SER D 659 -14.05 -18.95 -29.42
N TYR D 660 -14.10 -20.11 -28.77
CA TYR D 660 -15.14 -20.38 -27.79
C TYR D 660 -15.06 -19.45 -26.57
N ASP D 661 -13.95 -18.76 -26.35
CA ASP D 661 -13.95 -17.78 -25.26
C ASP D 661 -14.79 -16.52 -25.58
N GLY D 662 -15.56 -16.51 -26.67
CA GLY D 662 -16.43 -15.42 -26.96
C GLY D 662 -15.79 -14.24 -27.64
N THR D 663 -14.50 -14.32 -27.99
CA THR D 663 -13.84 -13.19 -28.62
C THR D 663 -13.23 -13.58 -29.95
N ALA D 664 -12.93 -12.54 -30.73
CA ALA D 664 -12.17 -12.66 -31.96
C ALA D 664 -10.89 -11.87 -31.75
N GLN D 665 -9.75 -12.46 -32.09
CA GLN D 665 -8.46 -11.86 -31.83
C GLN D 665 -7.71 -11.66 -33.14
N VAL D 666 -7.23 -10.45 -33.37
CA VAL D 666 -6.37 -10.16 -34.51
C VAL D 666 -4.93 -10.16 -34.05
N TRP D 667 -4.08 -10.92 -34.76
CA TRP D 667 -2.67 -11.05 -34.43
C TRP D 667 -1.79 -10.52 -35.56
N ASP D 668 -0.65 -9.97 -35.19
CA ASP D 668 0.47 -9.93 -36.12
C ASP D 668 1.18 -11.26 -35.96
N ALA D 669 1.07 -12.14 -36.96
CA ALA D 669 1.59 -13.49 -36.78
C ALA D 669 3.11 -13.50 -36.78
N LEU D 670 3.73 -12.68 -37.62
CA LEU D 670 5.18 -12.70 -37.68
C LEU D 670 5.79 -12.21 -36.38
N ARG D 671 5.36 -11.06 -35.88
CA ARG D 671 5.87 -10.54 -34.60
C ARG D 671 5.21 -11.17 -33.39
N GLU D 672 4.29 -12.12 -33.59
CA GLU D 672 3.59 -12.82 -32.51
C GLU D 672 2.89 -11.84 -31.56
N GLU D 673 2.37 -10.76 -32.12
CA GLU D 673 1.79 -9.69 -31.32
C GLU D 673 0.28 -9.66 -31.45
N PRO D 674 -0.45 -9.69 -30.33
CA PRO D 674 -1.91 -9.47 -30.38
C PRO D 674 -2.24 -8.01 -30.63
N LEU D 675 -3.03 -7.76 -31.68
CA LEU D 675 -3.38 -6.39 -32.06
C LEU D 675 -4.72 -5.93 -31.48
N CYS D 676 -5.80 -6.67 -31.70
CA CYS D 676 -7.04 -6.25 -31.06
C CYS D 676 -8.02 -7.42 -30.93
N ASN D 677 -8.93 -7.25 -29.96
CA ASN D 677 -9.80 -8.31 -29.46
C ASN D 677 -11.23 -7.78 -29.47
N PHE D 678 -12.08 -8.40 -30.28
CA PHE D 678 -13.43 -7.92 -30.47
C PHE D 678 -14.35 -8.72 -29.57
N ARG D 679 -15.04 -8.04 -28.66
CA ARG D 679 -15.83 -8.71 -27.62
C ARG D 679 -17.33 -8.47 -27.80
N GLY D 680 -17.75 -8.22 -29.04
CA GLY D 680 -19.13 -7.80 -29.27
C GLY D 680 -20.13 -8.91 -29.20
N HIS D 681 -19.72 -10.15 -29.48
CA HIS D 681 -20.65 -11.27 -29.45
C HIS D 681 -21.04 -11.60 -28.01
N ARG D 682 -22.15 -12.29 -27.84
CA ARG D 682 -22.59 -12.76 -26.53
C ARG D 682 -22.58 -14.29 -26.46
N GLY D 683 -22.08 -14.97 -27.49
CA GLY D 683 -21.92 -16.41 -27.44
C GLY D 683 -20.51 -16.89 -27.81
N ARG D 684 -20.39 -18.19 -28.11
CA ARG D 684 -19.16 -18.75 -28.65
C ARG D 684 -19.07 -18.47 -30.14
N LEU D 685 -17.90 -18.03 -30.58
CA LEU D 685 -17.70 -17.73 -32.00
C LEU D 685 -17.44 -18.99 -32.82
N LEU D 686 -17.88 -18.96 -34.07
CA LEU D 686 -17.78 -20.11 -34.95
C LEU D 686 -17.11 -19.83 -36.28
N CYS D 687 -16.97 -18.58 -36.72
CA CYS D 687 -16.39 -18.29 -38.02
C CYS D 687 -15.98 -16.83 -38.08
N VAL D 688 -14.93 -16.56 -38.87
CA VAL D 688 -14.45 -15.21 -39.15
C VAL D 688 -14.08 -15.14 -40.62
N ALA D 689 -14.39 -14.02 -41.23
CA ALA D 689 -13.99 -13.76 -42.60
C ALA D 689 -13.54 -12.32 -42.67
N TRP D 690 -12.35 -12.10 -43.20
CA TRP D 690 -11.87 -10.75 -43.40
C TRP D 690 -12.65 -10.11 -44.54
N SER D 691 -13.02 -8.86 -44.36
CA SER D 691 -13.57 -8.11 -45.47
C SER D 691 -12.62 -8.15 -46.65
N PRO D 692 -13.08 -8.54 -47.84
CA PRO D 692 -12.20 -8.52 -49.02
C PRO D 692 -11.90 -7.12 -49.54
N LEU D 693 -12.65 -6.11 -49.12
CA LEU D 693 -12.50 -4.76 -49.63
C LEU D 693 -11.90 -3.78 -48.64
N ASP D 694 -12.17 -3.93 -47.36
CA ASP D 694 -11.69 -2.95 -46.39
C ASP D 694 -10.69 -3.60 -45.45
N PRO D 695 -9.46 -3.10 -45.38
CA PRO D 695 -8.47 -3.73 -44.49
C PRO D 695 -8.83 -3.66 -43.02
N ASP D 696 -9.70 -2.71 -42.61
CA ASP D 696 -10.03 -2.52 -41.20
C ASP D 696 -11.22 -3.34 -40.72
N CYS D 697 -11.90 -4.05 -41.62
CA CYS D 697 -13.23 -4.60 -41.34
C CYS D 697 -13.20 -6.14 -41.34
N ILE D 698 -13.93 -6.73 -40.39
CA ILE D 698 -13.97 -8.17 -40.18
C ILE D 698 -15.40 -8.58 -39.82
N TYR D 699 -15.82 -9.74 -40.32
CA TYR D 699 -17.11 -10.34 -40.01
C TYR D 699 -16.89 -11.59 -39.16
N SER D 700 -17.72 -11.76 -38.13
CA SER D 700 -17.66 -12.97 -37.32
C SER D 700 -19.07 -13.42 -36.94
N GLY D 701 -19.20 -14.72 -36.70
CA GLY D 701 -20.48 -15.30 -36.36
C GLY D 701 -20.33 -16.25 -35.19
N ALA D 702 -21.44 -16.49 -34.51
CA ALA D 702 -21.40 -17.10 -33.19
C ALA D 702 -22.72 -17.78 -32.88
N ASP D 703 -22.75 -18.52 -31.78
CA ASP D 703 -24.00 -19.17 -31.39
C ASP D 703 -24.93 -18.26 -30.61
N ASP D 704 -24.65 -16.97 -30.57
CA ASP D 704 -25.61 -15.97 -30.18
C ASP D 704 -26.57 -15.56 -31.33
N PHE D 705 -26.62 -16.35 -32.41
CA PHE D 705 -27.49 -16.07 -33.57
C PHE D 705 -27.15 -14.73 -34.24
N CYS D 706 -25.86 -14.38 -34.30
CA CYS D 706 -25.43 -13.06 -34.75
C CYS D 706 -24.29 -13.15 -35.75
N VAL D 707 -24.29 -12.19 -36.68
CA VAL D 707 -23.09 -11.85 -37.44
C VAL D 707 -22.82 -10.38 -37.20
N HIS D 708 -21.59 -10.07 -36.78
CA HIS D 708 -21.16 -8.70 -36.57
C HIS D 708 -20.12 -8.37 -37.62
N LYS D 709 -20.29 -7.23 -38.25
CA LYS D 709 -19.25 -6.60 -39.05
C LYS D 709 -18.66 -5.52 -38.16
N TRP D 710 -17.36 -5.62 -37.85
CA TRP D 710 -16.71 -4.70 -36.93
C TRP D 710 -15.37 -4.26 -37.50
N LEU D 711 -14.72 -3.32 -36.80
CA LEU D 711 -13.55 -2.65 -37.35
C LEU D 711 -12.38 -2.76 -36.38
N THR D 712 -11.24 -3.23 -36.89
CA THR D 712 -10.08 -3.46 -36.05
C THR D 712 -9.58 -2.18 -35.39
N SER D 713 -9.84 -1.03 -36.01
CA SER D 713 -9.45 0.26 -35.47
C SER D 713 -10.42 0.80 -34.43
N MET D 714 -11.54 0.12 -34.17
CA MET D 714 -12.50 0.61 -33.19
C MET D 714 -12.48 -0.15 -31.87
N GLN D 715 -11.57 -1.12 -31.68
CA GLN D 715 -11.65 -1.97 -30.51
C GLN D 715 -10.87 -1.39 -29.32
N ASP D 716 -11.46 -1.49 -28.13
CA ASP D 716 -10.85 -0.96 -26.92
C ASP D 716 -9.90 -1.94 -26.23
N HIS D 717 -9.87 -3.20 -26.68
CA HIS D 717 -9.06 -4.24 -26.08
C HIS D 717 -8.11 -4.82 -27.12
N SER D 718 -6.91 -5.21 -26.67
CA SER D 718 -5.88 -5.74 -27.54
C SER D 718 -5.59 -7.23 -27.33
N ARG D 719 -6.13 -7.85 -26.28
CA ARG D 719 -5.87 -9.25 -25.99
C ARG D 719 -7.17 -9.88 -25.50
N PRO D 720 -7.28 -11.21 -25.58
CA PRO D 720 -8.43 -11.89 -24.98
C PRO D 720 -8.43 -11.75 -23.47
N PRO D 721 -9.61 -11.76 -22.82
CA PRO D 721 -9.66 -11.76 -21.35
C PRO D 721 -8.95 -12.97 -20.76
N GLN D 722 -8.76 -12.92 -19.44
CA GLN D 722 -8.06 -13.99 -18.71
C GLN D 722 -8.74 -14.35 -17.40
PG MGT E . 11.65 10.74 -13.62
O1G MGT E . 13.15 10.51 -13.68
O2G MGT E . 10.83 9.48 -13.66
O3G MGT E . 11.16 11.85 -14.53
O3B MGT E . 11.42 11.33 -12.14
PB MGT E . 12.64 11.99 -11.33
O1B MGT E . 13.60 10.90 -10.94
O2B MGT E . 13.14 13.18 -12.13
O3A MGT E . 11.92 12.54 -10.00
PA MGT E . 10.57 13.39 -10.10
O1A MGT E . 10.75 14.68 -9.32
O2A MGT E . 10.14 13.45 -11.55
O5' MGT E . 9.51 12.48 -9.29
C5' MGT E . 8.22 12.23 -9.83
C4' MGT E . 7.58 11.05 -9.12
O4' MGT E . 8.53 9.99 -8.98
C3' MGT E . 7.12 11.44 -7.72
O3' MGT E . 5.69 11.60 -7.69
C2' MGT E . 7.62 10.33 -6.80
O2' MGT E . 6.58 9.46 -6.33
C1' MGT E . 8.60 9.51 -7.64
N9 MGT E . 9.96 9.64 -7.02
C8 MGT E . 11.00 10.12 -7.94
N7 MGT E . 12.10 10.09 -6.97
CM7 MGT E . 13.39 10.53 -7.54
C5 MGT E . 11.78 9.66 -5.76
C6 MGT E . 12.55 9.47 -4.52
O6 MGT E . 13.77 9.73 -4.46
N1 MGT E . 11.87 9.03 -3.46
C2 MGT E . 10.55 8.75 -3.51
N2 MGT E . 9.96 8.30 -2.38
N3 MGT E . 9.78 8.90 -4.61
C4 MGT E . 10.33 9.35 -5.76
C1 GOL F . -6.79 -4.83 -22.07
O1 GOL F . -6.48 -5.85 -23.03
C2 GOL F . -8.14 -5.10 -21.42
O2 GOL F . -9.19 -4.57 -22.24
C3 GOL F . -8.35 -6.60 -21.22
O3 GOL F . -8.24 -6.93 -19.83
PG MGT G . -14.28 -14.96 15.75
O1G MGT G . -13.94 -13.90 14.73
O2G MGT G . -15.43 -14.58 16.66
O3G MGT G . -13.09 -15.56 16.45
O3B MGT G . -14.87 -16.17 14.86
PB MGT G . -15.08 -15.97 13.29
O1B MGT G . -16.29 -15.08 13.09
O2B MGT G . -13.76 -15.59 12.68
O3A MGT G . -15.46 -17.45 12.79
PA MGT G . -14.34 -18.59 12.69
O1A MGT G . -14.15 -18.95 11.23
O2A MGT G . -13.16 -18.17 13.52
O5' MGT G . -15.06 -19.82 13.43
C5' MGT G . -15.39 -19.74 14.81
C4' MGT G . -16.73 -20.42 15.07
O4' MGT G . -17.80 -19.50 14.84
C3' MGT G . -16.96 -21.61 14.15
O3' MGT G . -16.65 -22.84 14.83
C2' MGT G . -18.41 -21.51 13.70
O2' MGT G . -19.27 -22.48 14.32
C1' MGT G . -18.86 -20.11 14.09
N9 MGT G . -19.24 -19.37 12.86
C8 MGT G . -18.47 -18.14 12.61
N7 MGT G . -19.15 -17.77 11.37
CM7 MGT G . -18.63 -16.51 10.78
C5 MGT G . -20.12 -18.59 10.98
C6 MGT G . -21.04 -18.59 9.82
O6 MGT G . -21.00 -17.69 8.95
N1 MGT G . -21.90 -19.61 9.75
C2 MGT G . -21.94 -20.59 10.68
N2 MGT G . -22.85 -21.58 10.53
N3 MGT G . -21.12 -20.64 11.77
C4 MGT G . -20.20 -19.68 11.96
C1 GOL H . -22.66 -21.73 39.33
O1 GOL H . -22.06 -20.74 40.16
C2 GOL H . -23.26 -22.83 40.20
O2 GOL H . -22.24 -23.75 40.57
C3 GOL H . -24.35 -23.55 39.44
O3 GOL H . -25.63 -23.18 39.95
PG MGT I . 23.23 33.28 24.04
O1G MGT I . 21.83 33.64 23.60
O2G MGT I . 24.30 34.18 23.50
O3G MGT I . 23.55 31.81 23.97
O3B MGT I . 23.23 33.59 25.63
PB MGT I . 23.11 35.11 26.14
O1B MGT I . 24.05 35.96 25.31
O2B MGT I . 21.65 35.47 26.21
O3A MGT I . 23.68 35.03 27.64
PA MGT I . 25.23 34.71 27.94
O1A MGT I . 25.53 35.17 29.34
O2A MGT I . 25.51 33.29 27.54
O5' MGT I . 26.02 35.68 26.93
C5' MGT I . 27.15 35.19 26.22
C4' MGT I . 27.91 36.34 25.57
O4' MGT I . 27.00 37.27 24.98
C3' MGT I . 28.74 37.11 26.60
O3' MGT I . 30.10 36.70 26.55
C2' MGT I . 28.52 38.58 26.26
O2' MGT I . 29.66 39.18 25.62
C1' MGT I . 27.33 38.62 25.32
N9 MGT I . 26.22 39.37 25.98
C8 MGT I . 24.98 38.61 26.13
N7 MGT I . 24.23 39.67 26.79
CM7 MGT I . 22.84 39.29 27.13
C5 MGT I . 24.89 40.81 26.98
C6 MGT I . 24.51 42.11 27.58
O6 MGT I . 23.38 42.32 28.06
N1 MGT I . 25.47 43.04 27.61
C2 MGT I . 26.71 42.84 27.09
N2 MGT I . 27.61 43.85 27.16
N3 MGT I . 27.10 41.66 26.52
C4 MGT I . 26.24 40.63 26.44
PG MGT J . -19.48 -28.52 -28.33
O1G MGT J . -20.67 -29.41 -28.65
O2G MGT J . -18.40 -29.20 -27.51
O3G MGT J . -19.84 -27.14 -27.86
O3B MGT J . -18.77 -28.29 -29.76
PB MGT J . -19.02 -29.32 -30.96
O1B MGT J . -17.90 -29.15 -31.96
O2B MGT J . -19.28 -30.69 -30.37
O3A MGT J . -20.38 -28.79 -31.62
PA MGT J . -20.53 -28.69 -33.22
O1A MGT J . -20.35 -30.07 -33.80
O2A MGT J . -21.78 -27.89 -33.53
O5' MGT J . -19.26 -27.80 -33.65
C5' MGT J . -19.24 -26.40 -33.39
C4' MGT J . -17.98 -25.77 -33.98
O4' MGT J . -16.84 -26.59 -33.69
C3' MGT J . -18.09 -25.66 -35.49
O3' MGT J . -18.37 -24.30 -35.86
C2' MGT J . -16.77 -26.19 -36.05
O2' MGT J . -15.94 -25.18 -36.62
C1' MGT J . -16.05 -26.82 -34.87
N9 MGT J . -15.82 -28.26 -35.17
C8 MGT J . -16.43 -29.20 -34.23
N7 MGT J . -15.96 -30.41 -34.88
CM7 MGT J . -16.41 -31.65 -34.19
C5 MGT J . -15.23 -30.24 -35.97
C6 MGT J . -14.59 -31.18 -36.91
O6 MGT J . -14.65 -32.41 -36.77
N1 MGT J . -13.91 -30.61 -37.93
C2 MGT J . -13.83 -29.27 -38.09
N2 MGT J . -13.13 -28.80 -39.15
N3 MGT J . -14.41 -28.36 -37.26
C4 MGT J . -15.12 -28.79 -36.19
#